data_9FLG
#
_entry.id   9FLG
#
_entity_poly.entity_id   1
_entity_poly.type   'polypeptide(L)'
_entity_poly.pdbx_seq_one_letter_code
;GPLGSKDKDGEGAPPAKRARTDQMEVDSGPGKRPLRGGFTDKERQDHRRRKALENKKKQLSAGGKNLSKEEEEELRRLTE
EDERRERRVAGPPVGGVNPLEGGSRGAPGGGFVPNLQGVPESPFSRTGEGLDIRGNQGFP
;
_entity_poly.pdbx_strand_id   A
#
# COMPACT_ATOMS: atom_id res chain seq x y z
N GLY A 1 -53.90 14.74 88.99
CA GLY A 1 -52.95 13.95 88.17
C GLY A 1 -51.61 13.83 88.85
N PRO A 2 -50.62 13.25 88.16
CA PRO A 2 -49.29 13.00 88.73
C PRO A 2 -48.52 14.29 88.98
N LEU A 3 -48.15 14.51 90.23
CA LEU A 3 -47.41 15.71 90.59
C LEU A 3 -45.97 15.37 90.96
N GLY A 4 -45.70 14.09 91.16
CA GLY A 4 -44.36 13.66 91.49
C GLY A 4 -43.91 12.48 90.67
N SER A 5 -43.84 12.65 89.36
CA SER A 5 -43.43 11.59 88.47
C SER A 5 -42.15 11.95 87.71
N LYS A 6 -42.23 12.98 86.87
CA LYS A 6 -41.10 13.38 86.02
C LYS A 6 -40.69 12.24 85.08
N ASP A 7 -39.61 12.48 84.34
CA ASP A 7 -39.07 11.46 83.46
C ASP A 7 -37.58 11.26 83.77
N LYS A 8 -37.02 12.21 84.52
CA LYS A 8 -35.62 12.14 84.92
C LYS A 8 -35.42 11.04 85.96
N ASP A 9 -36.47 10.76 86.73
CA ASP A 9 -36.41 9.74 87.77
C ASP A 9 -36.34 8.33 87.16
N GLY A 10 -36.72 8.22 85.90
CA GLY A 10 -36.74 6.93 85.25
C GLY A 10 -36.03 6.99 83.91
N GLU A 11 -36.80 7.25 82.86
CA GLU A 11 -36.27 7.37 81.51
C GLU A 11 -37.18 8.26 80.73
N GLY A 12 -38.45 7.89 80.75
CA GLY A 12 -39.43 8.69 80.10
C GLY A 12 -40.08 7.97 78.94
N ALA A 13 -40.64 8.73 78.02
CA ALA A 13 -41.28 8.18 76.85
C ALA A 13 -40.33 8.24 75.66
N PRO A 14 -40.08 7.10 74.99
CA PRO A 14 -39.17 7.04 73.85
C PRO A 14 -39.80 7.63 72.58
N PRO A 15 -39.28 8.79 72.13
CA PRO A 15 -39.77 9.47 70.93
C PRO A 15 -39.52 8.72 69.64
N ALA A 16 -39.65 9.44 68.54
CA ALA A 16 -39.33 8.91 67.24
C ALA A 16 -37.82 8.81 67.09
N LYS A 17 -37.37 7.86 66.27
CA LYS A 17 -35.95 7.59 66.13
C LYS A 17 -35.37 8.45 65.04
N ARG A 18 -36.19 8.68 64.01
CA ARG A 18 -35.89 9.66 62.97
C ARG A 18 -34.53 9.42 62.30
N ALA A 19 -34.02 10.44 61.61
CA ALA A 19 -32.69 10.40 61.02
C ALA A 19 -32.57 9.27 60.01
N ARG A 20 -33.54 9.17 59.12
CA ARG A 20 -33.57 8.10 58.13
C ARG A 20 -34.35 8.53 56.89
N THR A 21 -33.93 8.06 55.74
CA THR A 21 -34.58 8.41 54.48
C THR A 21 -34.61 7.20 53.56
N ASP A 22 -35.52 7.21 52.60
CA ASP A 22 -35.63 6.13 51.63
C ASP A 22 -35.32 6.65 50.24
N GLN A 23 -34.66 5.84 49.43
CA GLN A 23 -34.32 6.24 48.07
C GLN A 23 -34.69 5.13 47.09
N MET A 24 -34.79 5.49 45.83
CA MET A 24 -35.05 4.53 44.77
C MET A 24 -34.13 4.78 43.59
N GLU A 25 -33.89 3.73 42.86
CA GLU A 25 -32.92 3.74 41.77
C GLU A 25 -33.64 3.57 40.44
N VAL A 26 -33.31 4.42 39.49
CA VAL A 26 -33.94 4.39 38.17
C VAL A 26 -33.44 3.20 37.36
N ASP A 27 -32.26 2.76 37.74
CA ASP A 27 -31.61 1.59 37.15
C ASP A 27 -31.24 1.82 35.67
N SER A 28 -32.23 1.76 34.80
CA SER A 28 -32.00 1.90 33.37
C SER A 28 -32.18 3.35 32.94
N GLY A 29 -31.20 3.87 32.23
CA GLY A 29 -31.26 5.24 31.75
C GLY A 29 -30.14 5.54 30.79
N PRO A 30 -29.92 6.82 30.45
CA PRO A 30 -28.80 7.24 29.61
C PRO A 30 -27.46 6.77 30.17
N GLY A 31 -26.56 6.37 29.29
CA GLY A 31 -25.29 5.85 29.72
C GLY A 31 -24.14 6.33 28.88
N LYS A 32 -23.27 5.42 28.52
CA LYS A 32 -22.08 5.77 27.79
C LYS A 32 -22.18 5.30 26.33
N ARG A 33 -21.84 6.19 25.42
CA ARG A 33 -21.76 5.85 24.01
C ARG A 33 -20.33 5.46 23.67
N PRO A 34 -20.16 4.42 22.84
CA PRO A 34 -18.83 3.90 22.48
C PRO A 34 -18.00 4.91 21.70
N LEU A 35 -16.69 4.74 21.75
CA LEU A 35 -15.78 5.65 21.08
C LEU A 35 -14.82 4.85 20.21
N ARG A 36 -15.30 3.69 19.78
CA ARG A 36 -14.55 2.81 18.90
C ARG A 36 -14.05 3.57 17.67
N GLY A 37 -12.74 3.58 17.49
CA GLY A 37 -12.16 4.32 16.40
C GLY A 37 -11.66 3.41 15.29
N GLY A 38 -10.48 3.73 14.77
CA GLY A 38 -9.93 2.98 13.67
C GLY A 38 -10.59 3.38 12.36
N PHE A 39 -11.28 2.44 11.74
CA PHE A 39 -11.98 2.72 10.50
C PHE A 39 -13.47 2.47 10.68
N THR A 40 -14.19 2.45 9.56
CA THR A 40 -15.62 2.23 9.60
C THR A 40 -15.97 0.75 9.69
N ASP A 41 -17.25 0.46 9.82
CA ASP A 41 -17.76 -0.91 9.83
C ASP A 41 -17.27 -1.69 8.61
N LYS A 42 -16.99 -0.96 7.53
CA LYS A 42 -16.53 -1.55 6.27
C LYS A 42 -15.29 -2.42 6.49
N GLU A 43 -14.29 -1.85 7.12
CA GLU A 43 -13.04 -2.56 7.39
C GLU A 43 -13.29 -3.76 8.30
N ARG A 44 -14.30 -3.64 9.13
CA ARG A 44 -14.64 -4.71 10.04
C ARG A 44 -15.29 -5.86 9.28
N GLN A 45 -16.24 -5.53 8.42
CA GLN A 45 -16.84 -6.51 7.54
C GLN A 45 -15.77 -7.14 6.66
N ASP A 46 -14.77 -6.33 6.34
CA ASP A 46 -13.61 -6.76 5.55
C ASP A 46 -12.93 -7.95 6.21
N HIS A 47 -12.68 -7.81 7.50
CA HIS A 47 -11.99 -8.85 8.26
C HIS A 47 -12.91 -10.03 8.54
N ARG A 48 -14.17 -9.75 8.87
CA ARG A 48 -15.16 -10.80 9.11
C ARG A 48 -15.31 -11.67 7.88
N ARG A 49 -15.51 -11.00 6.75
CA ARG A 49 -15.67 -11.64 5.46
C ARG A 49 -14.50 -12.56 5.18
N ARG A 50 -13.32 -11.94 5.14
CA ARG A 50 -12.05 -12.67 4.99
C ARG A 50 -12.00 -13.94 5.78
N LYS A 51 -12.15 -13.83 7.08
CA LYS A 51 -11.93 -14.97 7.96
C LYS A 51 -13.09 -15.94 7.89
N ALA A 52 -14.22 -15.46 7.41
CA ALA A 52 -15.34 -16.31 7.07
C ALA A 52 -14.95 -17.24 5.94
N LEU A 53 -14.32 -16.66 4.93
CA LEU A 53 -13.83 -17.40 3.79
C LEU A 53 -12.66 -18.28 4.13
N GLU A 54 -11.73 -17.78 4.92
CA GLU A 54 -10.59 -18.59 5.31
C GLU A 54 -11.10 -19.85 6.00
N ASN A 55 -12.19 -19.69 6.75
CA ASN A 55 -12.89 -20.82 7.34
C ASN A 55 -13.44 -21.72 6.24
N LYS A 56 -14.07 -21.13 5.23
CA LYS A 56 -14.60 -21.88 4.13
C LYS A 56 -13.50 -22.63 3.39
N LYS A 57 -12.38 -21.99 3.16
CA LYS A 57 -11.23 -22.60 2.52
C LYS A 57 -10.90 -23.90 3.24
N LYS A 58 -10.84 -23.79 4.56
CA LYS A 58 -10.55 -24.93 5.42
C LYS A 58 -11.57 -26.05 5.24
N GLN A 59 -12.82 -25.75 5.58
CA GLN A 59 -13.88 -26.74 5.61
C GLN A 59 -14.18 -27.30 4.22
N LEU A 60 -14.31 -26.41 3.25
CA LEU A 60 -14.71 -26.80 1.91
C LEU A 60 -13.65 -27.69 1.27
N SER A 61 -12.40 -27.24 1.26
CA SER A 61 -11.33 -27.99 0.67
C SER A 61 -11.16 -29.34 1.37
N ALA A 62 -11.29 -29.34 2.68
CA ALA A 62 -11.18 -30.55 3.48
C ALA A 62 -12.32 -31.51 3.19
N GLY A 63 -13.45 -30.97 2.74
CA GLY A 63 -14.59 -31.81 2.39
C GLY A 63 -14.73 -32.04 0.89
N GLY A 64 -13.75 -31.57 0.13
CA GLY A 64 -13.77 -31.76 -1.32
C GLY A 64 -14.75 -30.83 -2.01
N LYS A 65 -15.05 -29.72 -1.36
CA LYS A 65 -15.94 -28.72 -1.89
C LYS A 65 -15.14 -27.56 -2.44
N ASN A 66 -15.84 -26.50 -2.75
CA ASN A 66 -15.25 -25.40 -3.46
C ASN A 66 -15.99 -24.10 -3.16
N LEU A 67 -15.30 -22.98 -3.33
CA LEU A 67 -15.82 -21.68 -2.99
C LEU A 67 -16.64 -21.14 -4.16
N SER A 68 -17.61 -20.29 -3.85
CA SER A 68 -18.45 -19.74 -4.88
C SER A 68 -17.78 -18.51 -5.46
N LYS A 69 -18.03 -18.24 -6.72
CA LYS A 69 -17.40 -17.11 -7.39
C LYS A 69 -17.56 -15.85 -6.58
N GLU A 70 -18.73 -15.70 -6.00
CA GLU A 70 -19.11 -14.51 -5.28
C GLU A 70 -18.13 -14.18 -4.16
N GLU A 71 -18.04 -15.07 -3.18
CA GLU A 71 -17.32 -14.74 -1.95
C GLU A 71 -15.82 -14.91 -2.11
N GLU A 72 -15.43 -15.73 -3.09
CA GLU A 72 -14.03 -15.94 -3.38
C GLU A 72 -13.44 -14.65 -3.96
N GLU A 73 -14.22 -14.00 -4.83
CA GLU A 73 -13.81 -12.75 -5.46
C GLU A 73 -13.78 -11.60 -4.47
N GLU A 74 -14.86 -11.43 -3.70
CA GLU A 74 -14.91 -10.33 -2.75
C GLU A 74 -13.74 -10.40 -1.80
N LEU A 75 -13.41 -11.60 -1.37
CA LEU A 75 -12.31 -11.77 -0.44
C LEU A 75 -10.98 -11.40 -1.04
N ARG A 76 -10.73 -11.88 -2.24
CA ARG A 76 -9.49 -11.59 -2.90
C ARG A 76 -9.26 -10.09 -2.92
N ARG A 77 -10.29 -9.35 -3.30
CA ARG A 77 -10.22 -7.90 -3.33
C ARG A 77 -10.01 -7.32 -1.95
N LEU A 78 -10.71 -7.88 -0.96
CA LEU A 78 -10.56 -7.46 0.44
C LEU A 78 -9.10 -7.58 0.86
N THR A 79 -8.46 -8.65 0.38
CA THR A 79 -7.12 -8.99 0.78
C THR A 79 -6.13 -8.13 0.03
N GLU A 80 -6.39 -7.98 -1.27
CA GLU A 80 -5.57 -7.17 -2.14
C GLU A 80 -5.45 -5.76 -1.61
N GLU A 81 -6.60 -5.15 -1.38
CA GLU A 81 -6.66 -3.80 -0.88
C GLU A 81 -6.12 -3.71 0.54
N ASP A 82 -6.39 -4.72 1.34
CA ASP A 82 -5.88 -4.76 2.71
C ASP A 82 -4.36 -4.69 2.73
N GLU A 83 -3.73 -5.56 1.97
CA GLU A 83 -2.27 -5.66 2.01
C GLU A 83 -1.61 -4.40 1.45
N ARG A 84 -2.18 -3.79 0.41
CA ARG A 84 -1.58 -2.55 -0.10
C ARG A 84 -1.71 -1.44 0.92
N ARG A 85 -2.87 -1.38 1.56
CA ARG A 85 -3.14 -0.43 2.64
C ARG A 85 -2.12 -0.56 3.76
N GLU A 86 -1.88 -1.78 4.19
CA GLU A 86 -0.97 -2.03 5.30
C GLU A 86 0.46 -1.71 4.92
N ARG A 87 0.84 -2.07 3.70
CA ARG A 87 2.23 -2.00 3.29
C ARG A 87 2.71 -0.59 3.06
N ARG A 88 1.89 0.19 2.40
CA ARG A 88 2.23 1.59 2.11
C ARG A 88 0.99 2.50 1.99
N VAL A 89 -0.10 1.93 1.49
CA VAL A 89 -1.36 2.65 1.21
C VAL A 89 -1.14 3.86 0.30
N ALA A 90 -0.02 3.88 -0.40
CA ALA A 90 0.35 5.00 -1.25
C ALA A 90 1.19 4.53 -2.42
N GLY A 91 1.46 5.44 -3.35
CA GLY A 91 2.24 5.10 -4.53
C GLY A 91 3.54 5.88 -4.61
N PRO A 92 4.66 5.28 -4.20
CA PRO A 92 5.99 5.90 -4.31
C PRO A 92 6.45 6.00 -5.76
N PRO A 93 7.39 6.92 -6.06
CA PRO A 93 7.89 7.16 -7.43
C PRO A 93 8.77 6.03 -7.95
N VAL A 94 8.88 4.97 -7.16
CA VAL A 94 9.60 3.74 -7.54
C VAL A 94 11.11 3.89 -7.46
N GLY A 95 11.65 4.85 -8.18
CA GLY A 95 13.08 5.06 -8.17
C GLY A 95 13.55 5.60 -9.49
N GLY A 96 12.92 6.68 -9.92
CA GLY A 96 13.17 7.20 -11.23
C GLY A 96 14.57 7.76 -11.37
N VAL A 97 14.95 8.03 -12.60
CA VAL A 97 16.30 8.46 -12.90
C VAL A 97 16.34 9.94 -13.24
N ASN A 98 15.66 10.32 -14.31
CA ASN A 98 15.65 11.72 -14.75
C ASN A 98 14.56 11.95 -15.79
N PRO A 99 13.67 12.93 -15.56
CA PRO A 99 12.68 13.36 -16.55
C PRO A 99 13.37 13.79 -17.84
N LEU A 100 13.28 12.94 -18.85
CA LEU A 100 13.98 13.16 -20.10
C LEU A 100 13.24 14.14 -20.96
N GLU A 101 13.58 15.39 -20.81
CA GLU A 101 12.98 16.42 -21.61
C GLU A 101 13.95 16.92 -22.65
N GLY A 102 14.88 17.73 -22.21
CA GLY A 102 15.74 18.41 -23.15
C GLY A 102 17.16 17.94 -23.04
N GLY A 103 17.33 16.76 -22.45
CA GLY A 103 18.64 16.16 -22.33
C GLY A 103 18.89 15.16 -23.43
N SER A 104 18.91 15.64 -24.66
CA SER A 104 19.04 14.78 -25.82
C SER A 104 20.49 14.34 -26.01
N ARG A 105 20.66 13.07 -26.34
CA ARG A 105 21.97 12.48 -26.44
C ARG A 105 22.23 11.96 -27.85
N GLY A 106 23.38 11.32 -28.03
CA GLY A 106 23.73 10.77 -29.32
C GLY A 106 25.04 10.02 -29.27
N ALA A 107 25.72 9.94 -30.39
CA ALA A 107 26.99 9.23 -30.47
C ALA A 107 28.11 10.18 -30.85
N PRO A 108 28.81 10.73 -29.85
CA PRO A 108 29.92 11.66 -30.08
C PRO A 108 31.06 11.01 -30.86
N GLY A 109 31.53 11.71 -31.87
CA GLY A 109 32.61 11.22 -32.69
C GLY A 109 32.61 11.87 -34.06
N GLY A 110 32.95 11.10 -35.07
CA GLY A 110 32.95 11.63 -36.42
C GLY A 110 32.88 10.53 -37.46
N GLY A 111 32.38 9.37 -37.05
CA GLY A 111 32.30 8.24 -37.95
C GLY A 111 33.61 7.48 -38.03
N PHE A 112 34.04 7.18 -39.24
CA PHE A 112 35.31 6.51 -39.47
C PHE A 112 36.23 7.39 -40.30
N VAL A 113 37.47 7.50 -39.86
CA VAL A 113 38.44 8.33 -40.56
C VAL A 113 39.71 7.56 -40.82
N PRO A 114 40.49 7.98 -41.83
CA PRO A 114 41.76 7.35 -42.15
C PRO A 114 42.93 7.94 -41.37
N ASN A 115 42.68 8.23 -40.10
CA ASN A 115 43.72 8.74 -39.21
C ASN A 115 43.34 8.45 -37.76
N LEU A 116 44.36 8.35 -36.91
CA LEU A 116 44.17 8.03 -35.50
C LEU A 116 44.08 9.32 -34.68
N GLN A 117 44.46 10.43 -35.32
CA GLN A 117 44.41 11.76 -34.71
C GLN A 117 45.39 11.88 -33.56
N GLY A 118 45.49 13.08 -33.01
CA GLY A 118 46.30 13.29 -31.84
C GLY A 118 47.77 13.39 -32.16
N VAL A 119 48.57 12.63 -31.44
CA VAL A 119 50.03 12.62 -31.62
C VAL A 119 50.45 12.10 -33.00
N PRO A 120 49.90 10.95 -33.48
CA PRO A 120 50.24 10.40 -34.79
C PRO A 120 50.21 11.43 -35.91
N GLU A 121 50.92 11.11 -36.98
CA GLU A 121 51.04 11.95 -38.16
C GLU A 121 51.80 13.24 -37.87
N SER A 122 52.44 13.28 -36.72
CA SER A 122 53.35 14.35 -36.40
C SER A 122 54.79 13.82 -36.47
N PRO A 123 55.14 12.77 -35.69
CA PRO A 123 56.35 11.98 -35.91
C PRO A 123 56.61 11.67 -37.36
N PHE A 124 57.88 11.63 -37.66
CA PHE A 124 58.34 11.30 -39.00
C PHE A 124 58.40 9.78 -39.15
N SER A 125 58.59 9.11 -38.03
CA SER A 125 58.63 7.66 -38.00
C SER A 125 57.23 7.14 -37.71
N ARG A 126 57.14 5.88 -37.36
CA ARG A 126 55.84 5.25 -37.19
C ARG A 126 55.81 4.46 -35.89
N THR A 127 54.64 4.41 -35.28
CA THR A 127 54.45 3.71 -34.01
C THR A 127 54.19 2.23 -34.25
N GLY A 128 54.80 1.38 -33.43
CA GLY A 128 54.58 -0.04 -33.56
C GLY A 128 55.58 -0.86 -32.76
N GLU A 129 56.48 -1.52 -33.48
CA GLU A 129 57.45 -2.40 -32.86
C GLU A 129 58.80 -2.22 -33.52
N GLY A 130 58.78 -2.26 -34.84
CA GLY A 130 59.98 -2.09 -35.61
C GLY A 130 59.80 -2.66 -36.99
N LEU A 131 59.56 -3.95 -37.03
CA LEU A 131 59.25 -4.64 -38.28
C LEU A 131 58.26 -5.76 -38.03
N ASP A 132 57.46 -6.02 -39.05
CA ASP A 132 56.47 -7.10 -38.99
C ASP A 132 55.97 -7.41 -40.40
N ILE A 133 55.76 -8.69 -40.66
CA ILE A 133 55.33 -9.15 -41.96
C ILE A 133 54.09 -9.99 -41.80
N ARG A 134 54.30 -11.19 -41.28
CA ARG A 134 53.24 -12.14 -41.05
C ARG A 134 53.55 -12.93 -39.80
N GLY A 135 54.68 -13.61 -39.87
CA GLY A 135 55.13 -14.43 -38.79
C GLY A 135 55.71 -15.73 -39.30
N ASN A 136 56.21 -16.56 -38.39
CA ASN A 136 56.81 -17.83 -38.78
C ASN A 136 55.74 -18.85 -39.17
N GLN A 137 54.53 -18.63 -38.71
CA GLN A 137 53.41 -19.53 -39.04
C GLN A 137 52.64 -18.98 -40.23
N GLY A 138 52.81 -17.70 -40.51
CA GLY A 138 52.07 -17.07 -41.58
C GLY A 138 50.78 -16.47 -41.08
N PHE A 139 49.94 -17.30 -40.50
CA PHE A 139 48.71 -16.85 -39.87
C PHE A 139 48.30 -17.84 -38.79
N PRO A 140 48.22 -17.37 -37.53
CA PRO A 140 47.83 -18.21 -36.39
C PRO A 140 46.49 -18.91 -36.60
N GLY A 1 -44.66 7.21 58.87
CA GLY A 1 -44.21 8.61 59.01
C GLY A 1 -43.76 8.93 60.42
N PRO A 2 -43.35 10.17 60.68
CA PRO A 2 -42.80 10.60 61.98
C PRO A 2 -43.87 10.83 63.04
N LEU A 3 -44.97 10.13 62.94
CA LEU A 3 -46.05 10.28 63.90
C LEU A 3 -45.82 9.39 65.10
N GLY A 4 -45.15 8.28 64.86
CA GLY A 4 -44.92 7.31 65.90
C GLY A 4 -44.97 5.90 65.36
N SER A 5 -44.23 5.67 64.28
CA SER A 5 -44.22 4.38 63.62
C SER A 5 -42.79 4.01 63.23
N LYS A 6 -41.90 3.96 64.21
CA LYS A 6 -40.52 3.58 63.96
C LYS A 6 -40.22 2.26 64.62
N ASP A 7 -39.74 1.33 63.82
CA ASP A 7 -39.40 -0.01 64.26
C ASP A 7 -39.00 -0.84 63.05
N LYS A 8 -39.91 -0.99 62.11
CA LYS A 8 -39.61 -1.69 60.88
C LYS A 8 -39.09 -0.72 59.83
N ASP A 9 -39.49 0.54 59.97
CA ASP A 9 -39.14 1.57 59.00
C ASP A 9 -37.67 2.01 59.13
N GLY A 10 -37.00 1.58 60.20
CA GLY A 10 -35.64 2.01 60.42
C GLY A 10 -34.78 0.91 61.02
N GLU A 11 -35.34 -0.30 61.08
CA GLU A 11 -34.66 -1.43 61.65
C GLU A 11 -35.08 -2.66 60.89
N GLY A 12 -36.35 -2.99 61.02
CA GLY A 12 -36.93 -4.04 60.24
C GLY A 12 -36.58 -5.42 60.75
N ALA A 13 -37.23 -6.43 60.20
CA ALA A 13 -36.94 -7.81 60.54
C ALA A 13 -35.52 -8.21 60.07
N PRO A 14 -35.14 -7.94 58.81
CA PRO A 14 -33.79 -8.19 58.32
C PRO A 14 -32.87 -7.02 58.65
N PRO A 15 -31.81 -7.25 59.46
CA PRO A 15 -30.86 -6.21 59.81
C PRO A 15 -30.02 -5.75 58.64
N ALA A 16 -29.08 -4.86 58.95
CA ALA A 16 -28.22 -4.24 57.94
C ALA A 16 -29.03 -3.49 56.88
N LYS A 17 -28.35 -2.86 55.94
CA LYS A 17 -29.00 -2.19 54.83
C LYS A 17 -28.83 -2.99 53.54
N ARG A 18 -28.04 -4.06 53.68
CA ARG A 18 -27.79 -5.02 52.61
C ARG A 18 -27.17 -4.34 51.39
N ALA A 19 -26.02 -3.74 51.57
CA ALA A 19 -25.32 -3.08 50.48
C ALA A 19 -24.69 -4.10 49.53
N ARG A 20 -24.51 -5.32 50.03
CA ARG A 20 -23.97 -6.41 49.22
C ARG A 20 -24.98 -6.80 48.14
N THR A 21 -24.63 -6.54 46.89
CA THR A 21 -25.50 -6.87 45.77
C THR A 21 -25.62 -8.39 45.61
N ASP A 22 -26.86 -8.87 45.61
CA ASP A 22 -27.13 -10.30 45.55
C ASP A 22 -26.98 -10.82 44.13
N GLN A 23 -27.32 -9.99 43.17
CA GLN A 23 -27.24 -10.36 41.77
C GLN A 23 -25.89 -9.98 41.21
N MET A 24 -25.38 -10.82 40.32
CA MET A 24 -24.14 -10.52 39.64
C MET A 24 -24.31 -10.66 38.16
N GLU A 25 -23.38 -10.08 37.43
CA GLU A 25 -23.48 -10.03 35.99
C GLU A 25 -22.19 -10.56 35.37
N VAL A 26 -22.31 -11.12 34.18
CA VAL A 26 -21.17 -11.71 33.51
C VAL A 26 -20.65 -10.78 32.42
N ASP A 27 -19.75 -9.89 32.79
CA ASP A 27 -19.14 -8.99 31.83
C ASP A 27 -17.68 -9.38 31.64
N SER A 28 -17.28 -9.51 30.38
CA SER A 28 -15.92 -9.90 30.03
C SER A 28 -14.91 -8.91 30.62
N GLY A 29 -14.10 -9.39 31.56
CA GLY A 29 -13.12 -8.53 32.20
C GLY A 29 -11.96 -8.21 31.29
N PRO A 30 -10.97 -7.44 31.78
CA PRO A 30 -9.79 -7.05 31.00
C PRO A 30 -9.04 -8.25 30.42
N GLY A 31 -8.48 -8.06 29.25
CA GLY A 31 -7.73 -9.11 28.61
C GLY A 31 -6.88 -8.58 27.49
N LYS A 32 -6.31 -9.48 26.72
CA LYS A 32 -5.47 -9.09 25.63
C LYS A 32 -6.26 -9.04 24.33
N ARG A 33 -6.84 -10.17 23.96
CA ARG A 33 -7.53 -10.32 22.67
C ARG A 33 -6.64 -9.83 21.53
N PRO A 34 -5.54 -10.54 21.24
CA PRO A 34 -4.60 -10.15 20.20
C PRO A 34 -5.26 -10.11 18.83
N LEU A 35 -5.49 -8.92 18.33
CA LEU A 35 -6.14 -8.78 17.04
C LEU A 35 -5.29 -7.93 16.11
N ARG A 36 -4.93 -6.73 16.57
CA ARG A 36 -4.15 -5.79 15.76
C ARG A 36 -4.87 -5.50 14.45
N GLY A 37 -6.09 -5.01 14.57
CA GLY A 37 -6.89 -4.70 13.40
C GLY A 37 -8.21 -4.07 13.78
N GLY A 38 -8.21 -3.32 14.87
CA GLY A 38 -9.42 -2.70 15.35
C GLY A 38 -9.63 -1.34 14.75
N PHE A 39 -10.01 -1.31 13.47
CA PHE A 39 -10.29 -0.08 12.77
C PHE A 39 -11.77 0.23 12.90
N THR A 40 -12.28 1.05 12.00
CA THR A 40 -13.69 1.28 11.92
C THR A 40 -14.40 0.00 11.46
N ASP A 41 -15.72 -0.03 11.60
CA ASP A 41 -16.51 -1.24 11.27
C ASP A 41 -16.25 -1.72 9.85
N LYS A 42 -15.86 -0.78 8.98
CA LYS A 42 -15.59 -1.10 7.57
C LYS A 42 -14.57 -2.22 7.44
N GLU A 43 -13.45 -2.03 8.10
CA GLU A 43 -12.35 -2.97 8.05
C GLU A 43 -12.75 -4.24 8.78
N ARG A 44 -13.63 -4.09 9.75
CA ARG A 44 -14.06 -5.22 10.53
C ARG A 44 -14.98 -6.13 9.77
N GLN A 45 -15.92 -5.56 9.03
CA GLN A 45 -16.76 -6.34 8.14
C GLN A 45 -15.86 -7.12 7.19
N ASP A 46 -14.82 -6.43 6.75
CA ASP A 46 -13.81 -6.98 5.87
C ASP A 46 -13.10 -8.17 6.50
N HIS A 47 -12.66 -7.99 7.73
CA HIS A 47 -11.88 -9.01 8.42
C HIS A 47 -12.73 -10.20 8.83
N ARG A 48 -13.93 -9.92 9.33
CA ARG A 48 -14.85 -10.98 9.70
C ARG A 48 -15.17 -11.81 8.48
N ARG A 49 -15.42 -11.14 7.37
CA ARG A 49 -15.73 -11.78 6.12
C ARG A 49 -14.55 -12.61 5.62
N ARG A 50 -13.41 -11.96 5.43
CA ARG A 50 -12.20 -12.64 4.95
C ARG A 50 -11.92 -13.90 5.74
N LYS A 51 -11.88 -13.77 7.05
CA LYS A 51 -11.46 -14.86 7.88
C LYS A 51 -12.59 -15.86 8.09
N ALA A 52 -13.82 -15.37 7.93
CA ALA A 52 -14.97 -16.26 7.81
C ALA A 52 -14.77 -17.14 6.61
N LEU A 53 -14.24 -16.55 5.56
CA LEU A 53 -14.09 -17.23 4.33
C LEU A 53 -12.79 -18.03 4.25
N GLU A 54 -11.80 -17.66 5.04
CA GLU A 54 -10.64 -18.51 5.20
C GLU A 54 -11.08 -19.77 5.94
N ASN A 55 -12.08 -19.59 6.79
CA ASN A 55 -12.75 -20.72 7.43
C ASN A 55 -13.54 -21.51 6.40
N LYS A 56 -14.11 -20.79 5.42
CA LYS A 56 -14.78 -21.45 4.31
C LYS A 56 -13.79 -22.40 3.65
N LYS A 57 -12.65 -21.83 3.27
CA LYS A 57 -11.55 -22.56 2.63
C LYS A 57 -11.26 -23.87 3.38
N LYS A 58 -11.02 -23.75 4.68
CA LYS A 58 -10.78 -24.89 5.54
C LYS A 58 -11.84 -25.97 5.37
N GLN A 59 -13.09 -25.60 5.64
CA GLN A 59 -14.20 -26.51 5.51
C GLN A 59 -14.29 -27.13 4.12
N LEU A 60 -14.26 -26.26 3.11
CA LEU A 60 -14.49 -26.68 1.73
C LEU A 60 -13.38 -27.60 1.26
N SER A 61 -12.13 -27.18 1.40
CA SER A 61 -11.00 -27.97 1.00
C SER A 61 -10.98 -29.31 1.72
N ALA A 62 -11.38 -29.28 2.99
CA ALA A 62 -11.42 -30.47 3.81
C ALA A 62 -12.53 -31.43 3.38
N GLY A 63 -13.58 -30.86 2.79
CA GLY A 63 -14.69 -31.69 2.34
C GLY A 63 -14.66 -31.98 0.85
N GLY A 64 -13.83 -31.25 0.11
CA GLY A 64 -13.75 -31.42 -1.34
C GLY A 64 -14.66 -30.45 -2.06
N LYS A 65 -15.01 -29.36 -1.39
CA LYS A 65 -15.89 -28.36 -1.93
C LYS A 65 -15.11 -27.19 -2.46
N ASN A 66 -15.78 -26.33 -3.21
CA ASN A 66 -15.13 -25.18 -3.82
C ASN A 66 -15.91 -23.92 -3.52
N LEU A 67 -15.26 -22.77 -3.64
CA LEU A 67 -15.93 -21.49 -3.49
C LEU A 67 -16.62 -21.11 -4.78
N SER A 68 -17.67 -20.33 -4.66
CA SER A 68 -18.33 -19.77 -5.82
C SER A 68 -17.64 -18.49 -6.18
N LYS A 69 -18.05 -17.87 -7.26
CA LYS A 69 -17.49 -16.60 -7.66
C LYS A 69 -17.70 -15.62 -6.54
N GLU A 70 -18.87 -15.74 -5.96
CA GLU A 70 -19.28 -14.91 -4.84
C GLU A 70 -18.16 -14.76 -3.82
N GLU A 71 -17.78 -15.89 -3.23
CA GLU A 71 -16.74 -15.94 -2.21
C GLU A 71 -15.40 -15.55 -2.75
N GLU A 72 -15.06 -16.19 -3.85
CA GLU A 72 -13.74 -16.07 -4.43
C GLU A 72 -13.44 -14.61 -4.80
N GLU A 73 -14.41 -13.98 -5.44
CA GLU A 73 -14.29 -12.60 -5.88
C GLU A 73 -14.20 -11.64 -4.70
N GLU A 74 -15.14 -11.75 -3.74
CA GLU A 74 -15.12 -10.84 -2.59
C GLU A 74 -13.81 -10.93 -1.87
N LEU A 75 -13.44 -12.14 -1.50
CA LEU A 75 -12.24 -12.39 -0.73
C LEU A 75 -11.02 -11.75 -1.36
N ARG A 76 -10.85 -11.96 -2.66
CA ARG A 76 -9.75 -11.38 -3.38
C ARG A 76 -9.74 -9.86 -3.23
N ARG A 77 -10.87 -9.24 -3.51
CA ARG A 77 -11.00 -7.80 -3.43
C ARG A 77 -10.76 -7.29 -2.02
N LEU A 78 -11.32 -7.99 -1.05
CA LEU A 78 -11.06 -7.70 0.37
C LEU A 78 -9.56 -7.58 0.62
N THR A 79 -8.84 -8.54 0.08
CA THR A 79 -7.42 -8.64 0.28
C THR A 79 -6.71 -7.52 -0.46
N GLU A 80 -7.16 -7.29 -1.68
CA GLU A 80 -6.58 -6.27 -2.51
C GLU A 80 -6.75 -4.90 -1.89
N GLU A 81 -7.96 -4.65 -1.43
CA GLU A 81 -8.29 -3.41 -0.75
C GLU A 81 -7.44 -3.27 0.51
N ASP A 82 -7.31 -4.36 1.26
CA ASP A 82 -6.52 -4.35 2.48
C ASP A 82 -5.09 -3.89 2.19
N GLU A 83 -4.53 -4.41 1.10
CA GLU A 83 -3.17 -4.06 0.68
C GLU A 83 -3.06 -2.56 0.44
N ARG A 84 -3.97 -2.03 -0.35
CA ARG A 84 -3.91 -0.60 -0.69
C ARG A 84 -4.21 0.28 0.51
N ARG A 85 -5.22 -0.11 1.28
CA ARG A 85 -5.65 0.65 2.45
C ARG A 85 -4.51 0.89 3.42
N GLU A 86 -3.77 -0.16 3.74
CA GLU A 86 -2.70 -0.02 4.71
C GLU A 86 -1.48 0.64 4.08
N ARG A 87 -1.28 0.39 2.79
CA ARG A 87 -0.06 0.79 2.13
C ARG A 87 0.01 2.29 1.90
N ARG A 88 -1.09 2.86 1.46
CA ARG A 88 -1.19 4.31 1.24
C ARG A 88 -2.64 4.80 1.27
N VAL A 89 -3.56 3.87 1.05
CA VAL A 89 -5.00 4.13 0.92
C VAL A 89 -5.28 5.25 -0.09
N ALA A 90 -4.44 5.31 -1.13
CA ALA A 90 -4.54 6.36 -2.14
C ALA A 90 -5.58 5.99 -3.20
N GLY A 91 -6.36 6.99 -3.60
CA GLY A 91 -7.37 6.77 -4.63
C GLY A 91 -7.05 7.50 -5.91
N PRO A 92 -7.97 7.50 -6.89
CA PRO A 92 -7.77 8.18 -8.17
C PRO A 92 -7.76 9.70 -8.04
N PRO A 93 -6.77 10.36 -8.65
CA PRO A 93 -6.67 11.82 -8.63
C PRO A 93 -7.68 12.48 -9.58
N VAL A 94 -7.90 13.77 -9.38
CA VAL A 94 -8.82 14.52 -10.21
C VAL A 94 -8.09 15.15 -11.39
N GLY A 95 -8.66 15.02 -12.58
CA GLY A 95 -8.04 15.55 -13.78
C GLY A 95 -9.01 15.52 -14.92
N GLY A 96 -10.22 15.96 -14.63
CA GLY A 96 -11.31 15.85 -15.57
C GLY A 96 -11.28 16.93 -16.63
N VAL A 97 -12.36 17.01 -17.38
CA VAL A 97 -12.48 17.97 -18.46
C VAL A 97 -12.93 19.33 -17.93
N ASN A 98 -12.29 20.39 -18.42
CA ASN A 98 -12.64 21.75 -18.02
C ASN A 98 -13.87 22.21 -18.80
N PRO A 99 -14.97 22.50 -18.11
CA PRO A 99 -16.23 22.90 -18.73
C PRO A 99 -16.20 24.34 -19.24
N LEU A 100 -17.03 24.61 -20.24
CA LEU A 100 -17.16 25.93 -20.81
C LEU A 100 -18.52 26.05 -21.46
N GLU A 101 -19.23 27.09 -21.10
CA GLU A 101 -20.55 27.31 -21.67
C GLU A 101 -20.68 28.68 -22.28
N GLY A 102 -21.80 28.89 -22.93
CA GLY A 102 -22.10 30.17 -23.51
C GLY A 102 -23.25 30.10 -24.49
N GLY A 103 -23.24 29.07 -25.33
CA GLY A 103 -24.30 28.87 -26.29
C GLY A 103 -24.05 29.66 -27.55
N SER A 104 -24.21 30.97 -27.47
CA SER A 104 -23.94 31.85 -28.58
C SER A 104 -22.79 32.78 -28.26
N ARG A 105 -21.99 33.06 -29.26
CA ARG A 105 -20.79 33.85 -29.08
C ARG A 105 -20.99 35.30 -29.49
N GLY A 106 -22.00 35.53 -30.33
CA GLY A 106 -22.30 36.88 -30.77
C GLY A 106 -23.59 36.94 -31.54
N ALA A 107 -24.24 38.10 -31.53
CA ALA A 107 -25.48 38.29 -32.26
C ALA A 107 -25.36 39.49 -33.21
N PRO A 108 -24.90 39.23 -34.43
CA PRO A 108 -24.70 40.28 -35.44
C PRO A 108 -26.00 41.04 -35.75
N GLY A 109 -27.07 40.28 -35.95
CA GLY A 109 -28.35 40.88 -36.24
C GLY A 109 -29.25 39.95 -37.00
N GLY A 110 -29.05 39.89 -38.31
CA GLY A 110 -29.84 39.02 -39.14
C GLY A 110 -31.17 39.64 -39.48
N GLY A 111 -31.13 40.89 -39.91
CA GLY A 111 -32.34 41.62 -40.21
C GLY A 111 -32.32 42.25 -41.57
N PHE A 112 -33.06 43.35 -41.69
CA PHE A 112 -33.17 44.12 -42.93
C PHE A 112 -34.03 43.39 -43.96
N VAL A 113 -34.91 44.13 -44.61
CA VAL A 113 -35.77 43.59 -45.66
C VAL A 113 -35.95 44.59 -46.79
N PRO A 114 -36.03 44.11 -48.03
CA PRO A 114 -36.45 44.93 -49.14
C PRO A 114 -37.97 44.92 -49.30
N ASN A 115 -38.62 45.93 -48.75
CA ASN A 115 -40.07 45.99 -48.74
C ASN A 115 -40.55 47.38 -49.12
N LEU A 116 -41.49 47.42 -50.04
CA LEU A 116 -42.03 48.69 -50.53
C LEU A 116 -43.45 48.89 -50.04
N GLN A 117 -44.00 47.85 -49.42
CA GLN A 117 -45.37 47.86 -48.91
C GLN A 117 -46.38 47.97 -50.04
N GLY A 118 -47.64 48.07 -49.65
CA GLY A 118 -48.66 48.36 -50.61
C GLY A 118 -49.98 47.71 -50.27
N VAL A 119 -50.99 48.54 -50.10
CA VAL A 119 -52.32 48.07 -49.76
C VAL A 119 -53.28 48.15 -50.97
N PRO A 120 -53.33 49.30 -51.69
CA PRO A 120 -54.23 49.44 -52.85
C PRO A 120 -54.00 48.38 -53.93
N GLU A 121 -55.07 47.71 -54.31
CA GLU A 121 -55.04 46.79 -55.42
C GLU A 121 -56.32 46.93 -56.22
N SER A 122 -56.21 47.52 -57.40
CA SER A 122 -57.36 47.84 -58.23
C SER A 122 -58.37 48.67 -57.44
N PRO A 123 -58.02 49.93 -57.12
CA PRO A 123 -58.88 50.84 -56.35
C PRO A 123 -60.25 51.04 -56.99
N PHE A 124 -60.30 50.98 -58.31
CA PHE A 124 -61.55 51.15 -59.05
C PHE A 124 -62.23 52.44 -58.63
N SER A 125 -61.52 53.54 -58.81
CA SER A 125 -62.05 54.86 -58.46
C SER A 125 -61.57 55.91 -59.44
N ARG A 126 -62.50 56.70 -59.91
CA ARG A 126 -62.22 57.73 -60.88
C ARG A 126 -61.90 59.03 -60.16
N THR A 127 -60.72 59.57 -60.40
CA THR A 127 -60.18 60.68 -59.60
C THR A 127 -60.83 62.05 -59.93
N GLY A 128 -62.15 62.10 -59.95
CA GLY A 128 -62.86 63.37 -60.02
C GLY A 128 -62.97 63.97 -61.41
N GLU A 129 -62.12 63.54 -62.33
CA GLU A 129 -62.10 64.13 -63.66
C GLU A 129 -62.10 63.06 -64.72
N GLY A 130 -62.78 61.98 -64.45
CA GLY A 130 -62.74 60.89 -65.38
C GLY A 130 -64.07 60.58 -65.97
N LEU A 131 -65.08 61.24 -65.44
CA LEU A 131 -66.45 61.14 -65.90
C LEU A 131 -67.06 59.78 -65.56
N ASP A 132 -66.54 58.74 -66.18
CA ASP A 132 -67.05 57.40 -65.98
C ASP A 132 -66.62 56.87 -64.61
N ILE A 133 -67.57 56.79 -63.69
CA ILE A 133 -67.29 56.35 -62.34
C ILE A 133 -67.61 54.86 -62.21
N ARG A 134 -68.60 54.43 -62.99
CA ARG A 134 -69.05 53.04 -63.03
C ARG A 134 -69.78 52.61 -61.77
N GLY A 135 -69.20 52.89 -60.61
CA GLY A 135 -69.81 52.52 -59.35
C GLY A 135 -70.95 53.44 -58.98
N ASN A 136 -72.17 52.97 -59.14
CA ASN A 136 -73.34 53.78 -58.83
C ASN A 136 -73.66 53.73 -57.34
N GLN A 137 -73.29 52.61 -56.72
CA GLN A 137 -73.49 52.38 -55.28
C GLN A 137 -74.97 52.32 -54.93
N GLY A 138 -75.81 52.04 -55.92
CA GLY A 138 -77.24 51.99 -55.70
C GLY A 138 -77.92 53.28 -56.10
N PHE A 139 -79.24 53.32 -55.92
CA PHE A 139 -80.05 54.47 -56.29
C PHE A 139 -79.99 54.70 -57.79
N PRO A 140 -80.70 53.87 -58.56
CA PRO A 140 -80.74 53.95 -60.01
C PRO A 140 -81.85 54.89 -60.52
N GLY A 1 -59.98 16.97 60.94
CA GLY A 1 -60.94 17.64 60.04
C GLY A 1 -60.34 18.88 59.40
N PRO A 2 -61.16 19.66 58.67
CA PRO A 2 -60.71 20.85 57.98
C PRO A 2 -60.74 22.08 58.89
N LEU A 3 -60.26 23.21 58.35
CA LEU A 3 -60.29 24.51 59.02
C LEU A 3 -59.29 24.57 60.17
N GLY A 4 -59.49 23.73 61.16
CA GLY A 4 -58.67 23.78 62.36
C GLY A 4 -59.37 24.53 63.47
N SER A 5 -60.62 24.15 63.72
CA SER A 5 -61.40 24.80 64.75
C SER A 5 -60.92 24.39 66.14
N LYS A 6 -60.47 25.38 66.90
CA LYS A 6 -59.89 25.16 68.23
C LYS A 6 -58.58 24.41 68.15
N ASP A 7 -58.09 23.92 69.28
CA ASP A 7 -56.79 23.29 69.34
C ASP A 7 -56.82 22.01 70.19
N LYS A 8 -57.99 21.39 70.26
CA LYS A 8 -58.16 20.17 71.05
C LYS A 8 -57.87 18.93 70.21
N ASP A 9 -58.35 18.94 68.97
CA ASP A 9 -58.21 17.77 68.09
C ASP A 9 -56.82 17.70 67.48
N GLY A 10 -56.11 18.83 67.49
CA GLY A 10 -54.78 18.87 66.93
C GLY A 10 -53.96 19.96 67.56
N GLU A 11 -53.27 20.72 66.73
CA GLU A 11 -52.41 21.78 67.18
C GLU A 11 -52.26 22.75 66.05
N GLY A 12 -51.96 22.19 64.90
CA GLY A 12 -51.82 22.97 63.72
C GLY A 12 -50.59 22.57 62.93
N ALA A 13 -50.40 23.22 61.79
CA ALA A 13 -49.28 22.92 60.90
C ALA A 13 -49.33 21.47 60.43
N PRO A 14 -50.15 21.19 59.40
CA PRO A 14 -50.29 19.84 58.84
C PRO A 14 -49.00 19.36 58.17
N PRO A 15 -48.86 18.03 58.00
CA PRO A 15 -47.70 17.44 57.29
C PRO A 15 -47.59 17.88 55.84
N ALA A 16 -46.98 17.01 55.04
CA ALA A 16 -46.83 17.27 53.61
C ALA A 16 -48.19 17.49 52.95
N LYS A 17 -48.22 18.35 51.94
CA LYS A 17 -49.46 18.66 51.24
C LYS A 17 -49.56 17.85 49.96
N ARG A 18 -48.51 17.05 49.75
CA ARG A 18 -48.45 16.11 48.62
C ARG A 18 -48.37 16.87 47.30
N ALA A 19 -47.35 17.69 47.18
CA ALA A 19 -47.13 18.51 45.99
C ALA A 19 -45.72 18.32 45.49
N ARG A 20 -45.31 17.07 45.39
CA ARG A 20 -43.97 16.72 44.93
C ARG A 20 -43.83 17.00 43.44
N THR A 21 -44.93 16.81 42.71
CA THR A 21 -44.99 17.00 41.26
C THR A 21 -43.91 16.18 40.54
N ASP A 22 -43.63 16.52 39.28
CA ASP A 22 -42.66 15.79 38.46
C ASP A 22 -43.07 14.33 38.32
N GLN A 23 -44.37 14.13 38.10
CA GLN A 23 -44.94 12.80 38.08
C GLN A 23 -44.73 12.10 36.74
N MET A 24 -44.49 12.87 35.72
CA MET A 24 -44.35 12.32 34.38
C MET A 24 -42.93 11.92 34.07
N GLU A 25 -42.82 10.82 33.36
CA GLU A 25 -41.56 10.18 33.09
C GLU A 25 -41.00 10.61 31.75
N VAL A 26 -39.80 11.16 31.76
CA VAL A 26 -39.11 11.55 30.54
C VAL A 26 -38.21 10.41 30.07
N ASP A 27 -38.71 9.61 29.16
CA ASP A 27 -37.99 8.45 28.64
C ASP A 27 -36.88 8.90 27.71
N SER A 28 -35.65 8.47 27.98
CA SER A 28 -34.49 8.90 27.20
C SER A 28 -34.22 7.96 26.03
N GLY A 29 -35.13 7.01 25.81
CA GLY A 29 -34.97 6.07 24.72
C GLY A 29 -33.76 5.17 24.87
N PRO A 30 -33.41 4.42 23.82
CA PRO A 30 -32.19 3.62 23.80
C PRO A 30 -30.94 4.48 23.97
N GLY A 31 -29.96 3.95 24.66
CA GLY A 31 -28.74 4.70 24.89
C GLY A 31 -27.70 4.41 23.85
N LYS A 32 -26.47 4.81 24.11
CA LYS A 32 -25.40 4.61 23.17
C LYS A 32 -24.79 3.22 23.34
N ARG A 33 -24.83 2.44 22.27
CA ARG A 33 -24.21 1.12 22.26
C ARG A 33 -22.99 1.12 21.36
N PRO A 34 -21.80 1.41 21.93
CA PRO A 34 -20.56 1.51 21.16
C PRO A 34 -20.15 0.18 20.54
N LEU A 35 -19.86 0.20 19.26
CA LEU A 35 -19.43 -0.99 18.56
C LEU A 35 -18.49 -0.63 17.42
N ARG A 36 -18.84 0.41 16.68
CA ARG A 36 -18.04 0.84 15.54
C ARG A 36 -16.95 1.81 15.98
N GLY A 37 -15.71 1.38 15.83
CA GLY A 37 -14.58 2.20 16.19
C GLY A 37 -13.39 1.94 15.28
N GLY A 38 -12.49 2.90 15.19
CA GLY A 38 -11.35 2.76 14.29
C GLY A 38 -11.72 3.15 12.88
N PHE A 39 -12.54 2.33 12.24
CA PHE A 39 -13.08 2.63 10.94
C PHE A 39 -14.58 2.42 10.96
N THR A 40 -15.20 2.42 9.79
CA THR A 40 -16.61 2.15 9.69
C THR A 40 -16.89 0.66 9.84
N ASP A 41 -18.16 0.29 9.87
CA ASP A 41 -18.56 -1.12 9.91
C ASP A 41 -17.94 -1.89 8.76
N LYS A 42 -17.66 -1.17 7.68
CA LYS A 42 -17.15 -1.73 6.44
C LYS A 42 -15.86 -2.53 6.63
N GLU A 43 -14.92 -1.97 7.37
CA GLU A 43 -13.62 -2.60 7.55
C GLU A 43 -13.77 -3.82 8.45
N ARG A 44 -14.76 -3.74 9.30
CA ARG A 44 -15.04 -4.80 10.23
C ARG A 44 -15.67 -5.99 9.50
N GLN A 45 -16.62 -5.70 8.63
CA GLN A 45 -17.19 -6.70 7.75
C GLN A 45 -16.07 -7.34 6.95
N ASP A 46 -15.13 -6.51 6.54
CA ASP A 46 -13.99 -6.91 5.74
C ASP A 46 -13.21 -8.02 6.42
N HIS A 47 -12.88 -7.79 7.69
CA HIS A 47 -12.08 -8.76 8.45
C HIS A 47 -12.90 -9.96 8.87
N ARG A 48 -14.11 -9.73 9.38
CA ARG A 48 -14.97 -10.82 9.85
C ARG A 48 -15.25 -11.79 8.73
N ARG A 49 -15.60 -11.26 7.56
CA ARG A 49 -15.91 -12.09 6.41
C ARG A 49 -14.68 -12.73 5.84
N ARG A 50 -13.64 -11.96 5.74
CA ARG A 50 -12.34 -12.45 5.28
C ARG A 50 -11.93 -13.69 6.07
N LYS A 51 -11.97 -13.61 7.39
CA LYS A 51 -11.57 -14.72 8.24
C LYS A 51 -12.64 -15.80 8.28
N ALA A 52 -13.89 -15.38 8.12
CA ALA A 52 -14.98 -16.32 8.01
C ALA A 52 -14.78 -17.20 6.78
N LEU A 53 -14.31 -16.57 5.73
CA LEU A 53 -14.09 -17.23 4.48
C LEU A 53 -12.74 -17.92 4.45
N GLU A 54 -11.79 -17.45 5.23
CA GLU A 54 -10.57 -18.21 5.45
C GLU A 54 -10.94 -19.59 5.98
N ASN A 55 -11.89 -19.58 6.90
CA ASN A 55 -12.47 -20.80 7.43
C ASN A 55 -13.20 -21.54 6.33
N LYS A 56 -13.95 -20.79 5.53
CA LYS A 56 -14.70 -21.34 4.41
C LYS A 56 -13.77 -22.12 3.48
N LYS A 57 -12.63 -21.52 3.14
CA LYS A 57 -11.66 -22.13 2.25
C LYS A 57 -11.15 -23.41 2.85
N LYS A 58 -10.92 -23.37 4.15
CA LYS A 58 -10.48 -24.54 4.88
C LYS A 58 -11.51 -25.65 4.81
N GLN A 59 -12.71 -25.32 5.26
CA GLN A 59 -13.82 -26.24 5.31
C GLN A 59 -14.11 -26.87 3.95
N LEU A 60 -14.25 -26.04 2.93
CA LEU A 60 -14.60 -26.53 1.60
C LEU A 60 -13.50 -27.43 1.05
N SER A 61 -12.27 -26.94 1.07
CA SER A 61 -11.13 -27.70 0.54
C SER A 61 -10.98 -29.01 1.29
N ALA A 62 -11.23 -28.95 2.58
CA ALA A 62 -11.10 -30.11 3.45
C ALA A 62 -12.21 -31.13 3.20
N GLY A 63 -13.39 -30.65 2.81
CA GLY A 63 -14.50 -31.53 2.54
C GLY A 63 -14.62 -31.90 1.07
N GLY A 64 -13.86 -31.21 0.23
CA GLY A 64 -13.89 -31.48 -1.20
C GLY A 64 -14.86 -30.59 -1.93
N LYS A 65 -15.31 -29.55 -1.25
CA LYS A 65 -16.25 -28.59 -1.82
C LYS A 65 -15.53 -27.45 -2.52
N ASN A 66 -16.27 -26.71 -3.32
CA ASN A 66 -15.72 -25.59 -4.06
C ASN A 66 -16.47 -24.30 -3.72
N LEU A 67 -15.76 -23.18 -3.77
CA LEU A 67 -16.33 -21.88 -3.41
C LEU A 67 -17.25 -21.38 -4.51
N SER A 68 -18.05 -20.40 -4.18
CA SER A 68 -18.89 -19.74 -5.16
C SER A 68 -18.09 -18.63 -5.80
N LYS A 69 -18.29 -18.44 -7.11
CA LYS A 69 -17.52 -17.47 -7.89
C LYS A 69 -17.32 -16.15 -7.15
N GLU A 70 -18.40 -15.69 -6.55
CA GLU A 70 -18.43 -14.39 -5.89
C GLU A 70 -17.64 -14.41 -4.61
N GLU A 71 -17.88 -15.46 -3.83
CA GLU A 71 -17.26 -15.70 -2.57
C GLU A 71 -15.75 -15.73 -2.73
N GLU A 72 -15.33 -16.27 -3.87
CA GLU A 72 -13.95 -16.34 -4.22
C GLU A 72 -13.42 -14.93 -4.54
N GLU A 73 -14.23 -14.17 -5.30
CA GLU A 73 -13.89 -12.81 -5.67
C GLU A 73 -13.74 -11.92 -4.46
N GLU A 74 -14.77 -11.91 -3.60
CA GLU A 74 -14.75 -11.05 -2.42
C GLU A 74 -13.54 -11.31 -1.57
N LEU A 75 -13.30 -12.56 -1.23
CA LEU A 75 -12.19 -12.87 -0.36
C LEU A 75 -10.86 -12.44 -0.96
N ARG A 76 -10.67 -12.70 -2.24
CA ARG A 76 -9.45 -12.34 -2.91
C ARG A 76 -9.19 -10.85 -2.79
N ARG A 77 -10.19 -10.06 -3.14
CA ARG A 77 -10.10 -8.62 -3.05
C ARG A 77 -9.87 -8.18 -1.62
N LEU A 78 -10.70 -8.68 -0.74
CA LEU A 78 -10.58 -8.41 0.70
C LEU A 78 -9.16 -8.66 1.19
N THR A 79 -8.50 -9.63 0.58
CA THR A 79 -7.17 -10.02 0.99
C THR A 79 -6.16 -9.07 0.38
N GLU A 80 -6.36 -8.78 -0.89
CA GLU A 80 -5.52 -7.86 -1.62
C GLU A 80 -5.48 -6.52 -0.91
N GLU A 81 -6.66 -6.05 -0.58
CA GLU A 81 -6.83 -4.78 0.09
C GLU A 81 -6.26 -4.83 1.49
N ASP A 82 -6.61 -5.88 2.23
CA ASP A 82 -6.17 -6.01 3.61
C ASP A 82 -4.65 -6.06 3.70
N GLU A 83 -4.02 -6.81 2.80
CA GLU A 83 -2.57 -6.93 2.82
C GLU A 83 -1.90 -5.60 2.51
N ARG A 84 -2.39 -4.86 1.49
CA ARG A 84 -1.78 -3.57 1.18
C ARG A 84 -1.98 -2.60 2.33
N ARG A 85 -3.18 -2.62 2.88
CA ARG A 85 -3.52 -1.80 4.04
C ARG A 85 -2.55 -2.02 5.19
N GLU A 86 -2.23 -3.28 5.43
CA GLU A 86 -1.39 -3.63 6.57
C GLU A 86 0.08 -3.32 6.30
N ARG A 87 0.50 -3.57 5.07
CA ARG A 87 1.91 -3.52 4.73
C ARG A 87 2.49 -2.12 4.83
N ARG A 88 1.70 -1.17 4.39
CA ARG A 88 2.03 0.26 4.37
C ARG A 88 1.15 1.01 3.37
N VAL A 89 0.65 0.25 2.40
CA VAL A 89 -0.12 0.79 1.27
C VAL A 89 0.79 1.26 0.15
N ALA A 90 0.38 0.92 -1.08
CA ALA A 90 1.11 1.29 -2.29
C ALA A 90 2.41 0.53 -2.40
N GLY A 91 3.11 0.70 -3.52
CA GLY A 91 4.34 -0.02 -3.74
C GLY A 91 5.39 0.84 -4.39
N PRO A 92 6.60 0.30 -4.61
CA PRO A 92 7.68 1.03 -5.26
C PRO A 92 7.47 1.17 -6.76
N PRO A 93 7.50 2.41 -7.27
CA PRO A 93 7.43 2.69 -8.69
C PRO A 93 8.81 2.73 -9.33
N VAL A 94 8.87 3.19 -10.58
CA VAL A 94 10.13 3.31 -11.32
C VAL A 94 10.86 1.96 -11.38
N GLY A 95 10.44 1.12 -12.29
CA GLY A 95 11.05 -0.18 -12.44
C GLY A 95 10.64 -0.81 -13.74
N GLY A 96 10.47 0.04 -14.74
CA GLY A 96 9.98 -0.40 -16.01
C GLY A 96 11.03 -1.15 -16.82
N VAL A 97 10.63 -1.61 -17.98
CA VAL A 97 11.53 -2.33 -18.87
C VAL A 97 12.36 -1.35 -19.68
N ASN A 98 13.69 -1.51 -19.64
CA ASN A 98 14.59 -0.65 -20.38
C ASN A 98 14.62 -1.05 -21.84
N PRO A 99 14.23 -0.13 -22.74
CA PRO A 99 14.32 -0.36 -24.18
C PRO A 99 15.75 -0.17 -24.68
N LEU A 100 16.63 -1.09 -24.28
CA LEU A 100 18.03 -1.01 -24.65
C LEU A 100 18.22 -1.23 -26.13
N GLU A 101 17.44 -2.17 -26.66
CA GLU A 101 17.48 -2.53 -28.08
C GLU A 101 18.76 -3.23 -28.41
N GLY A 102 19.00 -3.41 -29.69
CA GLY A 102 20.24 -4.01 -30.11
C GLY A 102 20.15 -4.55 -31.53
N GLY A 103 20.66 -3.78 -32.47
CA GLY A 103 20.62 -4.20 -33.86
C GLY A 103 21.80 -3.67 -34.64
N SER A 104 22.91 -4.39 -34.59
CA SER A 104 24.10 -3.99 -35.30
C SER A 104 23.92 -4.17 -36.80
N ARG A 105 24.05 -3.09 -37.55
CA ARG A 105 23.88 -3.12 -38.99
C ARG A 105 25.00 -2.39 -39.70
N GLY A 106 24.89 -2.27 -41.01
CA GLY A 106 25.90 -1.57 -41.77
C GLY A 106 25.99 -2.08 -43.19
N ALA A 107 25.05 -1.66 -44.03
CA ALA A 107 25.02 -2.09 -45.42
C ALA A 107 25.65 -1.04 -46.32
N PRO A 108 26.80 -1.36 -46.92
CA PRO A 108 27.52 -0.45 -47.84
C PRO A 108 26.67 -0.04 -49.03
N GLY A 109 25.73 -0.90 -49.42
CA GLY A 109 24.85 -0.58 -50.52
C GLY A 109 24.87 -1.65 -51.59
N GLY A 110 25.95 -2.42 -51.61
CA GLY A 110 26.06 -3.50 -52.57
C GLY A 110 27.28 -3.36 -53.45
N GLY A 111 27.84 -2.15 -53.50
CA GLY A 111 29.01 -1.90 -54.30
C GLY A 111 28.72 -0.99 -55.46
N PHE A 112 29.78 -0.49 -56.08
CA PHE A 112 29.65 0.43 -57.20
C PHE A 112 30.80 0.23 -58.18
N VAL A 113 30.50 0.34 -59.46
CA VAL A 113 31.50 0.15 -60.50
C VAL A 113 31.45 1.29 -61.50
N PRO A 114 32.51 1.45 -62.30
CA PRO A 114 32.49 2.41 -63.40
C PRO A 114 31.62 1.93 -64.55
N ASN A 115 31.48 2.76 -65.57
CA ASN A 115 30.60 2.47 -66.68
C ASN A 115 31.34 1.72 -67.77
N LEU A 116 32.57 1.39 -67.46
CA LEU A 116 33.42 0.65 -68.37
C LEU A 116 33.30 -0.86 -68.14
N GLN A 117 32.16 -1.27 -67.61
CA GLN A 117 31.92 -2.68 -67.31
C GLN A 117 31.17 -3.34 -68.45
N GLY A 118 29.99 -2.81 -68.73
CA GLY A 118 29.13 -3.40 -69.73
C GLY A 118 29.70 -3.29 -71.13
N VAL A 119 29.27 -4.18 -72.00
CA VAL A 119 29.75 -4.20 -73.38
C VAL A 119 28.81 -3.42 -74.27
N PRO A 120 29.31 -2.41 -74.96
CA PRO A 120 28.53 -1.74 -75.99
C PRO A 120 28.36 -2.58 -77.23
N GLU A 121 27.48 -2.13 -78.11
CA GLU A 121 27.28 -2.79 -79.39
C GLU A 121 27.11 -1.77 -80.50
N SER A 122 27.60 -2.10 -81.67
CA SER A 122 27.54 -1.20 -82.81
C SER A 122 27.58 -1.99 -84.11
N PRO A 123 27.19 -1.36 -85.24
CA PRO A 123 27.27 -1.91 -86.58
C PRO A 123 28.43 -2.88 -86.78
N PHE A 124 28.07 -4.02 -87.31
CA PHE A 124 29.02 -5.10 -87.54
C PHE A 124 29.64 -4.98 -88.91
N SER A 125 28.82 -5.00 -89.95
CA SER A 125 29.31 -4.92 -91.31
C SER A 125 28.21 -4.50 -92.25
N ARG A 126 28.61 -4.05 -93.44
CA ARG A 126 27.68 -3.52 -94.39
C ARG A 126 28.32 -3.50 -95.79
N THR A 127 27.73 -4.26 -96.69
CA THR A 127 28.22 -4.35 -98.06
C THR A 127 27.13 -4.83 -99.00
N GLY A 128 26.87 -4.07 -100.06
CA GLY A 128 25.88 -4.48 -101.04
C GLY A 128 26.48 -5.32 -102.13
N GLU A 129 26.18 -6.62 -102.11
CA GLU A 129 26.70 -7.55 -103.11
C GLU A 129 25.54 -8.06 -103.95
N GLY A 130 24.38 -7.52 -103.65
CA GLY A 130 23.17 -8.00 -104.26
C GLY A 130 22.57 -6.93 -105.12
N LEU A 131 23.42 -6.00 -105.48
CA LEU A 131 23.05 -4.84 -106.25
C LEU A 131 22.50 -5.25 -107.60
N ASP A 132 23.38 -5.79 -108.45
CA ASP A 132 23.00 -6.34 -109.76
C ASP A 132 22.52 -5.26 -110.74
N ILE A 133 23.01 -5.35 -111.97
CA ILE A 133 22.64 -4.41 -113.02
C ILE A 133 21.54 -5.02 -113.88
N ARG A 134 21.29 -6.30 -113.64
CA ARG A 134 20.34 -7.10 -114.40
C ARG A 134 20.84 -7.37 -115.81
N GLY A 135 21.05 -6.30 -116.56
CA GLY A 135 21.49 -6.42 -117.91
C GLY A 135 20.47 -5.91 -118.89
N ASN A 136 19.35 -6.60 -119.00
CA ASN A 136 18.31 -6.24 -119.96
C ASN A 136 17.41 -5.15 -119.40
N GLN A 137 17.99 -3.98 -119.18
CA GLN A 137 17.22 -2.83 -118.72
C GLN A 137 17.38 -1.67 -119.69
N GLY A 138 16.31 -0.91 -119.86
CA GLY A 138 16.33 0.20 -120.80
C GLY A 138 15.07 0.26 -121.62
N PHE A 139 14.45 -0.90 -121.83
CA PHE A 139 13.21 -1.00 -122.57
C PHE A 139 12.16 -1.74 -121.75
N PRO A 140 11.26 -0.98 -121.11
CA PRO A 140 10.18 -1.55 -120.29
C PRO A 140 9.10 -2.21 -121.14
N GLY A 1 -16.50 61.53 -11.04
CA GLY A 1 -17.96 61.35 -10.89
C GLY A 1 -18.30 60.12 -10.09
N PRO A 2 -19.60 59.79 -9.98
CA PRO A 2 -20.06 58.63 -9.22
C PRO A 2 -19.83 57.32 -9.98
N LEU A 3 -20.11 56.22 -9.32
CA LEU A 3 -19.97 54.91 -9.95
C LEU A 3 -21.30 54.47 -10.52
N GLY A 4 -21.30 54.13 -11.80
CA GLY A 4 -22.51 53.71 -12.45
C GLY A 4 -22.93 54.67 -13.55
N SER A 5 -23.52 54.14 -14.60
CA SER A 5 -23.98 54.96 -15.71
C SER A 5 -25.30 55.63 -15.37
N LYS A 6 -26.35 54.84 -15.17
CA LYS A 6 -27.61 55.37 -14.71
C LYS A 6 -28.30 54.39 -13.76
N ASP A 7 -28.97 53.38 -14.31
CA ASP A 7 -29.72 52.44 -13.49
C ASP A 7 -30.09 51.21 -14.28
N LYS A 8 -30.50 51.41 -15.53
CA LYS A 8 -30.97 50.32 -16.36
C LYS A 8 -29.81 49.50 -16.90
N ASP A 9 -28.60 49.93 -16.57
CA ASP A 9 -27.40 49.20 -16.92
C ASP A 9 -27.30 47.93 -16.08
N GLY A 10 -28.07 47.91 -14.99
CA GLY A 10 -28.08 46.78 -14.09
C GLY A 10 -28.41 47.22 -12.68
N GLU A 11 -27.52 48.01 -12.11
CA GLU A 11 -27.68 48.58 -10.79
C GLU A 11 -26.89 49.83 -10.73
N GLY A 12 -25.63 49.71 -11.11
CA GLY A 12 -24.76 50.83 -11.11
C GLY A 12 -23.64 50.68 -10.13
N ALA A 13 -23.99 50.74 -8.87
CA ALA A 13 -23.05 50.58 -7.78
C ALA A 13 -23.82 50.26 -6.50
N PRO A 14 -23.13 49.84 -5.41
CA PRO A 14 -23.77 49.62 -4.11
C PRO A 14 -24.62 50.83 -3.69
N PRO A 15 -25.70 50.59 -2.92
CA PRO A 15 -26.60 51.65 -2.46
C PRO A 15 -25.93 52.76 -1.67
N ALA A 16 -26.76 53.67 -1.21
CA ALA A 16 -26.28 54.86 -0.53
C ALA A 16 -26.03 54.58 0.93
N LYS A 17 -24.75 54.64 1.33
CA LYS A 17 -24.33 54.51 2.72
C LYS A 17 -24.36 53.05 3.12
N ARG A 18 -24.19 52.20 2.13
CA ARG A 18 -24.17 50.77 2.36
C ARG A 18 -22.92 50.13 1.77
N ALA A 19 -22.03 49.69 2.66
CA ALA A 19 -20.82 49.00 2.26
C ALA A 19 -20.94 47.51 2.62
N ARG A 20 -22.18 47.05 2.74
CA ARG A 20 -22.47 45.68 3.10
C ARG A 20 -21.98 44.72 2.03
N THR A 21 -20.98 43.93 2.36
CA THR A 21 -20.42 42.97 1.43
C THR A 21 -20.71 41.55 1.91
N ASP A 22 -20.87 40.62 0.97
CA ASP A 22 -21.17 39.24 1.32
C ASP A 22 -19.89 38.44 1.48
N GLN A 23 -18.78 39.13 1.34
CA GLN A 23 -17.46 38.54 1.53
C GLN A 23 -16.88 39.08 2.82
N MET A 24 -16.25 38.21 3.57
CA MET A 24 -15.59 38.64 4.79
C MET A 24 -14.12 38.29 4.77
N GLU A 25 -13.68 37.77 3.63
CA GLU A 25 -12.28 37.52 3.36
C GLU A 25 -11.77 36.29 4.13
N VAL A 26 -10.87 35.54 3.48
CA VAL A 26 -10.31 34.32 4.03
C VAL A 26 -11.41 33.31 4.37
N ASP A 27 -11.80 32.53 3.39
CA ASP A 27 -12.81 31.50 3.60
C ASP A 27 -12.18 30.12 3.46
N SER A 28 -12.49 29.24 4.40
CA SER A 28 -11.90 27.91 4.43
C SER A 28 -12.81 26.91 3.72
N GLY A 29 -14.01 27.35 3.35
CA GLY A 29 -14.93 26.48 2.66
C GLY A 29 -16.36 26.70 3.12
N PRO A 30 -17.34 26.27 2.31
CA PRO A 30 -18.77 26.40 2.67
C PRO A 30 -19.12 25.60 3.92
N GLY A 31 -18.44 24.50 4.15
CA GLY A 31 -18.71 23.67 5.30
C GLY A 31 -17.47 23.30 6.05
N LYS A 32 -17.52 22.15 6.70
CA LYS A 32 -16.44 21.70 7.54
C LYS A 32 -15.36 20.98 6.73
N ARG A 33 -15.79 20.18 5.75
CA ARG A 33 -14.88 19.35 4.97
C ARG A 33 -14.07 18.42 5.87
N PRO A 34 -14.68 17.32 6.32
CA PRO A 34 -14.03 16.37 7.21
C PRO A 34 -13.19 15.35 6.47
N LEU A 35 -12.47 14.53 7.23
CA LEU A 35 -11.66 13.48 6.66
C LEU A 35 -12.10 12.12 7.21
N ARG A 36 -12.97 12.15 8.21
CA ARG A 36 -13.51 10.95 8.87
C ARG A 36 -12.45 10.30 9.75
N GLY A 37 -11.26 10.09 9.21
CA GLY A 37 -10.17 9.50 9.96
C GLY A 37 -9.55 8.34 9.22
N GLY A 38 -9.76 7.13 9.72
CA GLY A 38 -9.22 5.95 9.07
C GLY A 38 -10.09 5.50 7.91
N PHE A 39 -10.80 4.41 8.09
CA PHE A 39 -11.73 3.94 7.06
C PHE A 39 -13.12 3.78 7.65
N THR A 40 -14.00 3.16 6.89
CA THR A 40 -15.35 2.92 7.34
C THR A 40 -15.48 1.56 8.01
N ASP A 41 -16.66 1.30 8.54
CA ASP A 41 -17.02 0.01 9.11
C ASP A 41 -16.69 -1.13 8.15
N LYS A 42 -16.67 -0.82 6.86
CA LYS A 42 -16.45 -1.79 5.81
C LYS A 42 -15.15 -2.57 6.01
N GLU A 43 -14.15 -1.92 6.58
CA GLU A 43 -12.86 -2.57 6.81
C GLU A 43 -12.96 -3.61 7.91
N ARG A 44 -13.86 -3.39 8.85
CA ARG A 44 -14.06 -4.35 9.91
C ARG A 44 -14.82 -5.54 9.36
N GLN A 45 -15.82 -5.25 8.54
CA GLN A 45 -16.53 -6.28 7.81
C GLN A 45 -15.59 -7.03 6.89
N ASP A 46 -14.57 -6.30 6.42
CA ASP A 46 -13.52 -6.84 5.57
C ASP A 46 -12.82 -8.00 6.27
N HIS A 47 -12.44 -7.74 7.52
CA HIS A 47 -11.76 -8.75 8.32
C HIS A 47 -12.68 -9.93 8.63
N ARG A 48 -13.93 -9.64 8.98
CA ARG A 48 -14.90 -10.67 9.31
C ARG A 48 -15.19 -11.54 8.09
N ARG A 49 -15.40 -10.89 6.96
CA ARG A 49 -15.66 -11.54 5.71
C ARG A 49 -14.50 -12.46 5.34
N ARG A 50 -13.31 -11.86 5.21
CA ARG A 50 -12.07 -12.62 4.97
C ARG A 50 -11.99 -13.89 5.81
N LYS A 51 -12.02 -13.72 7.11
CA LYS A 51 -11.79 -14.80 8.03
C LYS A 51 -12.93 -15.80 7.98
N ALA A 52 -14.11 -15.31 7.65
CA ALA A 52 -15.25 -16.18 7.43
C ALA A 52 -14.93 -17.15 6.31
N LEU A 53 -14.39 -16.62 5.24
CA LEU A 53 -14.05 -17.40 4.08
C LEU A 53 -12.82 -18.25 4.26
N GLU A 54 -11.84 -17.76 5.00
CA GLU A 54 -10.66 -18.57 5.26
C GLU A 54 -11.08 -19.85 5.97
N ASN A 55 -12.05 -19.72 6.87
CA ASN A 55 -12.66 -20.88 7.51
C ASN A 55 -13.41 -21.71 6.48
N LYS A 56 -14.12 -21.02 5.59
CA LYS A 56 -14.88 -21.69 4.56
C LYS A 56 -13.95 -22.59 3.75
N LYS A 57 -12.88 -22.01 3.22
CA LYS A 57 -11.85 -22.73 2.48
C LYS A 57 -11.40 -23.97 3.22
N LYS A 58 -11.07 -23.82 4.50
CA LYS A 58 -10.67 -24.96 5.32
C LYS A 58 -11.66 -26.10 5.22
N GLN A 59 -12.91 -25.84 5.55
CA GLN A 59 -13.94 -26.87 5.58
C GLN A 59 -14.24 -27.40 4.18
N LEU A 60 -14.27 -26.50 3.21
CA LEU A 60 -14.62 -26.87 1.85
C LEU A 60 -13.55 -27.77 1.24
N SER A 61 -12.31 -27.29 1.20
CA SER A 61 -11.22 -28.01 0.63
C SER A 61 -11.03 -29.35 1.33
N ALA A 62 -11.22 -29.34 2.64
CA ALA A 62 -11.09 -30.54 3.45
C ALA A 62 -12.25 -31.50 3.20
N GLY A 63 -13.39 -30.94 2.79
CA GLY A 63 -14.56 -31.74 2.51
C GLY A 63 -14.64 -32.13 1.03
N GLY A 64 -13.79 -31.54 0.21
CA GLY A 64 -13.75 -31.89 -1.19
C GLY A 64 -14.60 -30.97 -2.06
N LYS A 65 -14.94 -29.80 -1.54
CA LYS A 65 -15.71 -28.83 -2.29
C LYS A 65 -14.98 -27.50 -2.37
N ASN A 66 -15.52 -26.57 -3.17
CA ASN A 66 -14.86 -25.29 -3.40
C ASN A 66 -15.81 -24.12 -3.22
N LEU A 67 -15.27 -22.91 -3.33
CA LEU A 67 -16.02 -21.67 -3.15
C LEU A 67 -16.83 -21.35 -4.39
N SER A 68 -17.76 -20.42 -4.24
CA SER A 68 -18.50 -19.88 -5.35
C SER A 68 -17.74 -18.74 -5.98
N LYS A 69 -18.25 -18.21 -7.07
CA LYS A 69 -17.64 -17.05 -7.71
C LYS A 69 -17.62 -15.88 -6.75
N GLU A 70 -18.77 -15.67 -6.14
CA GLU A 70 -19.05 -14.47 -5.39
C GLU A 70 -18.07 -14.24 -4.25
N GLU A 71 -18.00 -15.18 -3.31
CA GLU A 71 -17.30 -14.91 -2.07
C GLU A 71 -15.79 -15.01 -2.27
N GLU A 72 -15.41 -15.73 -3.32
CA GLU A 72 -14.04 -15.85 -3.70
C GLU A 72 -13.51 -14.50 -4.19
N GLU A 73 -14.33 -13.84 -5.01
CA GLU A 73 -13.97 -12.54 -5.56
C GLU A 73 -13.88 -11.47 -4.49
N GLU A 74 -14.92 -11.38 -3.66
CA GLU A 74 -14.94 -10.36 -2.62
C GLU A 74 -13.72 -10.47 -1.74
N LEU A 75 -13.41 -11.69 -1.31
CA LEU A 75 -12.30 -11.88 -0.40
C LEU A 75 -10.97 -11.55 -1.03
N ARG A 76 -10.80 -12.01 -2.24
CA ARG A 76 -9.59 -11.74 -2.97
C ARG A 76 -9.35 -10.24 -3.04
N ARG A 77 -10.41 -9.50 -3.29
CA ARG A 77 -10.38 -8.06 -3.30
C ARG A 77 -10.09 -7.49 -1.91
N LEU A 78 -10.74 -8.06 -0.88
CA LEU A 78 -10.50 -7.63 0.51
C LEU A 78 -9.01 -7.75 0.82
N THR A 79 -8.43 -8.81 0.27
CA THR A 79 -7.06 -9.16 0.52
C THR A 79 -6.14 -8.27 -0.28
N GLU A 80 -6.60 -7.92 -1.46
CA GLU A 80 -5.85 -7.07 -2.34
C GLU A 80 -5.68 -5.69 -1.73
N GLU A 81 -6.76 -5.19 -1.16
CA GLU A 81 -6.74 -3.92 -0.44
C GLU A 81 -5.78 -4.00 0.74
N ASP A 82 -5.92 -5.09 1.49
CA ASP A 82 -5.09 -5.33 2.66
C ASP A 82 -3.60 -5.34 2.30
N GLU A 83 -3.24 -6.12 1.29
CA GLU A 83 -1.85 -6.32 0.93
C GLU A 83 -1.23 -5.04 0.36
N ARG A 84 -1.98 -4.28 -0.44
CA ARG A 84 -1.44 -3.06 -1.04
C ARG A 84 -1.12 -2.04 0.04
N ARG A 85 -2.06 -1.84 0.93
CA ARG A 85 -1.92 -0.84 1.98
C ARG A 85 -0.76 -1.14 2.91
N GLU A 86 -0.68 -2.37 3.39
CA GLU A 86 0.31 -2.70 4.39
C GLU A 86 1.71 -2.83 3.80
N ARG A 87 1.77 -3.02 2.50
CA ARG A 87 3.00 -3.43 1.84
C ARG A 87 4.10 -2.38 1.97
N ARG A 88 3.72 -1.12 1.86
CA ARG A 88 4.68 -0.03 1.99
C ARG A 88 4.10 1.14 2.76
N VAL A 89 2.89 1.55 2.40
CA VAL A 89 2.27 2.72 2.98
C VAL A 89 1.62 2.42 4.33
N ALA A 90 2.38 1.77 5.20
CA ALA A 90 1.95 1.48 6.56
C ALA A 90 3.15 1.48 7.51
N GLY A 91 4.16 2.25 7.14
CA GLY A 91 5.38 2.30 7.93
C GLY A 91 5.69 3.69 8.44
N PRO A 92 5.90 3.85 9.74
CA PRO A 92 6.18 5.15 10.36
C PRO A 92 7.60 5.63 10.09
N PRO A 93 7.75 6.92 9.74
CA PRO A 93 9.07 7.53 9.53
C PRO A 93 9.85 7.64 10.84
N VAL A 94 11.12 7.27 10.80
CA VAL A 94 11.96 7.28 11.99
C VAL A 94 13.32 7.90 11.69
N GLY A 95 13.77 8.77 12.59
CA GLY A 95 15.04 9.43 12.41
C GLY A 95 15.13 10.63 13.31
N GLY A 96 15.02 10.37 14.60
CA GLY A 96 14.90 11.44 15.57
C GLY A 96 16.25 11.91 16.08
N VAL A 97 16.20 12.81 17.05
CA VAL A 97 17.40 13.37 17.63
C VAL A 97 17.84 12.57 18.85
N ASN A 98 19.12 12.23 18.90
CA ASN A 98 19.66 11.43 20.00
C ASN A 98 20.24 12.33 21.08
N PRO A 99 19.71 12.24 22.31
CA PRO A 99 20.16 13.08 23.42
C PRO A 99 21.57 12.72 23.89
N LEU A 100 22.31 13.72 24.35
CA LEU A 100 23.66 13.52 24.81
C LEU A 100 24.07 14.69 25.67
N GLU A 101 24.64 14.39 26.82
CA GLU A 101 25.13 15.41 27.71
C GLU A 101 26.62 15.29 27.91
N GLY A 102 27.15 16.20 28.72
CA GLY A 102 28.55 16.14 29.04
C GLY A 102 29.22 17.50 28.94
N GLY A 103 28.98 18.34 29.93
CA GLY A 103 29.57 19.65 29.95
C GLY A 103 30.57 19.81 31.07
N SER A 104 31.27 20.94 31.09
CA SER A 104 32.25 21.21 32.11
C SER A 104 31.67 22.09 33.21
N ARG A 105 30.45 22.58 32.97
CA ARG A 105 29.66 23.26 33.97
C ARG A 105 30.17 24.68 34.23
N GLY A 106 31.37 24.80 34.78
CA GLY A 106 31.93 26.10 35.09
C GLY A 106 31.35 26.68 36.35
N ALA A 107 31.91 26.30 37.49
CA ALA A 107 31.45 26.79 38.77
C ALA A 107 32.34 27.91 39.27
N PRO A 108 31.79 29.12 39.47
CA PRO A 108 32.54 30.27 39.98
C PRO A 108 32.79 30.17 41.48
N GLY A 109 33.63 31.07 41.99
CA GLY A 109 33.94 31.10 43.40
C GLY A 109 34.46 32.44 43.85
N GLY A 110 35.57 32.44 44.57
CA GLY A 110 36.18 33.69 44.98
C GLY A 110 35.97 33.99 46.45
N GLY A 111 35.15 33.18 47.10
CA GLY A 111 34.85 33.40 48.50
C GLY A 111 33.39 33.70 48.73
N PHE A 112 33.11 34.85 49.33
CA PHE A 112 31.74 35.26 49.60
C PHE A 112 31.62 36.78 49.58
N VAL A 113 32.22 37.43 50.57
CA VAL A 113 32.16 38.89 50.67
C VAL A 113 33.50 39.47 51.08
N PRO A 114 33.71 40.76 50.79
CA PRO A 114 34.89 41.48 51.24
C PRO A 114 34.68 42.09 52.61
N ASN A 115 33.97 41.37 53.47
CA ASN A 115 33.70 41.83 54.82
C ASN A 115 34.44 40.93 55.81
N LEU A 116 35.17 39.96 55.28
CA LEU A 116 35.94 39.03 56.11
C LEU A 116 37.28 39.67 56.52
N GLN A 117 37.46 40.92 56.13
CA GLN A 117 38.64 41.68 56.50
C GLN A 117 38.40 42.47 57.77
N GLY A 118 39.38 43.26 58.14
CA GLY A 118 39.18 44.19 59.22
C GLY A 118 40.43 44.40 60.04
N VAL A 119 41.00 45.58 59.89
CA VAL A 119 42.19 45.98 60.63
C VAL A 119 42.07 47.44 61.12
N PRO A 120 41.67 48.40 60.25
CA PRO A 120 41.54 49.81 60.62
C PRO A 120 40.30 50.08 61.47
N GLU A 121 39.74 51.29 61.32
CA GLU A 121 38.53 51.72 62.02
C GLU A 121 38.83 52.04 63.48
N SER A 122 38.92 53.32 63.78
CA SER A 122 39.19 53.79 65.13
C SER A 122 38.28 54.99 65.44
N PRO A 123 37.50 54.91 66.53
CA PRO A 123 36.56 55.96 66.90
C PRO A 123 37.23 57.16 67.57
N PHE A 124 36.45 58.02 68.19
CA PHE A 124 36.97 59.24 68.78
C PHE A 124 37.70 58.97 70.10
N SER A 125 37.17 58.02 70.89
CA SER A 125 37.65 57.71 72.24
C SER A 125 37.08 58.73 73.20
N ARG A 126 37.54 58.70 74.42
CA ARG A 126 36.89 59.47 75.47
C ARG A 126 37.79 60.58 75.99
N THR A 127 37.49 61.79 75.58
CA THR A 127 38.23 62.97 76.01
C THR A 127 37.37 63.82 76.94
N GLY A 128 37.36 63.44 78.21
CA GLY A 128 36.56 64.16 79.18
C GLY A 128 37.29 64.38 80.48
N GLU A 129 37.62 65.64 80.76
CA GLU A 129 38.30 66.00 81.98
C GLU A 129 37.92 67.41 82.40
N GLY A 130 37.80 68.30 81.42
CA GLY A 130 37.46 69.66 81.68
C GLY A 130 37.92 70.52 80.54
N LEU A 131 37.09 71.44 80.11
CA LEU A 131 37.40 72.22 78.94
C LEU A 131 38.52 73.22 79.25
N ASP A 132 38.41 73.88 80.40
CA ASP A 132 39.40 74.85 80.86
C ASP A 132 39.41 76.13 80.00
N ILE A 133 39.06 77.24 80.63
CA ILE A 133 38.99 78.53 79.96
C ILE A 133 39.48 79.61 80.92
N ARG A 134 40.66 80.13 80.64
CA ARG A 134 41.24 81.16 81.50
C ARG A 134 40.55 82.49 81.28
N GLY A 135 40.78 83.08 80.11
CA GLY A 135 40.24 84.38 79.83
C GLY A 135 39.81 84.52 78.38
N ASN A 136 38.70 85.18 78.16
CA ASN A 136 38.16 85.37 76.81
C ASN A 136 37.04 86.42 76.84
N GLN A 137 35.98 86.08 77.55
CA GLN A 137 34.81 86.96 77.63
C GLN A 137 35.01 88.06 78.67
N GLY A 138 35.56 89.18 78.23
CA GLY A 138 35.77 90.29 79.12
C GLY A 138 34.70 91.36 78.96
N PHE A 139 34.65 91.95 77.78
CA PHE A 139 33.68 93.00 77.49
C PHE A 139 33.52 93.16 75.97
N PRO A 140 32.51 92.49 75.40
CA PRO A 140 32.24 92.55 73.97
C PRO A 140 31.78 93.95 73.53
N GLY A 1 -23.65 57.38 70.68
CA GLY A 1 -24.48 58.48 71.21
C GLY A 1 -25.34 58.04 72.37
N PRO A 2 -26.12 58.96 72.95
CA PRO A 2 -26.96 58.69 74.12
C PRO A 2 -28.03 57.64 73.85
N LEU A 3 -28.55 57.62 72.63
CA LEU A 3 -29.54 56.64 72.23
C LEU A 3 -28.92 55.57 71.36
N GLY A 4 -29.68 54.54 71.07
CA GLY A 4 -29.18 53.46 70.24
C GLY A 4 -28.99 52.19 71.03
N SER A 5 -28.50 52.35 72.26
CA SER A 5 -28.27 51.23 73.17
C SER A 5 -27.24 50.26 72.61
N LYS A 6 -25.98 50.62 72.75
CA LYS A 6 -24.88 49.79 72.28
C LYS A 6 -24.80 48.50 73.08
N ASP A 7 -24.40 48.62 74.34
CA ASP A 7 -24.24 47.46 75.20
C ASP A 7 -24.63 47.78 76.65
N LYS A 8 -25.61 48.66 76.80
CA LYS A 8 -26.04 49.06 78.13
C LYS A 8 -27.14 48.14 78.66
N ASP A 9 -27.71 47.31 77.79
CA ASP A 9 -28.73 46.35 78.21
C ASP A 9 -28.10 45.02 78.57
N GLY A 10 -26.77 44.96 78.47
CA GLY A 10 -26.04 43.74 78.77
C GLY A 10 -24.69 43.73 78.11
N GLU A 11 -24.63 43.15 76.92
CA GLU A 11 -23.39 43.03 76.17
C GLU A 11 -23.72 42.94 74.72
N GLY A 12 -24.42 41.87 74.39
CA GLY A 12 -24.79 41.66 73.03
C GLY A 12 -23.87 40.70 72.32
N ALA A 13 -24.41 39.58 71.88
CA ALA A 13 -23.63 38.56 71.21
C ALA A 13 -24.44 37.92 70.08
N PRO A 14 -24.21 38.36 68.84
CA PRO A 14 -24.86 37.80 67.65
C PRO A 14 -24.18 36.51 67.19
N PRO A 15 -24.85 35.36 67.37
CA PRO A 15 -24.32 34.05 66.96
C PRO A 15 -24.23 33.90 65.44
N ALA A 16 -23.99 32.67 65.02
CA ALA A 16 -23.89 32.31 63.60
C ALA A 16 -22.76 33.08 62.92
N LYS A 17 -21.57 32.49 62.92
CA LYS A 17 -20.44 33.08 62.24
C LYS A 17 -20.46 32.63 60.79
N ARG A 18 -21.01 31.45 60.59
CA ARG A 18 -21.13 30.86 59.26
C ARG A 18 -22.59 30.79 58.85
N ALA A 19 -23.19 31.95 58.60
CA ALA A 19 -24.60 32.02 58.23
C ALA A 19 -24.78 31.74 56.74
N ARG A 20 -23.95 32.37 55.92
CA ARG A 20 -24.00 32.18 54.48
C ARG A 20 -23.42 30.85 54.09
N THR A 21 -24.21 30.03 53.40
CA THR A 21 -23.76 28.74 52.94
C THR A 21 -23.71 28.73 51.41
N ASP A 22 -22.52 28.61 50.86
CA ASP A 22 -22.34 28.55 49.41
C ASP A 22 -22.11 27.13 48.96
N GLN A 23 -22.43 26.85 47.71
CA GLN A 23 -22.32 25.49 47.19
C GLN A 23 -21.17 25.39 46.20
N MET A 24 -20.85 24.18 45.78
CA MET A 24 -19.82 23.95 44.79
C MET A 24 -20.20 22.78 43.92
N GLU A 25 -19.79 22.84 42.67
CA GLU A 25 -20.20 21.86 41.71
C GLU A 25 -19.01 21.41 40.87
N VAL A 26 -18.35 20.35 41.32
CA VAL A 26 -17.26 19.75 40.57
C VAL A 26 -17.69 18.40 40.04
N ASP A 27 -18.16 18.36 38.80
CA ASP A 27 -18.57 17.11 38.18
C ASP A 27 -17.64 16.74 37.04
N SER A 28 -16.72 15.83 37.31
CA SER A 28 -15.78 15.40 36.30
C SER A 28 -16.37 14.24 35.49
N GLY A 29 -16.17 14.28 34.19
CA GLY A 29 -16.69 13.24 33.32
C GLY A 29 -15.79 12.02 33.28
N PRO A 30 -16.33 10.86 32.86
CA PRO A 30 -15.56 9.61 32.74
C PRO A 30 -14.25 9.77 31.99
N GLY A 31 -14.34 10.31 30.79
CA GLY A 31 -13.16 10.49 29.99
C GLY A 31 -13.47 10.97 28.60
N LYS A 32 -12.71 10.48 27.65
CA LYS A 32 -12.89 10.87 26.27
C LYS A 32 -13.84 9.90 25.57
N ARG A 33 -13.47 8.62 25.58
CA ARG A 33 -14.25 7.56 24.95
C ARG A 33 -14.54 7.88 23.48
N PRO A 34 -13.53 7.76 22.62
CA PRO A 34 -13.68 8.00 21.18
C PRO A 34 -14.23 6.78 20.47
N LEU A 35 -14.61 6.98 19.21
CA LEU A 35 -15.11 5.89 18.39
C LEU A 35 -14.12 5.57 17.27
N ARG A 36 -13.32 6.55 16.91
CA ARG A 36 -12.30 6.37 15.88
C ARG A 36 -11.18 5.48 16.37
N GLY A 37 -11.13 4.26 15.84
CA GLY A 37 -10.10 3.32 16.22
C GLY A 37 -9.76 2.40 15.06
N GLY A 38 -9.01 2.92 14.11
CA GLY A 38 -8.67 2.15 12.93
C GLY A 38 -9.43 2.63 11.71
N PHE A 39 -10.29 1.79 11.18
CA PHE A 39 -11.09 2.15 10.03
C PHE A 39 -12.56 2.13 10.38
N THR A 40 -13.41 2.24 9.37
CA THR A 40 -14.84 2.18 9.53
C THR A 40 -15.32 0.73 9.67
N ASP A 41 -16.61 0.56 9.92
CA ASP A 41 -17.22 -0.77 9.98
C ASP A 41 -16.97 -1.54 8.68
N LYS A 42 -16.79 -0.78 7.61
CA LYS A 42 -16.57 -1.34 6.27
C LYS A 42 -15.40 -2.32 6.27
N GLU A 43 -14.28 -1.85 6.79
CA GLU A 43 -13.06 -2.65 6.85
C GLU A 43 -13.22 -3.81 7.81
N ARG A 44 -14.06 -3.63 8.83
CA ARG A 44 -14.27 -4.68 9.80
C ARG A 44 -15.12 -5.80 9.23
N GLN A 45 -16.18 -5.45 8.49
CA GLN A 45 -16.95 -6.44 7.78
C GLN A 45 -16.03 -7.19 6.83
N ASP A 46 -15.10 -6.44 6.27
CA ASP A 46 -14.05 -6.97 5.41
C ASP A 46 -13.25 -8.06 6.13
N HIS A 47 -12.85 -7.77 7.35
CA HIS A 47 -12.07 -8.71 8.16
C HIS A 47 -12.89 -9.97 8.45
N ARG A 48 -14.13 -9.76 8.85
CA ARG A 48 -15.04 -10.85 9.16
C ARG A 48 -15.26 -11.74 7.94
N ARG A 49 -15.59 -11.09 6.83
CA ARG A 49 -15.81 -11.75 5.56
C ARG A 49 -14.65 -12.65 5.19
N ARG A 50 -13.49 -12.02 5.09
CA ARG A 50 -12.22 -12.70 4.87
C ARG A 50 -12.10 -13.98 5.68
N LYS A 51 -12.10 -13.85 6.99
CA LYS A 51 -11.80 -14.96 7.86
C LYS A 51 -12.94 -15.97 7.86
N ALA A 52 -14.12 -15.48 7.55
CA ALA A 52 -15.24 -16.36 7.31
C ALA A 52 -14.92 -17.28 6.14
N LEU A 53 -14.30 -16.70 5.13
CA LEU A 53 -13.96 -17.40 3.94
C LEU A 53 -12.67 -18.17 4.05
N GLU A 54 -11.75 -17.72 4.85
CA GLU A 54 -10.54 -18.49 5.09
C GLU A 54 -10.93 -19.79 5.77
N ASN A 55 -11.98 -19.67 6.56
CA ASN A 55 -12.63 -20.84 7.13
C ASN A 55 -13.28 -21.65 6.02
N LYS A 56 -13.93 -20.98 5.05
CA LYS A 56 -14.50 -21.65 3.92
C LYS A 56 -13.44 -22.40 3.13
N LYS A 57 -12.33 -21.75 2.84
CA LYS A 57 -11.21 -22.35 2.13
C LYS A 57 -10.84 -23.67 2.82
N LYS A 58 -10.62 -23.58 4.12
CA LYS A 58 -10.27 -24.72 4.94
C LYS A 58 -11.34 -25.80 4.94
N GLN A 59 -12.51 -25.45 5.43
CA GLN A 59 -13.61 -26.38 5.60
C GLN A 59 -14.06 -27.00 4.28
N LEU A 60 -14.29 -26.14 3.29
CA LEU A 60 -14.81 -26.58 2.01
C LEU A 60 -13.82 -27.50 1.31
N SER A 61 -12.58 -27.04 1.16
CA SER A 61 -11.56 -27.83 0.47
C SER A 61 -11.36 -29.16 1.18
N ALA A 62 -11.33 -29.12 2.49
CA ALA A 62 -11.15 -30.31 3.31
C ALA A 62 -12.33 -31.27 3.15
N GLY A 63 -13.50 -30.73 2.83
CA GLY A 63 -14.67 -31.57 2.60
C GLY A 63 -14.91 -31.83 1.14
N GLY A 64 -13.98 -31.41 0.29
CA GLY A 64 -14.10 -31.65 -1.15
C GLY A 64 -15.02 -30.66 -1.84
N LYS A 65 -15.37 -29.60 -1.12
CA LYS A 65 -16.24 -28.57 -1.63
C LYS A 65 -15.43 -27.44 -2.25
N ASN A 66 -16.11 -26.62 -3.03
CA ASN A 66 -15.46 -25.52 -3.74
C ASN A 66 -16.01 -24.19 -3.26
N LEU A 67 -15.28 -23.12 -3.52
CA LEU A 67 -15.70 -21.79 -3.15
C LEU A 67 -16.50 -21.19 -4.29
N SER A 68 -17.48 -20.40 -3.96
CA SER A 68 -18.29 -19.75 -4.96
C SER A 68 -17.52 -18.55 -5.46
N LYS A 69 -17.58 -18.32 -6.77
CA LYS A 69 -16.86 -17.22 -7.39
C LYS A 69 -17.19 -15.91 -6.70
N GLU A 70 -18.40 -15.83 -6.19
CA GLU A 70 -18.86 -14.63 -5.49
C GLU A 70 -18.04 -14.41 -4.23
N GLU A 71 -18.06 -15.39 -3.33
CA GLU A 71 -17.48 -15.24 -2.02
C GLU A 71 -15.95 -15.27 -2.12
N GLU A 72 -15.47 -15.98 -3.13
CA GLU A 72 -14.05 -16.17 -3.33
C GLU A 72 -13.44 -14.84 -3.77
N GLU A 73 -14.10 -14.18 -4.71
CA GLU A 73 -13.63 -12.89 -5.22
C GLU A 73 -13.68 -11.81 -4.15
N GLU A 74 -14.81 -11.71 -3.43
CA GLU A 74 -14.97 -10.66 -2.45
C GLU A 74 -13.87 -10.68 -1.41
N LEU A 75 -13.62 -11.81 -0.77
CA LEU A 75 -12.59 -11.82 0.26
C LEU A 75 -11.20 -11.85 -0.37
N ARG A 76 -11.12 -12.30 -1.61
CA ARG A 76 -9.87 -12.23 -2.35
C ARG A 76 -9.40 -10.78 -2.41
N ARG A 77 -10.27 -9.90 -2.91
CA ARG A 77 -9.95 -8.50 -3.05
C ARG A 77 -9.72 -7.86 -1.70
N LEU A 78 -10.56 -8.24 -0.74
CA LEU A 78 -10.39 -7.85 0.66
C LEU A 78 -8.94 -8.06 1.11
N THR A 79 -8.43 -9.23 0.76
CA THR A 79 -7.11 -9.64 1.18
C THR A 79 -6.07 -8.90 0.38
N GLU A 80 -6.34 -8.78 -0.91
CA GLU A 80 -5.43 -8.13 -1.83
C GLU A 80 -5.21 -6.68 -1.42
N GLU A 81 -6.29 -6.00 -1.11
CA GLU A 81 -6.24 -4.62 -0.67
C GLU A 81 -5.53 -4.51 0.67
N ASP A 82 -5.84 -5.43 1.58
CA ASP A 82 -5.22 -5.42 2.90
C ASP A 82 -3.71 -5.57 2.80
N GLU A 83 -3.25 -6.56 2.03
CA GLU A 83 -1.83 -6.85 1.94
C GLU A 83 -1.05 -5.77 1.19
N ARG A 84 -1.66 -5.13 0.19
CA ARG A 84 -0.95 -4.05 -0.52
C ARG A 84 -0.73 -2.88 0.42
N ARG A 85 -1.75 -2.59 1.20
CA ARG A 85 -1.66 -1.59 2.24
C ARG A 85 -0.58 -1.92 3.24
N GLU A 86 -0.52 -3.16 3.65
CA GLU A 86 0.47 -3.57 4.63
C GLU A 86 1.88 -3.50 4.05
N ARG A 87 1.99 -3.90 2.79
CA ARG A 87 3.29 -4.07 2.16
C ARG A 87 4.03 -2.76 1.96
N ARG A 88 3.30 -1.76 1.49
CA ARG A 88 3.85 -0.43 1.24
C ARG A 88 2.78 0.63 1.14
N VAL A 89 1.63 0.31 1.67
CA VAL A 89 0.53 1.25 1.81
C VAL A 89 -0.07 1.65 0.46
N ALA A 90 0.58 2.57 -0.22
CA ALA A 90 0.10 3.07 -1.50
C ALA A 90 1.27 3.63 -2.31
N GLY A 91 1.59 2.97 -3.40
CA GLY A 91 2.65 3.44 -4.28
C GLY A 91 4.03 3.08 -3.74
N PRO A 92 4.72 2.10 -4.36
CA PRO A 92 6.05 1.70 -3.92
C PRO A 92 7.09 2.79 -4.17
N PRO A 93 7.89 3.14 -3.14
CA PRO A 93 8.97 4.13 -3.27
C PRO A 93 10.01 3.70 -4.30
N VAL A 94 9.92 4.27 -5.49
CA VAL A 94 10.83 3.94 -6.58
C VAL A 94 11.40 5.20 -7.22
N GLY A 95 12.72 5.24 -7.33
CA GLY A 95 13.39 6.38 -7.94
C GLY A 95 14.84 6.07 -8.14
N GLY A 96 15.10 4.89 -8.67
CA GLY A 96 16.46 4.40 -8.76
C GLY A 96 17.15 4.83 -10.02
N VAL A 97 18.44 5.12 -9.91
CA VAL A 97 19.23 5.51 -11.06
C VAL A 97 20.71 5.25 -10.80
N ASN A 98 21.45 4.92 -11.85
CA ASN A 98 22.87 4.64 -11.74
C ASN A 98 23.66 5.70 -12.49
N PRO A 99 24.40 6.55 -11.77
CA PRO A 99 25.21 7.60 -12.37
C PRO A 99 26.52 7.07 -12.95
N LEU A 100 26.84 7.48 -14.16
CA LEU A 100 28.05 7.05 -14.82
C LEU A 100 28.79 8.25 -15.37
N GLU A 101 29.86 8.61 -14.71
CA GLU A 101 30.66 9.74 -15.11
C GLU A 101 32.12 9.37 -15.17
N GLY A 102 32.93 10.29 -15.66
CA GLY A 102 34.34 10.07 -15.69
C GLY A 102 35.02 10.84 -16.80
N GLY A 103 35.25 12.12 -16.58
CA GLY A 103 35.91 12.94 -17.56
C GLY A 103 35.79 14.41 -17.23
N SER A 104 36.88 14.99 -16.74
CA SER A 104 36.88 16.39 -16.36
C SER A 104 37.44 17.25 -17.49
N ARG A 105 37.60 16.63 -18.66
CA ARG A 105 38.02 17.33 -19.86
C ARG A 105 39.45 17.85 -19.75
N GLY A 106 39.88 18.63 -20.73
CA GLY A 106 41.22 19.19 -20.70
C GLY A 106 41.83 19.27 -22.09
N ALA A 107 41.92 20.48 -22.62
CA ALA A 107 42.50 20.70 -23.93
C ALA A 107 43.72 21.61 -23.84
N PRO A 108 44.77 21.30 -24.60
CA PRO A 108 46.01 22.09 -24.61
C PRO A 108 45.95 23.24 -25.61
N GLY A 109 47.09 23.87 -25.83
CA GLY A 109 47.17 24.96 -26.78
C GLY A 109 48.36 24.76 -27.69
N GLY A 110 48.26 25.27 -28.90
CA GLY A 110 49.33 25.07 -29.86
C GLY A 110 50.22 26.28 -30.00
N GLY A 111 49.99 27.28 -29.16
CA GLY A 111 50.81 28.47 -29.19
C GLY A 111 52.23 28.20 -28.74
N PHE A 112 53.16 28.38 -29.65
CA PHE A 112 54.54 28.05 -29.38
C PHE A 112 55.47 28.87 -30.28
N VAL A 113 56.12 29.85 -29.66
CA VAL A 113 57.10 30.71 -30.34
C VAL A 113 56.46 31.40 -31.55
N PRO A 114 55.45 32.23 -31.33
CA PRO A 114 54.76 32.86 -32.42
C PRO A 114 55.57 33.99 -33.04
N ASN A 115 55.97 34.96 -32.22
CA ASN A 115 56.77 36.08 -32.69
C ASN A 115 58.04 36.17 -31.85
N LEU A 116 59.18 36.19 -32.52
CA LEU A 116 60.47 36.17 -31.84
C LEU A 116 60.83 37.51 -31.25
N GLN A 117 60.60 38.57 -32.03
CA GLN A 117 60.96 39.93 -31.64
C GLN A 117 62.48 40.08 -31.52
N GLY A 118 62.91 41.29 -31.15
CA GLY A 118 64.31 41.51 -30.86
C GLY A 118 65.16 41.70 -32.09
N VAL A 119 64.53 41.63 -33.23
CA VAL A 119 65.20 41.81 -34.51
C VAL A 119 65.30 43.29 -34.90
N PRO A 120 64.19 44.07 -34.80
CA PRO A 120 64.20 45.51 -35.12
C PRO A 120 65.38 46.27 -34.53
N GLU A 121 65.87 47.24 -35.29
CA GLU A 121 66.97 48.08 -34.85
C GLU A 121 66.74 49.52 -35.29
N SER A 122 66.97 50.45 -34.39
CA SER A 122 66.72 51.86 -34.67
C SER A 122 67.58 52.75 -33.77
N PRO A 123 68.85 52.97 -34.14
CA PRO A 123 69.75 53.83 -33.40
C PRO A 123 69.64 55.29 -33.84
N PHE A 124 70.50 56.14 -33.30
CA PHE A 124 70.51 57.55 -33.66
C PHE A 124 71.85 58.17 -33.27
N SER A 125 72.87 57.81 -34.01
CA SER A 125 74.19 58.35 -33.78
C SER A 125 74.43 59.50 -34.74
N ARG A 126 75.17 60.49 -34.29
CA ARG A 126 75.31 61.71 -35.07
C ARG A 126 76.70 62.30 -34.89
N THR A 127 77.26 62.82 -35.97
CA THR A 127 78.55 63.47 -35.92
C THR A 127 78.44 64.93 -36.35
N GLY A 128 77.24 65.32 -36.77
CA GLY A 128 77.02 66.66 -37.28
C GLY A 128 76.70 67.66 -36.19
N GLU A 129 77.61 67.81 -35.25
CA GLU A 129 77.47 68.80 -34.20
C GLU A 129 78.77 69.58 -34.10
N GLY A 130 79.77 68.94 -33.55
CA GLY A 130 81.08 69.52 -33.48
C GLY A 130 81.65 69.36 -32.12
N LEU A 131 81.46 70.37 -31.32
CA LEU A 131 81.78 70.30 -29.92
C LEU A 131 81.07 71.42 -29.18
N ASP A 132 80.19 71.07 -28.26
CA ASP A 132 79.45 72.07 -27.52
C ASP A 132 80.28 72.56 -26.34
N ILE A 133 79.95 73.75 -25.84
CA ILE A 133 80.72 74.44 -24.80
C ILE A 133 81.96 75.04 -25.45
N ARG A 134 81.88 75.08 -26.79
CA ARG A 134 82.91 75.65 -27.64
C ARG A 134 84.15 74.78 -27.68
N GLY A 135 84.79 74.65 -26.53
CA GLY A 135 85.98 73.85 -26.43
C GLY A 135 87.21 74.56 -26.95
N ASN A 136 88.21 74.70 -26.10
CA ASN A 136 89.48 75.30 -26.51
C ASN A 136 90.46 74.21 -26.90
N GLN A 137 90.55 73.19 -26.06
CA GLN A 137 91.41 72.04 -26.31
C GLN A 137 90.64 70.75 -26.08
N GLY A 138 89.32 70.82 -26.24
CA GLY A 138 88.48 69.66 -26.01
C GLY A 138 87.89 69.66 -24.62
N PHE A 139 88.02 68.53 -23.93
CA PHE A 139 87.49 68.40 -22.58
C PHE A 139 88.47 69.00 -21.57
N PRO A 140 87.96 69.47 -20.42
CA PRO A 140 88.79 70.05 -19.35
C PRO A 140 89.90 69.11 -18.89
N GLY A 1 -35.62 -70.28 63.00
CA GLY A 1 -35.59 -69.19 64.00
C GLY A 1 -36.62 -69.40 65.09
N PRO A 2 -37.02 -68.34 65.79
CA PRO A 2 -38.02 -68.42 66.86
C PRO A 2 -39.44 -68.41 66.31
N LEU A 3 -40.40 -68.03 67.15
CA LEU A 3 -41.79 -67.96 66.73
C LEU A 3 -42.01 -66.75 65.83
N GLY A 4 -41.42 -65.63 66.23
CA GLY A 4 -41.51 -64.42 65.44
C GLY A 4 -40.34 -63.50 65.69
N SER A 5 -39.98 -62.70 64.70
CA SER A 5 -38.90 -61.74 64.85
C SER A 5 -39.31 -60.60 65.78
N LYS A 6 -38.45 -60.25 66.71
CA LYS A 6 -38.76 -59.24 67.69
C LYS A 6 -38.42 -57.85 67.18
N ASP A 7 -39.12 -56.86 67.70
CA ASP A 7 -38.97 -55.49 67.27
C ASP A 7 -38.63 -54.61 68.46
N LYS A 8 -39.24 -54.93 69.59
CA LYS A 8 -39.02 -54.16 70.81
C LYS A 8 -37.63 -54.44 71.38
N ASP A 9 -36.98 -55.47 70.86
CA ASP A 9 -35.64 -55.84 71.29
C ASP A 9 -34.61 -55.15 70.39
N GLY A 10 -35.07 -54.17 69.64
CA GLY A 10 -34.21 -53.42 68.76
C GLY A 10 -34.63 -51.98 68.73
N GLU A 11 -34.38 -51.32 67.61
CA GLU A 11 -34.70 -49.92 67.48
C GLU A 11 -35.11 -49.67 66.05
N GLY A 12 -34.18 -49.98 65.17
CA GLY A 12 -34.42 -49.82 63.77
C GLY A 12 -34.41 -48.37 63.35
N ALA A 13 -33.37 -48.00 62.65
CA ALA A 13 -33.21 -46.63 62.20
C ALA A 13 -34.01 -46.38 60.93
N PRO A 14 -34.89 -45.37 60.96
CA PRO A 14 -35.69 -44.99 59.78
C PRO A 14 -34.83 -44.34 58.70
N PRO A 15 -34.86 -44.89 57.48
CA PRO A 15 -34.12 -44.32 56.34
C PRO A 15 -34.62 -42.94 55.92
N ALA A 16 -34.10 -42.48 54.79
CA ALA A 16 -34.42 -41.15 54.26
C ALA A 16 -34.13 -40.07 55.29
N LYS A 17 -32.85 -39.77 55.44
CA LYS A 17 -32.41 -38.79 56.41
C LYS A 17 -32.45 -37.41 55.77
N ARG A 18 -32.07 -37.36 54.50
CA ARG A 18 -32.05 -36.12 53.72
C ARG A 18 -31.36 -35.00 54.50
N ALA A 19 -30.07 -35.16 54.71
CA ALA A 19 -29.28 -34.15 55.41
C ALA A 19 -28.17 -33.62 54.50
N ARG A 20 -27.84 -34.40 53.48
CA ARG A 20 -26.76 -34.04 52.57
C ARG A 20 -27.20 -32.93 51.62
N THR A 21 -28.49 -32.91 51.31
CA THR A 21 -29.10 -31.84 50.51
C THR A 21 -28.76 -31.99 49.01
N ASP A 22 -27.51 -32.34 48.70
CA ASP A 22 -27.09 -32.61 47.33
C ASP A 22 -27.25 -31.37 46.46
N GLN A 23 -26.25 -30.48 46.55
CA GLN A 23 -26.28 -29.24 45.79
C GLN A 23 -25.36 -29.31 44.59
N MET A 24 -25.63 -28.47 43.60
CA MET A 24 -24.77 -28.36 42.44
C MET A 24 -24.40 -26.91 42.21
N GLU A 25 -23.46 -26.68 41.30
CA GLU A 25 -22.93 -25.36 41.07
C GLU A 25 -22.67 -25.15 39.59
N VAL A 26 -22.78 -23.90 39.14
CA VAL A 26 -22.52 -23.56 37.75
C VAL A 26 -21.24 -22.73 37.67
N ASP A 27 -20.19 -23.34 37.14
CA ASP A 27 -18.91 -22.67 37.02
C ASP A 27 -18.94 -21.61 35.93
N SER A 28 -18.08 -20.62 36.06
CA SER A 28 -18.01 -19.52 35.12
C SER A 28 -16.56 -19.31 34.66
N GLY A 29 -16.38 -19.15 33.36
CA GLY A 29 -15.05 -18.92 32.84
C GLY A 29 -14.99 -17.72 31.93
N PRO A 30 -13.86 -17.01 31.88
CA PRO A 30 -13.68 -15.85 31.01
C PRO A 30 -13.71 -16.21 29.53
N GLY A 31 -14.18 -15.27 28.72
CA GLY A 31 -14.26 -15.49 27.30
C GLY A 31 -13.57 -14.41 26.53
N LYS A 32 -14.05 -14.14 25.34
CA LYS A 32 -13.47 -13.12 24.51
C LYS A 32 -14.02 -11.75 24.89
N ARG A 33 -13.13 -10.87 25.31
CA ARG A 33 -13.50 -9.50 25.64
C ARG A 33 -12.87 -8.54 24.64
N PRO A 34 -13.55 -8.28 23.52
CA PRO A 34 -13.03 -7.43 22.45
C PRO A 34 -13.14 -5.96 22.78
N LEU A 35 -12.16 -5.18 22.34
CA LEU A 35 -12.21 -3.75 22.49
C LEU A 35 -12.45 -3.10 21.13
N ARG A 36 -12.00 -3.81 20.08
CA ARG A 36 -12.18 -3.36 18.70
C ARG A 36 -11.35 -2.12 18.42
N GLY A 37 -11.62 -1.47 17.29
CA GLY A 37 -10.86 -0.29 16.93
C GLY A 37 -9.91 -0.56 15.79
N GLY A 38 -8.80 0.16 15.75
CA GLY A 38 -7.83 -0.01 14.69
C GLY A 38 -8.19 0.82 13.47
N PHE A 39 -9.26 0.43 12.81
CA PHE A 39 -9.79 1.18 11.68
C PHE A 39 -11.28 1.40 11.89
N THR A 40 -11.98 1.79 10.85
CA THR A 40 -13.42 1.91 10.92
C THR A 40 -14.08 0.53 10.91
N ASP A 41 -15.38 0.50 11.08
CA ASP A 41 -16.14 -0.75 11.02
C ASP A 41 -15.92 -1.42 9.67
N LYS A 42 -15.62 -0.59 8.67
CA LYS A 42 -15.42 -1.03 7.29
C LYS A 42 -14.38 -2.14 7.21
N GLU A 43 -13.24 -1.90 7.82
CA GLU A 43 -12.10 -2.79 7.69
C GLU A 43 -12.32 -4.01 8.55
N ARG A 44 -13.11 -3.83 9.58
CA ARG A 44 -13.44 -4.92 10.47
C ARG A 44 -14.44 -5.87 9.81
N GLN A 45 -15.36 -5.32 9.02
CA GLN A 45 -16.24 -6.13 8.20
C GLN A 45 -15.40 -6.90 7.20
N ASP A 46 -14.36 -6.24 6.72
CA ASP A 46 -13.38 -6.86 5.81
C ASP A 46 -12.79 -8.10 6.46
N HIS A 47 -12.37 -7.94 7.71
CA HIS A 47 -11.74 -9.02 8.47
C HIS A 47 -12.73 -10.16 8.70
N ARG A 48 -13.95 -9.81 9.08
CA ARG A 48 -15.01 -10.79 9.31
C ARG A 48 -15.28 -11.59 8.03
N ARG A 49 -15.43 -10.87 6.93
CA ARG A 49 -15.68 -11.46 5.63
C ARG A 49 -14.56 -12.44 5.26
N ARG A 50 -13.35 -11.89 5.19
CA ARG A 50 -12.14 -12.68 4.95
C ARG A 50 -12.09 -13.95 5.77
N LYS A 51 -12.09 -13.79 7.09
CA LYS A 51 -11.86 -14.90 7.98
C LYS A 51 -13.01 -15.88 7.92
N ALA A 52 -14.16 -15.41 7.50
CA ALA A 52 -15.28 -16.27 7.22
C ALA A 52 -14.90 -17.27 6.15
N LEU A 53 -14.33 -16.76 5.06
CA LEU A 53 -13.89 -17.62 4.00
C LEU A 53 -12.59 -18.34 4.29
N GLU A 54 -11.75 -17.80 5.14
CA GLU A 54 -10.57 -18.56 5.50
C GLU A 54 -11.03 -19.88 6.10
N ASN A 55 -12.07 -19.78 6.91
CA ASN A 55 -12.75 -20.95 7.44
C ASN A 55 -13.43 -21.71 6.32
N LYS A 56 -14.09 -20.97 5.43
CA LYS A 56 -14.86 -21.57 4.37
C LYS A 56 -13.97 -22.40 3.43
N LYS A 57 -12.97 -21.76 2.81
CA LYS A 57 -11.97 -22.43 2.02
C LYS A 57 -11.48 -23.68 2.72
N LYS A 58 -11.10 -23.54 3.99
CA LYS A 58 -10.58 -24.66 4.75
C LYS A 58 -11.59 -25.80 4.84
N GLN A 59 -12.76 -25.51 5.36
CA GLN A 59 -13.81 -26.50 5.52
C GLN A 59 -14.15 -27.17 4.19
N LEU A 60 -14.35 -26.35 3.16
CA LEU A 60 -14.76 -26.85 1.85
C LEU A 60 -13.66 -27.71 1.23
N SER A 61 -12.45 -27.17 1.18
CA SER A 61 -11.32 -27.87 0.59
C SER A 61 -11.07 -29.19 1.31
N ALA A 62 -11.19 -29.13 2.62
CA ALA A 62 -11.00 -30.29 3.48
C ALA A 62 -12.11 -31.32 3.27
N GLY A 63 -13.28 -30.85 2.88
CA GLY A 63 -14.40 -31.75 2.62
C GLY A 63 -14.49 -32.17 1.16
N GLY A 64 -13.65 -31.60 0.33
CA GLY A 64 -13.65 -31.94 -1.09
C GLY A 64 -14.65 -31.15 -1.89
N LYS A 65 -14.82 -29.88 -1.54
CA LYS A 65 -15.72 -28.99 -2.25
C LYS A 65 -15.17 -27.59 -2.24
N ASN A 66 -15.97 -26.65 -2.69
CA ASN A 66 -15.51 -25.28 -2.78
C ASN A 66 -16.65 -24.30 -2.99
N LEU A 67 -16.36 -23.03 -2.75
CA LEU A 67 -17.37 -21.98 -2.80
C LEU A 67 -17.36 -21.26 -4.15
N SER A 68 -18.40 -20.48 -4.39
CA SER A 68 -18.53 -19.75 -5.63
C SER A 68 -17.46 -18.68 -5.77
N LYS A 69 -17.42 -18.08 -6.94
CA LYS A 69 -16.53 -16.96 -7.18
C LYS A 69 -17.05 -15.76 -6.47
N GLU A 70 -18.32 -15.81 -6.16
CA GLU A 70 -19.00 -14.73 -5.48
C GLU A 70 -18.21 -14.30 -4.25
N GLU A 71 -18.06 -15.22 -3.31
CA GLU A 71 -17.42 -14.85 -2.06
C GLU A 71 -15.90 -14.98 -2.18
N GLU A 72 -15.45 -15.81 -3.11
CA GLU A 72 -14.05 -16.01 -3.37
C GLU A 72 -13.44 -14.72 -3.92
N GLU A 73 -14.20 -14.04 -4.78
CA GLU A 73 -13.75 -12.80 -5.40
C GLU A 73 -13.82 -11.65 -4.42
N GLU A 74 -14.94 -11.50 -3.69
CA GLU A 74 -15.02 -10.42 -2.73
C GLU A 74 -13.83 -10.47 -1.78
N LEU A 75 -13.49 -11.68 -1.35
CA LEU A 75 -12.37 -11.86 -0.44
C LEU A 75 -11.06 -11.54 -1.09
N ARG A 76 -10.90 -12.01 -2.32
CA ARG A 76 -9.71 -11.76 -3.08
C ARG A 76 -9.35 -10.28 -3.06
N ARG A 77 -10.33 -9.44 -3.37
CA ARG A 77 -10.15 -8.01 -3.36
C ARG A 77 -9.84 -7.51 -1.96
N LEU A 78 -10.57 -8.01 -0.98
CA LEU A 78 -10.35 -7.64 0.43
C LEU A 78 -8.88 -7.84 0.79
N THR A 79 -8.32 -8.91 0.29
CA THR A 79 -6.97 -9.30 0.60
C THR A 79 -6.01 -8.43 -0.18
N GLU A 80 -6.37 -8.18 -1.43
CA GLU A 80 -5.58 -7.36 -2.30
C GLU A 80 -5.43 -5.95 -1.75
N GLU A 81 -6.54 -5.39 -1.32
CA GLU A 81 -6.57 -4.05 -0.75
C GLU A 81 -5.77 -4.00 0.54
N ASP A 82 -5.94 -5.02 1.37
CA ASP A 82 -5.24 -5.10 2.65
C ASP A 82 -3.72 -5.09 2.43
N GLU A 83 -3.24 -5.97 1.56
CA GLU A 83 -1.81 -6.15 1.36
C GLU A 83 -1.16 -4.93 0.71
N ARG A 84 -1.85 -4.26 -0.22
CA ARG A 84 -1.30 -3.07 -0.85
C ARG A 84 -1.14 -1.97 0.19
N ARG A 85 -2.17 -1.79 0.99
CA ARG A 85 -2.19 -0.77 2.02
C ARG A 85 -1.04 -0.92 2.99
N GLU A 86 -0.78 -2.14 3.41
CA GLU A 86 0.30 -2.39 4.34
C GLU A 86 1.64 -2.06 3.70
N ARG A 87 1.78 -2.44 2.42
CA ARG A 87 3.06 -2.31 1.73
C ARG A 87 3.43 -0.87 1.48
N ARG A 88 2.44 -0.10 1.08
CA ARG A 88 2.55 1.35 0.94
C ARG A 88 1.17 1.97 1.03
N VAL A 89 0.35 1.60 0.06
CA VAL A 89 -1.03 2.08 -0.03
C VAL A 89 -1.66 1.59 -1.33
N ALA A 90 -0.85 1.55 -2.38
CA ALA A 90 -1.30 1.16 -3.71
C ALA A 90 -0.10 1.06 -4.64
N GLY A 91 -0.23 0.24 -5.68
CA GLY A 91 0.85 0.07 -6.62
C GLY A 91 0.66 0.93 -7.86
N PRO A 92 1.76 1.35 -8.51
CA PRO A 92 1.69 2.15 -9.73
C PRO A 92 1.43 1.29 -10.96
N PRO A 93 0.37 1.61 -11.72
CA PRO A 93 0.02 0.90 -12.95
C PRO A 93 1.15 0.96 -13.97
N VAL A 94 1.56 -0.21 -14.47
CA VAL A 94 2.61 -0.30 -15.47
C VAL A 94 2.06 0.17 -16.83
N GLY A 95 2.94 0.69 -17.67
CA GLY A 95 2.52 1.23 -18.93
C GLY A 95 3.62 1.07 -19.94
N GLY A 96 4.27 -0.06 -19.86
CA GLY A 96 5.42 -0.32 -20.67
C GLY A 96 5.04 -0.83 -22.04
N VAL A 97 5.98 -0.81 -22.96
CA VAL A 97 5.72 -1.26 -24.32
C VAL A 97 7.03 -1.54 -25.05
N ASN A 98 7.02 -2.55 -25.90
CA ASN A 98 8.21 -2.93 -26.66
C ASN A 98 7.86 -3.15 -28.12
N PRO A 99 8.67 -2.59 -29.04
CA PRO A 99 8.47 -2.77 -30.48
C PRO A 99 8.82 -4.18 -30.93
N LEU A 100 8.37 -4.54 -32.13
CA LEU A 100 8.59 -5.88 -32.64
C LEU A 100 8.65 -5.85 -34.15
N GLU A 101 9.70 -6.43 -34.68
CA GLU A 101 9.86 -6.55 -36.10
C GLU A 101 10.13 -7.99 -36.50
N GLY A 102 10.26 -8.19 -37.80
CA GLY A 102 10.54 -9.50 -38.31
C GLY A 102 9.82 -9.75 -39.62
N GLY A 103 10.48 -9.44 -40.72
CA GLY A 103 9.85 -9.58 -42.02
C GLY A 103 10.68 -10.40 -42.98
N SER A 104 10.23 -10.47 -44.22
CA SER A 104 10.93 -11.21 -45.25
C SER A 104 11.06 -10.39 -46.51
N ARG A 105 12.29 -10.29 -47.00
CA ARG A 105 12.59 -9.58 -48.23
C ARG A 105 12.15 -10.37 -49.44
N GLY A 106 12.30 -11.68 -49.36
CA GLY A 106 11.94 -12.55 -50.45
C GLY A 106 13.04 -13.54 -50.77
N ALA A 107 12.98 -14.71 -50.14
CA ALA A 107 13.99 -15.73 -50.35
C ALA A 107 13.38 -16.97 -51.01
N PRO A 108 13.56 -17.12 -52.33
CA PRO A 108 13.03 -18.25 -53.08
C PRO A 108 13.78 -19.55 -52.81
N GLY A 109 13.06 -20.55 -52.32
CA GLY A 109 13.67 -21.84 -52.03
C GLY A 109 12.68 -22.96 -52.13
N GLY A 110 11.72 -22.82 -53.03
CA GLY A 110 10.69 -23.82 -53.20
C GLY A 110 9.89 -23.60 -54.47
N GLY A 111 10.59 -23.45 -55.58
CA GLY A 111 9.92 -23.23 -56.84
C GLY A 111 10.56 -23.98 -57.97
N PHE A 112 9.76 -24.47 -58.90
CA PHE A 112 10.25 -25.25 -60.01
C PHE A 112 9.22 -25.30 -61.14
N VAL A 113 9.69 -25.17 -62.37
CA VAL A 113 8.84 -25.31 -63.53
C VAL A 113 9.23 -26.52 -64.34
N PRO A 114 8.25 -27.29 -64.81
CA PRO A 114 8.50 -28.42 -65.67
C PRO A 114 8.49 -28.02 -67.14
N ASN A 115 8.56 -29.01 -68.02
CA ASN A 115 8.59 -28.75 -69.45
C ASN A 115 7.36 -29.36 -70.11
N LEU A 116 6.57 -28.52 -70.75
CA LEU A 116 5.34 -28.97 -71.38
C LEU A 116 5.60 -29.35 -72.83
N GLN A 117 6.86 -29.32 -73.22
CA GLN A 117 7.26 -29.65 -74.58
C GLN A 117 7.38 -31.14 -74.77
N GLY A 118 7.72 -31.55 -75.98
CA GLY A 118 7.93 -32.94 -76.27
C GLY A 118 6.66 -33.64 -76.64
N VAL A 119 5.67 -32.85 -77.00
CA VAL A 119 4.37 -33.35 -77.43
C VAL A 119 4.48 -34.25 -78.66
N PRO A 120 5.23 -33.84 -79.73
CA PRO A 120 5.46 -34.69 -80.89
C PRO A 120 5.88 -36.11 -80.52
N GLU A 121 5.36 -37.08 -81.23
CA GLU A 121 5.66 -38.46 -80.94
C GLU A 121 5.76 -39.27 -82.22
N SER A 122 6.22 -40.50 -82.09
CA SER A 122 6.42 -41.36 -83.24
C SER A 122 5.53 -42.59 -83.16
N PRO A 123 4.45 -42.62 -83.95
CA PRO A 123 3.51 -43.74 -83.98
C PRO A 123 4.16 -45.03 -84.45
N PHE A 124 5.12 -44.92 -85.37
CA PHE A 124 5.82 -46.07 -85.93
C PHE A 124 4.81 -47.01 -86.59
N SER A 125 4.26 -46.54 -87.70
CA SER A 125 3.29 -47.31 -88.43
C SER A 125 3.94 -47.93 -89.65
N ARG A 126 3.53 -49.12 -90.00
CA ARG A 126 4.20 -49.87 -91.03
C ARG A 126 3.19 -50.70 -91.83
N THR A 127 3.65 -51.27 -92.94
CA THR A 127 2.78 -52.07 -93.79
C THR A 127 3.42 -53.43 -94.07
N GLY A 128 3.11 -54.40 -93.23
CA GLY A 128 3.70 -55.73 -93.38
C GLY A 128 2.71 -56.75 -93.91
N GLU A 129 1.42 -56.40 -93.85
CA GLU A 129 0.38 -57.30 -94.32
C GLU A 129 -0.51 -56.59 -95.32
N GLY A 130 0.11 -55.75 -96.12
CA GLY A 130 -0.68 -54.93 -96.99
C GLY A 130 -0.16 -54.95 -98.40
N LEU A 131 0.72 -55.90 -98.65
CA LEU A 131 1.34 -56.09 -99.95
C LEU A 131 0.28 -56.11 -101.04
N ASP A 132 0.39 -55.21 -101.98
CA ASP A 132 -0.59 -55.12 -103.05
C ASP A 132 -0.07 -55.79 -104.31
N ILE A 133 -0.76 -56.84 -104.74
CA ILE A 133 -0.39 -57.55 -105.94
C ILE A 133 -1.20 -57.03 -107.10
N ARG A 134 -2.49 -56.85 -106.83
CA ARG A 134 -3.41 -56.21 -107.76
C ARG A 134 -3.74 -57.12 -108.92
N GLY A 135 -2.72 -57.40 -109.71
CA GLY A 135 -2.90 -58.18 -110.90
C GLY A 135 -2.89 -59.67 -110.61
N ASN A 136 -4.07 -60.26 -110.58
CA ASN A 136 -4.20 -61.69 -110.30
C ASN A 136 -4.90 -62.38 -111.46
N GLN A 137 -4.32 -62.22 -112.65
CA GLN A 137 -4.93 -62.70 -113.90
C GLN A 137 -6.29 -62.03 -114.05
N GLY A 138 -6.33 -60.75 -113.74
CA GLY A 138 -7.58 -60.03 -113.70
C GLY A 138 -7.77 -59.41 -112.33
N PHE A 139 -8.99 -58.96 -112.05
CA PHE A 139 -9.29 -58.33 -110.76
C PHE A 139 -10.78 -58.41 -110.45
N PRO A 140 -11.68 -57.92 -111.33
CA PRO A 140 -13.13 -58.04 -111.14
C PRO A 140 -13.59 -59.49 -111.24
N GLY A 1 -58.55 24.79 76.49
CA GLY A 1 -57.38 24.91 77.39
C GLY A 1 -56.30 25.80 76.80
N PRO A 2 -55.08 25.74 77.35
CA PRO A 2 -53.97 26.57 76.90
C PRO A 2 -53.27 25.99 75.68
N LEU A 3 -53.91 26.06 74.53
CA LEU A 3 -53.31 25.55 73.31
C LEU A 3 -52.64 26.66 72.53
N GLY A 4 -53.43 27.63 72.12
CA GLY A 4 -52.91 28.76 71.38
C GLY A 4 -52.42 29.85 72.31
N SER A 5 -52.03 30.98 71.73
CA SER A 5 -51.56 32.13 72.50
C SER A 5 -50.33 31.77 73.33
N LYS A 6 -49.42 31.01 72.74
CA LYS A 6 -48.21 30.63 73.43
C LYS A 6 -47.08 31.52 72.97
N ASP A 7 -46.00 31.54 73.74
CA ASP A 7 -44.89 32.43 73.46
C ASP A 7 -43.66 32.04 74.27
N LYS A 8 -43.88 31.77 75.55
CA LYS A 8 -42.80 31.39 76.44
C LYS A 8 -42.57 29.89 76.46
N ASP A 9 -43.65 29.12 76.48
CA ASP A 9 -43.56 27.66 76.53
C ASP A 9 -43.88 27.05 75.18
N GLY A 10 -43.74 27.84 74.14
CA GLY A 10 -44.02 27.41 72.80
C GLY A 10 -44.05 28.59 71.88
N GLU A 11 -44.40 28.40 70.62
CA GLU A 11 -44.40 29.49 69.69
C GLU A 11 -45.52 29.27 68.72
N GLY A 12 -45.40 28.18 67.99
CA GLY A 12 -46.37 27.82 67.03
C GLY A 12 -46.21 28.57 65.73
N ALA A 13 -47.08 28.27 64.76
CA ALA A 13 -47.00 28.87 63.43
C ALA A 13 -45.62 28.67 62.81
N PRO A 14 -45.33 27.43 62.36
CA PRO A 14 -44.03 27.07 61.79
C PRO A 14 -43.70 27.87 60.53
N PRO A 15 -42.52 28.51 60.49
CA PRO A 15 -42.04 29.22 59.29
C PRO A 15 -41.78 28.31 58.11
N ALA A 16 -41.11 28.86 57.11
CA ALA A 16 -40.78 28.14 55.87
C ALA A 16 -42.03 27.64 55.16
N LYS A 17 -42.54 28.45 54.23
CA LYS A 17 -43.71 28.08 53.48
C LYS A 17 -43.32 27.36 52.21
N ARG A 18 -42.11 27.65 51.74
CA ARG A 18 -41.59 27.03 50.54
C ARG A 18 -40.54 25.98 50.92
N ALA A 19 -41.01 24.86 51.43
CA ALA A 19 -40.14 23.76 51.81
C ALA A 19 -39.89 22.85 50.62
N ARG A 20 -40.86 22.81 49.71
CA ARG A 20 -40.76 21.98 48.52
C ARG A 20 -39.74 22.57 47.55
N THR A 21 -38.81 21.74 47.10
CA THR A 21 -37.81 22.16 46.13
C THR A 21 -37.51 21.01 45.18
N ASP A 22 -37.07 21.34 43.97
CA ASP A 22 -36.77 20.34 42.96
C ASP A 22 -35.25 20.22 42.78
N GLN A 23 -34.74 19.03 42.98
CA GLN A 23 -33.32 18.77 42.82
C GLN A 23 -33.04 18.15 41.46
N MET A 24 -31.79 18.17 41.05
CA MET A 24 -31.42 17.57 39.78
C MET A 24 -30.28 16.60 39.96
N GLU A 25 -30.21 15.66 39.05
CA GLU A 25 -29.22 14.61 39.10
C GLU A 25 -28.71 14.31 37.70
N VAL A 26 -27.58 14.92 37.35
CA VAL A 26 -27.00 14.75 36.05
C VAL A 26 -25.79 13.81 36.10
N ASP A 27 -26.00 12.58 35.69
CA ASP A 27 -24.91 11.61 35.61
C ASP A 27 -24.03 11.91 34.40
N SER A 28 -24.50 11.50 33.22
CA SER A 28 -23.82 11.77 31.95
C SER A 28 -22.34 11.41 32.01
N GLY A 29 -22.04 10.14 32.21
CA GLY A 29 -20.66 9.69 32.26
C GLY A 29 -20.11 9.38 30.88
N PRO A 30 -18.79 9.46 30.70
CA PRO A 30 -18.13 9.15 29.42
C PRO A 30 -18.22 7.67 29.07
N GLY A 31 -18.09 7.36 27.79
CA GLY A 31 -18.14 5.97 27.37
C GLY A 31 -17.90 5.81 25.90
N LYS A 32 -16.68 6.08 25.48
CA LYS A 32 -16.30 5.90 24.10
C LYS A 32 -14.78 5.87 23.97
N ARG A 33 -14.26 4.82 23.35
CA ARG A 33 -12.84 4.71 23.10
C ARG A 33 -12.51 5.16 21.68
N PRO A 34 -11.84 6.31 21.54
CA PRO A 34 -11.42 6.83 20.22
C PRO A 34 -10.22 6.05 19.69
N LEU A 35 -10.33 5.57 18.47
CA LEU A 35 -9.24 4.82 17.86
C LEU A 35 -9.01 5.25 16.42
N ARG A 36 -10.07 5.22 15.61
CA ARG A 36 -9.96 5.53 14.19
C ARG A 36 -8.93 4.62 13.52
N GLY A 37 -9.32 3.38 13.30
CA GLY A 37 -8.41 2.40 12.73
C GLY A 37 -8.27 2.54 11.23
N GLY A 38 -7.85 3.71 10.77
CA GLY A 38 -7.64 3.93 9.36
C GLY A 38 -8.92 4.23 8.62
N PHE A 39 -9.56 3.20 8.09
CA PHE A 39 -10.76 3.39 7.28
C PHE A 39 -12.01 3.09 8.09
N THR A 40 -13.11 2.90 7.41
CA THR A 40 -14.41 2.74 8.06
C THR A 40 -14.61 1.33 8.59
N ASP A 41 -15.75 1.13 9.26
CA ASP A 41 -16.17 -0.19 9.74
C ASP A 41 -16.10 -1.22 8.62
N LYS A 42 -16.20 -0.74 7.38
CA LYS A 42 -16.19 -1.60 6.20
C LYS A 42 -14.95 -2.49 6.17
N GLU A 43 -13.84 -2.00 6.71
CA GLU A 43 -12.60 -2.76 6.73
C GLU A 43 -12.64 -3.81 7.81
N ARG A 44 -13.39 -3.51 8.85
CA ARG A 44 -13.54 -4.42 9.97
C ARG A 44 -14.43 -5.58 9.58
N GLN A 45 -15.58 -5.27 9.00
CA GLN A 45 -16.46 -6.28 8.45
C GLN A 45 -15.75 -7.02 7.33
N ASP A 46 -14.85 -6.32 6.65
CA ASP A 46 -14.01 -6.88 5.61
C ASP A 46 -13.22 -8.06 6.14
N HIS A 47 -12.61 -7.86 7.30
CA HIS A 47 -11.81 -8.89 7.94
C HIS A 47 -12.69 -10.02 8.48
N ARG A 48 -13.87 -9.69 8.98
CA ARG A 48 -14.83 -10.71 9.42
C ARG A 48 -15.22 -11.61 8.25
N ARG A 49 -15.58 -11.00 7.13
CA ARG A 49 -15.95 -11.70 5.92
C ARG A 49 -14.75 -12.46 5.41
N ARG A 50 -13.62 -11.81 5.45
CA ARG A 50 -12.33 -12.41 5.12
C ARG A 50 -12.18 -13.76 5.84
N LYS A 51 -12.29 -13.74 7.16
CA LYS A 51 -12.08 -14.93 7.97
C LYS A 51 -13.22 -15.91 7.82
N ALA A 52 -14.36 -15.41 7.35
CA ALA A 52 -15.47 -16.28 7.05
C ALA A 52 -15.10 -17.24 5.94
N LEU A 53 -14.52 -16.70 4.88
CA LEU A 53 -14.07 -17.53 3.78
C LEU A 53 -12.76 -18.20 4.05
N GLU A 54 -11.95 -17.65 4.92
CA GLU A 54 -10.75 -18.37 5.32
C GLU A 54 -11.19 -19.68 5.98
N ASN A 55 -12.30 -19.60 6.69
CA ASN A 55 -12.92 -20.77 7.27
C ASN A 55 -13.47 -21.67 6.17
N LYS A 56 -14.17 -21.08 5.19
CA LYS A 56 -14.76 -21.85 4.12
C LYS A 56 -13.69 -22.52 3.28
N LYS A 57 -12.61 -21.80 2.97
CA LYS A 57 -11.46 -22.39 2.30
C LYS A 57 -11.06 -23.65 3.01
N LYS A 58 -10.82 -23.47 4.30
CA LYS A 58 -10.41 -24.57 5.16
C LYS A 58 -11.39 -25.75 5.07
N GLN A 59 -12.63 -25.52 5.47
CA GLN A 59 -13.62 -26.56 5.59
C GLN A 59 -14.00 -27.17 4.24
N LEU A 60 -14.31 -26.31 3.27
CA LEU A 60 -14.80 -26.76 1.97
C LEU A 60 -13.73 -27.55 1.22
N SER A 61 -12.52 -27.00 1.15
CA SER A 61 -11.44 -27.65 0.41
C SER A 61 -11.06 -28.96 1.09
N ALA A 62 -11.13 -28.96 2.42
CA ALA A 62 -10.83 -30.15 3.21
C ALA A 62 -11.87 -31.24 2.98
N GLY A 63 -13.11 -30.83 2.78
CA GLY A 63 -14.18 -31.78 2.56
C GLY A 63 -14.33 -32.15 1.10
N GLY A 64 -13.61 -31.46 0.24
CA GLY A 64 -13.65 -31.75 -1.18
C GLY A 64 -14.79 -31.05 -1.89
N LYS A 65 -15.02 -29.80 -1.52
CA LYS A 65 -16.02 -28.98 -2.19
C LYS A 65 -15.47 -27.59 -2.46
N ASN A 66 -16.21 -26.77 -3.20
CA ASN A 66 -15.67 -25.51 -3.71
C ASN A 66 -16.51 -24.33 -3.25
N LEU A 67 -15.88 -23.16 -3.23
CA LEU A 67 -16.53 -21.94 -2.82
C LEU A 67 -17.23 -21.28 -4.00
N SER A 68 -18.12 -20.36 -3.72
CA SER A 68 -18.82 -19.66 -4.76
C SER A 68 -17.97 -18.49 -5.23
N LYS A 69 -17.98 -18.29 -6.53
CA LYS A 69 -17.13 -17.30 -7.20
C LYS A 69 -17.33 -15.92 -6.61
N GLU A 70 -18.51 -15.69 -6.07
CA GLU A 70 -18.84 -14.40 -5.50
C GLU A 70 -17.97 -14.10 -4.28
N GLU A 71 -18.08 -14.93 -3.25
CA GLU A 71 -17.42 -14.62 -2.00
C GLU A 71 -15.93 -14.93 -2.09
N GLU A 72 -15.58 -15.79 -3.03
CA GLU A 72 -14.20 -16.15 -3.24
C GLU A 72 -13.46 -14.95 -3.82
N GLU A 73 -14.10 -14.23 -4.74
CA GLU A 73 -13.50 -13.04 -5.35
C GLU A 73 -13.41 -11.89 -4.37
N GLU A 74 -14.51 -11.61 -3.65
CA GLU A 74 -14.46 -10.52 -2.69
C GLU A 74 -13.29 -10.71 -1.75
N LEU A 75 -13.18 -11.90 -1.22
CA LEU A 75 -12.14 -12.21 -0.25
C LEU A 75 -10.77 -12.14 -0.86
N ARG A 76 -10.67 -12.63 -2.06
CA ARG A 76 -9.44 -12.58 -2.81
C ARG A 76 -8.87 -11.17 -2.77
N ARG A 77 -9.71 -10.20 -3.08
CA ARG A 77 -9.32 -8.81 -3.02
C ARG A 77 -9.07 -8.35 -1.59
N LEU A 78 -9.98 -8.73 -0.68
CA LEU A 78 -9.85 -8.37 0.74
C LEU A 78 -8.48 -8.80 1.26
N THR A 79 -8.01 -9.92 0.75
CA THR A 79 -6.78 -10.50 1.18
C THR A 79 -5.63 -9.74 0.60
N GLU A 80 -5.76 -9.43 -0.68
CA GLU A 80 -4.76 -8.69 -1.40
C GLU A 80 -4.55 -7.32 -0.78
N GLU A 81 -5.64 -6.63 -0.51
CA GLU A 81 -5.60 -5.30 0.06
C GLU A 81 -5.01 -5.32 1.46
N ASP A 82 -5.44 -6.26 2.27
CA ASP A 82 -4.94 -6.38 3.64
C ASP A 82 -3.41 -6.53 3.65
N GLU A 83 -2.91 -7.48 2.87
CA GLU A 83 -1.49 -7.79 2.89
C GLU A 83 -0.65 -6.65 2.33
N ARG A 84 -1.12 -5.98 1.28
CA ARG A 84 -0.34 -4.88 0.69
C ARG A 84 -0.21 -3.75 1.67
N ARG A 85 -1.31 -3.46 2.35
CA ARG A 85 -1.33 -2.44 3.40
C ARG A 85 -0.28 -2.71 4.45
N GLU A 86 -0.23 -3.95 4.93
CA GLU A 86 0.67 -4.29 6.00
C GLU A 86 2.09 -4.46 5.49
N ARG A 87 2.20 -4.75 4.20
CA ARG A 87 3.46 -5.12 3.57
C ARG A 87 4.49 -4.01 3.60
N ARG A 88 4.05 -2.78 3.36
CA ARG A 88 4.91 -1.60 3.46
C ARG A 88 4.21 -0.34 3.01
N VAL A 89 3.38 -0.46 1.99
CA VAL A 89 2.75 0.68 1.31
C VAL A 89 3.64 1.93 1.30
N ALA A 90 4.76 1.81 0.60
CA ALA A 90 5.75 2.87 0.51
C ALA A 90 6.77 2.54 -0.56
N GLY A 91 7.42 3.57 -1.10
CA GLY A 91 8.42 3.36 -2.12
C GLY A 91 9.82 3.62 -1.61
N PRO A 92 10.60 2.56 -1.34
CA PRO A 92 11.97 2.69 -0.84
C PRO A 92 12.88 3.43 -1.82
N PRO A 93 13.53 4.51 -1.37
CA PRO A 93 14.39 5.35 -2.22
C PRO A 93 15.74 4.69 -2.51
N VAL A 94 16.51 5.30 -3.39
CA VAL A 94 17.81 4.77 -3.75
C VAL A 94 18.85 5.08 -2.67
N GLY A 95 19.21 6.35 -2.56
CA GLY A 95 20.17 6.79 -1.59
C GLY A 95 20.69 8.16 -1.93
N GLY A 96 20.87 8.38 -3.22
CA GLY A 96 21.20 9.70 -3.72
C GLY A 96 22.65 10.05 -3.53
N VAL A 97 23.51 9.45 -4.34
CA VAL A 97 24.93 9.74 -4.28
C VAL A 97 25.56 9.66 -5.68
N ASN A 98 26.39 10.64 -6.00
CA ASN A 98 27.02 10.71 -7.31
C ASN A 98 28.42 11.30 -7.19
N PRO A 99 29.46 10.45 -7.31
CA PRO A 99 30.85 10.92 -7.29
C PRO A 99 31.21 11.64 -8.58
N LEU A 100 31.52 12.92 -8.46
CA LEU A 100 31.83 13.73 -9.63
C LEU A 100 33.25 13.45 -10.10
N GLU A 101 34.22 13.65 -9.22
CA GLU A 101 35.63 13.39 -9.52
C GLU A 101 36.16 14.33 -10.58
N GLY A 102 37.45 14.25 -10.80
CA GLY A 102 38.06 15.00 -11.85
C GLY A 102 39.55 14.93 -11.77
N GLY A 103 40.20 14.56 -12.86
CA GLY A 103 41.63 14.44 -12.86
C GLY A 103 42.31 15.52 -13.67
N SER A 104 41.82 16.75 -13.52
CA SER A 104 42.32 17.87 -14.29
C SER A 104 43.59 18.44 -13.65
N ARG A 105 44.53 18.80 -14.50
CA ARG A 105 45.81 19.32 -14.06
C ARG A 105 46.12 20.65 -14.73
N GLY A 106 46.53 20.60 -16.00
CA GLY A 106 46.87 21.80 -16.72
C GLY A 106 48.16 22.43 -16.24
N ALA A 107 49.26 21.70 -16.39
CA ALA A 107 50.56 22.17 -15.94
C ALA A 107 51.64 21.85 -16.98
N PRO A 108 52.04 22.85 -17.77
CA PRO A 108 53.08 22.69 -18.81
C PRO A 108 54.44 22.34 -18.23
N GLY A 109 54.84 23.07 -17.19
CA GLY A 109 56.14 22.85 -16.58
C GLY A 109 56.78 24.14 -16.11
N GLY A 110 56.76 25.16 -16.96
CA GLY A 110 57.33 26.44 -16.60
C GLY A 110 58.30 26.96 -17.66
N GLY A 111 58.56 26.16 -18.67
CA GLY A 111 59.44 26.57 -19.74
C GLY A 111 60.79 25.87 -19.66
N PHE A 112 61.57 25.97 -20.72
CA PHE A 112 62.86 25.32 -20.78
C PHE A 112 63.77 26.02 -21.81
N VAL A 113 65.03 26.20 -21.44
CA VAL A 113 66.00 26.79 -22.36
C VAL A 113 67.17 25.85 -22.60
N PRO A 114 67.57 25.71 -23.86
CA PRO A 114 68.75 24.93 -24.22
C PRO A 114 70.02 25.77 -24.33
N ASN A 115 69.86 27.09 -24.22
CA ASN A 115 70.98 28.02 -24.35
C ASN A 115 70.65 29.33 -23.67
N LEU A 116 71.64 30.21 -23.55
CA LEU A 116 71.45 31.51 -22.93
C LEU A 116 71.52 32.63 -23.95
N GLN A 117 71.58 32.24 -25.23
CA GLN A 117 71.65 33.18 -26.35
C GLN A 117 72.96 33.97 -26.33
N GLY A 118 73.11 34.86 -27.30
CA GLY A 118 74.23 35.77 -27.31
C GLY A 118 75.50 35.17 -27.84
N VAL A 119 75.87 35.60 -29.03
CA VAL A 119 77.12 35.17 -29.65
C VAL A 119 78.21 36.24 -29.50
N PRO A 120 77.96 37.51 -29.92
CA PRO A 120 78.94 38.60 -29.80
C PRO A 120 79.46 38.83 -28.39
N GLU A 121 80.20 39.92 -28.26
CA GLU A 121 80.78 40.32 -26.99
C GLU A 121 81.79 39.29 -26.52
N SER A 122 82.55 38.74 -27.46
CA SER A 122 83.54 37.74 -27.15
C SER A 122 84.94 38.27 -27.43
N PRO A 123 85.75 38.47 -26.37
CA PRO A 123 87.14 38.91 -26.50
C PRO A 123 87.99 37.94 -27.30
N PHE A 124 89.20 38.37 -27.56
CA PHE A 124 90.14 37.62 -28.38
C PHE A 124 91.58 37.88 -27.93
N SER A 125 91.82 39.09 -27.43
CA SER A 125 93.12 39.50 -26.91
C SER A 125 94.06 39.79 -28.06
N ARG A 126 95.09 40.58 -27.80
CA ARG A 126 95.93 41.03 -28.86
C ARG A 126 97.41 40.98 -28.44
N THR A 127 98.22 40.34 -29.24
CA THR A 127 99.65 40.29 -28.97
C THR A 127 100.37 41.37 -29.77
N GLY A 128 99.71 41.86 -30.82
CA GLY A 128 100.28 42.91 -31.63
C GLY A 128 100.96 42.39 -32.87
N GLU A 129 101.52 43.30 -33.65
CA GLU A 129 102.24 42.95 -34.86
C GLU A 129 103.54 43.71 -34.90
N GLY A 130 103.43 45.03 -34.79
CA GLY A 130 104.58 45.87 -34.69
C GLY A 130 104.19 47.32 -34.66
N LEU A 131 104.34 47.97 -35.80
CA LEU A 131 103.93 49.34 -35.95
C LEU A 131 103.93 49.73 -37.42
N ASP A 132 105.06 49.48 -38.07
CA ASP A 132 105.25 49.81 -39.47
C ASP A 132 106.21 48.81 -40.10
N ILE A 133 106.99 49.23 -41.08
CA ILE A 133 107.97 48.39 -41.67
C ILE A 133 109.32 49.05 -41.51
N ARG A 134 110.16 48.41 -40.75
CA ARG A 134 111.37 49.02 -40.28
C ARG A 134 112.55 48.52 -41.08
N GLY A 135 112.75 47.22 -40.98
CA GLY A 135 113.90 46.60 -41.58
C GLY A 135 113.86 46.57 -43.09
N ASN A 136 114.75 47.33 -43.71
CA ASN A 136 114.80 47.38 -45.17
C ASN A 136 116.23 47.56 -45.65
N GLN A 137 116.89 48.60 -45.18
CA GLN A 137 118.24 48.91 -45.62
C GLN A 137 119.19 49.00 -44.42
N GLY A 138 120.45 48.66 -44.66
CA GLY A 138 121.45 48.74 -43.62
C GLY A 138 122.24 50.02 -43.66
N PHE A 139 122.26 50.75 -42.56
CA PHE A 139 122.98 52.01 -42.49
C PHE A 139 124.50 51.78 -42.43
N PRO A 140 125.01 50.93 -41.51
CA PRO A 140 126.43 50.64 -41.42
C PRO A 140 126.84 49.46 -42.30
N GLY A 1 -88.41 27.12 -27.24
CA GLY A 1 -89.56 27.08 -26.28
C GLY A 1 -89.49 28.21 -25.29
N PRO A 2 -90.43 28.24 -24.33
CA PRO A 2 -90.55 29.34 -23.37
C PRO A 2 -89.38 29.43 -22.39
N LEU A 3 -89.17 28.35 -21.62
CA LEU A 3 -88.12 28.29 -20.59
C LEU A 3 -88.47 29.18 -19.40
N GLY A 4 -88.71 30.46 -19.66
CA GLY A 4 -89.04 31.40 -18.62
C GLY A 4 -87.84 32.17 -18.17
N SER A 5 -87.02 31.54 -17.33
CA SER A 5 -85.79 32.15 -16.85
C SER A 5 -84.81 31.06 -16.48
N LYS A 6 -83.51 31.39 -16.43
CA LYS A 6 -82.51 30.41 -16.04
C LYS A 6 -82.71 30.03 -14.58
N ASP A 7 -82.50 31.00 -13.69
CA ASP A 7 -82.72 30.81 -12.26
C ASP A 7 -82.73 32.16 -11.57
N LYS A 8 -83.76 32.95 -11.85
CA LYS A 8 -83.86 34.30 -11.32
C LYS A 8 -84.32 34.27 -9.87
N ASP A 9 -84.83 33.13 -9.44
CA ASP A 9 -85.31 32.97 -8.08
C ASP A 9 -84.15 32.79 -7.11
N GLY A 10 -82.98 32.47 -7.66
CA GLY A 10 -81.81 32.29 -6.85
C GLY A 10 -80.57 32.84 -7.54
N GLU A 11 -79.87 31.97 -8.25
CA GLU A 11 -78.63 32.30 -8.91
C GLU A 11 -78.41 31.32 -10.01
N GLY A 12 -78.09 30.11 -9.61
CA GLY A 12 -77.93 29.06 -10.56
C GLY A 12 -76.49 28.85 -10.93
N ALA A 13 -75.69 28.52 -9.94
CA ALA A 13 -74.27 28.26 -10.14
C ALA A 13 -73.94 26.83 -9.74
N PRO A 14 -73.11 26.14 -10.53
CA PRO A 14 -72.72 24.76 -10.24
C PRO A 14 -71.67 24.68 -9.13
N PRO A 15 -72.04 24.07 -7.98
CA PRO A 15 -71.12 23.85 -6.86
C PRO A 15 -69.96 22.91 -7.18
N ALA A 16 -69.32 22.43 -6.14
CA ALA A 16 -68.22 21.52 -6.29
C ALA A 16 -68.71 20.08 -6.27
N LYS A 17 -67.94 19.18 -6.87
CA LYS A 17 -68.31 17.78 -6.96
C LYS A 17 -67.49 16.94 -6.00
N ARG A 18 -66.52 17.60 -5.36
CA ARG A 18 -65.67 16.97 -4.34
C ARG A 18 -64.86 15.82 -4.94
N ALA A 19 -64.34 14.96 -4.07
CA ALA A 19 -63.55 13.79 -4.49
C ALA A 19 -62.27 14.23 -5.19
N ARG A 20 -61.65 15.28 -4.67
CA ARG A 20 -60.39 15.75 -5.20
C ARG A 20 -59.31 15.63 -4.13
N THR A 21 -58.92 14.39 -3.85
CA THR A 21 -57.95 14.13 -2.80
C THR A 21 -56.75 13.37 -3.35
N ASP A 22 -55.80 13.07 -2.46
CA ASP A 22 -54.63 12.23 -2.80
C ASP A 22 -53.80 12.87 -3.90
N GLN A 23 -53.72 14.19 -3.88
CA GLN A 23 -53.00 14.93 -4.91
C GLN A 23 -51.58 15.19 -4.47
N MET A 24 -51.35 15.12 -3.18
CA MET A 24 -50.06 15.46 -2.62
C MET A 24 -49.25 14.21 -2.28
N GLU A 25 -48.02 14.43 -1.83
CA GLU A 25 -47.10 13.34 -1.58
C GLU A 25 -46.03 13.79 -0.58
N VAL A 26 -45.43 12.83 0.11
CA VAL A 26 -44.35 13.12 1.05
C VAL A 26 -43.05 12.51 0.55
N ASP A 27 -42.14 13.37 0.10
CA ASP A 27 -40.84 12.93 -0.41
C ASP A 27 -39.93 12.46 0.71
N SER A 28 -38.98 11.60 0.36
CA SER A 28 -37.98 11.11 1.30
C SER A 28 -36.76 10.61 0.53
N GLY A 29 -35.63 10.48 1.20
CA GLY A 29 -34.43 10.01 0.53
C GLY A 29 -33.42 9.43 1.48
N PRO A 30 -32.20 9.15 0.99
CA PRO A 30 -31.10 8.63 1.82
C PRO A 30 -30.84 9.49 3.05
N GLY A 31 -30.58 10.76 2.82
CA GLY A 31 -30.29 11.66 3.91
C GLY A 31 -28.91 11.46 4.46
N LYS A 32 -28.77 11.74 5.74
CA LYS A 32 -27.50 11.65 6.39
C LYS A 32 -27.60 10.60 7.50
N ARG A 33 -27.70 9.34 7.10
CA ARG A 33 -27.90 8.25 8.04
C ARG A 33 -26.72 8.04 8.98
N PRO A 34 -25.48 7.88 8.48
CA PRO A 34 -24.33 7.64 9.34
C PRO A 34 -24.06 8.79 10.29
N LEU A 35 -23.62 8.46 11.49
CA LEU A 35 -23.21 9.48 12.44
C LEU A 35 -21.70 9.42 12.65
N ARG A 36 -21.16 8.21 12.55
CA ARG A 36 -19.72 8.00 12.69
C ARG A 36 -18.97 8.55 11.49
N GLY A 37 -17.99 9.41 11.76
CA GLY A 37 -17.17 9.97 10.70
C GLY A 37 -16.01 9.06 10.34
N GLY A 38 -16.34 7.87 9.86
CA GLY A 38 -15.32 6.92 9.48
C GLY A 38 -15.91 5.81 8.63
N PHE A 39 -15.39 4.60 8.78
CA PHE A 39 -15.91 3.47 8.03
C PHE A 39 -17.12 2.88 8.72
N THR A 40 -18.08 2.52 7.89
CA THR A 40 -19.32 1.92 8.34
C THR A 40 -19.17 0.40 8.44
N ASP A 41 -20.22 -0.29 8.82
CA ASP A 41 -20.22 -1.74 9.05
C ASP A 41 -19.54 -2.50 7.90
N LYS A 42 -19.51 -1.89 6.72
CA LYS A 42 -18.95 -2.52 5.53
C LYS A 42 -17.53 -3.05 5.77
N GLU A 43 -16.72 -2.31 6.53
CA GLU A 43 -15.34 -2.72 6.76
C GLU A 43 -15.28 -3.90 7.73
N ARG A 44 -16.24 -3.94 8.62
CA ARG A 44 -16.35 -5.00 9.61
C ARG A 44 -16.87 -6.27 8.95
N GLN A 45 -17.86 -6.10 8.08
CA GLN A 45 -18.33 -7.19 7.23
C GLN A 45 -17.20 -7.68 6.36
N ASP A 46 -16.34 -6.75 5.97
CA ASP A 46 -15.17 -7.05 5.15
C ASP A 46 -14.24 -8.00 5.87
N HIS A 47 -13.93 -7.68 7.11
CA HIS A 47 -12.98 -8.48 7.88
C HIS A 47 -13.58 -9.80 8.34
N ARG A 48 -14.86 -9.81 8.68
CA ARG A 48 -15.53 -11.06 9.03
C ARG A 48 -15.66 -11.93 7.78
N ARG A 49 -15.78 -11.28 6.63
CA ARG A 49 -15.77 -11.95 5.34
C ARG A 49 -14.45 -12.64 5.15
N ARG A 50 -13.40 -11.87 5.27
CA ARG A 50 -12.06 -12.38 5.11
C ARG A 50 -11.85 -13.67 5.93
N LYS A 51 -12.12 -13.58 7.22
CA LYS A 51 -11.92 -14.70 8.13
C LYS A 51 -12.88 -15.83 7.84
N ALA A 52 -14.08 -15.48 7.41
CA ALA A 52 -15.09 -16.46 7.08
C ALA A 52 -14.58 -17.41 6.02
N LEU A 53 -14.00 -16.85 4.97
CA LEU A 53 -13.55 -17.61 3.85
C LEU A 53 -12.23 -18.31 4.13
N GLU A 54 -11.40 -17.74 4.97
CA GLU A 54 -10.21 -18.46 5.41
C GLU A 54 -10.65 -19.80 5.98
N ASN A 55 -11.70 -19.74 6.79
CA ASN A 55 -12.35 -20.94 7.30
C ASN A 55 -12.94 -21.75 6.17
N LYS A 56 -13.63 -21.07 5.24
CA LYS A 56 -14.24 -21.73 4.14
C LYS A 56 -13.22 -22.54 3.35
N LYS A 57 -12.12 -21.91 2.97
CA LYS A 57 -11.05 -22.60 2.25
C LYS A 57 -10.69 -23.87 2.97
N LYS A 58 -10.37 -23.76 4.25
CA LYS A 58 -10.05 -24.91 5.08
C LYS A 58 -11.14 -25.98 5.03
N GLN A 59 -12.34 -25.64 5.49
CA GLN A 59 -13.40 -26.60 5.69
C GLN A 59 -13.97 -27.14 4.38
N LEU A 60 -14.22 -26.24 3.44
CA LEU A 60 -14.82 -26.61 2.17
C LEU A 60 -13.89 -27.53 1.39
N SER A 61 -12.63 -27.10 1.20
CA SER A 61 -11.67 -27.87 0.46
C SER A 61 -11.43 -29.22 1.11
N ALA A 62 -11.33 -29.22 2.44
CA ALA A 62 -11.12 -30.43 3.21
C ALA A 62 -12.32 -31.38 3.07
N GLY A 63 -13.49 -30.81 2.82
CA GLY A 63 -14.67 -31.63 2.61
C GLY A 63 -14.93 -31.91 1.14
N GLY A 64 -14.07 -31.39 0.28
CA GLY A 64 -14.21 -31.60 -1.15
C GLY A 64 -15.24 -30.70 -1.78
N LYS A 65 -15.47 -29.55 -1.16
CA LYS A 65 -16.41 -28.57 -1.68
C LYS A 65 -15.69 -27.44 -2.35
N ASN A 66 -16.48 -26.53 -2.88
CA ASN A 66 -15.96 -25.43 -3.68
C ASN A 66 -16.65 -24.13 -3.29
N LEU A 67 -15.92 -23.03 -3.37
CA LEU A 67 -16.48 -21.73 -3.08
C LEU A 67 -17.12 -21.15 -4.33
N SER A 68 -17.96 -20.15 -4.16
CA SER A 68 -18.53 -19.45 -5.28
C SER A 68 -17.64 -18.28 -5.63
N LYS A 69 -17.66 -17.85 -6.88
CA LYS A 69 -16.86 -16.70 -7.28
C LYS A 69 -17.20 -15.53 -6.42
N GLU A 70 -18.47 -15.40 -6.13
CA GLU A 70 -18.99 -14.32 -5.31
C GLU A 70 -18.14 -14.16 -4.05
N GLU A 71 -18.14 -15.21 -3.25
CA GLU A 71 -17.47 -15.29 -2.00
C GLU A 71 -15.94 -15.25 -2.16
N GLU A 72 -15.45 -16.07 -3.09
CA GLU A 72 -14.01 -16.25 -3.28
C GLU A 72 -13.37 -14.94 -3.76
N GLU A 73 -14.09 -14.23 -4.63
CA GLU A 73 -13.63 -12.97 -5.18
C GLU A 73 -13.61 -11.87 -4.13
N GLU A 74 -14.71 -11.75 -3.35
CA GLU A 74 -14.74 -10.70 -2.33
C GLU A 74 -13.56 -10.81 -1.40
N LEU A 75 -13.12 -12.04 -1.13
CA LEU A 75 -11.99 -12.19 -0.26
C LEU A 75 -10.68 -11.82 -0.90
N ARG A 76 -10.51 -12.23 -2.13
CA ARG A 76 -9.33 -11.87 -2.88
C ARG A 76 -9.06 -10.38 -2.77
N ARG A 77 -10.05 -9.58 -3.12
CA ARG A 77 -9.99 -8.14 -2.97
C ARG A 77 -9.79 -7.74 -1.51
N LEU A 78 -10.57 -8.38 -0.65
CA LEU A 78 -10.51 -8.16 0.80
C LEU A 78 -9.07 -8.24 1.31
N THR A 79 -8.37 -9.23 0.81
CA THR A 79 -7.04 -9.54 1.27
C THR A 79 -6.06 -8.53 0.72
N GLU A 80 -6.30 -8.14 -0.52
CA GLU A 80 -5.50 -7.13 -1.16
C GLU A 80 -5.49 -5.85 -0.33
N GLU A 81 -6.68 -5.43 0.03
CA GLU A 81 -6.88 -4.25 0.86
C GLU A 81 -6.21 -4.43 2.22
N ASP A 82 -6.47 -5.55 2.84
CA ASP A 82 -5.92 -5.84 4.16
C ASP A 82 -4.40 -5.78 4.16
N GLU A 83 -3.78 -6.49 3.23
CA GLU A 83 -2.33 -6.60 3.22
C GLU A 83 -1.66 -5.27 2.94
N ARG A 84 -2.20 -4.46 2.02
CA ARG A 84 -1.59 -3.15 1.74
C ARG A 84 -1.61 -2.30 3.00
N ARG A 85 -2.77 -2.24 3.63
CA ARG A 85 -2.97 -1.42 4.82
C ARG A 85 -2.04 -1.81 5.96
N GLU A 86 -1.96 -3.09 6.24
CA GLU A 86 -1.30 -3.57 7.43
C GLU A 86 0.20 -3.41 7.36
N ARG A 87 0.79 -3.73 6.22
CA ARG A 87 2.24 -3.83 6.12
C ARG A 87 2.92 -2.48 6.16
N ARG A 88 2.30 -1.50 5.53
CA ARG A 88 2.77 -0.12 5.56
C ARG A 88 1.91 0.76 4.66
N VAL A 89 1.53 0.18 3.53
CA VAL A 89 0.72 0.84 2.49
C VAL A 89 1.57 1.71 1.56
N ALA A 90 2.76 2.05 2.01
CA ALA A 90 3.67 2.88 1.24
C ALA A 90 4.91 2.10 0.82
N GLY A 91 5.34 2.30 -0.42
CA GLY A 91 6.52 1.63 -0.93
C GLY A 91 7.69 2.58 -1.05
N PRO A 92 8.84 2.24 -0.45
CA PRO A 92 10.02 3.11 -0.46
C PRO A 92 10.76 3.09 -1.81
N PRO A 93 11.14 4.27 -2.30
CA PRO A 93 11.85 4.40 -3.58
C PRO A 93 13.35 4.16 -3.45
N VAL A 94 13.72 3.02 -2.87
CA VAL A 94 15.12 2.68 -2.66
C VAL A 94 15.82 2.41 -3.99
N GLY A 95 16.82 3.19 -4.30
CA GLY A 95 17.53 3.04 -5.55
C GLY A 95 18.46 4.20 -5.79
N GLY A 96 19.29 4.45 -4.79
CA GLY A 96 20.12 5.63 -4.79
C GLY A 96 21.37 5.47 -5.62
N VAL A 97 22.27 6.43 -5.48
CA VAL A 97 23.50 6.47 -6.25
C VAL A 97 24.64 5.82 -5.47
N ASN A 98 25.50 5.09 -6.18
CA ASN A 98 26.67 4.48 -5.56
C ASN A 98 27.93 5.23 -5.99
N PRO A 99 28.79 5.58 -5.02
CA PRO A 99 30.03 6.32 -5.30
C PRO A 99 30.99 5.55 -6.20
N LEU A 100 31.10 5.98 -7.45
CA LEU A 100 31.98 5.35 -8.42
C LEU A 100 32.74 6.40 -9.18
N GLU A 101 33.87 6.80 -8.66
CA GLU A 101 34.64 7.85 -9.27
C GLU A 101 35.73 7.29 -10.17
N GLY A 102 36.32 8.18 -10.94
CA GLY A 102 37.40 7.81 -11.81
C GLY A 102 37.81 8.97 -12.70
N GLY A 103 39.05 9.41 -12.55
CA GLY A 103 39.52 10.57 -13.28
C GLY A 103 39.96 10.26 -14.68
N SER A 104 41.26 10.30 -14.92
CA SER A 104 41.80 10.03 -16.24
C SER A 104 43.18 9.41 -16.14
N ARG A 105 43.50 8.61 -17.15
CA ARG A 105 44.74 7.86 -17.17
C ARG A 105 45.64 8.28 -18.34
N GLY A 106 45.01 8.70 -19.43
CA GLY A 106 45.73 9.00 -20.64
C GLY A 106 46.74 10.12 -20.49
N ALA A 107 47.98 9.85 -20.88
CA ALA A 107 49.06 10.82 -20.79
C ALA A 107 50.08 10.60 -21.90
N PRO A 108 50.48 11.68 -22.58
CA PRO A 108 51.46 11.61 -23.67
C PRO A 108 52.86 11.26 -23.17
N GLY A 109 53.65 10.60 -24.01
CA GLY A 109 54.96 10.15 -23.60
C GLY A 109 56.04 11.16 -23.92
N GLY A 110 55.73 12.08 -24.81
CA GLY A 110 56.68 13.10 -25.18
C GLY A 110 57.56 12.67 -26.33
N GLY A 111 57.01 11.85 -27.21
CA GLY A 111 57.76 11.33 -28.33
C GLY A 111 57.50 12.07 -29.63
N PHE A 112 57.57 11.32 -30.72
CA PHE A 112 57.37 11.83 -32.07
C PHE A 112 58.56 12.67 -32.53
N VAL A 113 58.89 12.55 -33.82
CA VAL A 113 60.03 13.23 -34.43
C VAL A 113 61.32 12.74 -33.83
N PRO A 114 61.71 11.49 -34.09
CA PRO A 114 62.94 10.96 -33.54
C PRO A 114 64.15 11.45 -34.33
N ASN A 115 64.18 11.13 -35.62
CA ASN A 115 65.22 11.61 -36.52
C ASN A 115 64.69 11.62 -37.94
N LEU A 116 64.63 12.80 -38.53
CA LEU A 116 64.10 12.96 -39.88
C LEU A 116 65.18 13.50 -40.80
N GLN A 117 66.41 13.44 -40.34
CA GLN A 117 67.54 13.95 -41.09
C GLN A 117 68.51 12.83 -41.44
N GLY A 118 69.65 13.21 -41.98
CA GLY A 118 70.68 12.23 -42.24
C GLY A 118 71.93 12.86 -42.81
N VAL A 119 72.93 12.04 -43.07
CA VAL A 119 74.21 12.50 -43.59
C VAL A 119 74.55 11.75 -44.86
N PRO A 120 74.13 12.22 -46.01
CA PRO A 120 74.47 11.55 -47.25
C PRO A 120 75.96 11.56 -47.55
N GLU A 121 76.34 10.81 -48.56
CA GLU A 121 77.73 10.74 -48.94
C GLU A 121 77.95 11.21 -50.37
N SER A 122 79.08 11.87 -50.58
CA SER A 122 79.44 12.38 -51.89
C SER A 122 80.94 12.16 -52.11
N PRO A 123 81.35 11.77 -53.33
CA PRO A 123 82.75 11.51 -53.67
C PRO A 123 83.67 12.67 -53.39
N PHE A 124 84.89 12.31 -53.13
CA PHE A 124 85.94 13.26 -52.75
C PHE A 124 86.76 13.67 -53.95
N SER A 125 86.89 12.77 -54.91
CA SER A 125 87.67 13.01 -56.11
C SER A 125 87.16 12.15 -57.25
N ARG A 126 87.78 12.27 -58.41
CA ARG A 126 87.30 11.60 -59.60
C ARG A 126 88.45 11.12 -60.45
N THR A 127 88.28 9.96 -61.07
CA THR A 127 89.29 9.38 -61.90
C THR A 127 89.26 9.98 -63.30
N GLY A 128 90.14 10.93 -63.54
CA GLY A 128 90.20 11.58 -64.83
C GLY A 128 91.63 11.83 -65.26
N GLU A 129 91.79 12.63 -66.31
CA GLU A 129 93.10 12.95 -66.83
C GLU A 129 93.23 14.44 -66.91
N GLY A 130 92.17 15.06 -67.41
CA GLY A 130 92.08 16.49 -67.44
C GLY A 130 90.86 16.89 -68.23
N LEU A 131 91.07 17.48 -69.39
CA LEU A 131 89.98 17.77 -70.28
C LEU A 131 90.38 17.48 -71.70
N ASP A 132 90.13 16.27 -72.14
CA ASP A 132 90.50 15.85 -73.48
C ASP A 132 89.26 15.70 -74.36
N ILE A 133 89.15 16.56 -75.36
CA ILE A 133 88.02 16.54 -76.27
C ILE A 133 88.44 15.94 -77.60
N ARG A 134 89.77 15.79 -77.76
CA ARG A 134 90.35 15.14 -78.91
C ARG A 134 90.18 15.92 -80.20
N GLY A 135 88.94 16.06 -80.61
CA GLY A 135 88.65 16.60 -81.91
C GLY A 135 88.55 18.11 -81.91
N ASN A 136 89.68 18.78 -81.76
CA ASN A 136 89.70 20.24 -81.78
C ASN A 136 89.93 20.74 -83.20
N GLN A 137 90.77 20.02 -83.92
CA GLN A 137 91.08 20.37 -85.30
C GLN A 137 91.53 19.13 -86.07
N GLY A 138 91.16 19.04 -87.34
CA GLY A 138 91.58 17.93 -88.16
C GLY A 138 90.43 17.28 -88.89
N PHE A 139 90.25 15.99 -88.67
CA PHE A 139 89.19 15.22 -89.33
C PHE A 139 87.79 15.72 -88.91
N PRO A 140 87.51 15.88 -87.60
CA PRO A 140 86.18 16.33 -87.14
C PRO A 140 85.95 17.80 -87.40
N GLY A 1 -50.14 57.72 59.71
CA GLY A 1 -51.32 57.36 60.53
C GLY A 1 -50.96 57.25 62.00
N PRO A 2 -51.86 56.73 62.84
CA PRO A 2 -51.65 56.66 64.27
C PRO A 2 -50.92 55.39 64.71
N LEU A 3 -50.66 54.50 63.76
CA LEU A 3 -50.02 53.23 64.07
C LEU A 3 -48.52 53.41 64.31
N GLY A 4 -47.76 53.56 63.25
CA GLY A 4 -46.31 53.63 63.37
C GLY A 4 -45.77 52.34 63.94
N SER A 5 -46.27 51.24 63.44
CA SER A 5 -45.95 49.93 63.97
C SER A 5 -45.48 49.01 62.85
N LYS A 6 -44.61 48.08 63.20
CA LYS A 6 -44.13 47.09 62.26
C LYS A 6 -45.00 45.86 62.30
N ASP A 7 -44.77 44.93 61.39
CA ASP A 7 -45.56 43.73 61.31
C ASP A 7 -44.84 42.61 62.03
N LYS A 8 -44.22 42.98 63.14
CA LYS A 8 -43.42 42.09 63.94
C LYS A 8 -44.30 41.09 64.68
N ASP A 9 -45.60 41.30 64.59
CA ASP A 9 -46.57 40.43 65.23
C ASP A 9 -46.86 39.20 64.35
N GLY A 10 -46.28 39.21 63.16
CA GLY A 10 -46.45 38.10 62.25
C GLY A 10 -45.59 38.26 61.01
N GLU A 11 -46.24 38.60 59.91
CA GLU A 11 -45.55 38.79 58.65
C GLU A 11 -46.22 39.92 57.91
N GLY A 12 -47.44 39.64 57.54
CA GLY A 12 -48.29 40.62 56.94
C GLY A 12 -47.90 40.97 55.52
N ALA A 13 -47.04 40.15 54.93
CA ALA A 13 -46.58 40.35 53.58
C ALA A 13 -45.95 39.08 53.02
N PRO A 14 -46.65 38.39 52.09
CA PRO A 14 -46.14 37.16 51.49
C PRO A 14 -45.16 37.43 50.36
N PRO A 15 -43.87 37.10 50.58
CA PRO A 15 -42.81 37.31 49.57
C PRO A 15 -42.94 36.37 48.38
N ALA A 16 -41.89 36.35 47.56
CA ALA A 16 -41.82 35.51 46.37
C ALA A 16 -43.02 35.73 45.45
N LYS A 17 -42.97 36.79 44.68
CA LYS A 17 -44.05 37.12 43.75
C LYS A 17 -43.75 36.51 42.39
N ARG A 18 -42.49 36.20 42.16
CA ARG A 18 -42.05 35.62 40.90
C ARG A 18 -41.35 34.30 41.16
N ALA A 19 -42.11 33.33 41.65
CA ALA A 19 -41.56 32.02 41.97
C ALA A 19 -41.92 31.00 40.91
N ARG A 20 -43.00 31.26 40.18
CA ARG A 20 -43.46 30.33 39.15
C ARG A 20 -42.73 30.60 37.83
N THR A 21 -41.42 30.76 37.92
CA THR A 21 -40.60 31.07 36.76
C THR A 21 -39.62 29.92 36.51
N ASP A 22 -38.63 30.15 35.64
CA ASP A 22 -37.60 29.15 35.31
C ASP A 22 -38.15 28.04 34.43
N GLN A 23 -37.41 27.73 33.38
CA GLN A 23 -37.78 26.64 32.50
C GLN A 23 -36.56 25.81 32.16
N MET A 24 -36.79 24.63 31.60
CA MET A 24 -35.71 23.78 31.14
C MET A 24 -36.00 23.29 29.74
N GLU A 25 -34.97 22.79 29.07
CA GLU A 25 -35.08 22.41 27.68
C GLU A 25 -34.04 21.34 27.34
N VAL A 26 -34.50 20.18 26.89
CA VAL A 26 -33.60 19.08 26.55
C VAL A 26 -33.95 18.50 25.19
N ASP A 27 -33.04 18.66 24.24
CA ASP A 27 -33.23 18.13 22.90
C ASP A 27 -32.61 16.75 22.77
N SER A 28 -31.28 16.69 22.87
CA SER A 28 -30.56 15.43 22.76
C SER A 28 -29.40 15.40 23.76
N GLY A 29 -28.56 16.41 23.68
CA GLY A 29 -27.43 16.49 24.59
C GLY A 29 -26.40 17.51 24.12
N PRO A 30 -25.46 17.88 24.99
CA PRO A 30 -24.44 18.88 24.68
C PRO A 30 -23.43 18.38 23.65
N GLY A 31 -23.08 17.11 23.75
CA GLY A 31 -22.08 16.56 22.86
C GLY A 31 -22.33 15.11 22.54
N LYS A 32 -21.44 14.55 21.73
CA LYS A 32 -21.53 13.17 21.35
C LYS A 32 -20.13 12.55 21.34
N ARG A 33 -20.04 11.27 21.67
CA ARG A 33 -18.75 10.60 21.75
C ARG A 33 -18.69 9.37 20.86
N PRO A 34 -18.19 9.51 19.62
CA PRO A 34 -17.88 8.38 18.77
C PRO A 34 -16.59 7.71 19.21
N LEU A 35 -16.53 6.39 19.08
CA LEU A 35 -15.35 5.67 19.53
C LEU A 35 -14.82 4.73 18.46
N ARG A 36 -15.72 4.05 17.76
CA ARG A 36 -15.31 3.07 16.76
C ARG A 36 -14.85 3.78 15.50
N GLY A 37 -13.53 3.99 15.40
CA GLY A 37 -12.99 4.74 14.29
C GLY A 37 -12.10 3.91 13.39
N GLY A 38 -10.95 4.46 13.04
CA GLY A 38 -10.07 3.82 12.07
C GLY A 38 -10.58 4.03 10.66
N PHE A 39 -11.44 3.13 10.22
CA PHE A 39 -12.13 3.28 8.95
C PHE A 39 -13.62 3.12 9.18
N THR A 40 -14.37 3.09 8.10
CA THR A 40 -15.79 2.87 8.20
C THR A 40 -16.09 1.38 8.49
N ASP A 41 -17.36 1.06 8.71
CA ASP A 41 -17.78 -0.32 9.01
C ASP A 41 -17.28 -1.30 7.96
N LYS A 42 -17.07 -0.80 6.76
CA LYS A 42 -16.66 -1.63 5.63
C LYS A 42 -15.41 -2.45 5.93
N GLU A 43 -14.44 -1.85 6.61
CA GLU A 43 -13.20 -2.55 6.96
C GLU A 43 -13.46 -3.63 8.01
N ARG A 44 -14.46 -3.41 8.85
CA ARG A 44 -14.82 -4.35 9.87
C ARG A 44 -15.52 -5.55 9.25
N GLN A 45 -16.46 -5.27 8.36
CA GLN A 45 -17.10 -6.29 7.56
C GLN A 45 -16.05 -7.05 6.75
N ASP A 46 -15.05 -6.30 6.32
CA ASP A 46 -13.93 -6.81 5.54
C ASP A 46 -13.21 -7.92 6.28
N HIS A 47 -12.88 -7.65 7.54
CA HIS A 47 -12.17 -8.62 8.37
C HIS A 47 -13.04 -9.85 8.64
N ARG A 48 -14.30 -9.59 8.97
CA ARG A 48 -15.27 -10.67 9.19
C ARG A 48 -15.36 -11.56 7.96
N ARG A 49 -15.52 -10.92 6.81
CA ARG A 49 -15.68 -11.58 5.54
C ARG A 49 -14.44 -12.37 5.19
N ARG A 50 -13.33 -11.71 5.26
CA ARG A 50 -12.03 -12.29 4.96
C ARG A 50 -11.80 -13.58 5.75
N LYS A 51 -12.04 -13.55 7.05
CA LYS A 51 -11.81 -14.70 7.90
C LYS A 51 -12.92 -15.72 7.77
N ALA A 52 -14.14 -15.23 7.52
CA ALA A 52 -15.27 -16.10 7.25
C ALA A 52 -14.92 -17.05 6.12
N LEU A 53 -14.29 -16.47 5.11
CA LEU A 53 -13.86 -17.21 3.95
C LEU A 53 -12.74 -18.16 4.25
N GLU A 54 -11.67 -17.68 4.87
CA GLU A 54 -10.53 -18.53 5.18
C GLU A 54 -10.98 -19.78 5.91
N ASN A 55 -11.95 -19.60 6.78
CA ASN A 55 -12.59 -20.72 7.47
C ASN A 55 -13.34 -21.59 6.48
N LYS A 56 -14.14 -20.94 5.64
CA LYS A 56 -14.92 -21.63 4.64
C LYS A 56 -14.03 -22.51 3.77
N LYS A 57 -12.99 -21.88 3.22
CA LYS A 57 -11.99 -22.52 2.40
C LYS A 57 -11.42 -23.76 3.07
N LYS A 58 -11.03 -23.63 4.34
CA LYS A 58 -10.56 -24.76 5.12
C LYS A 58 -11.53 -25.93 5.06
N GLN A 59 -12.75 -25.72 5.52
CA GLN A 59 -13.77 -26.75 5.53
C GLN A 59 -14.01 -27.32 4.14
N LEU A 60 -14.21 -26.44 3.18
CA LEU A 60 -14.58 -26.84 1.83
C LEU A 60 -13.47 -27.62 1.17
N SER A 61 -12.27 -27.04 1.12
CA SER A 61 -11.12 -27.67 0.48
C SER A 61 -10.87 -29.04 1.10
N ALA A 62 -11.01 -29.10 2.41
CA ALA A 62 -10.81 -30.33 3.16
C ALA A 62 -11.87 -31.37 2.80
N GLY A 63 -13.07 -30.91 2.46
CA GLY A 63 -14.14 -31.81 2.09
C GLY A 63 -14.28 -31.98 0.58
N GLY A 64 -13.41 -31.34 -0.18
CA GLY A 64 -13.48 -31.40 -1.63
C GLY A 64 -14.56 -30.49 -2.18
N LYS A 65 -15.06 -29.63 -1.32
CA LYS A 65 -16.12 -28.71 -1.66
C LYS A 65 -15.57 -27.42 -2.19
N ASN A 66 -16.43 -26.61 -2.76
CA ASN A 66 -16.02 -25.39 -3.40
C ASN A 66 -17.13 -24.34 -3.37
N LEU A 67 -16.77 -23.12 -3.02
CA LEU A 67 -17.73 -22.03 -2.90
C LEU A 67 -17.79 -21.20 -4.18
N SER A 68 -18.83 -20.38 -4.29
CA SER A 68 -19.06 -19.58 -5.46
C SER A 68 -17.96 -18.54 -5.64
N LYS A 69 -17.76 -18.13 -6.88
CA LYS A 69 -16.77 -17.11 -7.22
C LYS A 69 -17.04 -15.86 -6.43
N GLU A 70 -18.30 -15.60 -6.22
CA GLU A 70 -18.75 -14.41 -5.56
C GLU A 70 -18.02 -14.20 -4.23
N GLU A 71 -18.13 -15.19 -3.37
CA GLU A 71 -17.61 -15.15 -2.03
C GLU A 71 -16.07 -15.29 -2.05
N GLU A 72 -15.60 -16.13 -2.95
CA GLU A 72 -14.18 -16.40 -3.08
C GLU A 72 -13.46 -15.15 -3.55
N GLU A 73 -13.99 -14.54 -4.59
CA GLU A 73 -13.39 -13.37 -5.22
C GLU A 73 -13.38 -12.17 -4.29
N GLU A 74 -14.52 -11.92 -3.62
CA GLU A 74 -14.58 -10.77 -2.72
C GLU A 74 -13.45 -10.81 -1.71
N LEU A 75 -13.31 -11.93 -1.01
CA LEU A 75 -12.29 -11.99 0.01
C LEU A 75 -10.89 -12.22 -0.60
N ARG A 76 -10.87 -12.66 -1.85
CA ARG A 76 -9.62 -12.88 -2.57
C ARG A 76 -8.89 -11.56 -2.76
N ARG A 77 -9.54 -10.61 -3.42
CA ARG A 77 -8.97 -9.30 -3.64
C ARG A 77 -8.84 -8.57 -2.32
N LEU A 78 -9.78 -8.87 -1.43
CA LEU A 78 -9.73 -8.40 -0.04
C LEU A 78 -8.40 -8.77 0.60
N THR A 79 -7.92 -9.96 0.28
CA THR A 79 -6.70 -10.49 0.85
C THR A 79 -5.52 -9.80 0.21
N GLU A 80 -5.61 -9.66 -1.10
CA GLU A 80 -4.60 -9.01 -1.89
C GLU A 80 -4.30 -7.62 -1.33
N GLU A 81 -5.36 -6.86 -1.17
CA GLU A 81 -5.28 -5.51 -0.62
C GLU A 81 -4.80 -5.52 0.82
N ASP A 82 -5.34 -6.40 1.64
CA ASP A 82 -5.00 -6.44 3.05
C ASP A 82 -3.51 -6.74 3.25
N GLU A 83 -2.99 -7.70 2.48
CA GLU A 83 -1.61 -8.11 2.65
C GLU A 83 -0.64 -7.06 2.11
N ARG A 84 -0.97 -6.41 0.98
CA ARG A 84 -0.09 -5.37 0.45
C ARG A 84 0.02 -4.22 1.43
N ARG A 85 -1.09 -3.94 2.08
CA ARG A 85 -1.14 -3.00 3.18
C ARG A 85 -0.14 -3.37 4.26
N GLU A 86 -0.13 -4.65 4.64
CA GLU A 86 0.78 -5.13 5.65
C GLU A 86 2.23 -4.98 5.19
N ARG A 87 2.46 -5.31 3.92
CA ARG A 87 3.81 -5.29 3.35
C ARG A 87 4.34 -3.88 3.26
N ARG A 88 3.40 -2.99 2.98
CA ARG A 88 3.63 -1.55 2.83
C ARG A 88 4.06 -1.24 1.42
N VAL A 89 4.08 -2.29 0.61
CA VAL A 89 4.36 -2.25 -0.82
C VAL A 89 5.41 -1.19 -1.21
N ALA A 90 6.67 -1.54 -0.98
CA ALA A 90 7.78 -0.66 -1.29
C ALA A 90 8.95 -1.45 -1.85
N GLY A 91 9.65 -0.87 -2.82
CA GLY A 91 10.78 -1.53 -3.42
C GLY A 91 12.10 -0.88 -3.04
N PRO A 92 13.20 -1.66 -2.98
CA PRO A 92 14.52 -1.13 -2.64
C PRO A 92 15.11 -0.30 -3.78
N PRO A 93 15.48 0.95 -3.51
CA PRO A 93 16.05 1.85 -4.52
C PRO A 93 17.44 1.40 -4.97
N VAL A 94 17.78 1.74 -6.20
CA VAL A 94 19.08 1.37 -6.76
C VAL A 94 19.99 2.58 -6.82
N GLY A 95 21.28 2.36 -6.62
CA GLY A 95 22.25 3.44 -6.67
C GLY A 95 23.58 2.92 -7.14
N GLY A 96 23.99 1.81 -6.53
CA GLY A 96 25.17 1.11 -6.99
C GLY A 96 26.46 1.82 -6.62
N VAL A 97 27.52 1.49 -7.35
CA VAL A 97 28.83 2.06 -7.10
C VAL A 97 29.41 2.65 -8.38
N ASN A 98 30.06 3.80 -8.27
CA ASN A 98 30.72 4.44 -9.40
C ASN A 98 32.18 4.02 -9.46
N PRO A 99 32.53 3.10 -10.39
CA PRO A 99 33.88 2.60 -10.53
C PRO A 99 34.71 3.42 -11.52
N LEU A 100 35.54 4.31 -11.01
CA LEU A 100 36.41 5.12 -11.86
C LEU A 100 37.64 4.33 -12.25
N GLU A 101 38.48 4.02 -11.27
CA GLU A 101 39.70 3.23 -11.49
C GLU A 101 40.69 3.98 -12.36
N GLY A 102 41.84 3.36 -12.54
CA GLY A 102 42.81 3.89 -13.45
C GLY A 102 44.07 3.06 -13.46
N GLY A 103 45.11 3.56 -12.81
CA GLY A 103 46.34 2.82 -12.71
C GLY A 103 47.55 3.73 -12.65
N SER A 104 48.59 3.37 -13.37
CA SER A 104 49.80 4.17 -13.43
C SER A 104 50.38 4.13 -14.83
N ARG A 105 51.25 5.09 -15.15
CA ARG A 105 51.83 5.16 -16.48
C ARG A 105 52.84 4.03 -16.70
N GLY A 106 53.86 4.01 -15.86
CA GLY A 106 54.89 2.99 -15.96
C GLY A 106 56.26 3.60 -16.15
N ALA A 107 57.10 2.92 -16.92
CA ALA A 107 58.44 3.40 -17.20
C ALA A 107 58.87 2.97 -18.60
N PRO A 108 58.41 3.71 -19.63
CA PRO A 108 58.74 3.40 -21.02
C PRO A 108 60.14 3.86 -21.40
N GLY A 109 60.95 2.93 -21.88
CA GLY A 109 62.31 3.28 -22.27
C GLY A 109 62.85 2.36 -23.35
N GLY A 110 64.09 1.93 -23.19
CA GLY A 110 64.70 1.07 -24.18
C GLY A 110 65.75 1.81 -25.00
N GLY A 111 66.61 2.55 -24.33
CA GLY A 111 67.66 3.27 -25.02
C GLY A 111 68.85 2.38 -25.32
N PHE A 112 69.32 2.42 -26.55
CA PHE A 112 70.42 1.56 -26.99
C PHE A 112 71.14 2.17 -28.17
N VAL A 113 72.47 2.22 -28.10
CA VAL A 113 73.27 2.74 -29.18
C VAL A 113 74.34 1.75 -29.63
N PRO A 114 74.35 1.39 -30.93
CA PRO A 114 75.42 0.62 -31.51
C PRO A 114 76.43 1.51 -32.22
N ASN A 115 76.57 2.74 -31.73
CA ASN A 115 77.50 3.70 -32.30
C ASN A 115 78.16 4.52 -31.19
N LEU A 116 79.46 4.33 -31.02
CA LEU A 116 80.20 5.03 -29.98
C LEU A 116 81.32 5.87 -30.55
N GLN A 117 81.40 5.91 -31.89
CA GLN A 117 82.43 6.67 -32.61
C GLN A 117 83.82 6.11 -32.37
N GLY A 118 84.80 6.81 -32.91
CA GLY A 118 86.17 6.47 -32.66
C GLY A 118 87.12 7.60 -33.02
N VAL A 119 88.19 7.74 -32.25
CA VAL A 119 89.15 8.81 -32.48
C VAL A 119 90.38 8.35 -33.28
N PRO A 120 91.05 7.22 -32.88
CA PRO A 120 92.26 6.72 -33.56
C PRO A 120 92.26 6.85 -35.08
N GLU A 121 93.40 7.22 -35.63
CA GLU A 121 93.58 7.33 -37.06
C GLU A 121 95.00 6.91 -37.44
N SER A 122 95.32 6.98 -38.72
CA SER A 122 96.66 6.64 -39.18
C SER A 122 97.10 7.60 -40.28
N PRO A 123 97.81 8.67 -39.89
CA PRO A 123 98.31 9.70 -40.83
C PRO A 123 99.14 9.10 -41.95
N PHE A 124 100.15 8.32 -41.57
CA PHE A 124 101.01 7.64 -42.53
C PHE A 124 101.68 8.69 -43.43
N SER A 125 102.52 9.50 -42.83
CA SER A 125 103.16 10.59 -43.52
C SER A 125 104.50 10.16 -44.07
N ARG A 126 105.00 10.90 -45.03
CA ARG A 126 106.18 10.51 -45.75
C ARG A 126 107.18 11.66 -45.81
N THR A 127 108.45 11.35 -45.65
CA THR A 127 109.49 12.35 -45.79
C THR A 127 110.02 12.35 -47.21
N GLY A 128 109.26 12.94 -48.12
CA GLY A 128 109.64 12.97 -49.52
C GLY A 128 110.29 14.29 -49.89
N GLU A 129 111.59 14.38 -49.70
CA GLU A 129 112.32 15.61 -49.96
C GLU A 129 113.58 15.30 -50.74
N GLY A 130 114.41 14.44 -50.16
CA GLY A 130 115.62 14.05 -50.80
C GLY A 130 116.53 13.38 -49.82
N LEU A 131 116.86 12.14 -50.12
CA LEU A 131 117.70 11.36 -49.23
C LEU A 131 119.13 11.87 -49.27
N ASP A 132 119.66 11.98 -50.49
CA ASP A 132 121.00 12.52 -50.72
C ASP A 132 122.09 11.74 -49.98
N ILE A 133 122.58 10.71 -50.64
CA ILE A 133 123.69 9.93 -50.13
C ILE A 133 124.80 9.99 -51.14
N ARG A 134 125.84 10.68 -50.74
CA ARG A 134 126.87 11.07 -51.67
C ARG A 134 127.81 9.93 -52.00
N GLY A 135 128.53 9.45 -50.99
CA GLY A 135 129.57 8.49 -51.25
C GLY A 135 130.66 9.09 -52.09
N ASN A 136 131.24 10.17 -51.59
CA ASN A 136 132.20 10.97 -52.34
C ASN A 136 133.44 11.19 -51.49
N GLN A 137 133.64 10.31 -50.52
CA GLN A 137 134.74 10.43 -49.58
C GLN A 137 136.04 9.88 -50.19
N GLY A 138 136.36 10.36 -51.38
CA GLY A 138 137.54 9.91 -52.08
C GLY A 138 137.39 10.07 -53.58
N PHE A 139 138.31 9.50 -54.34
CA PHE A 139 138.23 9.55 -55.79
C PHE A 139 137.46 8.33 -56.34
N PRO A 140 137.85 7.08 -55.99
CA PRO A 140 137.16 5.89 -56.45
C PRO A 140 136.10 5.44 -55.45
N GLY A 1 -31.93 -73.92 15.14
CA GLY A 1 -31.02 -73.46 16.22
C GLY A 1 -31.63 -72.35 17.03
N PRO A 2 -30.83 -71.65 17.85
CA PRO A 2 -31.31 -70.57 18.70
C PRO A 2 -31.41 -69.23 17.97
N LEU A 3 -31.06 -69.23 16.68
CA LEU A 3 -31.13 -68.01 15.89
C LEU A 3 -32.37 -68.03 15.00
N GLY A 4 -32.84 -66.86 14.63
CA GLY A 4 -33.96 -66.77 13.73
C GLY A 4 -33.96 -65.49 12.92
N SER A 5 -32.81 -64.80 12.94
CA SER A 5 -32.63 -63.53 12.23
C SER A 5 -33.45 -62.41 12.87
N LYS A 6 -32.75 -61.39 13.35
CA LYS A 6 -33.39 -60.23 13.98
C LYS A 6 -34.15 -60.66 15.24
N ASP A 7 -35.05 -59.81 15.69
CA ASP A 7 -35.81 -60.08 16.90
C ASP A 7 -37.29 -60.19 16.56
N LYS A 8 -37.58 -60.97 15.53
CA LYS A 8 -38.94 -61.14 15.04
C LYS A 8 -39.75 -62.00 16.00
N ASP A 9 -39.07 -62.73 16.87
CA ASP A 9 -39.72 -63.56 17.86
C ASP A 9 -39.91 -62.77 19.16
N GLY A 10 -39.51 -61.52 19.12
CA GLY A 10 -39.68 -60.65 20.26
C GLY A 10 -40.38 -59.36 19.87
N GLU A 11 -39.61 -58.34 19.55
CA GLU A 11 -40.14 -57.06 19.13
C GLU A 11 -39.11 -56.35 18.31
N GLY A 12 -37.95 -56.15 18.92
CA GLY A 12 -36.89 -55.49 18.24
C GLY A 12 -36.66 -54.09 18.75
N ALA A 13 -37.71 -53.52 19.29
CA ALA A 13 -37.67 -52.19 19.87
C ALA A 13 -38.50 -52.16 21.15
N PRO A 14 -37.88 -52.52 22.28
CA PRO A 14 -38.58 -52.66 23.56
C PRO A 14 -38.86 -51.32 24.23
N PRO A 15 -39.68 -51.32 25.31
CA PRO A 15 -39.98 -50.11 26.09
C PRO A 15 -38.75 -49.38 26.57
N ALA A 16 -37.71 -50.14 26.77
CA ALA A 16 -36.46 -49.63 27.31
C ALA A 16 -35.67 -48.89 26.23
N LYS A 17 -34.38 -48.65 26.51
CA LYS A 17 -33.48 -47.97 25.59
C LYS A 17 -33.70 -46.47 25.70
N ARG A 18 -33.93 -46.04 26.94
CA ARG A 18 -34.17 -44.65 27.29
C ARG A 18 -35.49 -44.16 26.74
N ALA A 19 -36.58 -44.62 27.32
CA ALA A 19 -37.90 -44.13 26.97
C ALA A 19 -38.05 -42.69 27.43
N ARG A 20 -37.34 -42.36 28.51
CA ARG A 20 -37.29 -41.00 29.01
C ARG A 20 -36.58 -40.11 28.01
N THR A 21 -37.19 -38.97 27.72
CA THR A 21 -36.65 -38.01 26.77
C THR A 21 -35.26 -37.52 27.20
N ASP A 22 -34.37 -37.39 26.23
CA ASP A 22 -33.01 -36.95 26.51
C ASP A 22 -32.90 -35.43 26.45
N GLN A 23 -31.68 -34.91 26.52
CA GLN A 23 -31.47 -33.48 26.50
C GLN A 23 -31.40 -32.97 25.07
N MET A 24 -31.38 -31.66 24.92
CA MET A 24 -31.28 -31.04 23.62
C MET A 24 -30.30 -29.90 23.66
N GLU A 25 -29.62 -29.72 22.54
CA GLU A 25 -28.56 -28.76 22.45
C GLU A 25 -28.85 -27.71 21.38
N VAL A 26 -29.15 -26.50 21.83
CA VAL A 26 -29.33 -25.39 20.91
C VAL A 26 -28.00 -24.69 20.71
N ASP A 27 -27.22 -24.74 21.76
CA ASP A 27 -25.85 -24.17 21.83
C ASP A 27 -25.87 -22.64 21.74
N SER A 28 -26.37 -22.12 20.63
CA SER A 28 -26.45 -20.68 20.40
C SER A 28 -25.05 -20.06 20.41
N GLY A 29 -24.37 -20.14 19.28
CA GLY A 29 -23.05 -19.56 19.18
C GLY A 29 -23.09 -18.05 19.17
N PRO A 30 -21.96 -17.39 19.47
CA PRO A 30 -21.87 -15.93 19.49
C PRO A 30 -22.31 -15.29 18.18
N GLY A 31 -23.04 -14.19 18.28
CA GLY A 31 -23.53 -13.52 17.11
C GLY A 31 -23.51 -12.03 17.27
N LYS A 32 -22.45 -11.55 17.85
CA LYS A 32 -22.33 -10.15 18.12
C LYS A 32 -20.89 -9.68 17.95
N ARG A 33 -20.70 -8.45 17.50
CA ARG A 33 -19.38 -7.89 17.31
C ARG A 33 -19.13 -6.72 18.26
N PRO A 34 -18.63 -7.00 19.48
CA PRO A 34 -18.23 -5.97 20.43
C PRO A 34 -16.75 -5.63 20.30
N LEU A 35 -16.24 -5.62 19.08
CA LEU A 35 -14.81 -5.51 18.87
C LEU A 35 -14.39 -4.08 18.60
N ARG A 36 -15.35 -3.25 18.18
CA ARG A 36 -15.10 -1.83 17.90
C ARG A 36 -14.15 -1.65 16.72
N GLY A 37 -12.85 -1.66 16.99
CA GLY A 37 -11.87 -1.47 15.94
C GLY A 37 -11.57 0.00 15.70
N GLY A 38 -10.31 0.30 15.42
CA GLY A 38 -9.88 1.68 15.23
C GLY A 38 -10.23 2.25 13.87
N PHE A 39 -10.64 1.41 12.93
CA PHE A 39 -11.02 1.90 11.60
C PHE A 39 -12.51 1.93 11.46
N THR A 40 -12.97 2.28 10.27
CA THR A 40 -14.37 2.26 9.95
C THR A 40 -14.88 0.82 9.92
N ASP A 41 -16.19 0.67 10.00
CA ASP A 41 -16.85 -0.63 9.85
C ASP A 41 -16.38 -1.34 8.57
N LYS A 42 -15.96 -0.52 7.61
CA LYS A 42 -15.49 -1.01 6.31
C LYS A 42 -14.40 -2.07 6.46
N GLU A 43 -13.39 -1.73 7.23
CA GLU A 43 -12.26 -2.61 7.42
C GLU A 43 -12.67 -3.83 8.22
N ARG A 44 -13.67 -3.66 9.07
CA ARG A 44 -14.15 -4.73 9.91
C ARG A 44 -14.96 -5.74 9.11
N GLN A 45 -15.85 -5.26 8.25
CA GLN A 45 -16.55 -6.12 7.33
C GLN A 45 -15.55 -6.89 6.49
N ASP A 46 -14.48 -6.18 6.13
CA ASP A 46 -13.37 -6.74 5.37
C ASP A 46 -12.79 -7.95 6.10
N HIS A 47 -12.52 -7.76 7.39
CA HIS A 47 -11.85 -8.77 8.20
C HIS A 47 -12.79 -9.92 8.54
N ARG A 48 -14.00 -9.58 8.99
CA ARG A 48 -15.00 -10.57 9.36
C ARG A 48 -15.22 -11.55 8.22
N ARG A 49 -15.52 -11.01 7.07
CA ARG A 49 -15.77 -11.82 5.89
C ARG A 49 -14.52 -12.50 5.41
N ARG A 50 -13.44 -11.77 5.43
CA ARG A 50 -12.13 -12.32 5.11
C ARG A 50 -11.90 -13.65 5.86
N LYS A 51 -12.08 -13.61 7.18
CA LYS A 51 -11.91 -14.80 7.98
C LYS A 51 -13.09 -15.75 7.83
N ALA A 52 -14.21 -15.20 7.40
CA ALA A 52 -15.38 -16.01 7.05
C ALA A 52 -15.00 -16.99 5.94
N LEU A 53 -14.27 -16.48 4.97
CA LEU A 53 -13.76 -17.30 3.89
C LEU A 53 -12.72 -18.26 4.36
N GLU A 54 -11.73 -17.77 5.10
CA GLU A 54 -10.65 -18.64 5.56
C GLU A 54 -11.20 -19.90 6.22
N ASN A 55 -12.29 -19.73 6.95
CA ASN A 55 -13.02 -20.85 7.53
C ASN A 55 -13.66 -21.69 6.43
N LYS A 56 -14.42 -21.00 5.58
CA LYS A 56 -15.13 -21.63 4.49
C LYS A 56 -14.19 -22.47 3.61
N LYS A 57 -13.15 -21.81 3.11
CA LYS A 57 -12.10 -22.43 2.30
C LYS A 57 -11.56 -23.67 2.98
N LYS A 58 -11.14 -23.53 4.24
CA LYS A 58 -10.63 -24.66 5.01
C LYS A 58 -11.59 -25.83 4.99
N GLN A 59 -12.83 -25.58 5.38
CA GLN A 59 -13.84 -26.61 5.46
C GLN A 59 -14.12 -27.23 4.09
N LEU A 60 -14.33 -26.39 3.08
CA LEU A 60 -14.70 -26.87 1.76
C LEU A 60 -13.60 -27.69 1.13
N SER A 61 -12.40 -27.13 1.03
CA SER A 61 -11.27 -27.79 0.45
C SER A 61 -10.96 -29.10 1.18
N ALA A 62 -11.11 -29.07 2.49
CA ALA A 62 -10.85 -30.24 3.31
C ALA A 62 -11.92 -31.30 3.09
N GLY A 63 -13.09 -30.89 2.67
CA GLY A 63 -14.16 -31.82 2.34
C GLY A 63 -14.17 -32.21 0.87
N GLY A 64 -13.45 -31.44 0.06
CA GLY A 64 -13.39 -31.71 -1.36
C GLY A 64 -14.40 -30.93 -2.17
N LYS A 65 -14.90 -29.84 -1.60
CA LYS A 65 -15.84 -28.97 -2.29
C LYS A 65 -15.25 -27.58 -2.45
N ASN A 66 -15.99 -26.69 -3.09
CA ASN A 66 -15.45 -25.40 -3.46
C ASN A 66 -16.46 -24.28 -3.25
N LEU A 67 -15.97 -23.05 -3.23
CA LEU A 67 -16.77 -21.90 -2.84
C LEU A 67 -17.41 -21.24 -4.04
N SER A 68 -18.40 -20.41 -3.77
CA SER A 68 -19.03 -19.63 -4.80
C SER A 68 -18.07 -18.56 -5.26
N LYS A 69 -18.06 -18.34 -6.57
CA LYS A 69 -17.14 -17.41 -7.19
C LYS A 69 -17.26 -16.02 -6.60
N GLU A 70 -18.45 -15.69 -6.12
CA GLU A 70 -18.71 -14.37 -5.56
C GLU A 70 -17.88 -14.17 -4.30
N GLU A 71 -18.08 -15.10 -3.38
CA GLU A 71 -17.45 -15.14 -2.10
C GLU A 71 -15.93 -15.15 -2.24
N GLU A 72 -15.48 -15.94 -3.20
CA GLU A 72 -14.07 -16.13 -3.44
C GLU A 72 -13.46 -14.84 -4.00
N GLU A 73 -14.22 -14.17 -4.85
CA GLU A 73 -13.82 -12.88 -5.39
C GLU A 73 -13.72 -11.83 -4.31
N GLU A 74 -14.73 -11.81 -3.42
CA GLU A 74 -14.78 -10.84 -2.33
C GLU A 74 -13.43 -10.78 -1.69
N LEU A 75 -13.03 -11.93 -1.19
CA LEU A 75 -11.87 -12.01 -0.36
C LEU A 75 -10.59 -11.81 -1.09
N ARG A 76 -10.47 -12.43 -2.23
CA ARG A 76 -9.33 -12.28 -3.07
C ARG A 76 -8.94 -10.82 -3.17
N ARG A 77 -9.91 -10.02 -3.55
CA ARG A 77 -9.74 -8.58 -3.66
C ARG A 77 -9.44 -7.93 -2.30
N LEU A 78 -10.15 -8.35 -1.26
CA LEU A 78 -9.92 -7.81 0.10
C LEU A 78 -8.48 -8.01 0.49
N THR A 79 -7.99 -9.19 0.21
CA THR A 79 -6.69 -9.61 0.62
C THR A 79 -5.65 -8.94 -0.23
N GLU A 80 -5.96 -8.82 -1.51
CA GLU A 80 -5.12 -8.15 -2.46
C GLU A 80 -4.82 -6.73 -2.00
N GLU A 81 -5.86 -6.02 -1.63
CA GLU A 81 -5.75 -4.66 -1.14
C GLU A 81 -4.85 -4.60 0.09
N ASP A 82 -5.12 -5.48 1.04
CA ASP A 82 -4.38 -5.48 2.29
C ASP A 82 -2.91 -5.79 2.05
N GLU A 83 -2.63 -6.79 1.23
CA GLU A 83 -1.27 -7.23 1.00
C GLU A 83 -0.50 -6.25 0.13
N ARG A 84 -1.15 -5.64 -0.86
CA ARG A 84 -0.44 -4.71 -1.75
C ARG A 84 0.01 -3.50 -0.96
N ARG A 85 -0.89 -3.01 -0.14
CA ARG A 85 -0.59 -1.92 0.78
C ARG A 85 0.54 -2.28 1.74
N GLU A 86 0.45 -3.48 2.32
CA GLU A 86 1.39 -3.89 3.34
C GLU A 86 2.79 -4.06 2.75
N ARG A 87 2.84 -4.66 1.57
CA ARG A 87 4.09 -4.96 0.90
C ARG A 87 4.67 -3.76 0.21
N ARG A 88 3.74 -2.94 -0.26
CA ARG A 88 4.00 -1.69 -1.01
C ARG A 88 4.02 -1.97 -2.50
N VAL A 89 3.82 -3.24 -2.82
CA VAL A 89 3.67 -3.74 -4.20
C VAL A 89 4.59 -3.03 -5.20
N ALA A 90 5.88 -3.28 -5.09
CA ALA A 90 6.85 -2.70 -6.00
C ALA A 90 7.87 -3.75 -6.45
N GLY A 91 7.54 -4.46 -7.51
CA GLY A 91 8.42 -5.51 -8.00
C GLY A 91 9.05 -5.14 -9.33
N PRO A 92 10.26 -5.66 -9.62
CA PRO A 92 10.96 -5.39 -10.87
C PRO A 92 10.33 -6.10 -12.06
N PRO A 93 9.95 -5.35 -13.11
CA PRO A 93 9.37 -5.93 -14.31
C PRO A 93 10.42 -6.31 -15.35
N VAL A 94 10.80 -7.58 -15.35
CA VAL A 94 11.80 -8.08 -16.28
C VAL A 94 11.11 -8.64 -17.53
N GLY A 95 11.39 -8.04 -18.67
CA GLY A 95 10.75 -8.45 -19.90
C GLY A 95 11.35 -7.71 -21.06
N GLY A 96 12.67 -7.73 -21.13
CA GLY A 96 13.36 -6.97 -22.13
C GLY A 96 13.47 -7.70 -23.44
N VAL A 97 13.95 -6.99 -24.44
CA VAL A 97 14.05 -7.53 -25.79
C VAL A 97 15.47 -7.97 -26.09
N ASN A 98 15.62 -9.24 -26.47
CA ASN A 98 16.93 -9.77 -26.84
C ASN A 98 17.30 -9.30 -28.24
N PRO A 99 18.58 -8.98 -28.46
CA PRO A 99 19.07 -8.51 -29.76
C PRO A 99 19.17 -9.64 -30.78
N LEU A 100 19.63 -9.29 -31.97
CA LEU A 100 19.78 -10.23 -33.06
C LEU A 100 20.56 -9.57 -34.17
N GLU A 101 21.40 -10.33 -34.81
CA GLU A 101 22.16 -9.84 -35.93
C GLU A 101 21.78 -10.58 -37.20
N GLY A 102 22.76 -10.80 -38.05
CA GLY A 102 22.51 -11.40 -39.31
C GLY A 102 23.08 -12.80 -39.37
N GLY A 103 24.29 -12.90 -39.92
CA GLY A 103 24.97 -14.16 -39.95
C GLY A 103 25.86 -14.31 -41.17
N SER A 104 25.26 -14.21 -42.34
CA SER A 104 25.98 -14.36 -43.59
C SER A 104 25.37 -13.49 -44.67
N ARG A 105 26.21 -13.01 -45.57
CA ARG A 105 25.78 -12.14 -46.66
C ARG A 105 26.52 -12.46 -47.95
N GLY A 106 26.06 -11.91 -49.05
CA GLY A 106 26.70 -12.13 -50.33
C GLY A 106 25.71 -12.18 -51.47
N ALA A 107 25.89 -11.29 -52.44
CA ALA A 107 25.02 -11.25 -53.60
C ALA A 107 25.73 -11.84 -54.82
N PRO A 108 25.37 -13.07 -55.20
CA PRO A 108 25.98 -13.76 -56.35
C PRO A 108 25.80 -12.98 -57.65
N GLY A 109 26.83 -12.97 -58.47
CA GLY A 109 26.78 -12.28 -59.73
C GLY A 109 27.63 -12.96 -60.77
N GLY A 110 27.27 -12.83 -62.04
CA GLY A 110 28.01 -13.48 -63.09
C GLY A 110 28.51 -12.51 -64.13
N GLY A 111 27.59 -11.90 -64.87
CA GLY A 111 27.96 -10.97 -65.91
C GLY A 111 28.11 -11.67 -67.25
N PHE A 112 28.29 -10.88 -68.30
CA PHE A 112 28.44 -11.43 -69.65
C PHE A 112 29.85 -11.97 -69.82
N VAL A 113 29.98 -13.28 -69.81
CA VAL A 113 31.28 -13.92 -69.93
C VAL A 113 31.42 -14.66 -71.26
N PRO A 114 30.53 -15.63 -71.58
CA PRO A 114 30.61 -16.40 -72.83
C PRO A 114 30.52 -15.51 -74.07
N ASN A 115 31.48 -15.65 -74.97
CA ASN A 115 31.51 -14.88 -76.19
C ASN A 115 30.74 -15.60 -77.28
N LEU A 116 29.44 -15.41 -77.25
CA LEU A 116 28.54 -16.16 -78.12
C LEU A 116 28.31 -15.46 -79.44
N GLN A 117 29.31 -14.72 -79.87
CA GLN A 117 29.22 -13.97 -81.14
C GLN A 117 30.05 -14.66 -82.21
N GLY A 118 30.24 -13.97 -83.33
CA GLY A 118 31.13 -14.46 -84.35
C GLY A 118 30.43 -15.25 -85.43
N VAL A 119 29.12 -15.20 -85.40
CA VAL A 119 28.30 -15.97 -86.33
C VAL A 119 28.27 -15.34 -87.74
N PRO A 120 27.93 -14.04 -87.88
CA PRO A 120 27.76 -13.41 -89.20
C PRO A 120 29.07 -13.32 -90.00
N GLU A 121 28.94 -12.82 -91.23
CA GLU A 121 30.07 -12.63 -92.13
C GLU A 121 30.70 -13.96 -92.54
N SER A 122 30.30 -14.41 -93.71
CA SER A 122 30.80 -15.65 -94.25
C SER A 122 30.90 -15.58 -95.77
N PRO A 123 32.10 -15.29 -96.30
CA PRO A 123 32.32 -15.16 -97.72
C PRO A 123 32.71 -16.48 -98.36
N PHE A 124 32.61 -16.51 -99.67
CA PHE A 124 32.94 -17.71 -100.44
C PHE A 124 33.73 -17.32 -101.68
N SER A 125 33.03 -16.75 -102.66
CA SER A 125 33.65 -16.31 -103.90
C SER A 125 32.63 -15.61 -104.77
N ARG A 126 33.11 -14.87 -105.76
CA ARG A 126 32.23 -14.10 -106.61
C ARG A 126 32.89 -13.89 -107.98
N THR A 127 32.14 -14.17 -109.03
CA THR A 127 32.64 -14.04 -110.39
C THR A 127 31.48 -13.82 -111.35
N GLY A 128 31.45 -12.65 -111.97
CA GLY A 128 30.38 -12.35 -112.90
C GLY A 128 30.01 -10.88 -112.91
N GLU A 129 30.44 -10.19 -113.95
CA GLU A 129 30.14 -8.78 -114.10
C GLU A 129 29.73 -8.50 -115.54
N GLY A 130 30.64 -8.83 -116.44
CA GLY A 130 30.39 -8.65 -117.85
C GLY A 130 31.64 -8.21 -118.53
N LEU A 131 32.22 -9.10 -119.31
CA LEU A 131 33.47 -8.82 -119.97
C LEU A 131 33.27 -7.74 -121.03
N ASP A 132 32.37 -8.00 -121.95
CA ASP A 132 32.07 -7.09 -123.03
C ASP A 132 30.57 -6.82 -123.08
N ILE A 133 30.17 -5.57 -122.86
CA ILE A 133 28.78 -5.22 -122.78
C ILE A 133 28.50 -4.10 -123.73
N ARG A 134 28.74 -2.88 -123.30
CA ARG A 134 28.51 -1.72 -124.13
C ARG A 134 29.68 -0.75 -124.09
N GLY A 135 30.40 -0.74 -122.97
CA GLY A 135 31.42 0.26 -122.77
C GLY A 135 32.82 -0.22 -123.14
N ASN A 136 32.90 -1.29 -123.92
CA ASN A 136 34.20 -1.80 -124.35
C ASN A 136 34.61 -1.17 -125.67
N GLN A 137 33.63 -0.64 -126.40
CA GLN A 137 33.91 0.01 -127.67
C GLN A 137 33.54 1.49 -127.61
N GLY A 138 34.29 2.32 -128.30
CA GLY A 138 34.02 3.74 -128.35
C GLY A 138 34.02 4.26 -129.76
N PHE A 139 33.15 5.21 -130.05
CA PHE A 139 33.04 5.75 -131.40
C PHE A 139 33.70 7.13 -131.48
N PRO A 140 34.84 7.22 -132.19
CA PRO A 140 35.57 8.48 -132.35
C PRO A 140 34.82 9.48 -133.22
N GLY A 1 -75.04 20.56 87.79
CA GLY A 1 -76.05 21.50 87.26
C GLY A 1 -76.57 21.07 85.90
N PRO A 2 -77.15 22.00 85.13
CA PRO A 2 -77.73 21.68 83.83
C PRO A 2 -76.69 21.69 82.71
N LEU A 3 -75.46 22.05 83.04
CA LEU A 3 -74.40 22.12 82.04
C LEU A 3 -73.53 20.88 82.09
N GLY A 4 -72.56 20.80 81.19
CA GLY A 4 -71.66 19.67 81.15
C GLY A 4 -70.35 20.05 80.50
N SER A 5 -69.24 19.63 81.11
CA SER A 5 -67.92 19.95 80.61
C SER A 5 -67.54 19.01 79.47
N LYS A 6 -67.95 19.35 78.26
CA LYS A 6 -67.74 18.47 77.12
C LYS A 6 -66.90 19.14 76.04
N ASP A 7 -67.39 20.25 75.51
CA ASP A 7 -66.77 20.87 74.36
C ASP A 7 -66.59 22.36 74.59
N LYS A 8 -67.61 22.98 75.16
CA LYS A 8 -67.65 24.42 75.34
C LYS A 8 -66.88 24.84 76.60
N ASP A 9 -66.37 23.87 77.33
CA ASP A 9 -65.61 24.13 78.54
C ASP A 9 -64.12 24.08 78.27
N GLY A 10 -63.77 24.05 77.00
CA GLY A 10 -62.37 24.03 76.61
C GLY A 10 -62.22 24.31 75.13
N GLU A 11 -61.61 23.38 74.41
CA GLU A 11 -61.43 23.50 72.98
C GLU A 11 -61.39 22.11 72.42
N GLY A 12 -60.55 21.31 73.03
CA GLY A 12 -60.44 19.95 72.63
C GLY A 12 -59.02 19.53 72.36
N ALA A 13 -58.83 18.59 71.45
CA ALA A 13 -57.50 18.08 71.15
C ALA A 13 -57.20 18.17 69.66
N PRO A 14 -56.80 19.36 69.18
CA PRO A 14 -56.43 19.55 67.78
C PRO A 14 -55.09 18.86 67.46
N PRO A 15 -55.05 18.06 66.38
CA PRO A 15 -53.82 17.36 65.96
C PRO A 15 -52.71 18.29 65.52
N ALA A 16 -51.66 17.69 65.01
CA ALA A 16 -50.49 18.43 64.56
C ALA A 16 -49.58 17.53 63.72
N LYS A 17 -49.21 18.03 62.55
CA LYS A 17 -48.29 17.33 61.64
C LYS A 17 -49.02 16.21 60.95
N ARG A 18 -50.30 16.43 60.77
CA ARG A 18 -51.17 15.47 60.10
C ARG A 18 -51.47 15.97 58.68
N ALA A 19 -50.41 16.14 57.90
CA ALA A 19 -50.53 16.61 56.53
C ALA A 19 -49.47 15.96 55.66
N ARG A 20 -49.41 14.64 55.72
CA ARG A 20 -48.42 13.87 54.99
C ARG A 20 -48.69 13.92 53.49
N THR A 21 -47.62 13.97 52.71
CA THR A 21 -47.71 13.89 51.27
C THR A 21 -46.93 12.69 50.76
N ASP A 22 -45.66 12.63 51.12
CA ASP A 22 -44.79 11.48 50.85
C ASP A 22 -44.85 11.04 49.39
N GLN A 23 -44.35 11.88 48.50
CA GLN A 23 -44.26 11.53 47.10
C GLN A 23 -42.86 11.06 46.76
N MET A 24 -42.69 10.51 45.58
CA MET A 24 -41.38 10.07 45.11
C MET A 24 -41.31 10.11 43.59
N GLU A 25 -40.10 10.21 43.10
CA GLU A 25 -39.88 10.39 41.68
C GLU A 25 -38.86 9.38 41.15
N VAL A 26 -39.23 8.66 40.11
CA VAL A 26 -38.34 7.69 39.49
C VAL A 26 -38.10 8.06 38.03
N ASP A 27 -36.89 8.53 37.75
CA ASP A 27 -36.53 8.95 36.41
C ASP A 27 -35.09 8.56 36.09
N SER A 28 -34.91 7.59 35.22
CA SER A 28 -33.58 7.14 34.85
C SER A 28 -33.45 7.04 33.33
N GLY A 29 -32.48 7.75 32.79
CA GLY A 29 -32.25 7.72 31.36
C GLY A 29 -31.16 6.75 30.97
N PRO A 30 -31.19 6.19 29.76
CA PRO A 30 -30.19 5.23 29.29
C PRO A 30 -28.81 5.86 29.11
N GLY A 31 -27.79 5.01 29.08
CA GLY A 31 -26.43 5.47 28.91
C GLY A 31 -25.58 4.48 28.18
N LYS A 32 -25.35 4.74 26.92
CA LYS A 32 -24.54 3.86 26.12
C LYS A 32 -23.96 4.62 24.93
N ARG A 33 -22.65 4.80 24.92
CA ARG A 33 -22.00 5.52 23.83
C ARG A 33 -20.85 4.69 23.26
N PRO A 34 -20.97 4.27 21.98
CA PRO A 34 -19.92 3.50 21.32
C PRO A 34 -18.65 4.31 21.10
N LEU A 35 -17.50 3.68 21.23
CA LEU A 35 -16.24 4.37 21.06
C LEU A 35 -15.30 3.58 20.14
N ARG A 36 -15.75 2.41 19.70
CA ARG A 36 -14.92 1.56 18.85
C ARG A 36 -14.66 2.22 17.50
N GLY A 37 -13.39 2.43 17.20
CA GLY A 37 -13.03 3.09 15.96
C GLY A 37 -11.97 2.35 15.18
N GLY A 38 -10.82 3.00 14.98
CA GLY A 38 -9.78 2.44 14.14
C GLY A 38 -10.06 2.73 12.69
N PHE A 39 -11.07 2.09 12.15
CA PHE A 39 -11.56 2.35 10.81
C PHE A 39 -13.07 2.43 10.87
N THR A 40 -13.72 2.36 9.72
CA THR A 40 -15.16 2.25 9.70
C THR A 40 -15.58 0.80 9.88
N ASP A 41 -16.88 0.56 9.98
CA ASP A 41 -17.42 -0.79 10.08
C ASP A 41 -16.94 -1.66 8.91
N LYS A 42 -16.66 -0.98 7.80
CA LYS A 42 -16.26 -1.62 6.55
C LYS A 42 -15.07 -2.55 6.72
N GLU A 43 -14.09 -2.11 7.49
CA GLU A 43 -12.84 -2.86 7.64
C GLU A 43 -13.08 -4.08 8.51
N ARG A 44 -14.03 -3.92 9.39
CA ARG A 44 -14.39 -4.97 10.30
C ARG A 44 -15.16 -6.05 9.56
N GLN A 45 -16.14 -5.63 8.77
CA GLN A 45 -16.84 -6.52 7.87
C GLN A 45 -15.85 -7.20 6.94
N ASP A 46 -14.83 -6.43 6.57
CA ASP A 46 -13.78 -6.90 5.69
C ASP A 46 -13.11 -8.12 6.28
N HIS A 47 -12.75 -8.03 7.55
CA HIS A 47 -12.07 -9.12 8.23
C HIS A 47 -13.01 -10.27 8.56
N ARG A 48 -14.24 -9.95 8.94
CA ARG A 48 -15.22 -10.98 9.28
C ARG A 48 -15.51 -11.84 8.06
N ARG A 49 -15.72 -11.18 6.94
CA ARG A 49 -16.01 -11.85 5.68
C ARG A 49 -14.77 -12.56 5.16
N ARG A 50 -13.67 -11.86 5.20
CA ARG A 50 -12.36 -12.42 4.88
C ARG A 50 -12.13 -13.75 5.63
N LYS A 51 -12.20 -13.71 6.96
CA LYS A 51 -11.91 -14.88 7.78
C LYS A 51 -13.05 -15.87 7.69
N ALA A 52 -14.21 -15.39 7.29
CA ALA A 52 -15.33 -16.26 7.02
C ALA A 52 -14.94 -17.28 5.96
N LEU A 53 -14.32 -16.78 4.91
CA LEU A 53 -13.91 -17.61 3.82
C LEU A 53 -12.57 -18.26 3.99
N GLU A 54 -11.71 -17.71 4.82
CA GLU A 54 -10.51 -18.44 5.16
C GLU A 54 -10.94 -19.72 5.87
N ASN A 55 -12.01 -19.58 6.64
CA ASN A 55 -12.69 -20.71 7.24
C ASN A 55 -13.30 -21.58 6.16
N LYS A 56 -14.01 -20.96 5.21
CA LYS A 56 -14.66 -21.71 4.17
C LYS A 56 -13.65 -22.51 3.38
N LYS A 57 -12.66 -21.84 2.79
CA LYS A 57 -11.57 -22.52 2.09
C LYS A 57 -11.10 -23.74 2.85
N LYS A 58 -10.70 -23.52 4.10
CA LYS A 58 -10.22 -24.60 4.96
C LYS A 58 -11.19 -25.78 5.00
N GLN A 59 -12.40 -25.53 5.51
CA GLN A 59 -13.37 -26.59 5.69
C GLN A 59 -13.83 -27.20 4.37
N LEU A 60 -14.22 -26.34 3.44
CA LEU A 60 -14.75 -26.77 2.15
C LEU A 60 -13.72 -27.61 1.40
N SER A 61 -12.54 -27.05 1.18
CA SER A 61 -11.50 -27.74 0.42
C SER A 61 -11.15 -29.06 1.08
N ALA A 62 -11.05 -29.03 2.40
CA ALA A 62 -10.74 -30.22 3.17
C ALA A 62 -11.83 -31.29 3.01
N GLY A 63 -13.06 -30.85 2.78
CA GLY A 63 -14.17 -31.77 2.59
C GLY A 63 -14.52 -31.97 1.12
N GLY A 64 -13.68 -31.44 0.23
CA GLY A 64 -13.88 -31.60 -1.19
C GLY A 64 -15.01 -30.73 -1.73
N LYS A 65 -15.29 -29.65 -1.01
CA LYS A 65 -16.28 -28.69 -1.41
C LYS A 65 -15.62 -27.47 -2.00
N ASN A 66 -16.44 -26.51 -2.38
CA ASN A 66 -15.98 -25.44 -3.24
C ASN A 66 -16.70 -24.13 -2.96
N LEU A 67 -16.01 -23.03 -3.19
CA LEU A 67 -16.56 -21.70 -3.01
C LEU A 67 -17.19 -21.21 -4.30
N SER A 68 -18.08 -20.24 -4.19
CA SER A 68 -18.67 -19.63 -5.34
C SER A 68 -17.79 -18.51 -5.84
N LYS A 69 -18.00 -18.07 -7.06
CA LYS A 69 -17.20 -17.01 -7.64
C LYS A 69 -17.29 -15.77 -6.78
N GLU A 70 -18.50 -15.50 -6.32
CA GLU A 70 -18.81 -14.28 -5.61
C GLU A 70 -17.95 -14.09 -4.37
N GLU A 71 -18.06 -15.01 -3.41
CA GLU A 71 -17.45 -14.78 -2.11
C GLU A 71 -15.95 -14.99 -2.17
N GLU A 72 -15.54 -15.83 -3.10
CA GLU A 72 -14.13 -16.12 -3.27
C GLU A 72 -13.45 -14.85 -3.74
N GLU A 73 -13.99 -14.24 -4.79
CA GLU A 73 -13.45 -13.02 -5.36
C GLU A 73 -13.36 -11.90 -4.32
N GLU A 74 -14.46 -11.65 -3.62
CA GLU A 74 -14.49 -10.53 -2.68
C GLU A 74 -13.40 -10.65 -1.63
N LEU A 75 -13.37 -11.74 -0.89
CA LEU A 75 -12.43 -11.84 0.21
C LEU A 75 -11.02 -12.13 -0.27
N ARG A 76 -10.90 -12.69 -1.46
CA ARG A 76 -9.62 -12.93 -2.06
C ARG A 76 -8.93 -11.60 -2.32
N ARG A 77 -9.69 -10.67 -2.86
CA ARG A 77 -9.23 -9.31 -3.03
C ARG A 77 -8.96 -8.67 -1.69
N LEU A 78 -9.91 -8.84 -0.76
CA LEU A 78 -9.75 -8.36 0.62
C LEU A 78 -8.40 -8.81 1.17
N THR A 79 -7.98 -10.00 0.76
CA THR A 79 -6.77 -10.59 1.25
C THR A 79 -5.58 -9.88 0.65
N GLU A 80 -5.64 -9.73 -0.68
CA GLU A 80 -4.57 -9.15 -1.44
C GLU A 80 -4.28 -7.73 -0.97
N GLU A 81 -5.32 -6.93 -0.90
CA GLU A 81 -5.20 -5.53 -0.57
C GLU A 81 -4.81 -5.34 0.88
N ASP A 82 -5.42 -6.15 1.74
CA ASP A 82 -5.13 -6.09 3.18
C ASP A 82 -3.63 -6.28 3.44
N GLU A 83 -3.08 -7.36 2.87
CA GLU A 83 -1.69 -7.69 3.12
C GLU A 83 -0.73 -6.66 2.52
N ARG A 84 -0.97 -6.21 1.29
CA ARG A 84 -0.05 -5.25 0.67
C ARG A 84 -0.01 -3.96 1.47
N ARG A 85 -1.18 -3.47 1.82
CA ARG A 85 -1.32 -2.23 2.57
C ARG A 85 -0.63 -2.28 3.92
N GLU A 86 -0.77 -3.41 4.59
CA GLU A 86 -0.21 -3.57 5.92
C GLU A 86 1.29 -3.33 5.92
N ARG A 87 1.95 -3.83 4.88
CA ARG A 87 3.39 -3.64 4.73
C ARG A 87 3.67 -2.31 4.09
N ARG A 88 2.71 -1.97 3.25
CA ARG A 88 2.65 -0.70 2.49
C ARG A 88 3.28 -0.87 1.13
N VAL A 89 3.18 -2.08 0.64
CA VAL A 89 3.66 -2.51 -0.68
C VAL A 89 5.10 -2.06 -0.95
N ALA A 90 5.85 -1.89 0.16
CA ALA A 90 7.25 -1.47 0.13
C ALA A 90 7.42 -0.09 -0.50
N GLY A 91 7.48 -0.06 -1.81
CA GLY A 91 7.66 1.17 -2.54
C GLY A 91 7.87 0.90 -4.01
N PRO A 92 8.73 1.67 -4.68
CA PRO A 92 9.00 1.50 -6.10
C PRO A 92 9.93 0.31 -6.37
N PRO A 93 9.60 -0.53 -7.37
CA PRO A 93 10.45 -1.66 -7.77
C PRO A 93 11.72 -1.21 -8.49
N VAL A 94 12.55 -0.46 -7.78
CA VAL A 94 13.80 0.04 -8.34
C VAL A 94 14.87 -1.04 -8.30
N GLY A 95 15.40 -1.40 -9.46
CA GLY A 95 16.45 -2.39 -9.54
C GLY A 95 16.86 -2.62 -10.96
N GLY A 96 16.96 -1.53 -11.71
CA GLY A 96 17.25 -1.62 -13.12
C GLY A 96 18.73 -1.65 -13.42
N VAL A 97 19.06 -1.53 -14.68
CA VAL A 97 20.43 -1.49 -15.12
C VAL A 97 20.86 -0.05 -15.38
N ASN A 98 21.40 0.57 -14.35
CA ASN A 98 21.82 1.97 -14.44
C ASN A 98 23.04 2.12 -15.34
N PRO A 99 22.98 3.07 -16.30
CA PRO A 99 24.10 3.36 -17.21
C PRO A 99 25.37 3.71 -16.45
N LEU A 100 26.39 2.87 -16.57
CA LEU A 100 27.62 3.05 -15.85
C LEU A 100 28.74 2.42 -16.62
N GLU A 101 29.78 3.17 -16.84
CA GLU A 101 30.95 2.65 -17.51
C GLU A 101 32.03 2.29 -16.52
N GLY A 102 33.00 1.54 -17.00
CA GLY A 102 34.14 1.22 -16.20
C GLY A 102 35.18 0.43 -16.96
N GLY A 103 35.45 0.89 -18.17
CA GLY A 103 36.42 0.23 -19.03
C GLY A 103 37.10 1.23 -19.93
N SER A 104 37.51 2.35 -19.36
CA SER A 104 38.16 3.40 -20.13
C SER A 104 39.59 3.03 -20.45
N ARG A 105 39.80 2.70 -21.70
CA ARG A 105 41.09 2.24 -22.16
C ARG A 105 41.72 3.27 -23.08
N GLY A 106 42.85 2.91 -23.66
CA GLY A 106 43.52 3.77 -24.60
C GLY A 106 44.54 3.02 -25.43
N ALA A 107 44.31 2.97 -26.74
CA ALA A 107 45.20 2.24 -27.63
C ALA A 107 45.04 2.70 -29.08
N PRO A 108 43.84 2.61 -29.68
CA PRO A 108 43.68 2.95 -31.09
C PRO A 108 43.73 4.46 -31.33
N GLY A 109 44.93 4.96 -31.56
CA GLY A 109 45.14 6.38 -31.73
C GLY A 109 45.88 6.95 -30.55
N GLY A 110 46.21 6.10 -29.60
CA GLY A 110 46.91 6.53 -28.40
C GLY A 110 48.22 5.78 -28.22
N GLY A 111 48.50 4.87 -29.13
CA GLY A 111 49.74 4.10 -29.05
C GLY A 111 50.54 4.21 -30.33
N PHE A 112 50.53 5.40 -30.91
CA PHE A 112 51.20 5.64 -32.18
C PHE A 112 51.74 7.06 -32.23
N VAL A 113 52.95 7.21 -32.73
CA VAL A 113 53.56 8.51 -32.88
C VAL A 113 53.86 8.80 -34.34
N PRO A 114 53.52 10.00 -34.82
CA PRO A 114 53.89 10.46 -36.14
C PRO A 114 55.13 11.35 -36.12
N ASN A 115 56.25 10.79 -35.73
CA ASN A 115 57.48 11.56 -35.57
C ASN A 115 58.35 11.41 -36.80
N LEU A 116 58.18 10.29 -37.49
CA LEU A 116 58.93 10.03 -38.71
C LEU A 116 58.31 10.79 -39.88
N GLN A 117 57.03 11.12 -39.72
CA GLN A 117 56.26 11.85 -40.73
C GLN A 117 56.03 11.02 -41.98
N GLY A 118 55.32 11.59 -42.92
CA GLY A 118 55.10 10.93 -44.19
C GLY A 118 54.01 9.88 -44.11
N VAL A 119 53.18 9.83 -45.14
CA VAL A 119 52.08 8.88 -45.18
C VAL A 119 52.52 7.49 -45.67
N PRO A 120 53.30 7.41 -46.78
CA PRO A 120 53.79 6.12 -47.30
C PRO A 120 54.45 5.25 -46.22
N GLU A 121 54.32 3.94 -46.39
CA GLU A 121 54.96 3.01 -45.49
C GLU A 121 55.87 2.09 -46.29
N SER A 122 56.28 0.96 -45.69
CA SER A 122 57.20 0.04 -46.33
C SER A 122 56.76 -0.37 -47.75
N PRO A 123 55.49 -0.82 -47.95
CA PRO A 123 55.00 -1.17 -49.29
C PRO A 123 54.97 0.04 -50.23
N PHE A 124 54.78 1.22 -49.64
CA PHE A 124 54.74 2.49 -50.37
C PHE A 124 53.43 2.64 -51.15
N SER A 125 52.82 1.52 -51.47
CA SER A 125 51.58 1.50 -52.22
C SER A 125 50.41 1.38 -51.27
N ARG A 126 49.19 1.41 -51.80
CA ARG A 126 48.02 1.44 -50.95
C ARG A 126 46.85 0.67 -51.58
N THR A 127 47.16 -0.20 -52.53
CA THR A 127 46.13 -0.99 -53.18
C THR A 127 46.67 -2.35 -53.63
N GLY A 128 47.41 -2.37 -54.74
CA GLY A 128 47.83 -3.62 -55.35
C GLY A 128 48.71 -4.46 -54.45
N GLU A 129 49.81 -3.90 -53.97
CA GLU A 129 50.72 -4.61 -53.11
C GLU A 129 50.92 -3.85 -51.82
N GLY A 130 49.95 -3.05 -51.47
CA GLY A 130 50.14 -2.16 -50.37
C GLY A 130 49.00 -2.24 -49.40
N LEU A 131 48.25 -3.31 -49.53
CA LEU A 131 47.07 -3.56 -48.74
C LEU A 131 45.95 -2.60 -49.14
N ASP A 132 44.73 -3.13 -49.24
CA ASP A 132 43.60 -2.30 -49.62
C ASP A 132 43.11 -1.46 -48.46
N ILE A 133 43.74 -0.32 -48.29
CA ILE A 133 43.40 0.59 -47.23
C ILE A 133 42.53 1.70 -47.77
N ARG A 134 42.82 2.11 -49.00
CA ARG A 134 42.01 3.08 -49.73
C ARG A 134 42.19 4.46 -49.15
N GLY A 135 41.66 4.61 -47.95
CA GLY A 135 41.69 5.86 -47.29
C GLY A 135 40.60 5.95 -46.24
N ASN A 136 40.42 7.16 -45.70
CA ASN A 136 39.38 7.44 -44.70
C ASN A 136 39.62 6.62 -43.43
N GLN A 137 40.87 6.17 -43.24
CA GLN A 137 41.26 5.36 -42.08
C GLN A 137 40.65 3.95 -42.16
N GLY A 138 41.37 2.97 -41.66
CA GLY A 138 40.88 1.61 -41.63
C GLY A 138 40.28 1.27 -40.29
N PHE A 139 39.14 0.57 -40.31
CA PHE A 139 38.45 0.22 -39.07
C PHE A 139 38.21 -1.28 -38.98
N PRO A 140 39.15 -2.01 -38.38
CA PRO A 140 39.03 -3.47 -38.19
C PRO A 140 37.86 -3.83 -37.29
N GLY A 1 6.37 33.66 48.67
CA GLY A 1 6.29 32.38 47.93
C GLY A 1 6.39 31.19 48.86
N PRO A 2 6.51 29.97 48.32
CA PRO A 2 6.59 28.75 49.11
C PRO A 2 8.00 28.42 49.55
N LEU A 3 8.65 29.36 50.22
CA LEU A 3 10.00 29.11 50.70
C LEU A 3 10.05 29.20 52.22
N GLY A 4 11.21 28.87 52.78
CA GLY A 4 11.36 28.85 54.22
C GLY A 4 12.26 27.72 54.67
N SER A 5 11.67 26.67 55.23
CA SER A 5 12.42 25.48 55.58
C SER A 5 12.82 24.74 54.31
N LYS A 6 11.84 24.15 53.64
CA LYS A 6 12.03 23.48 52.35
C LYS A 6 12.94 22.26 52.46
N ASP A 7 12.86 21.40 51.46
CA ASP A 7 13.69 20.21 51.38
C ASP A 7 14.40 20.16 50.04
N LYS A 8 14.82 21.33 49.58
CA LYS A 8 15.45 21.45 48.27
C LYS A 8 16.81 20.76 48.28
N ASP A 9 17.44 20.76 49.44
CA ASP A 9 18.76 20.16 49.61
C ASP A 9 18.65 18.64 49.70
N GLY A 10 17.50 18.11 49.31
CA GLY A 10 17.30 16.68 49.27
C GLY A 10 16.42 16.31 48.10
N GLU A 11 16.37 17.19 47.12
CA GLU A 11 15.51 17.04 45.96
C GLU A 11 16.24 17.52 44.75
N GLY A 12 16.68 18.75 44.86
CA GLY A 12 17.39 19.39 43.79
C GLY A 12 16.46 19.81 42.68
N ALA A 13 16.94 19.77 41.45
CA ALA A 13 16.12 20.15 40.31
C ALA A 13 16.48 19.37 39.04
N PRO A 14 17.77 19.35 38.62
CA PRO A 14 18.19 18.68 37.39
C PRO A 14 18.42 17.19 37.59
N PRO A 15 17.59 16.35 36.94
CA PRO A 15 17.73 14.88 36.98
C PRO A 15 19.03 14.38 36.35
N ALA A 16 19.05 13.09 36.03
CA ALA A 16 20.21 12.49 35.41
C ALA A 16 19.81 11.50 34.32
N LYS A 17 20.38 11.70 33.13
CA LYS A 17 20.20 10.81 31.98
C LYS A 17 18.84 11.07 31.34
N ARG A 18 18.29 12.22 31.67
CA ARG A 18 16.99 12.66 31.17
C ARG A 18 15.87 11.73 31.59
N ALA A 19 15.70 10.65 30.84
CA ALA A 19 14.60 9.70 31.05
C ALA A 19 14.76 8.51 30.11
N ARG A 20 15.07 8.79 28.86
CA ARG A 20 15.28 7.76 27.86
C ARG A 20 16.27 8.22 26.81
N THR A 21 17.01 7.28 26.25
CA THR A 21 18.04 7.59 25.27
C THR A 21 17.60 7.21 23.86
N ASP A 22 16.90 6.09 23.75
CA ASP A 22 16.46 5.58 22.46
C ASP A 22 15.03 6.00 22.19
N GLN A 23 14.85 6.77 21.12
CA GLN A 23 13.55 7.34 20.79
C GLN A 23 13.15 7.06 19.35
N MET A 24 13.98 6.33 18.62
CA MET A 24 13.74 6.14 17.21
C MET A 24 12.60 5.19 16.97
N GLU A 25 11.90 5.39 15.85
CA GLU A 25 10.70 4.65 15.57
C GLU A 25 10.40 4.71 14.07
N VAL A 26 11.08 3.88 13.30
CA VAL A 26 10.88 3.87 11.86
C VAL A 26 9.87 2.79 11.48
N ASP A 27 10.37 1.62 11.17
CA ASP A 27 9.56 0.49 10.74
C ASP A 27 8.57 0.92 9.67
N SER A 28 9.09 1.37 8.55
CA SER A 28 8.25 1.88 7.48
C SER A 28 8.23 0.92 6.30
N GLY A 29 7.08 0.79 5.67
CA GLY A 29 6.96 -0.07 4.52
C GLY A 29 6.49 0.70 3.29
N PRO A 30 6.61 0.11 2.09
CA PRO A 30 6.13 0.72 0.86
C PRO A 30 4.61 0.70 0.76
N GLY A 31 4.07 1.54 -0.09
CA GLY A 31 2.63 1.59 -0.28
C GLY A 31 2.17 2.94 -0.71
N LYS A 32 2.02 3.12 -2.01
CA LYS A 32 1.53 4.36 -2.53
C LYS A 32 1.14 4.22 -4.01
N ARG A 33 -0.02 3.62 -4.23
CA ARG A 33 -0.56 3.47 -5.56
C ARG A 33 -2.05 3.82 -5.54
N PRO A 34 -2.51 4.70 -6.44
CA PRO A 34 -3.92 5.07 -6.55
C PRO A 34 -4.77 3.95 -7.14
N LEU A 35 -4.81 2.82 -6.47
CA LEU A 35 -5.58 1.69 -6.96
C LEU A 35 -6.85 1.53 -6.14
N ARG A 36 -6.78 1.92 -4.88
CA ARG A 36 -7.89 1.78 -3.95
C ARG A 36 -7.70 2.78 -2.83
N GLY A 37 -8.79 3.19 -2.18
CA GLY A 37 -8.70 4.14 -1.10
C GLY A 37 -9.02 3.53 0.24
N GLY A 38 -9.23 4.38 1.24
CA GLY A 38 -9.62 3.91 2.55
C GLY A 38 -11.12 3.96 2.73
N PHE A 39 -11.65 3.14 3.62
CA PHE A 39 -13.10 3.03 3.77
C PHE A 39 -13.53 2.95 5.23
N THR A 40 -14.84 2.86 5.42
CA THR A 40 -15.46 2.89 6.73
C THR A 40 -15.24 1.59 7.50
N ASP A 41 -15.77 1.56 8.73
CA ASP A 41 -15.68 0.40 9.62
C ASP A 41 -16.08 -0.89 8.92
N LYS A 42 -16.89 -0.77 7.88
CA LYS A 42 -17.35 -1.92 7.11
C LYS A 42 -16.17 -2.76 6.62
N GLU A 43 -15.04 -2.13 6.37
CA GLU A 43 -13.86 -2.83 5.87
C GLU A 43 -13.35 -3.80 6.92
N ARG A 44 -13.57 -3.44 8.16
CA ARG A 44 -13.14 -4.24 9.29
C ARG A 44 -14.05 -5.46 9.47
N GLN A 45 -15.34 -5.24 9.29
CA GLN A 45 -16.30 -6.33 9.24
C GLN A 45 -16.01 -7.19 8.02
N ASP A 46 -15.50 -6.54 6.99
CA ASP A 46 -15.00 -7.18 5.79
C ASP A 46 -13.83 -8.09 6.12
N HIS A 47 -12.99 -7.67 7.07
CA HIS A 47 -11.91 -8.51 7.57
C HIS A 47 -12.46 -9.73 8.29
N ARG A 48 -13.55 -9.54 9.02
CA ARG A 48 -14.23 -10.66 9.68
C ARG A 48 -14.78 -11.62 8.63
N ARG A 49 -15.25 -11.06 7.53
CA ARG A 49 -15.75 -11.84 6.41
C ARG A 49 -14.62 -12.61 5.78
N ARG A 50 -13.52 -11.93 5.61
CA ARG A 50 -12.29 -12.54 5.16
C ARG A 50 -12.02 -13.84 5.91
N LYS A 51 -11.98 -13.76 7.24
CA LYS A 51 -11.69 -14.91 8.09
C LYS A 51 -12.85 -15.89 8.09
N ALA A 52 -14.05 -15.36 7.92
CA ALA A 52 -15.23 -16.20 7.81
C ALA A 52 -15.08 -17.15 6.63
N LEU A 53 -14.64 -16.58 5.52
CA LEU A 53 -14.43 -17.30 4.32
C LEU A 53 -13.17 -18.12 4.36
N GLU A 54 -12.19 -17.71 5.16
CA GLU A 54 -11.00 -18.52 5.33
C GLU A 54 -11.37 -19.79 6.06
N ASN A 55 -12.36 -19.70 6.93
CA ASN A 55 -12.96 -20.87 7.55
C ASN A 55 -13.59 -21.72 6.46
N LYS A 56 -14.32 -21.05 5.56
CA LYS A 56 -14.89 -21.71 4.42
C LYS A 56 -13.80 -22.46 3.65
N LYS A 57 -12.81 -21.72 3.17
CA LYS A 57 -11.71 -22.29 2.41
C LYS A 57 -11.13 -23.52 3.09
N LYS A 58 -10.93 -23.41 4.39
CA LYS A 58 -10.45 -24.53 5.20
C LYS A 58 -11.37 -25.74 5.10
N GLN A 59 -12.60 -25.57 5.56
CA GLN A 59 -13.59 -26.63 5.60
C GLN A 59 -13.93 -27.16 4.22
N LEU A 60 -14.26 -26.25 3.33
CA LEU A 60 -14.72 -26.59 1.99
C LEU A 60 -13.67 -27.40 1.23
N SER A 61 -12.47 -26.84 1.08
CA SER A 61 -11.42 -27.49 0.35
C SER A 61 -11.03 -28.82 1.00
N ALA A 62 -11.05 -28.84 2.33
CA ALA A 62 -10.74 -30.05 3.08
C ALA A 62 -11.81 -31.13 2.87
N GLY A 63 -13.06 -30.69 2.69
CA GLY A 63 -14.15 -31.61 2.46
C GLY A 63 -14.36 -31.92 1.00
N GLY A 64 -13.61 -31.23 0.14
CA GLY A 64 -13.71 -31.45 -1.28
C GLY A 64 -14.75 -30.58 -1.95
N LYS A 65 -15.20 -29.55 -1.25
CA LYS A 65 -16.17 -28.62 -1.78
C LYS A 65 -15.50 -27.47 -2.51
N ASN A 66 -16.29 -26.71 -3.23
CA ASN A 66 -15.79 -25.59 -4.02
C ASN A 66 -16.55 -24.32 -3.67
N LEU A 67 -15.86 -23.18 -3.73
CA LEU A 67 -16.48 -21.91 -3.44
C LEU A 67 -17.02 -21.27 -4.71
N SER A 68 -17.90 -20.29 -4.56
CA SER A 68 -18.47 -19.61 -5.69
C SER A 68 -17.59 -18.41 -6.04
N LYS A 69 -17.76 -17.87 -7.22
CA LYS A 69 -17.03 -16.69 -7.61
C LYS A 69 -17.34 -15.57 -6.65
N GLU A 70 -18.60 -15.47 -6.32
CA GLU A 70 -19.09 -14.46 -5.40
C GLU A 70 -18.19 -14.39 -4.16
N GLU A 71 -18.19 -15.52 -3.46
CA GLU A 71 -17.48 -15.73 -2.25
C GLU A 71 -15.97 -15.56 -2.43
N GLU A 72 -15.44 -16.30 -3.39
CA GLU A 72 -14.01 -16.39 -3.60
C GLU A 72 -13.43 -15.05 -4.07
N GLU A 73 -14.18 -14.37 -4.93
CA GLU A 73 -13.76 -13.08 -5.48
C GLU A 73 -13.69 -12.01 -4.41
N GLU A 74 -14.74 -11.92 -3.57
CA GLU A 74 -14.70 -10.91 -2.52
C GLU A 74 -13.50 -11.11 -1.64
N LEU A 75 -13.20 -12.35 -1.30
CA LEU A 75 -12.09 -12.59 -0.41
C LEU A 75 -10.74 -12.35 -1.04
N ARG A 76 -10.59 -12.80 -2.26
CA ARG A 76 -9.37 -12.57 -2.98
C ARG A 76 -9.00 -11.09 -2.96
N ARG A 77 -9.98 -10.28 -3.30
CA ARG A 77 -9.86 -8.84 -3.21
C ARG A 77 -9.59 -8.40 -1.77
N LEU A 78 -10.35 -8.97 -0.84
CA LEU A 78 -10.20 -8.66 0.58
C LEU A 78 -8.80 -8.99 1.10
N THR A 79 -8.13 -9.88 0.39
CA THR A 79 -6.82 -10.31 0.79
C THR A 79 -5.81 -9.30 0.28
N GLU A 80 -6.05 -8.87 -0.94
CA GLU A 80 -5.29 -7.81 -1.55
C GLU A 80 -5.40 -6.55 -0.70
N GLU A 81 -6.64 -6.25 -0.33
CA GLU A 81 -6.95 -5.12 0.54
C GLU A 81 -6.27 -5.27 1.88
N ASP A 82 -6.32 -6.47 2.43
CA ASP A 82 -5.75 -6.73 3.74
C ASP A 82 -4.27 -6.37 3.77
N GLU A 83 -3.52 -6.83 2.77
CA GLU A 83 -2.09 -6.62 2.75
C GLU A 83 -1.72 -5.17 2.44
N ARG A 84 -2.46 -4.49 1.56
CA ARG A 84 -2.12 -3.09 1.23
C ARG A 84 -2.34 -2.21 2.44
N ARG A 85 -3.41 -2.50 3.15
CA ARG A 85 -3.71 -1.83 4.40
C ARG A 85 -2.70 -2.17 5.49
N GLU A 86 -2.44 -3.46 5.65
CA GLU A 86 -1.64 -3.97 6.75
C GLU A 86 -0.21 -3.42 6.73
N ARG A 87 0.38 -3.35 5.53
CA ARG A 87 1.77 -2.94 5.41
C ARG A 87 1.96 -1.50 5.86
N ARG A 88 0.96 -0.70 5.55
CA ARG A 88 0.84 0.66 6.00
C ARG A 88 -0.44 1.24 5.47
N VAL A 89 -0.50 1.27 4.16
CA VAL A 89 -1.56 1.88 3.43
C VAL A 89 -1.11 2.03 1.99
N ALA A 90 -2.05 2.09 1.06
CA ALA A 90 -1.71 2.19 -0.36
C ALA A 90 -2.87 2.76 -1.16
N GLY A 91 -2.91 4.08 -1.28
CA GLY A 91 -3.94 4.70 -2.09
C GLY A 91 -4.79 5.67 -1.29
N PRO A 92 -4.59 6.99 -1.50
CA PRO A 92 -5.41 8.02 -0.89
C PRO A 92 -6.74 8.20 -1.63
N PRO A 93 -7.86 8.09 -0.92
CA PRO A 93 -9.19 8.27 -1.52
C PRO A 93 -9.53 9.73 -1.75
N VAL A 94 -10.57 9.96 -2.53
CA VAL A 94 -11.02 11.32 -2.82
C VAL A 94 -12.48 11.29 -3.28
N GLY A 95 -13.21 12.35 -2.98
CA GLY A 95 -14.59 12.45 -3.38
C GLY A 95 -15.09 13.85 -3.20
N GLY A 96 -14.22 14.80 -3.49
CA GLY A 96 -14.52 16.19 -3.27
C GLY A 96 -15.53 16.72 -4.25
N VAL A 97 -15.19 16.65 -5.54
CA VAL A 97 -16.05 17.15 -6.60
C VAL A 97 -16.22 18.67 -6.49
N ASN A 98 -15.38 19.40 -7.20
CA ASN A 98 -15.38 20.85 -7.13
C ASN A 98 -15.72 21.46 -8.48
N PRO A 99 -16.95 21.94 -8.66
CA PRO A 99 -17.40 22.56 -9.89
C PRO A 99 -17.04 24.05 -9.97
N LEU A 100 -16.09 24.38 -10.83
CA LEU A 100 -15.71 25.77 -11.05
C LEU A 100 -16.65 26.41 -12.07
N GLU A 101 -16.59 25.90 -13.30
CA GLU A 101 -17.45 26.35 -14.39
C GLU A 101 -17.04 27.71 -14.91
N GLY A 102 -17.66 28.10 -16.01
CA GLY A 102 -17.43 29.40 -16.54
C GLY A 102 -17.96 29.54 -17.96
N GLY A 103 -19.28 29.59 -18.08
CA GLY A 103 -19.89 29.71 -19.39
C GLY A 103 -21.28 30.31 -19.32
N SER A 104 -21.41 31.44 -18.65
CA SER A 104 -22.68 32.12 -18.52
C SER A 104 -22.79 33.25 -19.55
N ARG A 105 -22.99 32.86 -20.80
CA ARG A 105 -23.19 33.81 -21.89
C ARG A 105 -21.97 34.69 -22.13
N GLY A 106 -22.11 35.70 -22.98
CA GLY A 106 -21.02 36.61 -23.22
C GLY A 106 -20.70 36.74 -24.69
N ALA A 107 -21.62 37.30 -25.45
CA ALA A 107 -21.43 37.49 -26.88
C ALA A 107 -21.10 38.95 -27.19
N PRO A 108 -19.85 39.23 -27.59
CA PRO A 108 -19.41 40.58 -27.92
C PRO A 108 -20.01 41.08 -29.25
N GLY A 109 -20.06 42.38 -29.40
CA GLY A 109 -20.63 42.96 -30.59
C GLY A 109 -21.22 44.33 -30.32
N GLY A 110 -22.02 44.83 -31.24
CA GLY A 110 -22.66 46.11 -31.04
C GLY A 110 -24.16 46.03 -31.16
N GLY A 111 -24.63 45.32 -32.16
CA GLY A 111 -26.06 45.16 -32.34
C GLY A 111 -26.58 46.01 -33.48
N PHE A 112 -27.84 45.79 -33.83
CA PHE A 112 -28.46 46.52 -34.94
C PHE A 112 -29.70 47.25 -34.44
N VAL A 113 -29.60 48.56 -34.35
CA VAL A 113 -30.72 49.39 -33.91
C VAL A 113 -31.20 50.33 -35.01
N PRO A 114 -30.33 51.20 -35.58
CA PRO A 114 -30.75 52.15 -36.60
C PRO A 114 -31.04 51.46 -37.94
N ASN A 115 -31.92 52.06 -38.72
CA ASN A 115 -32.36 51.46 -39.98
C ASN A 115 -32.08 52.42 -41.11
N LEU A 116 -31.89 51.89 -42.30
CA LEU A 116 -31.62 52.70 -43.48
C LEU A 116 -32.58 52.32 -44.59
N GLN A 117 -33.82 52.08 -44.23
CA GLN A 117 -34.82 51.63 -45.18
C GLN A 117 -35.66 52.78 -45.70
N GLY A 118 -36.64 52.44 -46.52
CA GLY A 118 -37.59 53.42 -46.99
C GLY A 118 -37.23 53.99 -48.34
N VAL A 119 -38.20 54.02 -49.23
CA VAL A 119 -38.00 54.52 -50.59
C VAL A 119 -38.26 56.03 -50.71
N PRO A 120 -39.43 56.55 -50.24
CA PRO A 120 -39.86 57.94 -50.41
C PRO A 120 -38.74 58.97 -50.53
N GLU A 121 -38.67 59.60 -51.70
CA GLU A 121 -37.73 60.67 -51.95
C GLU A 121 -38.39 61.74 -52.81
N SER A 122 -39.52 62.23 -52.35
CA SER A 122 -40.28 63.24 -53.07
C SER A 122 -40.55 64.51 -52.23
N PRO A 123 -41.01 64.41 -50.96
CA PRO A 123 -41.44 65.59 -50.20
C PRO A 123 -40.31 66.53 -49.82
N PHE A 124 -39.08 66.17 -50.17
CA PHE A 124 -37.92 66.98 -49.84
C PHE A 124 -37.02 67.16 -51.06
N SER A 125 -37.59 66.92 -52.23
CA SER A 125 -36.82 66.96 -53.46
C SER A 125 -37.72 67.25 -54.65
N ARG A 126 -37.09 67.49 -55.80
CA ARG A 126 -37.83 67.88 -56.98
C ARG A 126 -36.93 67.87 -58.22
N THR A 127 -35.69 67.41 -58.05
CA THR A 127 -34.72 67.32 -59.15
C THR A 127 -34.25 68.72 -59.57
N GLY A 128 -33.01 68.81 -60.04
CA GLY A 128 -32.46 70.09 -60.48
C GLY A 128 -32.91 70.46 -61.88
N GLU A 129 -34.04 69.90 -62.29
CA GLU A 129 -34.62 70.18 -63.61
C GLU A 129 -36.13 70.28 -63.45
N GLY A 130 -36.69 69.19 -62.99
CA GLY A 130 -38.11 69.06 -62.80
C GLY A 130 -38.46 67.60 -62.83
N LEU A 131 -39.19 67.16 -61.83
CA LEU A 131 -39.47 65.74 -61.68
C LEU A 131 -40.25 65.24 -62.89
N ASP A 132 -41.39 65.85 -63.14
CA ASP A 132 -42.23 65.49 -64.27
C ASP A 132 -42.44 66.70 -65.18
N ILE A 133 -42.28 66.49 -66.47
CA ILE A 133 -42.40 67.57 -67.44
C ILE A 133 -43.31 67.13 -68.57
N ARG A 134 -42.85 66.15 -69.32
CA ARG A 134 -43.58 65.60 -70.43
C ARG A 134 -43.29 64.14 -70.58
N GLY A 135 -42.00 63.84 -70.67
CA GLY A 135 -41.57 62.51 -70.97
C GLY A 135 -41.61 61.60 -69.74
N ASN A 136 -42.80 61.35 -69.23
CA ASN A 136 -42.97 60.49 -68.07
C ASN A 136 -43.39 59.09 -68.51
N GLN A 137 -43.12 58.78 -69.77
CA GLN A 137 -43.46 57.50 -70.36
C GLN A 137 -44.98 57.32 -70.36
N GLY A 138 -45.67 58.24 -71.04
CA GLY A 138 -47.10 58.16 -71.12
C GLY A 138 -47.56 57.20 -72.20
N PHE A 139 -46.64 56.82 -73.07
CA PHE A 139 -46.95 55.88 -74.14
C PHE A 139 -46.61 54.47 -73.68
N PRO A 140 -47.59 53.56 -73.75
CA PRO A 140 -47.39 52.15 -73.35
C PRO A 140 -46.43 51.41 -74.27
N GLY A 1 38.89 3.51 73.50
CA GLY A 1 38.55 4.19 72.23
C GLY A 1 37.19 4.87 72.30
N PRO A 2 36.70 5.39 71.16
CA PRO A 2 35.44 6.13 71.10
C PRO A 2 34.20 5.23 71.18
N LEU A 3 33.94 4.68 72.35
CA LEU A 3 32.74 3.88 72.55
C LEU A 3 31.76 4.61 73.46
N GLY A 4 30.56 4.07 73.57
CA GLY A 4 29.54 4.69 74.40
C GLY A 4 28.49 5.37 73.58
N SER A 5 28.72 5.47 72.28
CA SER A 5 27.79 6.10 71.37
C SER A 5 26.71 5.11 70.96
N LYS A 6 25.61 5.10 71.70
CA LYS A 6 24.50 4.21 71.40
C LYS A 6 23.67 4.77 70.26
N ASP A 7 22.72 3.97 69.82
CA ASP A 7 21.93 4.30 68.64
C ASP A 7 20.45 4.19 68.95
N LYS A 8 20.12 3.75 70.14
CA LYS A 8 18.73 3.62 70.54
C LYS A 8 18.22 4.92 71.17
N ASP A 9 19.04 5.53 72.00
CA ASP A 9 18.68 6.79 72.65
C ASP A 9 18.94 7.98 71.73
N GLY A 10 19.60 7.71 70.62
CA GLY A 10 19.91 8.74 69.66
C GLY A 10 19.86 8.17 68.26
N GLU A 11 18.82 8.51 67.52
CA GLU A 11 18.57 7.89 66.24
C GLU A 11 18.58 8.94 65.17
N GLY A 12 18.79 10.17 65.60
CA GLY A 12 18.53 11.27 64.75
C GLY A 12 19.64 11.53 63.77
N ALA A 13 19.44 11.07 62.55
CA ALA A 13 20.44 11.19 61.51
C ALA A 13 19.87 11.96 60.32
N PRO A 14 20.48 13.12 60.02
CA PRO A 14 20.08 13.96 58.88
C PRO A 14 20.06 13.22 57.53
N PRO A 15 21.11 12.42 57.18
CA PRO A 15 21.09 11.61 55.96
C PRO A 15 20.08 10.48 56.05
N ALA A 16 20.21 9.51 55.15
CA ALA A 16 19.31 8.36 55.08
C ALA A 16 17.90 8.77 54.67
N LYS A 17 17.35 8.06 53.69
CA LYS A 17 15.99 8.30 53.20
C LYS A 17 15.99 9.53 52.32
N ARG A 18 17.14 9.77 51.71
CA ARG A 18 17.31 10.89 50.79
C ARG A 18 17.42 10.39 49.36
N ALA A 19 16.48 9.55 48.97
CA ALA A 19 16.49 8.96 47.64
C ALA A 19 15.44 9.60 46.74
N ARG A 20 14.86 10.69 47.22
CA ARG A 20 13.83 11.39 46.48
C ARG A 20 14.19 12.86 46.29
N THR A 21 13.79 13.41 45.15
CA THR A 21 13.93 14.82 44.88
C THR A 21 12.74 15.26 44.01
N ASP A 22 12.36 16.52 44.09
CA ASP A 22 11.19 17.00 43.37
C ASP A 22 11.58 17.70 42.08
N GLN A 23 12.20 16.97 41.18
CA GLN A 23 12.55 17.50 39.87
C GLN A 23 11.73 16.82 38.79
N MET A 24 10.89 17.58 38.12
CA MET A 24 10.12 17.05 37.01
C MET A 24 10.01 18.07 35.90
N GLU A 25 9.25 17.71 34.88
CA GLU A 25 9.10 18.52 33.70
C GLU A 25 7.90 18.03 32.89
N VAL A 26 7.11 18.96 32.38
CA VAL A 26 6.00 18.58 31.53
C VAL A 26 6.50 18.29 30.11
N ASP A 27 7.10 17.13 29.96
CA ASP A 27 7.57 16.67 28.66
C ASP A 27 7.21 15.20 28.51
N SER A 28 5.93 14.96 28.32
CA SER A 28 5.39 13.61 28.26
C SER A 28 5.45 13.06 26.83
N GLY A 29 5.64 13.95 25.87
CA GLY A 29 5.65 13.55 24.47
C GLY A 29 4.24 13.48 23.90
N PRO A 30 4.10 13.16 22.62
CA PRO A 30 2.80 13.01 21.98
C PRO A 30 1.99 11.88 22.61
N GLY A 31 0.71 12.14 22.83
CA GLY A 31 -0.15 11.13 23.39
C GLY A 31 -0.71 10.23 22.33
N LYS A 32 -1.78 9.54 22.67
CA LYS A 32 -2.40 8.62 21.75
C LYS A 32 -3.12 9.36 20.64
N ARG A 33 -3.84 10.42 21.01
CA ARG A 33 -4.64 11.21 20.08
C ARG A 33 -5.83 10.41 19.56
N PRO A 34 -7.05 10.99 19.60
CA PRO A 34 -8.25 10.33 19.10
C PRO A 34 -8.15 10.02 17.63
N LEU A 35 -7.95 8.75 17.32
CA LEU A 35 -7.84 8.33 15.93
C LEU A 35 -8.77 7.16 15.67
N ARG A 36 -9.70 6.95 16.61
CA ARG A 36 -10.70 5.87 16.52
C ARG A 36 -10.08 4.49 16.76
N GLY A 37 -9.07 4.17 15.97
CA GLY A 37 -8.43 2.88 16.07
C GLY A 37 -7.95 2.39 14.72
N GLY A 38 -8.85 1.73 13.99
CA GLY A 38 -8.52 1.28 12.65
C GLY A 38 -9.26 2.05 11.60
N PHE A 39 -10.20 1.40 10.93
CA PHE A 39 -10.96 2.04 9.87
C PHE A 39 -12.45 1.96 10.14
N THR A 40 -13.26 2.36 9.17
CA THR A 40 -14.70 2.36 9.31
C THR A 40 -15.27 0.94 9.31
N ASP A 41 -16.56 0.81 9.52
CA ASP A 41 -17.24 -0.48 9.59
C ASP A 41 -16.93 -1.36 8.38
N LYS A 42 -16.64 -0.71 7.25
CA LYS A 42 -16.36 -1.40 6.00
C LYS A 42 -15.23 -2.41 6.18
N GLU A 43 -14.17 -1.96 6.82
CA GLU A 43 -12.96 -2.73 6.93
C GLU A 43 -13.14 -3.82 7.98
N ARG A 44 -14.04 -3.55 8.91
CA ARG A 44 -14.34 -4.50 9.95
C ARG A 44 -15.14 -5.67 9.39
N GLN A 45 -16.15 -5.38 8.58
CA GLN A 45 -16.87 -6.42 7.87
C GLN A 45 -15.91 -7.14 6.93
N ASP A 46 -14.95 -6.38 6.44
CA ASP A 46 -13.88 -6.88 5.57
C ASP A 46 -13.13 -8.01 6.25
N HIS A 47 -12.74 -7.77 7.50
CA HIS A 47 -12.00 -8.75 8.28
C HIS A 47 -12.87 -9.97 8.56
N ARG A 48 -14.12 -9.73 8.90
CA ARG A 48 -15.07 -10.81 9.19
C ARG A 48 -15.25 -11.70 7.96
N ARG A 49 -15.54 -11.05 6.83
CA ARG A 49 -15.71 -11.71 5.54
C ARG A 49 -14.52 -12.61 5.26
N ARG A 50 -13.35 -11.98 5.20
CA ARG A 50 -12.06 -12.68 5.03
C ARG A 50 -11.97 -13.96 5.84
N LYS A 51 -12.03 -13.83 7.15
CA LYS A 51 -11.81 -14.93 8.04
C LYS A 51 -12.93 -15.95 7.95
N ALA A 52 -14.12 -15.47 7.60
CA ALA A 52 -15.24 -16.33 7.34
C ALA A 52 -14.91 -17.25 6.18
N LEU A 53 -14.37 -16.66 5.12
CA LEU A 53 -13.98 -17.39 3.94
C LEU A 53 -12.79 -18.27 4.15
N GLU A 54 -11.83 -17.82 4.93
CA GLU A 54 -10.68 -18.63 5.24
C GLU A 54 -11.13 -19.89 5.98
N ASN A 55 -12.19 -19.75 6.76
CA ASN A 55 -12.85 -20.90 7.37
C ASN A 55 -13.46 -21.77 6.28
N LYS A 56 -14.10 -21.13 5.30
CA LYS A 56 -14.68 -21.86 4.20
C LYS A 56 -13.60 -22.64 3.46
N LYS A 57 -12.47 -22.00 3.18
CA LYS A 57 -11.38 -22.64 2.48
C LYS A 57 -10.99 -23.90 3.22
N LYS A 58 -10.89 -23.78 4.54
CA LYS A 58 -10.56 -24.90 5.38
C LYS A 58 -11.56 -26.03 5.25
N GLN A 59 -12.80 -25.76 5.62
CA GLN A 59 -13.84 -26.77 5.70
C GLN A 59 -14.20 -27.33 4.32
N LEU A 60 -14.25 -26.46 3.33
CA LEU A 60 -14.69 -26.85 2.00
C LEU A 60 -13.62 -27.68 1.30
N SER A 61 -12.38 -27.19 1.30
CA SER A 61 -11.30 -27.90 0.63
C SER A 61 -11.07 -29.25 1.30
N ALA A 62 -11.21 -29.24 2.61
CA ALA A 62 -11.05 -30.44 3.41
C ALA A 62 -12.21 -31.42 3.17
N GLY A 63 -13.38 -30.87 2.88
CA GLY A 63 -14.54 -31.70 2.60
C GLY A 63 -14.63 -32.12 1.15
N GLY A 64 -13.85 -31.45 0.30
CA GLY A 64 -13.81 -31.80 -1.09
C GLY A 64 -14.76 -30.97 -1.94
N LYS A 65 -15.04 -29.75 -1.49
CA LYS A 65 -15.92 -28.84 -2.22
C LYS A 65 -15.23 -27.51 -2.45
N ASN A 66 -15.88 -26.62 -3.19
CA ASN A 66 -15.24 -25.39 -3.64
C ASN A 66 -16.04 -24.17 -3.22
N LEU A 67 -15.43 -23.00 -3.37
CA LEU A 67 -16.09 -21.73 -3.09
C LEU A 67 -16.95 -21.31 -4.26
N SER A 68 -17.84 -20.36 -4.01
CA SER A 68 -18.62 -19.76 -5.05
C SER A 68 -17.90 -18.54 -5.58
N LYS A 69 -18.11 -18.23 -6.85
CA LYS A 69 -17.43 -17.10 -7.49
C LYS A 69 -17.54 -15.85 -6.64
N GLU A 70 -18.73 -15.67 -6.09
CA GLU A 70 -19.08 -14.47 -5.33
C GLU A 70 -18.07 -14.16 -4.23
N GLU A 71 -17.95 -15.08 -3.26
CA GLU A 71 -17.22 -14.77 -2.05
C GLU A 71 -15.71 -14.92 -2.25
N GLU A 72 -15.35 -15.67 -3.27
CA GLU A 72 -13.96 -15.83 -3.64
C GLU A 72 -13.44 -14.50 -4.18
N GLU A 73 -14.25 -13.86 -5.02
CA GLU A 73 -13.89 -12.56 -5.59
C GLU A 73 -13.80 -11.49 -4.51
N GLU A 74 -14.85 -11.37 -3.68
CA GLU A 74 -14.87 -10.34 -2.66
C GLU A 74 -13.66 -10.45 -1.74
N LEU A 75 -13.32 -11.65 -1.34
CA LEU A 75 -12.22 -11.83 -0.42
C LEU A 75 -10.88 -11.50 -1.03
N ARG A 76 -10.70 -11.94 -2.26
CA ARG A 76 -9.48 -11.67 -2.98
C ARG A 76 -9.18 -10.18 -2.99
N ARG A 77 -10.17 -9.39 -3.40
CA ARG A 77 -10.06 -7.95 -3.39
C ARG A 77 -9.95 -7.41 -1.96
N LEU A 78 -10.70 -8.05 -1.07
CA LEU A 78 -10.73 -7.67 0.34
C LEU A 78 -9.34 -7.76 0.95
N THR A 79 -8.61 -8.78 0.53
CA THR A 79 -7.28 -9.04 1.04
C THR A 79 -6.32 -8.04 0.45
N GLU A 80 -6.56 -7.72 -0.81
CA GLU A 80 -5.81 -6.71 -1.51
C GLU A 80 -5.84 -5.38 -0.76
N GLU A 81 -7.04 -5.00 -0.38
CA GLU A 81 -7.26 -3.75 0.32
C GLU A 81 -6.58 -3.75 1.68
N ASP A 82 -6.76 -4.84 2.43
CA ASP A 82 -6.16 -4.96 3.75
C ASP A 82 -4.64 -4.83 3.68
N GLU A 83 -4.03 -5.57 2.76
CA GLU A 83 -2.58 -5.60 2.67
C GLU A 83 -2.01 -4.25 2.24
N ARG A 84 -2.73 -3.50 1.40
CA ARG A 84 -2.22 -2.20 0.98
C ARG A 84 -2.40 -1.16 2.08
N ARG A 85 -3.60 -1.13 2.64
CA ARG A 85 -3.94 -0.21 3.73
C ARG A 85 -2.98 -0.33 4.91
N GLU A 86 -2.65 -1.56 5.25
CA GLU A 86 -1.88 -1.82 6.46
C GLU A 86 -0.48 -1.24 6.39
N ARG A 87 0.04 -1.09 5.18
CA ARG A 87 1.43 -0.69 5.00
C ARG A 87 1.67 0.75 5.40
N ARG A 88 0.70 1.60 5.08
CA ARG A 88 0.77 3.01 5.45
C ARG A 88 -0.61 3.56 5.71
N VAL A 89 -1.36 3.64 4.62
CA VAL A 89 -2.70 4.28 4.55
C VAL A 89 -2.64 5.78 4.87
N ALA A 90 -1.89 6.15 5.88
CA ALA A 90 -1.72 7.54 6.26
C ALA A 90 -0.62 8.19 5.44
N GLY A 91 -0.82 9.47 5.11
CA GLY A 91 0.16 10.18 4.32
C GLY A 91 0.07 9.82 2.84
N PRO A 92 -0.93 10.35 2.13
CA PRO A 92 -1.14 10.06 0.71
C PRO A 92 0.04 10.48 -0.16
N PRO A 93 0.37 9.69 -1.19
CA PRO A 93 1.50 9.97 -2.10
C PRO A 93 1.17 11.02 -3.16
N VAL A 94 0.41 12.04 -2.76
CA VAL A 94 0.00 13.13 -3.65
C VAL A 94 -1.03 12.66 -4.67
N GLY A 95 -2.06 13.47 -4.86
CA GLY A 95 -3.07 13.17 -5.85
C GLY A 95 -3.67 14.44 -6.37
N GLY A 96 -4.19 15.22 -5.44
CA GLY A 96 -4.67 16.54 -5.76
C GLY A 96 -6.07 16.54 -6.34
N VAL A 97 -6.81 15.46 -6.07
CA VAL A 97 -8.18 15.31 -6.54
C VAL A 97 -8.23 15.22 -8.07
N ASN A 98 -8.34 14.00 -8.58
CA ASN A 98 -8.35 13.76 -10.02
C ASN A 98 -9.51 14.48 -10.74
N PRO A 99 -10.77 14.38 -10.22
CA PRO A 99 -11.91 15.08 -10.83
C PRO A 99 -11.88 16.60 -10.61
N LEU A 100 -10.72 17.13 -10.25
CA LEU A 100 -10.54 18.56 -10.12
C LEU A 100 -9.75 19.07 -11.31
N GLU A 101 -8.51 18.60 -11.45
CA GLU A 101 -7.65 18.95 -12.57
C GLU A 101 -7.17 20.38 -12.50
N GLY A 102 -6.03 20.62 -13.12
CA GLY A 102 -5.54 21.96 -13.24
C GLY A 102 -4.19 22.02 -13.95
N GLY A 103 -3.92 21.02 -14.76
CA GLY A 103 -2.67 20.97 -15.48
C GLY A 103 -1.56 20.32 -14.67
N SER A 104 -1.87 19.21 -14.03
CA SER A 104 -0.90 18.49 -13.22
C SER A 104 -0.01 17.63 -14.11
N ARG A 105 0.92 18.29 -14.76
CA ARG A 105 1.86 17.65 -15.64
C ARG A 105 2.92 16.92 -14.86
N GLY A 106 3.49 17.60 -13.88
CA GLY A 106 4.49 16.99 -13.03
C GLY A 106 3.89 16.49 -11.74
N ALA A 107 3.30 15.30 -11.79
CA ALA A 107 2.68 14.71 -10.61
C ALA A 107 3.73 13.98 -9.79
N PRO A 108 4.06 14.50 -8.59
CA PRO A 108 5.11 13.93 -7.74
C PRO A 108 4.64 12.71 -6.96
N GLY A 109 3.95 11.81 -7.64
CA GLY A 109 3.48 10.60 -6.99
C GLY A 109 2.23 10.08 -7.66
N GLY A 110 1.14 9.99 -6.90
CA GLY A 110 -0.10 9.48 -7.42
C GLY A 110 -0.45 8.14 -6.81
N GLY A 111 0.56 7.28 -6.70
CA GLY A 111 0.37 5.96 -6.13
C GLY A 111 -0.37 5.02 -7.06
N PHE A 112 -1.63 5.32 -7.29
CA PHE A 112 -2.48 4.51 -8.15
C PHE A 112 -3.60 5.37 -8.72
N VAL A 113 -4.17 6.20 -7.86
CA VAL A 113 -5.19 7.16 -8.26
C VAL A 113 -5.01 8.45 -7.50
N PRO A 114 -5.31 9.60 -8.13
CA PRO A 114 -5.31 10.88 -7.44
C PRO A 114 -6.61 11.08 -6.66
N ASN A 115 -6.97 10.07 -5.89
CA ASN A 115 -8.20 10.09 -5.10
C ASN A 115 -7.93 9.54 -3.72
N LEU A 116 -8.62 10.10 -2.73
CA LEU A 116 -8.48 9.64 -1.35
C LEU A 116 -9.67 8.75 -0.97
N GLN A 117 -10.69 8.79 -1.83
CA GLN A 117 -11.96 8.06 -1.62
C GLN A 117 -12.67 8.54 -0.37
N GLY A 118 -12.17 8.12 0.78
CA GLY A 118 -12.82 8.45 2.02
C GLY A 118 -12.58 9.88 2.42
N VAL A 119 -13.65 10.63 2.56
CA VAL A 119 -13.57 12.03 2.94
C VAL A 119 -13.84 12.24 4.43
N PRO A 120 -14.91 11.61 5.01
CA PRO A 120 -15.19 11.73 6.44
C PRO A 120 -14.05 11.26 7.32
N GLU A 121 -13.39 12.21 7.95
CA GLU A 121 -12.34 11.91 8.92
C GLU A 121 -11.91 13.19 9.62
N SER A 122 -10.98 13.06 10.55
CA SER A 122 -10.54 14.18 11.34
C SER A 122 -9.04 14.44 11.12
N PRO A 123 -8.70 15.25 10.11
CA PRO A 123 -7.31 15.63 9.82
C PRO A 123 -6.59 16.16 11.06
N PHE A 124 -7.19 17.16 11.68
CA PHE A 124 -6.65 17.73 12.90
C PHE A 124 -7.70 17.73 14.01
N SER A 125 -8.97 17.80 13.58
CA SER A 125 -10.13 17.74 14.46
C SER A 125 -10.41 19.12 15.02
N ARG A 126 -11.45 19.22 15.81
CA ARG A 126 -11.89 20.51 16.29
C ARG A 126 -12.59 20.37 17.64
N THR A 127 -12.46 21.39 18.47
CA THR A 127 -13.14 21.40 19.76
C THR A 127 -14.21 22.49 19.78
N GLY A 128 -14.22 23.33 18.74
CA GLY A 128 -15.20 24.39 18.65
C GLY A 128 -14.82 25.59 19.50
N GLU A 129 -14.94 25.43 20.81
CA GLU A 129 -14.59 26.50 21.74
C GLU A 129 -13.57 25.96 22.72
N GLY A 130 -13.89 24.79 23.25
CA GLY A 130 -13.05 24.16 24.23
C GLY A 130 -13.87 23.64 25.37
N LEU A 131 -15.10 24.14 25.43
CA LEU A 131 -16.07 23.73 26.41
C LEU A 131 -17.40 24.39 26.07
N ASP A 132 -18.49 23.64 26.16
CA ASP A 132 -19.79 24.19 25.82
C ASP A 132 -20.49 24.73 27.05
N ILE A 133 -20.62 26.04 27.12
CA ILE A 133 -21.32 26.67 28.23
C ILE A 133 -22.74 26.98 27.83
N ARG A 134 -22.90 27.39 26.58
CA ARG A 134 -24.19 27.66 25.97
C ARG A 134 -24.82 28.90 26.56
N GLY A 135 -25.17 28.80 27.83
CA GLY A 135 -25.90 29.85 28.47
C GLY A 135 -25.01 30.80 29.24
N ASN A 136 -24.63 31.90 28.62
CA ASN A 136 -23.78 32.89 29.27
C ASN A 136 -24.64 33.92 29.99
N GLN A 137 -25.90 34.04 29.55
CA GLN A 137 -26.83 34.99 30.13
C GLN A 137 -27.76 34.30 31.12
N GLY A 138 -27.44 34.42 32.40
CA GLY A 138 -28.25 33.80 33.42
C GLY A 138 -29.38 34.70 33.86
N PHE A 139 -29.16 36.00 33.81
CA PHE A 139 -30.16 36.97 34.20
C PHE A 139 -30.41 37.96 33.06
N PRO A 140 -31.58 38.61 33.02
CA PRO A 140 -31.91 39.62 32.00
C PRO A 140 -31.01 40.85 32.10
N GLY A 1 20.07 16.32 -50.12
CA GLY A 1 19.39 17.63 -50.16
C GLY A 1 19.10 18.15 -48.76
N PRO A 2 18.26 19.18 -48.66
CA PRO A 2 17.87 19.75 -47.37
C PRO A 2 16.78 18.94 -46.69
N LEU A 3 16.37 19.38 -45.51
CA LEU A 3 15.28 18.72 -44.80
C LEU A 3 13.96 19.13 -45.41
N GLY A 4 13.90 20.36 -45.88
CA GLY A 4 12.71 20.88 -46.49
C GLY A 4 12.50 22.33 -46.16
N SER A 5 11.32 22.65 -45.66
CA SER A 5 11.00 24.02 -45.29
C SER A 5 9.75 24.06 -44.44
N LYS A 6 8.76 23.26 -44.81
CA LYS A 6 7.47 23.21 -44.12
C LYS A 6 6.76 24.56 -44.26
N ASP A 7 5.68 24.74 -43.52
CA ASP A 7 4.89 25.97 -43.61
C ASP A 7 4.34 26.33 -42.24
N LYS A 8 4.95 25.74 -41.21
CA LYS A 8 4.45 25.88 -39.84
C LYS A 8 4.70 27.29 -39.30
N ASP A 9 5.61 28.01 -39.94
CA ASP A 9 5.88 29.39 -39.54
C ASP A 9 5.24 30.37 -40.53
N GLY A 10 4.35 29.86 -41.35
CA GLY A 10 3.67 30.69 -42.32
C GLY A 10 2.17 30.57 -42.19
N GLU A 11 1.67 29.36 -42.36
CA GLU A 11 0.26 29.07 -42.21
C GLU A 11 0.12 27.75 -41.50
N GLY A 12 0.61 26.73 -42.16
CA GLY A 12 0.76 25.45 -41.56
C GLY A 12 -0.54 24.72 -41.34
N ALA A 13 -0.91 24.63 -40.06
CA ALA A 13 -2.06 23.86 -39.63
C ALA A 13 -3.34 24.27 -40.36
N PRO A 14 -3.98 23.30 -41.03
CA PRO A 14 -5.27 23.51 -41.70
C PRO A 14 -6.33 24.02 -40.74
N PRO A 15 -7.10 25.05 -41.16
CA PRO A 15 -8.16 25.64 -40.33
C PRO A 15 -9.29 24.66 -40.01
N ALA A 16 -10.37 25.22 -39.47
CA ALA A 16 -11.53 24.46 -39.03
C ALA A 16 -11.19 23.58 -37.83
N LYS A 17 -12.19 22.81 -37.39
CA LYS A 17 -12.06 21.92 -36.24
C LYS A 17 -12.17 22.75 -34.97
N ARG A 18 -12.84 23.87 -35.11
CA ARG A 18 -13.02 24.78 -33.99
C ARG A 18 -14.40 25.44 -34.04
N ALA A 19 -15.41 24.67 -33.72
CA ALA A 19 -16.76 25.18 -33.60
C ALA A 19 -17.09 25.45 -32.14
N ARG A 20 -16.05 25.36 -31.31
CA ARG A 20 -16.18 25.58 -29.88
C ARG A 20 -15.90 27.04 -29.56
N THR A 21 -16.36 27.48 -28.40
CA THR A 21 -16.15 28.85 -27.97
C THR A 21 -15.08 28.90 -26.89
N ASP A 22 -14.44 30.06 -26.77
CA ASP A 22 -13.42 30.27 -25.75
C ASP A 22 -14.06 30.48 -24.39
N GLN A 23 -14.04 29.44 -23.58
CA GLN A 23 -14.64 29.48 -22.26
C GLN A 23 -13.66 30.00 -21.24
N MET A 24 -14.12 30.08 -20.02
CA MET A 24 -13.25 30.37 -18.89
C MET A 24 -13.19 29.15 -18.01
N GLU A 25 -12.07 28.97 -17.35
CA GLU A 25 -11.81 27.74 -16.64
C GLU A 25 -11.55 28.00 -15.17
N VAL A 26 -12.60 28.00 -14.39
CA VAL A 26 -12.50 28.14 -12.95
C VAL A 26 -12.76 26.78 -12.31
N ASP A 27 -12.01 25.78 -12.78
CA ASP A 27 -12.22 24.39 -12.36
C ASP A 27 -11.81 24.19 -10.91
N SER A 28 -10.95 25.08 -10.41
CA SER A 28 -10.49 25.04 -9.03
C SER A 28 -9.62 23.81 -8.77
N GLY A 29 -9.10 23.70 -7.54
CA GLY A 29 -8.25 22.58 -7.21
C GLY A 29 -8.72 21.90 -5.93
N PRO A 30 -8.53 20.57 -5.84
CA PRO A 30 -8.96 19.80 -4.68
C PRO A 30 -8.27 20.22 -3.39
N GLY A 31 -9.05 20.30 -2.33
CA GLY A 31 -8.50 20.66 -1.04
C GLY A 31 -7.82 19.49 -0.38
N LYS A 32 -7.25 19.74 0.78
CA LYS A 32 -6.55 18.70 1.49
C LYS A 32 -7.47 18.03 2.50
N ARG A 33 -8.37 17.21 1.99
CA ARG A 33 -9.33 16.50 2.82
C ARG A 33 -8.68 15.28 3.46
N PRO A 34 -8.68 15.20 4.80
CA PRO A 34 -8.17 14.03 5.51
C PRO A 34 -9.05 12.81 5.28
N LEU A 35 -8.53 11.84 4.56
CA LEU A 35 -9.29 10.63 4.30
C LEU A 35 -8.43 9.39 4.48
N ARG A 36 -7.16 9.49 4.14
CA ARG A 36 -6.24 8.38 4.28
C ARG A 36 -5.76 8.26 5.72
N GLY A 37 -5.06 7.17 6.01
CA GLY A 37 -4.58 6.95 7.37
C GLY A 37 -5.64 6.32 8.23
N GLY A 38 -6.18 5.19 7.78
CA GLY A 38 -7.24 4.52 8.52
C GLY A 38 -8.53 4.52 7.74
N PHE A 39 -9.37 3.52 7.98
CA PHE A 39 -10.64 3.41 7.28
C PHE A 39 -11.78 3.34 8.26
N THR A 40 -12.96 3.12 7.74
CA THR A 40 -14.15 3.00 8.55
C THR A 40 -14.35 1.55 9.01
N ASP A 41 -15.36 1.35 9.84
CA ASP A 41 -15.73 0.02 10.37
C ASP A 41 -15.86 -1.03 9.25
N LYS A 42 -16.19 -0.55 8.06
CA LYS A 42 -16.46 -1.42 6.92
C LYS A 42 -15.32 -2.39 6.63
N GLU A 43 -14.09 -1.96 6.86
CA GLU A 43 -12.93 -2.79 6.58
C GLU A 43 -12.87 -3.95 7.56
N ARG A 44 -13.40 -3.72 8.73
CA ARG A 44 -13.38 -4.70 9.79
C ARG A 44 -14.39 -5.80 9.55
N GLN A 45 -15.59 -5.43 9.10
CA GLN A 45 -16.57 -6.41 8.65
C GLN A 45 -15.98 -7.18 7.48
N ASP A 46 -15.21 -6.45 6.68
CA ASP A 46 -14.45 -7.03 5.58
C ASP A 46 -13.50 -8.12 6.08
N HIS A 47 -12.84 -7.84 7.19
CA HIS A 47 -11.92 -8.81 7.80
C HIS A 47 -12.69 -10.02 8.30
N ARG A 48 -13.87 -9.79 8.86
CA ARG A 48 -14.70 -10.89 9.36
C ARG A 48 -15.18 -11.74 8.20
N ARG A 49 -15.50 -11.09 7.10
CA ARG A 49 -15.92 -11.76 5.89
C ARG A 49 -14.75 -12.57 5.31
N ARG A 50 -13.62 -11.91 5.25
CA ARG A 50 -12.34 -12.50 4.87
C ARG A 50 -12.06 -13.78 5.67
N LYS A 51 -12.14 -13.69 7.00
CA LYS A 51 -11.81 -14.82 7.86
C LYS A 51 -12.93 -15.85 7.87
N ALA A 52 -14.15 -15.38 7.64
CA ALA A 52 -15.28 -16.26 7.44
C ALA A 52 -14.98 -17.18 6.28
N LEU A 53 -14.47 -16.59 5.22
CA LEU A 53 -14.15 -17.28 4.03
C LEU A 53 -12.89 -18.12 4.13
N GLU A 54 -11.87 -17.61 4.80
CA GLU A 54 -10.69 -18.40 5.05
C GLU A 54 -11.08 -19.67 5.76
N ASN A 55 -12.09 -19.55 6.62
CA ASN A 55 -12.68 -20.70 7.29
C ASN A 55 -13.36 -21.60 6.28
N LYS A 56 -14.13 -21.02 5.35
CA LYS A 56 -14.82 -21.82 4.38
C LYS A 56 -13.82 -22.60 3.55
N LYS A 57 -12.84 -21.90 2.98
CA LYS A 57 -11.71 -22.54 2.30
C LYS A 57 -11.22 -23.76 3.07
N LYS A 58 -10.85 -23.58 4.34
CA LYS A 58 -10.36 -24.68 5.16
C LYS A 58 -11.31 -25.87 5.15
N GLN A 59 -12.52 -25.66 5.65
CA GLN A 59 -13.51 -26.71 5.76
C GLN A 59 -13.89 -27.31 4.41
N LEU A 60 -14.40 -26.45 3.55
CA LEU A 60 -14.94 -26.87 2.26
C LEU A 60 -13.88 -27.59 1.44
N SER A 61 -12.78 -26.90 1.19
CA SER A 61 -11.71 -27.44 0.36
C SER A 61 -11.13 -28.72 0.95
N ALA A 62 -11.10 -28.80 2.28
CA ALA A 62 -10.68 -30.02 2.96
C ALA A 62 -11.63 -31.18 2.64
N GLY A 63 -12.91 -30.86 2.55
CA GLY A 63 -13.91 -31.89 2.28
C GLY A 63 -14.18 -32.07 0.79
N GLY A 64 -13.48 -31.31 -0.02
CA GLY A 64 -13.62 -31.41 -1.46
C GLY A 64 -14.72 -30.53 -2.01
N LYS A 65 -15.22 -29.65 -1.15
CA LYS A 65 -16.25 -28.71 -1.50
C LYS A 65 -15.66 -27.42 -2.02
N ASN A 66 -16.49 -26.65 -2.70
CA ASN A 66 -16.03 -25.44 -3.33
C ASN A 66 -17.09 -24.34 -3.24
N LEU A 67 -16.63 -23.10 -3.09
CA LEU A 67 -17.53 -21.97 -2.98
C LEU A 67 -17.82 -21.38 -4.33
N SER A 68 -18.82 -20.52 -4.39
CA SER A 68 -19.10 -19.79 -5.60
C SER A 68 -17.95 -18.87 -5.93
N LYS A 69 -17.98 -18.31 -7.10
CA LYS A 69 -16.94 -17.40 -7.53
C LYS A 69 -17.05 -16.11 -6.74
N GLU A 70 -18.26 -15.82 -6.30
CA GLU A 70 -18.57 -14.58 -5.63
C GLU A 70 -17.72 -14.33 -4.40
N GLU A 71 -17.84 -15.21 -3.39
CA GLU A 71 -17.22 -14.87 -2.10
C GLU A 71 -15.73 -15.07 -2.17
N GLU A 72 -15.33 -15.92 -3.10
CA GLU A 72 -13.94 -16.18 -3.35
C GLU A 72 -13.25 -14.88 -3.80
N GLU A 73 -13.89 -14.20 -4.74
CA GLU A 73 -13.35 -12.97 -5.30
C GLU A 73 -13.32 -11.85 -4.28
N GLU A 74 -14.44 -11.64 -3.58
CA GLU A 74 -14.53 -10.55 -2.62
C GLU A 74 -13.43 -10.64 -1.58
N LEU A 75 -13.36 -11.74 -0.86
CA LEU A 75 -12.42 -11.83 0.24
C LEU A 75 -10.99 -11.97 -0.26
N ARG A 76 -10.83 -12.47 -1.48
CA ARG A 76 -9.54 -12.46 -2.12
C ARG A 76 -9.03 -11.03 -2.19
N ARG A 77 -9.87 -10.16 -2.75
CA ARG A 77 -9.55 -8.76 -2.90
C ARG A 77 -9.30 -8.10 -1.55
N LEU A 78 -10.18 -8.39 -0.60
CA LEU A 78 -10.01 -7.89 0.77
C LEU A 78 -8.64 -8.25 1.29
N THR A 79 -8.17 -9.43 0.90
CA THR A 79 -6.91 -9.95 1.38
C THR A 79 -5.77 -9.24 0.68
N GLU A 80 -5.93 -9.06 -0.62
CA GLU A 80 -4.93 -8.42 -1.42
C GLU A 80 -4.63 -7.01 -0.91
N GLU A 81 -5.69 -6.25 -0.78
CA GLU A 81 -5.60 -4.88 -0.30
C GLU A 81 -5.10 -4.84 1.13
N ASP A 82 -5.60 -5.75 1.97
CA ASP A 82 -5.22 -5.76 3.38
C ASP A 82 -3.74 -6.09 3.55
N GLU A 83 -3.23 -7.03 2.75
CA GLU A 83 -1.86 -7.48 2.91
C GLU A 83 -0.87 -6.43 2.42
N ARG A 84 -1.20 -5.73 1.31
CA ARG A 84 -0.31 -4.68 0.83
C ARG A 84 -0.26 -3.53 1.83
N ARG A 85 -1.42 -3.24 2.39
CA ARG A 85 -1.53 -2.29 3.49
C ARG A 85 -0.62 -2.67 4.64
N GLU A 86 -0.67 -3.94 5.01
CA GLU A 86 0.03 -4.45 6.18
C GLU A 86 1.52 -4.18 6.09
N ARG A 87 2.00 -4.08 4.87
CA ARG A 87 3.41 -3.88 4.60
C ARG A 87 3.81 -2.42 4.71
N ARG A 88 2.89 -1.59 4.28
CA ARG A 88 3.11 -0.15 4.22
C ARG A 88 2.83 0.51 5.55
N VAL A 89 1.96 -0.11 6.32
CA VAL A 89 1.64 0.38 7.67
C VAL A 89 2.60 -0.22 8.69
N ALA A 90 3.65 -0.83 8.18
CA ALA A 90 4.71 -1.40 9.01
C ALA A 90 6.04 -0.74 8.66
N GLY A 91 7.06 -1.03 9.44
CA GLY A 91 8.36 -0.44 9.18
C GLY A 91 9.50 -1.42 9.39
N PRO A 92 9.64 -2.42 8.50
CA PRO A 92 10.70 -3.43 8.59
C PRO A 92 12.06 -2.83 8.24
N PRO A 93 13.03 -2.95 9.17
CA PRO A 93 14.39 -2.49 8.92
C PRO A 93 15.20 -3.51 8.11
N VAL A 94 16.06 -4.27 8.77
CA VAL A 94 16.85 -5.28 8.09
C VAL A 94 16.92 -6.55 8.93
N GLY A 95 17.54 -6.45 10.08
CA GLY A 95 17.72 -7.59 10.96
C GLY A 95 18.58 -7.21 12.13
N GLY A 96 19.60 -6.42 11.85
CA GLY A 96 20.43 -5.88 12.89
C GLY A 96 21.59 -6.78 13.20
N VAL A 97 21.76 -7.11 14.49
CA VAL A 97 22.83 -7.98 14.95
C VAL A 97 24.19 -7.29 14.86
N ASN A 98 24.80 -7.07 16.01
CA ASN A 98 26.10 -6.42 16.10
C ASN A 98 27.12 -7.37 16.72
N PRO A 99 28.17 -7.73 15.97
CA PRO A 99 29.24 -8.61 16.46
C PRO A 99 30.31 -7.85 17.24
N LEU A 100 31.26 -8.59 17.78
CA LEU A 100 32.35 -7.99 18.54
C LEU A 100 33.65 -8.67 18.21
N GLU A 101 34.48 -7.99 17.44
CA GLU A 101 35.76 -8.53 17.04
C GLU A 101 36.92 -7.77 17.68
N GLY A 102 38.11 -8.11 17.23
CA GLY A 102 39.28 -7.45 17.71
C GLY A 102 40.51 -8.30 17.50
N GLY A 103 41.06 -8.82 18.59
CA GLY A 103 42.16 -9.74 18.49
C GLY A 103 43.45 -9.07 18.05
N SER A 104 44.04 -8.30 18.95
CA SER A 104 45.28 -7.61 18.66
C SER A 104 46.48 -8.42 19.12
N ARG A 105 46.25 -9.72 19.28
CA ARG A 105 47.30 -10.66 19.64
C ARG A 105 47.85 -10.38 21.03
N GLY A 106 48.85 -11.16 21.43
CA GLY A 106 49.46 -10.97 22.73
C GLY A 106 50.20 -12.21 23.20
N ALA A 107 51.51 -12.22 22.99
CA ALA A 107 52.34 -13.34 23.39
C ALA A 107 53.28 -12.94 24.52
N PRO A 108 53.24 -13.69 25.63
CA PRO A 108 54.07 -13.39 26.81
C PRO A 108 55.55 -13.59 26.55
N GLY A 109 56.35 -12.57 26.86
CA GLY A 109 57.77 -12.64 26.65
C GLY A 109 58.38 -11.26 26.45
N GLY A 110 58.46 -10.84 25.20
CA GLY A 110 58.99 -9.53 24.90
C GLY A 110 60.50 -9.48 24.97
N GLY A 111 61.11 -10.65 24.77
CA GLY A 111 62.55 -10.75 24.82
C GLY A 111 63.01 -12.18 24.69
N PHE A 112 64.26 -12.36 24.30
CA PHE A 112 64.80 -13.70 24.04
C PHE A 112 66.32 -13.66 24.05
N VAL A 113 66.93 -14.74 24.52
CA VAL A 113 68.38 -14.87 24.51
C VAL A 113 68.80 -15.99 23.59
N PRO A 114 69.89 -15.80 22.85
CA PRO A 114 70.41 -16.81 21.95
C PRO A 114 71.39 -17.75 22.63
N ASN A 115 71.60 -17.53 23.93
CA ASN A 115 72.52 -18.35 24.71
C ASN A 115 72.00 -18.51 26.12
N LEU A 116 72.12 -19.70 26.66
CA LEU A 116 71.75 -19.96 28.04
C LEU A 116 73.00 -20.20 28.87
N GLN A 117 73.97 -20.83 28.23
CA GLN A 117 75.25 -21.13 28.85
C GLN A 117 76.35 -20.28 28.23
N GLY A 118 77.04 -20.90 27.29
CA GLY A 118 78.18 -20.28 26.68
C GLY A 118 79.44 -21.06 26.96
N VAL A 119 80.20 -21.35 25.92
CA VAL A 119 81.41 -22.15 26.06
C VAL A 119 82.59 -21.32 26.61
N PRO A 120 82.86 -20.10 26.05
CA PRO A 120 83.91 -19.23 26.57
C PRO A 120 83.75 -18.91 28.04
N GLU A 121 84.77 -19.20 28.83
CA GLU A 121 84.76 -18.86 30.23
C GLU A 121 86.06 -18.19 30.63
N SER A 122 86.02 -17.45 31.71
CA SER A 122 87.20 -16.80 32.24
C SER A 122 87.45 -17.28 33.66
N PRO A 123 88.40 -18.23 33.83
CA PRO A 123 88.72 -18.82 35.12
C PRO A 123 89.40 -17.84 36.09
N PHE A 124 90.09 -18.37 37.07
CA PHE A 124 90.77 -17.54 38.06
C PHE A 124 92.00 -16.91 37.43
N SER A 125 92.69 -17.69 36.61
CA SER A 125 93.82 -17.21 35.85
C SER A 125 94.03 -18.08 34.63
N ARG A 126 94.55 -17.49 33.57
CA ARG A 126 94.71 -18.18 32.32
C ARG A 126 95.90 -17.60 31.56
N THR A 127 96.58 -18.45 30.79
CA THR A 127 97.75 -18.05 30.00
C THR A 127 98.98 -17.82 30.89
N GLY A 128 98.80 -17.11 31.99
CA GLY A 128 99.88 -16.90 32.93
C GLY A 128 100.80 -15.77 32.52
N GLU A 129 101.60 -16.03 31.50
CA GLU A 129 102.59 -15.08 31.02
C GLU A 129 102.58 -15.06 29.52
N GLY A 130 102.32 -16.22 28.95
CA GLY A 130 102.32 -16.36 27.54
C GLY A 130 102.02 -17.79 27.19
N LEU A 131 101.07 -17.97 26.29
CA LEU A 131 100.56 -19.29 25.99
C LEU A 131 101.68 -20.19 25.46
N ASP A 132 102.60 -19.59 24.73
CA ASP A 132 103.77 -20.30 24.24
C ASP A 132 104.91 -19.31 24.00
N ILE A 133 106.04 -19.56 24.64
CA ILE A 133 107.20 -18.70 24.49
C ILE A 133 108.37 -19.48 23.87
N ARG A 134 108.58 -20.69 24.39
CA ARG A 134 109.70 -21.55 23.99
C ARG A 134 111.01 -21.00 24.51
N GLY A 135 111.35 -19.82 24.03
CA GLY A 135 112.58 -19.17 24.42
C GLY A 135 113.21 -18.43 23.26
N ASN A 136 114.53 -18.29 23.30
CA ASN A 136 115.24 -17.55 22.26
C ASN A 136 115.70 -18.49 21.15
N GLN A 137 115.77 -19.79 21.46
CA GLN A 137 116.20 -20.78 20.49
C GLN A 137 115.05 -21.21 19.59
N GLY A 138 114.43 -20.23 18.94
CA GLY A 138 113.34 -20.51 18.03
C GLY A 138 113.75 -20.29 16.59
N PHE A 139 112.77 -20.10 15.72
CA PHE A 139 113.06 -19.86 14.31
C PHE A 139 111.95 -19.03 13.67
N PRO A 140 112.33 -18.05 12.84
CA PRO A 140 111.38 -17.24 12.10
C PRO A 140 110.84 -17.95 10.86
N GLY A 1 -96.01 35.76 49.60
CA GLY A 1 -95.51 34.79 48.59
C GLY A 1 -94.39 33.95 49.15
N PRO A 2 -93.70 33.19 48.28
CA PRO A 2 -92.59 32.34 48.69
C PRO A 2 -91.34 33.14 49.03
N LEU A 3 -90.30 32.45 49.48
CA LEU A 3 -89.06 33.10 49.85
C LEU A 3 -88.11 33.17 48.67
N GLY A 4 -88.60 33.71 47.56
CA GLY A 4 -87.79 33.80 46.37
C GLY A 4 -88.54 34.52 45.26
N SER A 5 -87.99 35.64 44.82
CA SER A 5 -88.61 36.42 43.77
C SER A 5 -88.08 36.00 42.40
N LYS A 6 -86.77 35.84 42.29
CA LYS A 6 -86.15 35.45 41.05
C LYS A 6 -84.80 34.80 41.31
N ASP A 7 -84.39 33.95 40.39
CA ASP A 7 -83.13 33.23 40.49
C ASP A 7 -82.29 33.49 39.25
N LYS A 8 -82.12 34.76 38.94
CA LYS A 8 -81.36 35.20 37.77
C LYS A 8 -79.87 34.95 37.97
N ASP A 9 -79.47 34.76 39.22
CA ASP A 9 -78.07 34.51 39.59
C ASP A 9 -77.70 33.04 39.31
N GLY A 10 -78.46 32.41 38.43
CA GLY A 10 -78.21 31.03 38.09
C GLY A 10 -78.69 30.72 36.71
N GLU A 11 -78.08 31.37 35.72
CA GLU A 11 -78.47 31.21 34.34
C GLU A 11 -77.22 30.85 33.57
N GLY A 12 -76.33 31.81 33.53
CA GLY A 12 -75.04 31.59 32.96
C GLY A 12 -75.07 31.54 31.45
N ALA A 13 -74.51 32.56 30.81
CA ALA A 13 -74.51 32.63 29.36
C ALA A 13 -73.11 32.45 28.76
N PRO A 14 -72.08 33.21 29.22
CA PRO A 14 -70.73 33.11 28.71
C PRO A 14 -69.81 32.29 29.63
N PRO A 15 -69.65 30.98 29.36
CA PRO A 15 -68.74 30.11 30.12
C PRO A 15 -67.27 30.49 29.97
N ALA A 16 -66.42 29.63 30.48
CA ALA A 16 -65.00 29.86 30.44
C ALA A 16 -64.36 29.09 29.30
N LYS A 17 -63.23 29.59 28.81
CA LYS A 17 -62.55 28.96 27.69
C LYS A 17 -61.13 28.55 28.11
N ARG A 18 -60.86 28.65 29.40
CA ARG A 18 -59.54 28.34 29.94
C ARG A 18 -59.31 26.84 30.04
N ALA A 19 -59.19 26.19 28.90
CA ALA A 19 -58.90 24.76 28.85
C ALA A 19 -57.81 24.48 27.82
N ARG A 20 -56.84 25.39 27.76
CA ARG A 20 -55.76 25.29 26.78
C ARG A 20 -54.70 24.32 27.26
N THR A 21 -54.55 23.21 26.55
CA THR A 21 -53.54 22.21 26.89
C THR A 21 -52.33 22.32 25.98
N ASP A 22 -51.20 22.75 26.52
CA ASP A 22 -49.98 22.90 25.75
C ASP A 22 -49.13 21.64 25.85
N GLN A 23 -48.30 21.42 24.85
CA GLN A 23 -47.45 20.24 24.79
C GLN A 23 -46.04 20.60 24.36
N MET A 24 -45.14 19.63 24.46
CA MET A 24 -43.76 19.81 24.05
C MET A 24 -43.09 18.44 23.91
N GLU A 25 -42.07 18.39 23.07
CA GLU A 25 -41.42 17.15 22.76
C GLU A 25 -39.90 17.32 22.86
N VAL A 26 -39.28 16.54 23.74
CA VAL A 26 -37.84 16.60 23.93
C VAL A 26 -37.18 15.33 23.39
N ASP A 27 -36.66 15.42 22.18
CA ASP A 27 -36.02 14.27 21.53
C ASP A 27 -34.82 14.75 20.72
N SER A 28 -33.75 13.95 20.73
CA SER A 28 -32.50 14.34 20.07
C SER A 28 -32.58 14.17 18.56
N GLY A 29 -33.59 13.46 18.08
CA GLY A 29 -33.74 13.26 16.64
C GLY A 29 -32.91 12.09 16.13
N PRO A 30 -32.81 11.94 14.80
CA PRO A 30 -32.01 10.88 14.17
C PRO A 30 -30.56 10.88 14.65
N GLY A 31 -29.96 9.69 14.66
CA GLY A 31 -28.60 9.54 15.12
C GLY A 31 -27.57 9.88 14.06
N LYS A 32 -26.32 9.82 14.44
CA LYS A 32 -25.25 10.18 13.54
C LYS A 32 -24.49 8.95 13.06
N ARG A 33 -24.11 8.94 11.80
CA ARG A 33 -23.31 7.86 11.26
C ARG A 33 -21.96 8.40 10.77
N PRO A 34 -20.89 8.10 11.51
CA PRO A 34 -19.54 8.50 11.15
C PRO A 34 -18.83 7.47 10.28
N LEU A 35 -17.72 7.88 9.70
CA LEU A 35 -16.94 7.00 8.84
C LEU A 35 -15.51 6.85 9.37
N ARG A 36 -15.33 7.24 10.63
CA ARG A 36 -14.03 7.15 11.29
C ARG A 36 -13.52 5.70 11.33
N GLY A 37 -12.21 5.54 11.31
CA GLY A 37 -11.61 4.21 11.35
C GLY A 37 -11.42 3.63 9.97
N GLY A 38 -10.91 4.43 9.06
CA GLY A 38 -10.74 3.99 7.69
C GLY A 38 -12.05 4.04 6.93
N PHE A 39 -12.96 3.15 7.29
CA PHE A 39 -14.30 3.14 6.74
C PHE A 39 -15.28 2.80 7.85
N THR A 40 -16.53 2.57 7.49
CA THR A 40 -17.55 2.23 8.45
C THR A 40 -17.48 0.74 8.81
N ASP A 41 -18.30 0.31 9.76
CA ASP A 41 -18.29 -1.07 10.27
C ASP A 41 -18.33 -2.10 9.14
N LYS A 42 -18.93 -1.71 8.01
CA LYS A 42 -19.11 -2.61 6.87
C LYS A 42 -17.80 -3.24 6.41
N GLU A 43 -16.75 -2.43 6.31
CA GLU A 43 -15.49 -2.89 5.75
C GLU A 43 -14.77 -3.77 6.75
N ARG A 44 -15.00 -3.49 8.01
CA ARG A 44 -14.38 -4.24 9.09
C ARG A 44 -15.07 -5.61 9.23
N GLN A 45 -16.39 -5.60 9.04
CA GLN A 45 -17.15 -6.83 8.92
C GLN A 45 -16.68 -7.61 7.71
N ASP A 46 -16.24 -6.86 6.70
CA ASP A 46 -15.67 -7.42 5.48
C ASP A 46 -14.35 -8.14 5.77
N HIS A 47 -13.58 -7.58 6.69
CA HIS A 47 -12.36 -8.23 7.16
C HIS A 47 -12.73 -9.58 7.77
N ARG A 48 -13.78 -9.55 8.59
CA ARG A 48 -14.31 -10.76 9.21
C ARG A 48 -14.90 -11.70 8.17
N ARG A 49 -15.41 -11.12 7.08
CA ARG A 49 -15.95 -11.85 5.94
C ARG A 49 -14.91 -12.80 5.40
N ARG A 50 -13.79 -12.25 4.98
CA ARG A 50 -12.72 -13.04 4.41
C ARG A 50 -12.16 -14.05 5.39
N LYS A 51 -12.12 -13.73 6.68
CA LYS A 51 -11.58 -14.67 7.66
C LYS A 51 -12.56 -15.76 7.95
N ALA A 52 -13.83 -15.41 7.97
CA ALA A 52 -14.89 -16.39 8.04
C ALA A 52 -14.76 -17.33 6.86
N LEU A 53 -14.31 -16.76 5.76
CA LEU A 53 -14.16 -17.45 4.53
C LEU A 53 -12.86 -18.21 4.39
N GLU A 54 -11.83 -17.80 5.09
CA GLU A 54 -10.61 -18.60 5.14
C GLU A 54 -10.92 -19.87 5.89
N ASN A 55 -11.83 -19.73 6.83
CA ASN A 55 -12.41 -20.86 7.51
C ASN A 55 -13.22 -21.69 6.52
N LYS A 56 -13.97 -21.00 5.65
CA LYS A 56 -14.74 -21.65 4.62
C LYS A 56 -13.82 -22.48 3.73
N LYS A 57 -12.72 -21.88 3.29
CA LYS A 57 -11.69 -22.55 2.53
C LYS A 57 -11.27 -23.86 3.21
N LYS A 58 -10.92 -23.77 4.49
CA LYS A 58 -10.56 -24.94 5.27
C LYS A 58 -11.63 -26.02 5.19
N GLN A 59 -12.84 -25.70 5.63
CA GLN A 59 -13.94 -26.64 5.62
C GLN A 59 -14.16 -27.25 4.24
N LEU A 60 -14.34 -26.38 3.24
CA LEU A 60 -14.69 -26.81 1.90
C LEU A 60 -13.58 -27.65 1.30
N SER A 61 -12.36 -27.14 1.30
CA SER A 61 -11.21 -27.84 0.71
C SER A 61 -11.05 -29.20 1.37
N ALA A 62 -11.25 -29.22 2.68
CA ALA A 62 -11.16 -30.45 3.45
C ALA A 62 -12.24 -31.44 3.05
N GLY A 63 -13.38 -30.92 2.61
CA GLY A 63 -14.47 -31.76 2.14
C GLY A 63 -14.59 -31.80 0.63
N GLY A 64 -13.56 -31.29 -0.06
CA GLY A 64 -13.53 -31.33 -1.51
C GLY A 64 -14.47 -30.34 -2.18
N LYS A 65 -14.99 -29.39 -1.42
CA LYS A 65 -15.91 -28.40 -1.92
C LYS A 65 -15.19 -27.14 -2.37
N ASN A 66 -15.89 -26.33 -3.15
CA ASN A 66 -15.34 -25.08 -3.68
C ASN A 66 -16.15 -23.89 -3.21
N LEU A 67 -15.58 -22.69 -3.32
CA LEU A 67 -16.27 -21.46 -2.96
C LEU A 67 -17.08 -20.96 -4.14
N SER A 68 -18.02 -20.06 -3.86
CA SER A 68 -18.82 -19.47 -4.89
C SER A 68 -18.04 -18.32 -5.51
N LYS A 69 -18.16 -18.16 -6.81
CA LYS A 69 -17.37 -17.19 -7.57
C LYS A 69 -17.25 -15.85 -6.87
N GLU A 70 -18.35 -15.40 -6.32
CA GLU A 70 -18.44 -14.08 -5.70
C GLU A 70 -17.78 -14.07 -4.35
N GLU A 71 -18.08 -15.10 -3.57
CA GLU A 71 -17.53 -15.32 -2.27
C GLU A 71 -16.01 -15.38 -2.36
N GLU A 72 -15.54 -15.88 -3.50
CA GLU A 72 -14.11 -15.96 -3.78
C GLU A 72 -13.57 -14.59 -4.21
N GLU A 73 -14.38 -13.82 -4.95
CA GLU A 73 -14.00 -12.48 -5.37
C GLU A 73 -13.70 -11.59 -4.17
N GLU A 74 -14.70 -11.49 -3.29
CA GLU A 74 -14.55 -10.68 -2.08
C GLU A 74 -13.37 -11.16 -1.28
N LEU A 75 -13.32 -12.46 -1.03
CA LEU A 75 -12.23 -13.07 -0.30
C LEU A 75 -10.87 -12.62 -0.78
N ARG A 76 -10.65 -12.80 -2.06
CA ARG A 76 -9.38 -12.48 -2.65
C ARG A 76 -9.02 -11.03 -2.43
N ARG A 77 -9.94 -10.12 -2.75
CA ARG A 77 -9.69 -8.71 -2.60
C ARG A 77 -9.38 -8.34 -1.16
N LEU A 78 -10.23 -8.83 -0.27
CA LEU A 78 -10.05 -8.66 1.17
C LEU A 78 -8.65 -9.12 1.60
N THR A 79 -8.18 -10.18 0.95
CA THR A 79 -6.93 -10.80 1.31
C THR A 79 -5.78 -10.01 0.70
N GLU A 80 -5.97 -9.59 -0.54
CA GLU A 80 -4.98 -8.84 -1.26
C GLU A 80 -4.58 -7.61 -0.48
N GLU A 81 -5.60 -6.89 -0.06
CA GLU A 81 -5.41 -5.69 0.74
C GLU A 81 -4.74 -6.04 2.07
N ASP A 82 -5.26 -7.03 2.77
CA ASP A 82 -4.73 -7.37 4.09
C ASP A 82 -3.26 -7.78 4.03
N GLU A 83 -2.94 -8.72 3.15
CA GLU A 83 -1.59 -9.24 3.07
C GLU A 83 -0.60 -8.19 2.56
N ARG A 84 -1.02 -7.37 1.62
CA ARG A 84 -0.17 -6.34 1.06
C ARG A 84 0.23 -5.38 2.16
N ARG A 85 -0.73 -5.07 3.01
CA ARG A 85 -0.53 -4.14 4.09
C ARG A 85 0.50 -4.66 5.07
N GLU A 86 0.34 -5.92 5.46
CA GLU A 86 1.24 -6.51 6.42
C GLU A 86 2.63 -6.68 5.81
N ARG A 87 2.65 -7.10 4.56
CA ARG A 87 3.90 -7.34 3.84
C ARG A 87 4.67 -6.06 3.65
N ARG A 88 3.90 -5.03 3.42
CA ARG A 88 4.38 -3.65 3.26
C ARG A 88 4.81 -3.39 1.83
N VAL A 89 4.47 -4.36 0.98
CA VAL A 89 4.79 -4.33 -0.45
C VAL A 89 6.30 -4.35 -0.64
N ALA A 90 6.89 -3.16 -0.66
CA ALA A 90 8.32 -2.99 -0.65
C ALA A 90 8.99 -3.67 -1.85
N GLY A 91 10.30 -3.81 -1.78
CA GLY A 91 11.04 -4.45 -2.84
C GLY A 91 12.35 -5.06 -2.35
N PRO A 92 12.49 -6.39 -2.43
CA PRO A 92 13.72 -7.07 -2.04
C PRO A 92 14.81 -6.91 -3.10
N PRO A 93 16.05 -6.60 -2.65
CA PRO A 93 17.19 -6.36 -3.53
C PRO A 93 17.50 -7.55 -4.44
N VAL A 94 17.57 -8.74 -3.83
CA VAL A 94 17.85 -9.98 -4.57
C VAL A 94 19.00 -9.78 -5.57
N GLY A 95 20.21 -9.71 -5.07
CA GLY A 95 21.34 -9.44 -5.93
C GLY A 95 22.57 -9.16 -5.11
N GLY A 96 22.87 -10.10 -4.23
CA GLY A 96 23.98 -9.94 -3.33
C GLY A 96 25.32 -10.04 -4.05
N VAL A 97 25.49 -11.13 -4.78
CA VAL A 97 26.69 -11.37 -5.60
C VAL A 97 27.93 -11.57 -4.73
N ASN A 98 28.41 -12.81 -4.69
CA ASN A 98 29.63 -13.14 -3.96
C ASN A 98 30.68 -13.67 -4.93
N PRO A 99 31.51 -12.77 -5.50
CA PRO A 99 32.50 -13.13 -6.52
C PRO A 99 33.78 -13.69 -5.92
N LEU A 100 33.64 -14.57 -4.94
CA LEU A 100 34.79 -15.17 -4.29
C LEU A 100 35.15 -16.49 -4.97
N GLU A 101 34.13 -17.32 -5.18
CA GLU A 101 34.26 -18.62 -5.82
C GLU A 101 35.01 -19.59 -4.96
N GLY A 102 36.32 -19.49 -4.98
CA GLY A 102 37.10 -20.45 -4.27
C GLY A 102 38.34 -19.84 -3.66
N GLY A 103 39.12 -19.18 -4.50
CA GLY A 103 40.34 -18.56 -4.05
C GLY A 103 41.50 -18.82 -5.00
N SER A 104 41.74 -17.87 -5.89
CA SER A 104 42.81 -18.01 -6.86
C SER A 104 44.13 -17.52 -6.27
N ARG A 105 44.57 -18.22 -5.23
CA ARG A 105 45.87 -18.00 -4.60
C ARG A 105 45.96 -16.67 -3.86
N GLY A 106 46.07 -15.59 -4.62
CA GLY A 106 46.21 -14.28 -4.03
C GLY A 106 47.24 -13.45 -4.77
N ALA A 107 48.34 -13.15 -4.09
CA ALA A 107 49.42 -12.37 -4.67
C ALA A 107 50.72 -12.60 -3.92
N PRO A 108 51.38 -13.74 -4.15
CA PRO A 108 52.63 -14.09 -3.46
C PRO A 108 53.78 -13.17 -3.85
N GLY A 109 53.94 -12.93 -5.15
CA GLY A 109 55.02 -12.09 -5.62
C GLY A 109 56.02 -12.87 -6.44
N GLY A 110 56.54 -13.94 -5.85
CA GLY A 110 57.50 -14.78 -6.54
C GLY A 110 58.87 -14.74 -5.90
N GLY A 111 58.97 -14.04 -4.78
CA GLY A 111 60.23 -13.92 -4.07
C GLY A 111 61.12 -12.86 -4.67
N PHE A 112 62.22 -12.57 -4.00
CA PHE A 112 63.15 -11.56 -4.47
C PHE A 112 64.49 -11.71 -3.75
N VAL A 113 65.49 -12.09 -4.50
CA VAL A 113 66.82 -12.35 -3.95
C VAL A 113 67.81 -11.21 -4.24
N PRO A 114 67.94 -10.75 -5.52
CA PRO A 114 68.96 -9.77 -5.87
C PRO A 114 68.76 -8.42 -5.18
N ASN A 115 69.66 -8.09 -4.28
CA ASN A 115 69.59 -6.84 -3.54
C ASN A 115 70.87 -6.04 -3.76
N LEU A 116 70.72 -4.84 -4.28
CA LEU A 116 71.87 -4.02 -4.65
C LEU A 116 71.96 -2.77 -3.79
N GLN A 117 71.26 -2.79 -2.67
CA GLN A 117 71.27 -1.67 -1.75
C GLN A 117 72.21 -1.96 -0.59
N GLY A 118 72.23 -1.07 0.38
CA GLY A 118 73.01 -1.31 1.57
C GLY A 118 74.05 -0.24 1.80
N VAL A 119 74.34 0.04 3.07
CA VAL A 119 75.26 1.10 3.44
C VAL A 119 76.72 0.73 3.18
N PRO A 120 77.19 -0.47 3.59
CA PRO A 120 78.60 -0.88 3.42
C PRO A 120 79.14 -0.67 2.01
N GLU A 121 80.09 0.25 1.90
CA GLU A 121 80.81 0.46 0.65
C GLU A 121 82.29 0.67 0.94
N SER A 122 83.13 0.36 -0.03
CA SER A 122 84.57 0.46 0.15
C SER A 122 85.24 0.98 -1.11
N PRO A 123 85.61 2.27 -1.13
CA PRO A 123 86.37 2.86 -2.20
C PRO A 123 87.87 2.75 -1.97
N PHE A 124 88.64 3.05 -2.99
CA PHE A 124 90.08 2.93 -2.92
C PHE A 124 90.72 4.32 -2.79
N SER A 125 90.06 5.32 -3.34
CA SER A 125 90.56 6.69 -3.25
C SER A 125 89.59 7.55 -2.49
N ARG A 126 90.07 8.68 -2.00
CA ARG A 126 89.23 9.55 -1.18
C ARG A 126 89.71 10.99 -1.26
N THR A 127 88.80 11.85 -1.74
CA THR A 127 89.02 13.30 -1.86
C THR A 127 90.37 13.66 -2.49
N GLY A 128 90.89 12.77 -3.33
CA GLY A 128 92.19 13.00 -3.94
C GLY A 128 93.28 13.22 -2.91
N GLU A 129 93.90 14.39 -2.96
CA GLU A 129 94.92 14.78 -2.00
C GLU A 129 94.70 16.22 -1.60
N GLY A 130 94.18 16.99 -2.54
CA GLY A 130 94.06 18.40 -2.33
C GLY A 130 94.79 19.19 -3.38
N LEU A 131 94.95 18.58 -4.54
CA LEU A 131 95.69 19.14 -5.65
C LEU A 131 97.16 19.33 -5.30
N ASP A 132 97.90 19.79 -6.29
CA ASP A 132 99.33 19.99 -6.16
C ASP A 132 99.71 21.38 -6.65
N ILE A 133 99.62 22.36 -5.76
CA ILE A 133 99.93 23.73 -6.12
C ILE A 133 101.21 24.19 -5.43
N ARG A 134 101.35 23.79 -4.16
CA ARG A 134 102.50 24.17 -3.32
C ARG A 134 102.41 25.63 -2.92
N GLY A 135 102.52 26.49 -3.92
CA GLY A 135 102.48 27.91 -3.70
C GLY A 135 102.53 28.66 -5.03
N ASN A 136 101.84 29.77 -5.10
CA ASN A 136 101.80 30.56 -6.33
C ASN A 136 102.31 31.97 -6.10
N GLN A 137 102.64 32.26 -4.84
CA GLN A 137 103.15 33.58 -4.45
C GLN A 137 102.13 34.68 -4.77
N GLY A 138 100.85 34.35 -4.59
CA GLY A 138 99.79 35.29 -4.89
C GLY A 138 99.81 36.49 -3.97
N PHE A 139 99.79 37.68 -4.56
CA PHE A 139 99.79 38.91 -3.78
C PHE A 139 98.39 39.29 -3.30
N PRO A 140 97.38 39.37 -4.19
CA PRO A 140 96.00 39.60 -3.77
C PRO A 140 95.33 38.31 -3.33
N GLY A 1 -52.20 -12.22 76.09
CA GLY A 1 -52.92 -11.02 75.59
C GLY A 1 -54.31 -10.89 76.19
N PRO A 2 -55.13 -10.02 75.62
CA PRO A 2 -56.49 -9.77 76.11
C PRO A 2 -57.45 -10.90 75.75
N LEU A 3 -57.64 -11.81 76.68
CA LEU A 3 -58.49 -12.96 76.43
C LEU A 3 -59.68 -12.99 77.37
N GLY A 4 -59.45 -12.65 78.63
CA GLY A 4 -60.50 -12.70 79.63
C GLY A 4 -61.57 -11.64 79.40
N SER A 5 -61.14 -10.49 78.92
CA SER A 5 -62.08 -9.41 78.62
C SER A 5 -62.10 -9.14 77.13
N LYS A 6 -61.23 -9.85 76.39
CA LYS A 6 -61.06 -9.65 74.96
C LYS A 6 -60.60 -8.22 74.67
N ASP A 7 -60.72 -7.81 73.41
CA ASP A 7 -60.27 -6.48 73.02
C ASP A 7 -61.01 -6.00 71.77
N LYS A 8 -62.33 -6.16 71.79
CA LYS A 8 -63.17 -5.68 70.69
C LYS A 8 -63.14 -4.15 70.66
N ASP A 9 -62.87 -3.57 71.82
CA ASP A 9 -62.83 -2.12 71.97
C ASP A 9 -61.42 -1.59 71.78
N GLY A 10 -60.59 -2.36 71.08
CA GLY A 10 -59.22 -1.96 70.86
C GLY A 10 -58.74 -2.34 69.47
N GLU A 11 -58.76 -3.63 69.19
CA GLU A 11 -58.30 -4.14 67.91
C GLU A 11 -59.21 -5.25 67.48
N GLY A 12 -59.21 -6.28 68.28
CA GLY A 12 -60.13 -7.36 68.11
C GLY A 12 -59.68 -8.36 67.08
N ALA A 13 -60.02 -8.09 65.84
CA ALA A 13 -59.65 -8.96 64.74
C ALA A 13 -59.19 -8.14 63.53
N PRO A 14 -58.01 -7.51 63.63
CA PRO A 14 -57.44 -6.68 62.57
C PRO A 14 -56.83 -7.51 61.45
N PRO A 15 -57.28 -7.30 60.21
CA PRO A 15 -56.70 -7.95 59.02
C PRO A 15 -55.26 -7.51 58.76
N ALA A 16 -54.78 -7.77 57.55
CA ALA A 16 -53.42 -7.45 57.16
C ALA A 16 -52.42 -8.11 58.09
N LYS A 17 -52.37 -9.42 58.03
CA LYS A 17 -51.49 -10.21 58.88
C LYS A 17 -50.15 -10.43 58.19
N ARG A 18 -50.16 -10.30 56.88
CA ARG A 18 -48.98 -10.58 56.09
C ARG A 18 -48.72 -9.50 55.04
N ALA A 19 -49.76 -8.70 54.75
CA ALA A 19 -49.68 -7.67 53.72
C ALA A 19 -49.44 -8.33 52.37
N ARG A 20 -50.34 -9.24 52.02
CA ARG A 20 -50.21 -10.05 50.82
C ARG A 20 -50.40 -9.22 49.55
N THR A 21 -49.36 -8.52 49.15
CA THR A 21 -49.36 -7.77 47.91
C THR A 21 -48.51 -8.47 46.88
N ASP A 22 -48.96 -8.47 45.64
CA ASP A 22 -48.21 -9.11 44.56
C ASP A 22 -47.21 -8.15 43.95
N GLN A 23 -46.06 -8.06 44.57
CA GLN A 23 -44.98 -7.24 44.04
C GLN A 23 -44.01 -8.11 43.27
N MET A 24 -43.29 -7.51 42.33
CA MET A 24 -42.32 -8.24 41.55
C MET A 24 -41.08 -7.41 41.38
N GLU A 25 -39.96 -8.09 41.27
CA GLU A 25 -38.69 -7.44 41.25
C GLU A 25 -38.01 -7.61 39.89
N VAL A 26 -37.69 -6.49 39.27
CA VAL A 26 -37.10 -6.46 37.94
C VAL A 26 -35.83 -5.62 37.95
N ASP A 27 -34.70 -6.26 37.68
CA ASP A 27 -33.42 -5.56 37.65
C ASP A 27 -33.16 -4.97 36.27
N SER A 28 -33.00 -5.86 35.27
CA SER A 28 -32.75 -5.45 33.89
C SER A 28 -31.56 -4.51 33.78
N GLY A 29 -30.36 -5.07 33.83
CA GLY A 29 -29.16 -4.26 33.73
C GLY A 29 -28.84 -3.90 32.29
N PRO A 30 -28.27 -2.72 32.07
CA PRO A 30 -27.89 -2.26 30.73
C PRO A 30 -26.67 -3.02 30.18
N GLY A 31 -26.30 -2.70 28.95
CA GLY A 31 -25.13 -3.31 28.34
C GLY A 31 -24.30 -2.30 27.61
N LYS A 32 -23.05 -2.65 27.36
CA LYS A 32 -22.14 -1.78 26.69
C LYS A 32 -21.06 -2.58 25.98
N ARG A 33 -21.01 -2.47 24.66
CA ARG A 33 -20.03 -3.21 23.87
C ARG A 33 -19.19 -2.27 23.03
N PRO A 34 -17.87 -2.25 23.25
CA PRO A 34 -16.93 -1.48 22.42
C PRO A 34 -16.75 -2.14 21.05
N LEU A 35 -16.22 -1.38 20.11
CA LEU A 35 -16.02 -1.88 18.75
C LEU A 35 -14.71 -1.34 18.19
N ARG A 36 -14.37 -0.11 18.57
CA ARG A 36 -13.15 0.54 18.08
C ARG A 36 -11.89 -0.25 18.44
N GLY A 37 -11.14 -0.58 17.41
CA GLY A 37 -9.91 -1.33 17.58
C GLY A 37 -9.12 -1.38 16.28
N GLY A 38 -8.92 -0.20 15.70
CA GLY A 38 -8.26 -0.10 14.42
C GLY A 38 -9.00 0.82 13.49
N PHE A 39 -10.07 0.31 12.89
CA PHE A 39 -10.91 1.12 12.02
C PHE A 39 -12.37 0.95 12.38
N THR A 40 -13.22 1.58 11.60
CA THR A 40 -14.66 1.48 11.76
C THR A 40 -15.12 0.06 11.45
N ASP A 41 -16.35 -0.26 11.89
CA ASP A 41 -16.96 -1.56 11.69
C ASP A 41 -16.88 -2.03 10.24
N LYS A 42 -16.78 -1.07 9.32
CA LYS A 42 -16.74 -1.37 7.89
C LYS A 42 -15.63 -2.35 7.57
N GLU A 43 -14.43 -2.01 8.02
CA GLU A 43 -13.24 -2.76 7.69
C GLU A 43 -13.19 -4.01 8.55
N ARG A 44 -13.81 -3.93 9.70
CA ARG A 44 -13.89 -5.07 10.61
C ARG A 44 -14.78 -6.16 10.05
N GLN A 45 -15.96 -5.78 9.57
CA GLN A 45 -16.83 -6.71 8.88
C GLN A 45 -16.11 -7.30 7.68
N ASP A 46 -15.30 -6.46 7.06
CA ASP A 46 -14.44 -6.87 5.95
C ASP A 46 -13.54 -8.02 6.35
N HIS A 47 -12.89 -7.88 7.51
CA HIS A 47 -11.96 -8.88 8.01
C HIS A 47 -12.70 -10.11 8.54
N ARG A 48 -13.86 -9.90 9.16
CA ARG A 48 -14.68 -11.00 9.64
C ARG A 48 -15.11 -11.85 8.45
N ARG A 49 -15.46 -11.18 7.37
CA ARG A 49 -15.81 -11.82 6.11
C ARG A 49 -14.61 -12.55 5.52
N ARG A 50 -13.52 -11.83 5.44
CA ARG A 50 -12.23 -12.40 5.05
C ARG A 50 -11.96 -13.72 5.78
N LYS A 51 -12.11 -13.70 7.10
CA LYS A 51 -11.87 -14.87 7.91
C LYS A 51 -13.00 -15.87 7.81
N ALA A 52 -14.16 -15.38 7.37
CA ALA A 52 -15.29 -16.23 7.10
C ALA A 52 -14.92 -17.25 6.04
N LEU A 53 -14.23 -16.79 4.99
CA LEU A 53 -13.72 -17.70 3.99
C LEU A 53 -12.45 -18.40 4.42
N GLU A 54 -11.65 -17.80 5.28
CA GLU A 54 -10.53 -18.55 5.82
C GLU A 54 -11.06 -19.85 6.40
N ASN A 55 -12.16 -19.74 7.12
CA ASN A 55 -12.89 -20.89 7.62
C ASN A 55 -13.50 -21.66 6.46
N LYS A 56 -14.16 -20.94 5.55
CA LYS A 56 -14.85 -21.56 4.43
C LYS A 56 -13.91 -22.43 3.62
N LYS A 57 -12.90 -21.81 3.01
CA LYS A 57 -11.86 -22.50 2.27
C LYS A 57 -11.31 -23.70 3.02
N LYS A 58 -10.94 -23.51 4.28
CA LYS A 58 -10.45 -24.62 5.11
C LYS A 58 -11.40 -25.80 5.08
N GLN A 59 -12.65 -25.57 5.47
CA GLN A 59 -13.65 -26.61 5.53
C GLN A 59 -13.95 -27.19 4.16
N LEU A 60 -14.08 -26.31 3.16
CA LEU A 60 -14.45 -26.72 1.81
C LEU A 60 -13.36 -27.59 1.20
N SER A 61 -12.14 -27.07 1.14
CA SER A 61 -11.04 -27.78 0.56
C SER A 61 -10.80 -29.11 1.26
N ALA A 62 -10.98 -29.11 2.56
CA ALA A 62 -10.79 -30.31 3.37
C ALA A 62 -11.89 -31.34 3.12
N GLY A 63 -13.09 -30.87 2.82
CA GLY A 63 -14.22 -31.77 2.61
C GLY A 63 -14.46 -32.07 1.14
N GLY A 64 -13.83 -31.32 0.27
CA GLY A 64 -13.99 -31.53 -1.16
C GLY A 64 -15.06 -30.64 -1.77
N LYS A 65 -15.28 -29.50 -1.15
CA LYS A 65 -16.22 -28.51 -1.63
C LYS A 65 -15.49 -27.39 -2.32
N ASN A 66 -16.25 -26.37 -2.68
CA ASN A 66 -15.74 -25.31 -3.54
C ASN A 66 -16.48 -24.00 -3.26
N LEU A 67 -15.76 -22.88 -3.41
CA LEU A 67 -16.35 -21.55 -3.21
C LEU A 67 -17.15 -21.15 -4.43
N SER A 68 -17.99 -20.14 -4.28
CA SER A 68 -18.69 -19.58 -5.41
C SER A 68 -17.86 -18.44 -5.98
N LYS A 69 -18.13 -18.04 -7.20
CA LYS A 69 -17.36 -16.99 -7.84
C LYS A 69 -17.40 -15.72 -7.00
N GLU A 70 -18.58 -15.42 -6.49
CA GLU A 70 -18.82 -14.22 -5.69
C GLU A 70 -17.95 -14.23 -4.45
N GLU A 71 -18.18 -15.23 -3.61
CA GLU A 71 -17.52 -15.42 -2.35
C GLU A 71 -16.00 -15.35 -2.52
N GLU A 72 -15.54 -16.03 -3.54
CA GLU A 72 -14.14 -16.15 -3.81
C GLU A 72 -13.54 -14.80 -4.16
N GLU A 73 -14.17 -14.08 -5.11
CA GLU A 73 -13.66 -12.80 -5.57
C GLU A 73 -13.61 -11.77 -4.46
N GLU A 74 -14.73 -11.61 -3.75
CA GLU A 74 -14.80 -10.61 -2.68
C GLU A 74 -13.65 -10.78 -1.70
N LEU A 75 -13.38 -12.02 -1.35
CA LEU A 75 -12.39 -12.25 -0.31
C LEU A 75 -10.97 -12.05 -0.77
N ARG A 76 -10.62 -12.67 -1.89
CA ARG A 76 -9.29 -12.54 -2.42
C ARG A 76 -8.93 -11.08 -2.57
N ARG A 77 -9.90 -10.30 -2.99
CA ARG A 77 -9.74 -8.87 -3.12
C ARG A 77 -9.39 -8.24 -1.78
N LEU A 78 -10.12 -8.61 -0.74
CA LEU A 78 -9.80 -8.18 0.62
C LEU A 78 -8.36 -8.56 0.97
N THR A 79 -7.99 -9.74 0.53
CA THR A 79 -6.71 -10.32 0.88
C THR A 79 -5.61 -9.52 0.22
N GLU A 80 -5.90 -9.13 -1.02
CA GLU A 80 -5.02 -8.32 -1.80
C GLU A 80 -4.74 -7.00 -1.12
N GLU A 81 -5.81 -6.31 -0.77
CA GLU A 81 -5.72 -5.03 -0.08
C GLU A 81 -4.95 -5.16 1.21
N ASP A 82 -5.25 -6.22 1.96
CA ASP A 82 -4.63 -6.47 3.25
C ASP A 82 -3.10 -6.55 3.12
N GLU A 83 -2.64 -7.38 2.20
CA GLU A 83 -1.21 -7.63 2.07
C GLU A 83 -0.47 -6.43 1.48
N ARG A 84 -1.04 -5.79 0.46
CA ARG A 84 -0.36 -4.66 -0.18
C ARG A 84 -0.16 -3.54 0.81
N ARG A 85 -1.22 -3.20 1.50
CA ARG A 85 -1.25 -2.05 2.37
C ARG A 85 -0.33 -2.21 3.57
N GLU A 86 -0.41 -3.36 4.24
CA GLU A 86 0.38 -3.52 5.45
C GLU A 86 1.85 -3.72 5.13
N ARG A 87 2.12 -4.40 4.03
CA ARG A 87 3.48 -4.80 3.71
C ARG A 87 4.30 -3.68 3.12
N ARG A 88 3.67 -2.93 2.25
CA ARG A 88 4.34 -1.82 1.58
C ARG A 88 3.49 -0.56 1.53
N VAL A 89 2.31 -0.71 0.94
CA VAL A 89 1.39 0.41 0.63
C VAL A 89 2.07 1.45 -0.27
N ALA A 90 3.15 1.04 -0.93
CA ALA A 90 3.89 1.89 -1.83
C ALA A 90 4.55 1.04 -2.91
N GLY A 91 4.87 1.65 -4.05
CA GLY A 91 5.46 0.90 -5.14
C GLY A 91 6.30 1.77 -6.04
N PRO A 92 7.63 1.78 -5.84
CA PRO A 92 8.56 2.56 -6.66
C PRO A 92 8.66 2.02 -8.08
N PRO A 93 8.41 2.87 -9.09
CA PRO A 93 8.50 2.48 -10.49
C PRO A 93 9.95 2.25 -10.93
N VAL A 94 10.18 1.13 -11.60
CA VAL A 94 11.50 0.77 -12.07
C VAL A 94 11.55 0.86 -13.59
N GLY A 95 12.24 1.89 -14.10
CA GLY A 95 12.35 2.07 -15.53
C GLY A 95 13.29 3.20 -15.85
N GLY A 96 14.39 3.23 -15.12
CA GLY A 96 15.33 4.33 -15.25
C GLY A 96 16.27 4.18 -16.41
N VAL A 97 17.36 4.92 -16.37
CA VAL A 97 18.36 4.91 -17.43
C VAL A 97 19.75 4.68 -16.86
N ASN A 98 20.53 3.82 -17.49
CA ASN A 98 21.88 3.53 -17.05
C ASN A 98 22.89 4.27 -17.92
N PRO A 99 23.67 5.19 -17.31
CA PRO A 99 24.68 5.97 -18.04
C PRO A 99 25.83 5.09 -18.55
N LEU A 100 26.07 5.12 -19.84
CA LEU A 100 27.10 4.35 -20.46
C LEU A 100 28.04 5.22 -21.26
N GLU A 101 29.22 5.42 -20.71
CA GLU A 101 30.22 6.25 -21.34
C GLU A 101 31.55 5.56 -21.41
N GLY A 102 32.41 6.06 -22.29
CA GLY A 102 33.74 5.54 -22.40
C GLY A 102 34.23 5.49 -23.83
N GLY A 103 35.00 6.50 -24.23
CA GLY A 103 35.46 6.57 -25.60
C GLY A 103 36.87 7.11 -25.72
N SER A 104 37.46 6.94 -26.89
CA SER A 104 38.82 7.40 -27.15
C SER A 104 38.83 8.86 -27.52
N ARG A 105 39.95 9.53 -27.26
CA ARG A 105 40.06 10.95 -27.48
C ARG A 105 41.30 11.29 -28.29
N GLY A 106 41.38 12.53 -28.74
CA GLY A 106 42.52 12.95 -29.54
C GLY A 106 42.12 13.45 -30.91
N ALA A 107 42.96 14.28 -31.49
CA ALA A 107 42.71 14.81 -32.84
C ALA A 107 44.00 15.34 -33.45
N PRO A 108 44.88 14.44 -33.89
CA PRO A 108 46.16 14.80 -34.49
C PRO A 108 46.01 15.22 -35.94
N GLY A 109 47.11 15.70 -36.52
CA GLY A 109 47.11 16.11 -37.91
C GLY A 109 48.20 15.40 -38.69
N GLY A 110 48.37 14.12 -38.42
CA GLY A 110 49.41 13.35 -39.07
C GLY A 110 49.87 12.20 -38.21
N GLY A 111 50.15 12.49 -36.95
CA GLY A 111 50.60 11.48 -36.02
C GLY A 111 51.48 12.04 -34.93
N PHE A 112 52.07 11.16 -34.13
CA PHE A 112 52.96 11.57 -33.05
C PHE A 112 54.41 11.42 -33.50
N VAL A 113 55.20 12.46 -33.34
CA VAL A 113 56.57 12.47 -33.81
C VAL A 113 57.58 12.77 -32.72
N PRO A 114 58.16 11.73 -32.12
CA PRO A 114 59.28 11.90 -31.21
C PRO A 114 60.61 11.73 -31.94
N ASN A 115 61.71 11.94 -31.23
CA ASN A 115 63.02 11.82 -31.83
C ASN A 115 63.94 11.02 -30.93
N LEU A 116 64.98 10.44 -31.50
CA LEU A 116 65.97 9.72 -30.73
C LEU A 116 67.31 10.43 -30.82
N GLN A 117 67.25 11.70 -31.16
CA GLN A 117 68.44 12.53 -31.30
C GLN A 117 68.92 13.02 -29.95
N GLY A 118 68.00 13.61 -29.20
CA GLY A 118 68.35 14.25 -27.96
C GLY A 118 68.55 13.29 -26.81
N VAL A 119 69.49 12.40 -27.00
CA VAL A 119 69.85 11.42 -26.00
C VAL A 119 71.12 11.82 -25.23
N PRO A 120 72.21 12.25 -25.92
CA PRO A 120 73.47 12.61 -25.26
C PRO A 120 73.35 13.78 -24.29
N GLU A 121 73.03 13.48 -23.05
CA GLU A 121 73.13 14.46 -21.99
C GLU A 121 73.75 13.81 -20.75
N SER A 122 74.35 12.65 -20.98
CA SER A 122 74.97 11.83 -19.95
C SER A 122 75.55 10.57 -20.59
N PRO A 123 74.81 9.88 -21.51
CA PRO A 123 75.36 8.78 -22.28
C PRO A 123 76.23 9.27 -23.43
N PHE A 124 76.53 8.35 -24.36
CA PHE A 124 77.35 8.64 -25.55
C PHE A 124 78.82 8.80 -25.17
N SER A 125 79.05 9.25 -23.95
CA SER A 125 80.39 9.47 -23.45
C SER A 125 80.76 8.36 -22.50
N ARG A 126 82.03 8.03 -22.48
CA ARG A 126 82.49 6.85 -21.79
C ARG A 126 83.86 7.07 -21.18
N THR A 127 84.10 6.46 -20.04
CA THR A 127 85.36 6.61 -19.35
C THR A 127 86.15 5.30 -19.39
N GLY A 128 87.12 5.24 -20.28
CA GLY A 128 87.99 4.08 -20.36
C GLY A 128 89.42 4.46 -20.08
N GLU A 129 90.25 4.44 -21.11
CA GLU A 129 91.64 4.84 -20.99
C GLU A 129 92.05 5.62 -22.22
N GLY A 130 91.66 5.09 -23.36
CA GLY A 130 91.90 5.76 -24.61
C GLY A 130 91.28 5.02 -25.75
N LEU A 131 92.00 4.02 -26.23
CA LEU A 131 91.50 3.19 -27.31
C LEU A 131 92.07 1.78 -27.24
N ASP A 132 93.37 1.67 -27.48
CA ASP A 132 94.02 0.36 -27.55
C ASP A 132 94.75 0.04 -26.26
N ILE A 133 94.87 -1.26 -25.98
CA ILE A 133 95.56 -1.75 -24.81
C ILE A 133 96.98 -2.17 -25.18
N ARG A 134 97.15 -2.53 -26.46
CA ARG A 134 98.42 -2.97 -27.02
C ARG A 134 98.76 -4.39 -26.59
N GLY A 135 98.90 -4.59 -25.29
CA GLY A 135 99.26 -5.88 -24.77
C GLY A 135 100.58 -5.85 -24.03
N ASN A 136 101.42 -6.84 -24.32
CA ASN A 136 102.74 -6.96 -23.71
C ASN A 136 102.66 -7.05 -22.19
N GLN A 137 101.62 -7.73 -21.71
CA GLN A 137 101.41 -7.90 -20.28
C GLN A 137 101.62 -9.35 -19.87
N GLY A 138 101.90 -10.19 -20.85
CA GLY A 138 102.10 -11.60 -20.59
C GLY A 138 100.87 -12.42 -20.92
N PHE A 139 101.06 -13.45 -21.73
CA PHE A 139 99.95 -14.30 -22.14
C PHE A 139 99.53 -15.25 -21.01
N PRO A 140 100.46 -16.01 -20.40
CA PRO A 140 100.13 -16.82 -19.22
C PRO A 140 99.94 -15.95 -17.98
N GLY A 1 -98.40 -28.58 18.77
CA GLY A 1 -97.69 -29.69 19.46
C GLY A 1 -97.17 -29.26 20.80
N PRO A 2 -96.12 -29.92 21.31
CA PRO A 2 -95.51 -29.57 22.58
C PRO A 2 -94.44 -28.50 22.42
N LEU A 3 -93.82 -28.12 23.53
CA LEU A 3 -92.75 -27.15 23.50
C LEU A 3 -91.40 -27.84 23.34
N GLY A 4 -90.92 -28.42 24.43
CA GLY A 4 -89.61 -29.04 24.42
C GLY A 4 -88.50 -28.02 24.53
N SER A 5 -87.41 -28.39 25.21
CA SER A 5 -86.29 -27.49 25.44
C SER A 5 -86.75 -26.26 26.21
N LYS A 6 -86.80 -26.40 27.54
CA LYS A 6 -87.32 -25.35 28.42
C LYS A 6 -86.66 -24.01 28.16
N ASP A 7 -87.49 -23.00 28.17
CA ASP A 7 -87.05 -21.63 27.89
C ASP A 7 -87.68 -20.67 28.89
N LYS A 8 -88.78 -21.10 29.48
CA LYS A 8 -89.50 -20.28 30.46
C LYS A 8 -88.63 -20.01 31.67
N ASP A 9 -87.78 -20.98 32.00
CA ASP A 9 -86.94 -20.87 33.18
C ASP A 9 -85.55 -20.33 32.85
N GLY A 10 -85.17 -20.39 31.59
CA GLY A 10 -83.88 -19.89 31.18
C GLY A 10 -83.43 -20.51 29.88
N GLU A 11 -82.31 -21.21 29.92
CA GLU A 11 -81.79 -21.87 28.74
C GLU A 11 -80.98 -23.05 29.17
N GLY A 12 -80.04 -22.78 30.07
CA GLY A 12 -79.19 -23.82 30.54
C GLY A 12 -77.83 -23.79 29.89
N ALA A 13 -77.56 -22.71 29.18
CA ALA A 13 -76.30 -22.56 28.47
C ALA A 13 -75.29 -21.79 29.29
N PRO A 14 -74.12 -22.37 29.53
CA PRO A 14 -73.04 -21.72 30.30
C PRO A 14 -72.29 -20.68 29.46
N PRO A 15 -72.35 -19.40 29.85
CA PRO A 15 -71.63 -18.33 29.19
C PRO A 15 -70.11 -18.43 29.38
N ALA A 16 -69.42 -17.38 28.97
CA ALA A 16 -67.95 -17.29 29.03
C ALA A 16 -67.29 -18.27 28.06
N LYS A 17 -66.61 -17.74 27.07
CA LYS A 17 -65.94 -18.56 26.06
C LYS A 17 -64.45 -18.65 26.37
N ARG A 18 -64.03 -17.93 27.39
CA ARG A 18 -62.65 -17.99 27.84
C ARG A 18 -62.57 -18.62 29.22
N ALA A 19 -62.81 -19.93 29.26
CA ALA A 19 -62.78 -20.68 30.51
C ALA A 19 -61.41 -21.28 30.73
N ARG A 20 -60.59 -21.27 29.69
CA ARG A 20 -59.23 -21.77 29.78
C ARG A 20 -58.23 -20.65 29.48
N THR A 21 -58.17 -19.67 30.37
CA THR A 21 -57.26 -18.55 30.20
C THR A 21 -55.88 -18.89 30.71
N ASP A 22 -54.91 -18.96 29.81
CA ASP A 22 -53.54 -19.28 30.17
C ASP A 22 -52.69 -18.02 30.16
N GLN A 23 -51.70 -17.98 31.03
CA GLN A 23 -50.78 -16.86 31.08
C GLN A 23 -49.50 -17.21 30.38
N MET A 24 -48.77 -16.21 29.93
CA MET A 24 -47.52 -16.43 29.24
C MET A 24 -46.48 -15.39 29.61
N GLU A 25 -45.28 -15.57 29.07
CA GLU A 25 -44.16 -14.72 29.41
C GLU A 25 -43.16 -14.69 28.27
N VAL A 26 -43.19 -13.63 27.48
CA VAL A 26 -42.32 -13.52 26.32
C VAL A 26 -41.08 -12.68 26.64
N ASP A 27 -40.01 -13.35 27.05
CA ASP A 27 -38.73 -12.70 27.29
C ASP A 27 -37.93 -12.64 26.01
N SER A 28 -38.10 -11.58 25.24
CA SER A 28 -37.43 -11.45 23.96
C SER A 28 -36.84 -10.06 23.77
N GLY A 29 -36.04 -9.91 22.71
CA GLY A 29 -35.51 -8.61 22.36
C GLY A 29 -34.20 -8.72 21.59
N PRO A 30 -34.06 -7.94 20.52
CA PRO A 30 -32.86 -7.94 19.67
C PRO A 30 -31.64 -7.37 20.40
N GLY A 31 -30.46 -7.68 19.88
CA GLY A 31 -29.25 -7.17 20.47
C GLY A 31 -28.15 -7.00 19.47
N LYS A 32 -27.44 -5.90 19.58
CA LYS A 32 -26.33 -5.62 18.72
C LYS A 32 -25.54 -4.42 19.26
N ARG A 33 -24.27 -4.65 19.56
CA ARG A 33 -23.42 -3.59 20.08
C ARG A 33 -22.56 -2.99 18.99
N PRO A 34 -22.59 -1.66 18.84
CA PRO A 34 -21.75 -0.94 17.89
C PRO A 34 -20.35 -0.67 18.45
N LEU A 35 -19.38 -0.53 17.57
CA LEU A 35 -18.03 -0.22 18.00
C LEU A 35 -17.37 0.73 17.00
N ARG A 36 -17.23 0.25 15.77
CA ARG A 36 -16.52 0.98 14.72
C ARG A 36 -15.20 1.54 15.24
N GLY A 37 -14.35 0.65 15.71
CA GLY A 37 -13.07 1.07 16.26
C GLY A 37 -11.96 0.91 15.25
N GLY A 38 -11.00 1.83 15.28
CA GLY A 38 -9.89 1.76 14.35
C GLY A 38 -10.22 2.45 13.03
N PHE A 39 -11.02 1.80 12.21
CA PHE A 39 -11.40 2.35 10.91
C PHE A 39 -12.90 2.25 10.72
N THR A 40 -13.36 2.61 9.53
CA THR A 40 -14.74 2.48 9.14
C THR A 40 -15.11 1.00 8.98
N ASP A 41 -16.37 0.75 8.73
CA ASP A 41 -16.89 -0.60 8.62
C ASP A 41 -16.13 -1.43 7.59
N LYS A 42 -15.58 -0.74 6.61
CA LYS A 42 -14.91 -1.38 5.47
C LYS A 42 -13.83 -2.36 5.92
N GLU A 43 -12.99 -1.93 6.85
CA GLU A 43 -11.86 -2.75 7.29
C GLU A 43 -12.36 -3.88 8.15
N ARG A 44 -13.42 -3.60 8.87
CA ARG A 44 -13.97 -4.54 9.83
C ARG A 44 -14.70 -5.66 9.14
N GLN A 45 -15.64 -5.30 8.27
CA GLN A 45 -16.35 -6.26 7.47
C GLN A 45 -15.37 -7.03 6.61
N ASP A 46 -14.29 -6.34 6.23
CA ASP A 46 -13.22 -6.97 5.47
C ASP A 46 -12.67 -8.17 6.22
N HIS A 47 -12.36 -7.96 7.49
CA HIS A 47 -11.76 -9.01 8.29
C HIS A 47 -12.76 -10.07 8.70
N ARG A 48 -13.94 -9.65 9.13
CA ARG A 48 -15.01 -10.57 9.49
C ARG A 48 -15.30 -11.52 8.34
N ARG A 49 -15.46 -10.95 7.15
CA ARG A 49 -15.79 -11.68 5.96
C ARG A 49 -14.60 -12.48 5.47
N ARG A 50 -13.46 -11.84 5.47
CA ARG A 50 -12.21 -12.49 5.13
C ARG A 50 -12.03 -13.78 5.93
N LYS A 51 -12.12 -13.66 7.25
CA LYS A 51 -11.90 -14.77 8.15
C LYS A 51 -13.06 -15.75 8.09
N ALA A 52 -14.22 -15.25 7.69
CA ALA A 52 -15.37 -16.10 7.48
C ALA A 52 -15.02 -17.16 6.45
N LEU A 53 -14.44 -16.72 5.34
CA LEU A 53 -13.99 -17.63 4.32
C LEU A 53 -12.70 -18.33 4.67
N GLU A 54 -11.87 -17.76 5.51
CA GLU A 54 -10.68 -18.49 5.91
C GLU A 54 -11.11 -19.82 6.52
N ASN A 55 -12.18 -19.76 7.32
CA ASN A 55 -12.81 -20.97 7.85
C ASN A 55 -13.48 -21.74 6.72
N LYS A 56 -14.22 -21.02 5.88
CA LYS A 56 -14.94 -21.63 4.78
C LYS A 56 -14.02 -22.46 3.90
N LYS A 57 -13.06 -21.79 3.27
CA LYS A 57 -12.03 -22.41 2.46
C LYS A 57 -11.40 -23.62 3.15
N LYS A 58 -11.01 -23.47 4.43
CA LYS A 58 -10.49 -24.60 5.19
C LYS A 58 -11.41 -25.81 5.08
N GLN A 59 -12.65 -25.66 5.49
CA GLN A 59 -13.63 -26.72 5.43
C GLN A 59 -13.82 -27.25 4.02
N LEU A 60 -13.98 -26.33 3.08
CA LEU A 60 -14.29 -26.69 1.70
C LEU A 60 -13.16 -27.51 1.09
N SER A 61 -11.96 -26.97 1.10
CA SER A 61 -10.80 -27.62 0.54
C SER A 61 -10.54 -28.95 1.22
N ALA A 62 -10.84 -29.01 2.50
CA ALA A 62 -10.61 -30.20 3.31
C ALA A 62 -11.68 -31.25 3.08
N GLY A 63 -12.86 -30.82 2.63
CA GLY A 63 -13.97 -31.74 2.43
C GLY A 63 -14.27 -32.00 0.97
N GLY A 64 -13.71 -31.18 0.09
CA GLY A 64 -13.94 -31.33 -1.34
C GLY A 64 -15.05 -30.44 -1.86
N LYS A 65 -15.38 -29.39 -1.11
CA LYS A 65 -16.37 -28.43 -1.53
C LYS A 65 -15.72 -27.26 -2.25
N ASN A 66 -16.53 -26.47 -2.93
CA ASN A 66 -16.02 -25.40 -3.76
C ASN A 66 -16.88 -24.15 -3.67
N LEU A 67 -16.26 -22.99 -3.83
CA LEU A 67 -16.94 -21.72 -3.71
C LEU A 67 -17.43 -21.20 -5.04
N SER A 68 -18.34 -20.25 -4.98
CA SER A 68 -18.82 -19.56 -6.14
C SER A 68 -17.87 -18.41 -6.46
N LYS A 69 -18.13 -17.72 -7.55
CA LYS A 69 -17.35 -16.54 -7.89
C LYS A 69 -17.50 -15.54 -6.78
N GLU A 70 -18.72 -15.37 -6.36
CA GLU A 70 -19.11 -14.40 -5.36
C GLU A 70 -18.15 -14.38 -4.18
N GLU A 71 -18.09 -15.51 -3.48
CA GLU A 71 -17.35 -15.66 -2.28
C GLU A 71 -15.85 -15.52 -2.53
N GLU A 72 -15.40 -16.25 -3.53
CA GLU A 72 -13.98 -16.38 -3.83
C GLU A 72 -13.42 -15.03 -4.29
N GLU A 73 -14.20 -14.33 -5.09
CA GLU A 73 -13.80 -13.05 -5.64
C GLU A 73 -13.68 -11.99 -4.55
N GLU A 74 -14.72 -11.87 -3.71
CA GLU A 74 -14.70 -10.85 -2.67
C GLU A 74 -13.47 -10.99 -1.79
N LEU A 75 -13.22 -12.21 -1.33
CA LEU A 75 -12.14 -12.42 -0.40
C LEU A 75 -10.78 -12.22 -1.03
N ARG A 76 -10.61 -12.80 -2.19
CA ARG A 76 -9.39 -12.65 -2.95
C ARG A 76 -9.02 -11.18 -3.07
N ARG A 77 -10.02 -10.36 -3.34
CA ARG A 77 -9.83 -8.92 -3.48
C ARG A 77 -9.51 -8.27 -2.15
N LEU A 78 -10.22 -8.68 -1.10
CA LEU A 78 -9.97 -8.15 0.26
C LEU A 78 -8.51 -8.36 0.61
N THR A 79 -8.00 -9.51 0.21
CA THR A 79 -6.68 -9.93 0.55
C THR A 79 -5.66 -9.21 -0.32
N GLU A 80 -6.06 -8.97 -1.56
CA GLU A 80 -5.21 -8.31 -2.51
C GLU A 80 -4.93 -6.87 -2.10
N GLU A 81 -5.96 -6.19 -1.69
CA GLU A 81 -5.82 -4.82 -1.23
C GLU A 81 -5.10 -4.79 0.11
N ASP A 82 -5.35 -5.80 0.93
CA ASP A 82 -4.65 -5.94 2.20
C ASP A 82 -3.15 -6.10 1.97
N GLU A 83 -2.78 -7.02 1.09
CA GLU A 83 -1.37 -7.34 0.85
C GLU A 83 -0.62 -6.12 0.30
N ARG A 84 -1.22 -5.39 -0.64
CA ARG A 84 -0.54 -4.23 -1.21
C ARG A 84 -0.29 -3.18 -0.14
N ARG A 85 -1.33 -2.88 0.63
CA ARG A 85 -1.24 -1.87 1.68
C ARG A 85 -0.12 -2.17 2.66
N GLU A 86 -0.07 -3.40 3.12
CA GLU A 86 0.86 -3.76 4.17
C GLU A 86 2.27 -3.94 3.63
N ARG A 87 2.37 -4.50 2.44
CA ARG A 87 3.66 -4.90 1.87
C ARG A 87 4.58 -3.73 1.62
N ARG A 88 4.01 -2.65 1.11
CA ARG A 88 4.74 -1.43 0.86
C ARG A 88 3.84 -0.37 0.26
N VAL A 89 2.90 -0.82 -0.57
CA VAL A 89 1.97 0.05 -1.30
C VAL A 89 2.68 1.30 -1.85
N ALA A 90 3.68 1.06 -2.69
CA ALA A 90 4.44 2.12 -3.31
C ALA A 90 5.05 1.63 -4.61
N GLY A 91 6.00 2.39 -5.15
CA GLY A 91 6.63 2.03 -6.41
C GLY A 91 7.57 0.84 -6.29
N PRO A 92 8.25 0.49 -7.39
CA PRO A 92 9.17 -0.65 -7.42
C PRO A 92 10.52 -0.33 -6.79
N PRO A 93 11.07 -1.25 -5.98
CA PRO A 93 12.39 -1.09 -5.37
C PRO A 93 13.51 -1.08 -6.41
N VAL A 94 14.15 0.06 -6.56
CA VAL A 94 15.24 0.23 -7.52
C VAL A 94 16.58 0.25 -6.79
N GLY A 95 17.59 -0.40 -7.37
CA GLY A 95 18.91 -0.43 -6.74
C GLY A 95 19.95 -0.91 -7.72
N GLY A 96 19.58 -1.94 -8.47
CA GLY A 96 20.44 -2.43 -9.52
C GLY A 96 21.69 -3.13 -9.00
N VAL A 97 22.65 -3.34 -9.88
CA VAL A 97 23.88 -4.01 -9.52
C VAL A 97 25.08 -3.39 -10.26
N ASN A 98 26.12 -3.07 -9.51
CA ASN A 98 27.29 -2.41 -10.07
C ASN A 98 28.47 -3.37 -10.19
N PRO A 99 29.00 -3.54 -11.41
CA PRO A 99 30.19 -4.36 -11.64
C PRO A 99 31.47 -3.61 -11.26
N LEU A 100 32.37 -4.27 -10.57
CA LEU A 100 33.59 -3.64 -10.10
C LEU A 100 34.77 -4.57 -10.31
N GLU A 101 35.61 -4.22 -11.25
CA GLU A 101 36.79 -5.01 -11.53
C GLU A 101 38.06 -4.22 -11.32
N GLY A 102 39.17 -4.85 -11.64
CA GLY A 102 40.45 -4.22 -11.49
C GLY A 102 41.39 -5.07 -10.69
N GLY A 103 42.26 -5.80 -11.38
CA GLY A 103 43.15 -6.71 -10.69
C GLY A 103 44.34 -7.11 -11.54
N SER A 104 45.00 -6.12 -12.11
CA SER A 104 46.19 -6.37 -12.91
C SER A 104 47.32 -6.86 -12.03
N ARG A 105 48.12 -7.77 -12.55
CA ARG A 105 49.15 -8.41 -11.77
C ARG A 105 50.51 -8.37 -12.45
N GLY A 106 50.53 -8.67 -13.74
CA GLY A 106 51.78 -8.70 -14.47
C GLY A 106 52.16 -10.13 -14.83
N ALA A 107 53.45 -10.42 -14.75
CA ALA A 107 53.95 -11.75 -15.07
C ALA A 107 54.80 -12.29 -13.92
N PRO A 108 54.20 -13.09 -13.03
CA PRO A 108 54.90 -13.65 -11.87
C PRO A 108 56.10 -14.50 -12.28
N GLY A 109 57.20 -14.34 -11.54
CA GLY A 109 58.41 -15.06 -11.84
C GLY A 109 59.57 -14.52 -11.06
N GLY A 110 60.72 -15.16 -11.17
CA GLY A 110 61.88 -14.70 -10.44
C GLY A 110 63.05 -15.64 -10.60
N GLY A 111 63.45 -15.86 -11.85
CA GLY A 111 64.57 -16.75 -12.12
C GLY A 111 65.90 -16.06 -11.89
N PHE A 112 66.98 -16.82 -12.01
CA PHE A 112 68.34 -16.34 -11.78
C PHE A 112 68.50 -15.87 -10.33
N VAL A 113 68.96 -16.79 -9.51
CA VAL A 113 69.21 -16.49 -8.11
C VAL A 113 70.71 -16.38 -7.83
N PRO A 114 71.54 -17.38 -8.23
CA PRO A 114 72.98 -17.35 -7.98
C PRO A 114 73.73 -16.57 -9.04
N ASN A 115 74.33 -15.47 -8.64
CA ASN A 115 75.14 -14.66 -9.54
C ASN A 115 76.60 -14.95 -9.29
N LEU A 116 76.93 -15.15 -8.03
CA LEU A 116 78.28 -15.50 -7.62
C LEU A 116 78.52 -16.99 -7.75
N GLN A 117 77.44 -17.76 -7.64
CA GLN A 117 77.47 -19.21 -7.74
C GLN A 117 78.22 -19.85 -6.59
N GLY A 118 79.54 -19.94 -6.72
CA GLY A 118 80.34 -20.59 -5.73
C GLY A 118 81.00 -19.59 -4.79
N VAL A 119 81.74 -20.10 -3.82
CA VAL A 119 82.46 -19.27 -2.89
C VAL A 119 83.95 -19.27 -3.18
N PRO A 120 84.65 -18.21 -2.75
CA PRO A 120 86.10 -18.16 -2.82
C PRO A 120 86.77 -19.25 -1.99
N GLU A 121 87.26 -20.26 -2.67
CA GLU A 121 87.97 -21.32 -1.99
C GLU A 121 89.28 -21.63 -2.68
N SER A 122 90.17 -22.25 -1.95
CA SER A 122 91.46 -22.65 -2.49
C SER A 122 91.53 -24.18 -2.55
N PRO A 123 91.35 -24.75 -3.76
CA PRO A 123 91.35 -26.20 -3.98
C PRO A 123 92.58 -26.91 -3.39
N PHE A 124 93.69 -26.19 -3.35
CA PHE A 124 94.92 -26.73 -2.79
C PHE A 124 95.38 -25.89 -1.61
N SER A 125 95.26 -24.56 -1.75
CA SER A 125 95.61 -23.60 -0.72
C SER A 125 97.11 -23.48 -0.63
N ARG A 126 97.58 -22.77 0.36
CA ARG A 126 98.97 -22.44 0.43
C ARG A 126 99.54 -22.80 1.79
N THR A 127 99.55 -24.10 2.09
CA THR A 127 100.04 -24.59 3.36
C THR A 127 101.57 -24.54 3.40
N GLY A 128 102.10 -23.35 3.63
CA GLY A 128 103.53 -23.18 3.73
C GLY A 128 104.02 -23.30 5.14
N GLU A 129 104.44 -24.49 5.51
CA GLU A 129 104.93 -24.75 6.86
C GLU A 129 106.19 -25.56 6.82
N GLY A 130 106.83 -25.59 5.67
CA GLY A 130 108.01 -26.37 5.53
C GLY A 130 109.13 -25.53 5.00
N LEU A 131 109.23 -24.35 5.55
CA LEU A 131 110.16 -23.35 5.09
C LEU A 131 111.59 -23.77 5.33
N ASP A 132 112.51 -23.08 4.67
CA ASP A 132 113.93 -23.32 4.85
C ASP A 132 114.69 -22.01 4.79
N ILE A 133 115.34 -21.67 5.88
CA ILE A 133 116.08 -20.42 5.98
C ILE A 133 117.49 -20.71 6.45
N ARG A 134 117.62 -20.94 7.74
CA ARG A 134 118.88 -21.27 8.36
C ARG A 134 118.67 -22.29 9.45
N GLY A 135 117.95 -21.86 10.47
CA GLY A 135 117.64 -22.72 11.58
C GLY A 135 118.17 -22.19 12.89
N ASN A 136 118.32 -23.08 13.85
CA ASN A 136 118.85 -22.73 15.15
C ASN A 136 119.65 -23.88 15.71
N GLN A 137 119.03 -25.05 15.81
CA GLN A 137 119.69 -26.26 16.32
C GLN A 137 120.30 -25.99 17.69
N GLY A 138 119.52 -25.41 18.57
CA GLY A 138 120.00 -25.11 19.91
C GLY A 138 119.32 -25.95 20.96
N PHE A 139 118.11 -26.41 20.66
CA PHE A 139 117.35 -27.24 21.58
C PHE A 139 116.88 -28.51 20.88
N PRO A 140 117.61 -29.62 21.09
CA PRO A 140 117.26 -30.91 20.49
C PRO A 140 116.11 -31.60 21.22
N GLY A 1 -7.15 11.42 57.12
CA GLY A 1 -6.38 12.17 56.11
C GLY A 1 -5.55 13.26 56.74
N PRO A 2 -4.82 14.04 55.92
CA PRO A 2 -3.95 15.11 56.40
C PRO A 2 -4.72 16.32 56.90
N LEU A 3 -4.57 16.63 58.17
CA LEU A 3 -5.22 17.79 58.76
C LEU A 3 -4.19 18.86 59.14
N GLY A 4 -2.93 18.47 59.10
CA GLY A 4 -1.86 19.41 59.40
C GLY A 4 -0.53 18.91 58.90
N SER A 5 0.51 19.74 59.07
CA SER A 5 1.85 19.41 58.61
C SER A 5 1.85 19.07 57.13
N LYS A 6 1.59 20.10 56.31
CA LYS A 6 1.46 19.94 54.88
C LYS A 6 2.77 19.46 54.25
N ASP A 7 2.65 18.87 53.07
CA ASP A 7 3.79 18.33 52.36
C ASP A 7 4.24 19.33 51.31
N LYS A 8 4.12 20.60 51.64
CA LYS A 8 4.41 21.67 50.71
C LYS A 8 5.91 21.84 50.52
N ASP A 9 6.68 21.27 51.43
CA ASP A 9 8.14 21.39 51.41
C ASP A 9 8.78 20.08 50.95
N GLY A 10 7.95 19.07 50.73
CA GLY A 10 8.47 17.78 50.36
C GLY A 10 7.94 17.34 49.02
N GLU A 11 6.95 18.07 48.54
CA GLU A 11 6.31 17.78 47.28
C GLU A 11 5.77 19.06 46.72
N GLY A 12 5.03 19.75 47.57
CA GLY A 12 4.44 20.98 47.17
C GLY A 12 2.95 20.95 47.33
N ALA A 13 2.34 22.12 47.50
CA ALA A 13 0.90 22.20 47.70
C ALA A 13 0.39 23.62 47.49
N PRO A 14 -0.19 23.90 46.31
CA PRO A 14 -0.82 25.18 46.03
C PRO A 14 -2.14 25.31 46.80
N PRO A 15 -2.18 26.19 47.81
CA PRO A 15 -3.34 26.34 48.69
C PRO A 15 -4.58 26.87 47.98
N ALA A 16 -5.59 27.19 48.79
CA ALA A 16 -6.87 27.70 48.31
C ALA A 16 -7.49 26.78 47.27
N LYS A 17 -7.94 25.64 47.73
CA LYS A 17 -8.59 24.66 46.90
C LYS A 17 -10.04 25.07 46.70
N ARG A 18 -10.46 26.00 47.53
CA ARG A 18 -11.80 26.56 47.44
C ARG A 18 -11.78 27.94 46.79
N ALA A 19 -10.72 28.21 46.02
CA ALA A 19 -10.54 29.50 45.37
C ALA A 19 -11.57 29.71 44.27
N ARG A 20 -11.77 28.68 43.44
CA ARG A 20 -12.71 28.74 42.33
C ARG A 20 -12.33 29.85 41.36
N THR A 21 -11.25 29.62 40.62
CA THR A 21 -10.78 30.60 39.65
C THR A 21 -10.93 30.05 38.24
N ASP A 22 -10.50 28.83 38.05
CA ASP A 22 -10.61 28.14 36.77
C ASP A 22 -11.02 26.70 37.00
N GLN A 23 -12.00 26.25 36.22
CA GLN A 23 -12.51 24.89 36.35
C GLN A 23 -12.30 24.13 35.04
N MET A 24 -12.47 22.82 35.08
CA MET A 24 -12.34 22.00 33.89
C MET A 24 -13.34 20.87 33.89
N GLU A 25 -13.55 20.28 32.72
CA GLU A 25 -14.54 19.25 32.54
C GLU A 25 -14.02 18.21 31.55
N VAL A 26 -13.15 17.34 32.02
CA VAL A 26 -12.54 16.32 31.18
C VAL A 26 -12.95 14.94 31.67
N ASP A 27 -12.11 13.94 31.42
CA ASP A 27 -12.39 12.56 31.79
C ASP A 27 -13.71 12.09 31.19
N SER A 28 -13.74 11.97 29.87
CA SER A 28 -14.94 11.55 29.14
C SER A 28 -16.05 12.58 29.26
N GLY A 29 -16.02 13.57 28.38
CA GLY A 29 -17.06 14.58 28.35
C GLY A 29 -18.37 14.07 27.79
N PRO A 30 -19.41 14.90 27.78
CA PRO A 30 -20.73 14.51 27.26
C PRO A 30 -20.71 14.29 25.74
N GLY A 31 -21.49 13.32 25.29
CA GLY A 31 -21.58 13.03 23.88
C GLY A 31 -20.95 11.71 23.51
N LYS A 32 -20.63 11.55 22.25
CA LYS A 32 -20.01 10.33 21.79
C LYS A 32 -18.49 10.44 21.93
N ARG A 33 -17.94 9.57 22.75
CA ARG A 33 -16.50 9.56 22.98
C ARG A 33 -15.85 8.52 22.08
N PRO A 34 -14.71 8.88 21.46
CA PRO A 34 -13.95 7.96 20.61
C PRO A 34 -13.47 6.74 21.39
N LEU A 35 -13.83 5.57 20.92
CA LEU A 35 -13.43 4.35 21.59
C LEU A 35 -12.78 3.37 20.61
N ARG A 36 -12.89 3.67 19.33
CA ARG A 36 -12.39 2.78 18.30
C ARG A 36 -11.08 3.29 17.72
N GLY A 37 -10.00 2.62 18.04
CA GLY A 37 -8.71 2.95 17.47
C GLY A 37 -8.48 2.21 16.16
N GLY A 38 -7.28 2.31 15.63
CA GLY A 38 -6.98 1.67 14.36
C GLY A 38 -7.70 2.33 13.21
N PHE A 39 -8.75 1.70 12.71
CA PHE A 39 -9.55 2.28 11.64
C PHE A 39 -11.01 2.30 12.05
N THR A 40 -11.89 2.52 11.10
CA THR A 40 -13.31 2.47 11.35
C THR A 40 -13.81 1.01 11.31
N ASP A 41 -15.09 0.81 11.60
CA ASP A 41 -15.69 -0.52 11.63
C ASP A 41 -15.44 -1.30 10.33
N LYS A 42 -15.27 -0.55 9.25
CA LYS A 42 -15.14 -1.11 7.90
C LYS A 42 -14.02 -2.15 7.81
N GLU A 43 -12.95 -1.95 8.56
CA GLU A 43 -11.80 -2.84 8.47
C GLU A 43 -12.10 -4.11 9.23
N ARG A 44 -12.93 -3.96 10.25
CA ARG A 44 -13.32 -5.09 11.07
C ARG A 44 -14.33 -5.96 10.36
N GLN A 45 -15.25 -5.33 9.62
CA GLN A 45 -16.15 -6.05 8.75
C GLN A 45 -15.35 -6.76 7.67
N ASP A 46 -14.29 -6.09 7.24
CA ASP A 46 -13.33 -6.66 6.32
C ASP A 46 -12.77 -7.95 6.88
N HIS A 47 -12.37 -7.86 8.15
CA HIS A 47 -11.77 -8.97 8.86
C HIS A 47 -12.74 -10.14 8.96
N ARG A 48 -13.96 -9.86 9.38
CA ARG A 48 -14.98 -10.91 9.55
C ARG A 48 -15.21 -11.68 8.27
N ARG A 49 -15.47 -10.96 7.20
CA ARG A 49 -15.76 -11.54 5.89
C ARG A 49 -14.61 -12.36 5.38
N ARG A 50 -13.52 -11.68 5.22
CA ARG A 50 -12.23 -12.26 4.87
C ARG A 50 -11.97 -13.57 5.62
N LYS A 51 -11.94 -13.52 6.94
CA LYS A 51 -11.60 -14.68 7.75
C LYS A 51 -12.70 -15.72 7.68
N ALA A 52 -13.93 -15.25 7.50
CA ALA A 52 -15.07 -16.13 7.31
C ALA A 52 -14.81 -17.05 6.14
N LEU A 53 -14.20 -16.49 5.12
CA LEU A 53 -13.94 -17.21 3.92
C LEU A 53 -12.67 -18.02 3.97
N GLU A 54 -11.71 -17.62 4.77
CA GLU A 54 -10.55 -18.45 4.97
C GLU A 54 -10.96 -19.69 5.73
N ASN A 55 -11.98 -19.50 6.55
CA ASN A 55 -12.69 -20.60 7.18
C ASN A 55 -13.37 -21.44 6.11
N LYS A 56 -14.01 -20.77 5.14
CA LYS A 56 -14.58 -21.44 4.03
C LYS A 56 -13.54 -22.28 3.32
N LYS A 57 -12.43 -21.66 2.96
CA LYS A 57 -11.32 -22.34 2.30
C LYS A 57 -10.99 -23.65 3.03
N LYS A 58 -10.89 -23.56 4.35
CA LYS A 58 -10.58 -24.71 5.18
C LYS A 58 -11.62 -25.83 5.05
N GLN A 59 -12.85 -25.53 5.45
CA GLN A 59 -13.90 -26.52 5.49
C GLN A 59 -14.31 -27.02 4.12
N LEU A 60 -14.38 -26.12 3.16
CA LEU A 60 -14.80 -26.46 1.81
C LEU A 60 -13.80 -27.41 1.17
N SER A 61 -12.54 -27.00 1.08
CA SER A 61 -11.52 -27.78 0.45
C SER A 61 -11.37 -29.14 1.14
N ALA A 62 -11.33 -29.12 2.46
CA ALA A 62 -11.15 -30.32 3.26
C ALA A 62 -12.34 -31.27 3.12
N GLY A 63 -13.51 -30.72 2.82
CA GLY A 63 -14.70 -31.54 2.65
C GLY A 63 -14.88 -32.00 1.21
N GLY A 64 -14.07 -31.46 0.31
CA GLY A 64 -14.17 -31.82 -1.09
C GLY A 64 -15.08 -30.86 -1.85
N LYS A 65 -15.34 -29.72 -1.24
CA LYS A 65 -16.15 -28.69 -1.83
C LYS A 65 -15.26 -27.66 -2.51
N ASN A 66 -15.89 -26.66 -3.06
CA ASN A 66 -15.17 -25.66 -3.82
C ASN A 66 -15.83 -24.31 -3.68
N LEU A 67 -15.02 -23.27 -3.64
CA LEU A 67 -15.49 -21.92 -3.45
C LEU A 67 -16.14 -21.40 -4.71
N SER A 68 -17.20 -20.64 -4.53
CA SER A 68 -17.91 -20.05 -5.62
C SER A 68 -17.25 -18.73 -5.95
N LYS A 69 -17.42 -18.26 -7.18
CA LYS A 69 -16.86 -16.98 -7.58
C LYS A 69 -17.25 -15.94 -6.58
N GLU A 70 -18.51 -15.99 -6.22
CA GLU A 70 -19.11 -14.99 -5.35
C GLU A 70 -18.27 -14.74 -4.11
N GLU A 71 -18.10 -15.77 -3.27
CA GLU A 71 -17.49 -15.54 -1.98
C GLU A 71 -15.96 -15.47 -2.11
N GLU A 72 -15.44 -16.17 -3.11
CA GLU A 72 -14.03 -16.21 -3.34
C GLU A 72 -13.56 -14.84 -3.80
N GLU A 73 -14.23 -14.32 -4.81
CA GLU A 73 -13.92 -13.01 -5.36
C GLU A 73 -13.99 -11.93 -4.29
N GLU A 74 -15.10 -11.90 -3.53
CA GLU A 74 -15.29 -10.84 -2.54
C GLU A 74 -14.12 -10.75 -1.56
N LEU A 75 -13.73 -11.83 -0.89
CA LEU A 75 -12.69 -11.69 0.12
C LEU A 75 -11.30 -11.76 -0.48
N ARG A 76 -11.18 -12.35 -1.66
CA ARG A 76 -9.92 -12.37 -2.37
C ARG A 76 -9.50 -10.96 -2.73
N ARG A 77 -10.43 -10.22 -3.32
CA ARG A 77 -10.23 -8.82 -3.62
C ARG A 77 -10.03 -8.03 -2.34
N LEU A 78 -10.88 -8.34 -1.38
CA LEU A 78 -10.82 -7.74 -0.05
C LEU A 78 -9.40 -7.80 0.51
N THR A 79 -8.73 -8.92 0.26
CA THR A 79 -7.39 -9.15 0.75
C THR A 79 -6.40 -8.37 -0.07
N GLU A 80 -6.63 -8.38 -1.38
CA GLU A 80 -5.76 -7.69 -2.30
C GLU A 80 -5.73 -6.21 -2.00
N GLU A 81 -6.89 -5.67 -1.69
CA GLU A 81 -7.04 -4.27 -1.36
C GLU A 81 -6.40 -3.96 -0.01
N ASP A 82 -6.61 -4.83 0.96
CA ASP A 82 -6.02 -4.63 2.28
C ASP A 82 -4.50 -4.67 2.21
N GLU A 83 -3.96 -5.63 1.46
CA GLU A 83 -2.51 -5.80 1.39
C GLU A 83 -1.85 -4.66 0.64
N ARG A 84 -2.50 -4.11 -0.39
CA ARG A 84 -1.91 -2.97 -1.10
C ARG A 84 -1.89 -1.73 -0.21
N ARG A 85 -2.97 -1.59 0.55
CA ARG A 85 -3.06 -0.55 1.57
C ARG A 85 -1.91 -0.64 2.55
N GLU A 86 -1.65 -1.84 3.03
CA GLU A 86 -0.58 -2.06 3.98
C GLU A 86 0.78 -1.84 3.30
N ARG A 87 0.87 -2.26 2.05
CA ARG A 87 2.14 -2.28 1.33
C ARG A 87 2.62 -0.89 1.00
N ARG A 88 1.71 -0.06 0.57
CA ARG A 88 2.02 1.33 0.23
C ARG A 88 0.85 2.27 0.51
N VAL A 89 -0.33 1.81 0.14
CA VAL A 89 -1.59 2.59 0.23
C VAL A 89 -1.74 3.52 -0.97
N ALA A 90 -0.63 3.80 -1.64
CA ALA A 90 -0.64 4.61 -2.83
C ALA A 90 -0.76 3.74 -4.07
N GLY A 91 -1.83 3.93 -4.83
CA GLY A 91 -2.05 3.11 -6.02
C GLY A 91 -1.28 3.62 -7.21
N PRO A 92 -1.21 2.82 -8.29
CA PRO A 92 -0.50 3.21 -9.51
C PRO A 92 -1.15 4.42 -10.18
N PRO A 93 -0.37 5.49 -10.42
CA PRO A 93 -0.85 6.68 -11.12
C PRO A 93 -0.92 6.45 -12.63
N VAL A 94 -1.98 5.78 -13.06
CA VAL A 94 -2.15 5.48 -14.47
C VAL A 94 -2.74 6.68 -15.21
N GLY A 95 -1.86 7.60 -15.61
CA GLY A 95 -2.29 8.76 -16.33
C GLY A 95 -1.25 9.84 -16.25
N GLY A 96 -0.02 9.44 -16.55
CA GLY A 96 1.11 10.34 -16.39
C GLY A 96 1.16 11.41 -17.47
N VAL A 97 0.51 11.12 -18.60
CA VAL A 97 0.44 12.06 -19.72
C VAL A 97 1.81 12.28 -20.36
N ASN A 98 2.06 11.57 -21.45
CA ASN A 98 3.33 11.66 -22.16
C ASN A 98 3.19 12.50 -23.43
N PRO A 99 3.72 13.72 -23.40
CA PRO A 99 3.66 14.62 -24.55
C PRO A 99 4.77 14.35 -25.56
N LEU A 100 4.72 15.05 -26.69
CA LEU A 100 5.72 14.90 -27.73
C LEU A 100 5.81 16.17 -28.53
N GLU A 101 6.99 16.76 -28.53
CA GLU A 101 7.22 17.94 -29.32
C GLU A 101 8.44 17.78 -30.19
N GLY A 102 8.41 18.41 -31.34
CA GLY A 102 9.57 18.46 -32.16
C GLY A 102 9.30 18.11 -33.60
N GLY A 103 8.22 18.66 -34.14
CA GLY A 103 7.87 18.38 -35.51
C GLY A 103 6.72 19.24 -36.00
N SER A 104 6.61 20.44 -35.44
CA SER A 104 5.55 21.35 -35.81
C SER A 104 5.85 22.00 -37.15
N ARG A 105 5.06 21.64 -38.14
CA ARG A 105 5.27 22.10 -39.50
C ARG A 105 4.02 22.74 -40.06
N GLY A 106 4.07 23.14 -41.32
CA GLY A 106 2.92 23.72 -41.97
C GLY A 106 3.19 24.06 -43.41
N ALA A 107 2.17 23.93 -44.24
CA ALA A 107 2.28 24.24 -45.65
C ALA A 107 1.87 25.68 -45.93
N PRO A 108 2.77 26.47 -46.52
CA PRO A 108 2.52 27.88 -46.82
C PRO A 108 1.55 28.06 -47.98
N GLY A 109 0.94 29.23 -48.05
CA GLY A 109 0.00 29.54 -49.11
C GLY A 109 -0.13 31.02 -49.35
N GLY A 110 -0.16 31.42 -50.61
CA GLY A 110 -0.26 32.82 -50.95
C GLY A 110 -1.69 33.28 -51.08
N GLY A 111 -2.44 32.60 -51.94
CA GLY A 111 -3.83 32.99 -52.18
C GLY A 111 -3.95 34.12 -53.16
N PHE A 112 -5.14 34.24 -53.76
CA PHE A 112 -5.43 35.28 -54.74
C PHE A 112 -4.61 35.09 -56.02
N VAL A 113 -5.30 34.85 -57.12
CA VAL A 113 -4.65 34.73 -58.41
C VAL A 113 -4.85 36.01 -59.20
N PRO A 114 -3.82 36.47 -59.88
CA PRO A 114 -3.92 37.65 -60.69
C PRO A 114 -4.48 37.35 -62.07
N ASN A 115 -5.67 37.88 -62.33
CA ASN A 115 -6.34 37.69 -63.62
C ASN A 115 -6.38 38.99 -64.40
N LEU A 116 -6.70 40.07 -63.70
CA LEU A 116 -6.75 41.40 -64.30
C LEU A 116 -5.99 42.39 -63.46
N GLN A 117 -4.84 41.96 -63.00
CA GLN A 117 -3.99 42.79 -62.15
C GLN A 117 -2.88 43.44 -62.94
N GLY A 118 -2.00 44.11 -62.24
CA GLY A 118 -0.82 44.66 -62.85
C GLY A 118 -1.01 46.11 -63.24
N VAL A 119 -0.22 46.96 -62.62
CA VAL A 119 -0.29 48.40 -62.86
C VAL A 119 0.39 48.78 -64.18
N PRO A 120 1.58 48.21 -64.52
CA PRO A 120 2.24 48.47 -65.80
C PRO A 120 1.41 48.10 -67.02
N GLU A 121 0.35 47.38 -66.77
CA GLU A 121 -0.44 46.80 -67.84
C GLU A 121 -1.36 47.85 -68.46
N SER A 122 -0.76 48.78 -69.18
CA SER A 122 -1.50 49.86 -69.85
C SER A 122 -2.35 50.65 -68.86
N PRO A 123 -1.70 51.47 -68.01
CA PRO A 123 -2.38 52.23 -66.98
C PRO A 123 -3.07 53.50 -67.50
N PHE A 124 -3.54 53.43 -68.75
CA PHE A 124 -4.23 54.53 -69.39
C PHE A 124 -3.39 55.79 -69.40
N SER A 125 -2.16 55.67 -69.86
CA SER A 125 -1.25 56.78 -69.95
C SER A 125 -0.53 56.74 -71.28
N ARG A 126 -0.45 57.87 -71.95
CA ARG A 126 0.08 57.93 -73.29
C ARG A 126 1.33 58.79 -73.34
N THR A 127 2.05 58.76 -74.46
CA THR A 127 3.24 59.57 -74.62
C THR A 127 2.88 61.05 -74.59
N GLY A 128 1.90 61.43 -75.40
CA GLY A 128 1.44 62.81 -75.40
C GLY A 128 0.79 63.20 -76.70
N GLU A 129 -0.04 64.22 -76.67
CA GLU A 129 -0.72 64.71 -77.86
C GLU A 129 -0.52 66.20 -77.97
N GLY A 130 -1.11 66.92 -77.04
CA GLY A 130 -0.94 68.34 -76.98
C GLY A 130 -2.12 68.99 -76.31
N LEU A 131 -3.11 69.31 -77.11
CA LEU A 131 -4.34 69.84 -76.61
C LEU A 131 -5.44 69.66 -77.65
N ASP A 132 -5.15 70.10 -78.87
CA ASP A 132 -6.07 69.95 -80.01
C ASP A 132 -7.35 70.76 -79.80
N ILE A 133 -7.41 71.92 -80.44
CA ILE A 133 -8.59 72.75 -80.39
C ILE A 133 -9.52 72.34 -81.51
N ARG A 134 -8.91 71.80 -82.57
CA ARG A 134 -9.62 71.23 -83.70
C ARG A 134 -10.22 72.32 -84.56
N GLY A 135 -11.13 73.05 -83.96
CA GLY A 135 -11.88 74.04 -84.66
C GLY A 135 -11.10 75.33 -84.83
N ASN A 136 -10.46 75.47 -85.98
CA ASN A 136 -9.69 76.66 -86.30
C ASN A 136 -10.62 77.77 -86.76
N GLN A 137 -11.87 77.41 -87.01
CA GLN A 137 -12.89 78.36 -87.42
C GLN A 137 -13.64 78.90 -86.21
N GLY A 138 -14.57 79.79 -86.46
CA GLY A 138 -15.36 80.36 -85.38
C GLY A 138 -14.69 81.53 -84.73
N PHE A 139 -13.59 81.26 -84.03
CA PHE A 139 -12.85 82.32 -83.35
C PHE A 139 -11.39 82.32 -83.79
N PRO A 140 -11.09 83.00 -84.92
CA PRO A 140 -9.72 83.19 -85.38
C PRO A 140 -9.03 84.33 -84.65
N GLY A 1 -82.28 64.97 46.94
CA GLY A 1 -83.65 64.73 47.42
C GLY A 1 -83.94 63.25 47.58
N PRO A 2 -85.19 62.88 47.89
CA PRO A 2 -85.56 61.50 48.16
C PRO A 2 -85.84 60.72 46.88
N LEU A 3 -85.74 61.37 45.74
CA LEU A 3 -86.05 60.75 44.47
C LEU A 3 -84.80 60.36 43.73
N GLY A 4 -84.95 59.48 42.76
CA GLY A 4 -83.84 59.04 41.97
C GLY A 4 -84.27 58.52 40.62
N SER A 5 -83.35 58.47 39.68
CA SER A 5 -83.68 58.04 38.33
C SER A 5 -82.79 56.88 37.90
N LYS A 6 -81.48 57.09 37.90
CA LYS A 6 -80.56 56.06 37.45
C LYS A 6 -79.22 56.16 38.16
N ASP A 7 -78.41 57.13 37.78
CA ASP A 7 -77.04 57.24 38.27
C ASP A 7 -76.78 58.60 38.88
N LYS A 8 -77.67 59.04 39.76
CA LYS A 8 -77.51 60.34 40.41
C LYS A 8 -76.45 60.27 41.51
N ASP A 9 -76.06 59.05 41.87
CA ASP A 9 -75.07 58.86 42.92
C ASP A 9 -73.67 59.14 42.39
N GLY A 10 -73.53 59.11 41.07
CA GLY A 10 -72.25 59.37 40.45
C GLY A 10 -72.18 58.78 39.07
N GLU A 11 -71.52 57.65 38.96
CA GLU A 11 -71.40 56.94 37.71
C GLU A 11 -71.41 55.47 38.00
N GLY A 12 -70.32 55.03 38.57
CA GLY A 12 -70.19 53.69 39.01
C GLY A 12 -69.91 52.73 37.88
N ALA A 13 -68.75 52.91 37.29
CA ALA A 13 -68.28 52.05 36.21
C ALA A 13 -66.78 51.86 36.31
N PRO A 14 -66.33 50.99 37.24
CA PRO A 14 -64.91 50.74 37.49
C PRO A 14 -64.25 49.91 36.38
N PRO A 15 -63.32 50.51 35.63
CA PRO A 15 -62.56 49.83 34.57
C PRO A 15 -61.65 48.72 35.09
N ALA A 16 -60.75 48.30 34.23
CA ALA A 16 -59.78 47.26 34.60
C ALA A 16 -58.45 47.49 33.88
N LYS A 17 -57.56 48.23 34.52
CA LYS A 17 -56.25 48.49 33.97
C LYS A 17 -55.25 47.47 34.50
N ARG A 18 -55.59 46.87 35.63
CA ARG A 18 -54.74 45.89 36.27
C ARG A 18 -55.00 44.50 35.72
N ALA A 19 -53.97 43.85 35.20
CA ALA A 19 -54.09 42.51 34.65
C ALA A 19 -52.72 41.87 34.49
N ARG A 20 -51.80 42.63 33.88
CA ARG A 20 -50.43 42.17 33.61
C ARG A 20 -50.43 41.02 32.62
N THR A 21 -50.54 39.79 33.14
CA THR A 21 -50.49 38.56 32.34
C THR A 21 -49.29 38.53 31.39
N ASP A 22 -48.27 37.78 31.75
CA ASP A 22 -47.01 37.82 31.03
C ASP A 22 -46.42 36.43 30.84
N GLN A 23 -45.95 36.17 29.63
CA GLN A 23 -45.18 34.98 29.37
C GLN A 23 -43.87 35.34 28.71
N MET A 24 -42.89 34.47 28.85
CA MET A 24 -41.61 34.64 28.18
C MET A 24 -41.18 33.30 27.61
N GLU A 25 -40.22 33.34 26.70
CA GLU A 25 -39.83 32.15 25.97
C GLU A 25 -38.32 32.00 25.93
N VAL A 26 -37.81 31.06 26.71
CA VAL A 26 -36.38 30.76 26.73
C VAL A 26 -36.16 29.29 26.40
N ASP A 27 -36.08 28.99 25.11
CA ASP A 27 -35.94 27.62 24.65
C ASP A 27 -34.47 27.23 24.57
N SER A 28 -34.12 26.10 25.18
CA SER A 28 -32.77 25.58 25.13
C SER A 28 -32.72 24.33 24.27
N GLY A 29 -31.69 24.21 23.45
CA GLY A 29 -31.59 23.11 22.51
C GLY A 29 -30.79 21.93 23.04
N PRO A 30 -30.87 20.77 22.38
CA PRO A 30 -30.14 19.56 22.76
C PRO A 30 -28.70 19.57 22.24
N GLY A 31 -27.98 18.50 22.52
CA GLY A 31 -26.60 18.38 22.08
C GLY A 31 -26.29 17.03 21.52
N LYS A 32 -25.12 16.89 20.91
CA LYS A 32 -24.74 15.66 20.29
C LYS A 32 -23.54 15.03 21.00
N ARG A 33 -23.57 13.71 21.13
CA ARG A 33 -22.47 12.97 21.73
C ARG A 33 -21.73 12.15 20.69
N PRO A 34 -20.44 12.42 20.48
CA PRO A 34 -19.60 11.69 19.52
C PRO A 34 -19.23 10.29 20.03
N LEU A 35 -18.70 9.47 19.14
CA LEU A 35 -18.30 8.12 19.50
C LEU A 35 -16.87 7.85 19.03
N ARG A 36 -16.65 8.02 17.72
CA ARG A 36 -15.33 7.82 17.12
C ARG A 36 -14.79 6.43 17.42
N GLY A 37 -15.36 5.42 16.77
CA GLY A 37 -14.95 4.05 17.00
C GLY A 37 -13.67 3.71 16.25
N GLY A 38 -13.64 4.07 14.98
CA GLY A 38 -12.49 3.77 14.14
C GLY A 38 -12.83 3.96 12.68
N PHE A 39 -13.02 2.87 11.96
CA PHE A 39 -13.50 2.95 10.58
C PHE A 39 -15.00 2.69 10.57
N THR A 40 -15.58 2.74 9.39
CA THR A 40 -16.96 2.35 9.22
C THR A 40 -17.05 0.82 9.20
N ASP A 41 -18.27 0.30 9.16
CA ASP A 41 -18.52 -1.15 9.16
C ASP A 41 -17.76 -1.84 8.04
N LYS A 42 -17.48 -1.10 6.97
CA LYS A 42 -16.89 -1.66 5.76
C LYS A 42 -15.60 -2.43 6.03
N GLU A 43 -14.73 -1.86 6.85
CA GLU A 43 -13.47 -2.52 7.18
C GLU A 43 -13.73 -3.75 8.03
N ARG A 44 -14.79 -3.72 8.80
CA ARG A 44 -15.17 -4.84 9.61
C ARG A 44 -15.75 -5.95 8.74
N GLN A 45 -16.48 -5.54 7.70
CA GLN A 45 -16.94 -6.47 6.69
C GLN A 45 -15.74 -7.19 6.12
N ASP A 46 -14.66 -6.44 5.92
CA ASP A 46 -13.41 -6.99 5.43
C ASP A 46 -12.94 -8.10 6.35
N HIS A 47 -12.93 -7.81 7.65
CA HIS A 47 -12.42 -8.75 8.64
C HIS A 47 -13.27 -10.01 8.73
N ARG A 48 -14.57 -9.83 8.93
CA ARG A 48 -15.46 -10.95 9.18
C ARG A 48 -15.68 -11.80 7.94
N ARG A 49 -15.63 -11.18 6.77
CA ARG A 49 -15.88 -11.87 5.53
C ARG A 49 -14.62 -12.58 5.07
N ARG A 50 -13.52 -11.88 5.13
CA ARG A 50 -12.22 -12.44 4.82
C ARG A 50 -11.96 -13.72 5.61
N LYS A 51 -12.23 -13.68 6.92
CA LYS A 51 -12.00 -14.84 7.78
C LYS A 51 -13.13 -15.85 7.67
N ALA A 52 -14.33 -15.37 7.32
CA ALA A 52 -15.43 -16.26 7.01
C ALA A 52 -14.99 -17.21 5.91
N LEU A 53 -14.40 -16.61 4.91
CA LEU A 53 -13.91 -17.32 3.77
C LEU A 53 -12.73 -18.19 4.06
N GLU A 54 -11.75 -17.70 4.81
CA GLU A 54 -10.58 -18.50 5.12
C GLU A 54 -11.00 -19.78 5.81
N ASN A 55 -12.08 -19.68 6.56
CA ASN A 55 -12.73 -20.85 7.12
C ASN A 55 -13.27 -21.71 6.00
N LYS A 56 -14.01 -21.11 5.07
CA LYS A 56 -14.57 -21.85 3.98
C LYS A 56 -13.48 -22.54 3.17
N LYS A 57 -12.37 -21.85 2.94
CA LYS A 57 -11.22 -22.41 2.26
C LYS A 57 -10.81 -23.71 2.93
N LYS A 58 -10.51 -23.60 4.22
CA LYS A 58 -10.15 -24.76 5.04
C LYS A 58 -11.22 -25.85 5.00
N GLN A 59 -12.42 -25.53 5.46
CA GLN A 59 -13.51 -26.47 5.57
C GLN A 59 -13.88 -27.11 4.23
N LEU A 60 -14.19 -26.27 3.25
CA LEU A 60 -14.70 -26.74 1.97
C LEU A 60 -13.65 -27.58 1.26
N SER A 61 -12.43 -27.08 1.16
CA SER A 61 -11.35 -27.81 0.48
C SER A 61 -11.11 -29.14 1.16
N ALA A 62 -11.20 -29.12 2.49
CA ALA A 62 -11.00 -30.31 3.29
C ALA A 62 -12.13 -31.32 3.09
N GLY A 63 -13.31 -30.81 2.75
CA GLY A 63 -14.45 -31.69 2.51
C GLY A 63 -14.65 -32.01 1.04
N GLY A 64 -13.82 -31.43 0.19
CA GLY A 64 -13.91 -31.66 -1.24
C GLY A 64 -14.92 -30.73 -1.90
N LYS A 65 -15.30 -29.70 -1.20
CA LYS A 65 -16.23 -28.70 -1.66
C LYS A 65 -15.50 -27.54 -2.29
N ASN A 66 -16.25 -26.49 -2.56
CA ASN A 66 -15.74 -25.39 -3.34
C ASN A 66 -16.46 -24.10 -3.00
N LEU A 67 -15.77 -22.98 -3.21
CA LEU A 67 -16.26 -21.67 -2.83
C LEU A 67 -17.12 -21.09 -3.93
N SER A 68 -18.00 -20.17 -3.57
CA SER A 68 -18.86 -19.55 -4.54
C SER A 68 -18.09 -18.44 -5.21
N LYS A 69 -18.29 -18.30 -6.52
CA LYS A 69 -17.54 -17.35 -7.33
C LYS A 69 -17.38 -16.01 -6.63
N GLU A 70 -18.46 -15.56 -6.05
CA GLU A 70 -18.55 -14.23 -5.50
C GLU A 70 -17.73 -14.10 -4.24
N GLU A 71 -17.98 -14.99 -3.28
CA GLU A 71 -17.35 -14.92 -1.97
C GLU A 71 -15.85 -15.13 -2.11
N GLU A 72 -15.49 -15.87 -3.16
CA GLU A 72 -14.11 -16.16 -3.46
C GLU A 72 -13.42 -14.88 -3.95
N GLU A 73 -14.05 -14.20 -4.91
CA GLU A 73 -13.49 -12.97 -5.47
C GLU A 73 -13.33 -11.88 -4.41
N GLU A 74 -14.41 -11.59 -3.70
CA GLU A 74 -14.40 -10.50 -2.72
C GLU A 74 -13.30 -10.68 -1.69
N LEU A 75 -13.29 -11.83 -1.03
CA LEU A 75 -12.35 -12.01 0.05
C LEU A 75 -10.94 -12.18 -0.49
N ARG A 76 -10.82 -12.65 -1.72
CA ARG A 76 -9.52 -12.75 -2.34
C ARG A 76 -8.88 -11.38 -2.39
N ARG A 77 -9.61 -10.41 -2.89
CA ARG A 77 -9.14 -9.03 -2.94
C ARG A 77 -8.75 -8.55 -1.56
N LEU A 78 -9.64 -8.75 -0.58
CA LEU A 78 -9.36 -8.37 0.81
C LEU A 78 -8.04 -8.99 1.26
N THR A 79 -7.79 -10.21 0.79
CA THR A 79 -6.64 -10.98 1.18
C THR A 79 -5.41 -10.46 0.47
N GLU A 80 -5.59 -10.06 -0.78
CA GLU A 80 -4.52 -9.56 -1.58
C GLU A 80 -3.88 -8.35 -0.91
N GLU A 81 -4.75 -7.49 -0.41
CA GLU A 81 -4.33 -6.31 0.34
C GLU A 81 -3.66 -6.73 1.64
N ASP A 82 -4.30 -7.66 2.35
CA ASP A 82 -3.79 -8.16 3.62
C ASP A 82 -2.38 -8.74 3.47
N GLU A 83 -2.20 -9.61 2.49
CA GLU A 83 -0.93 -10.31 2.33
C GLU A 83 0.18 -9.38 1.86
N ARG A 84 -0.13 -8.45 0.94
CA ARG A 84 0.90 -7.55 0.44
C ARG A 84 1.45 -6.69 1.56
N ARG A 85 0.54 -6.11 2.31
CA ARG A 85 0.91 -5.18 3.36
C ARG A 85 1.55 -5.87 4.56
N GLU A 86 0.90 -6.92 5.04
CA GLU A 86 1.30 -7.55 6.27
C GLU A 86 2.63 -8.28 6.14
N ARG A 87 2.82 -8.99 5.04
CA ARG A 87 4.02 -9.80 4.87
C ARG A 87 5.16 -8.95 4.36
N ARG A 88 4.76 -8.06 3.44
CA ARG A 88 5.57 -6.96 2.86
C ARG A 88 5.86 -7.23 1.40
N VAL A 89 5.68 -8.49 1.04
CA VAL A 89 5.80 -8.98 -0.33
C VAL A 89 6.89 -8.29 -1.14
N ALA A 90 8.12 -8.36 -0.63
CA ALA A 90 9.26 -7.75 -1.30
C ALA A 90 10.28 -8.81 -1.69
N GLY A 91 9.85 -10.07 -1.65
CA GLY A 91 10.73 -11.16 -1.99
C GLY A 91 10.09 -12.14 -2.95
N PRO A 92 10.79 -12.53 -4.02
CA PRO A 92 10.27 -13.50 -5.00
C PRO A 92 10.03 -14.88 -4.38
N PRO A 93 8.82 -15.43 -4.53
CA PRO A 93 8.50 -16.77 -4.04
C PRO A 93 9.04 -17.86 -4.97
N VAL A 94 10.00 -18.62 -4.48
CA VAL A 94 10.61 -19.67 -5.27
C VAL A 94 10.28 -21.05 -4.69
N GLY A 95 10.05 -22.02 -5.56
CA GLY A 95 9.71 -23.35 -5.11
C GLY A 95 9.30 -24.20 -6.30
N GLY A 96 10.19 -24.25 -7.28
CA GLY A 96 9.86 -24.88 -8.52
C GLY A 96 10.06 -26.39 -8.51
N VAL A 97 9.62 -27.03 -9.57
CA VAL A 97 9.75 -28.47 -9.72
C VAL A 97 11.18 -28.82 -10.14
N ASN A 98 11.83 -29.67 -9.37
CA ASN A 98 13.19 -30.07 -9.67
C ASN A 98 13.19 -31.20 -10.69
N PRO A 99 13.92 -31.03 -11.80
CA PRO A 99 14.00 -32.04 -12.85
C PRO A 99 14.73 -33.29 -12.40
N LEU A 100 14.31 -34.44 -12.90
CA LEU A 100 14.86 -35.70 -12.49
C LEU A 100 14.79 -36.68 -13.64
N GLU A 101 15.90 -37.32 -13.90
CA GLU A 101 16.00 -38.25 -15.00
C GLU A 101 16.74 -39.50 -14.59
N GLY A 102 16.83 -40.43 -15.52
CA GLY A 102 17.60 -41.61 -15.29
C GLY A 102 17.06 -42.79 -16.07
N GLY A 103 17.69 -43.09 -17.19
CA GLY A 103 17.25 -44.18 -18.02
C GLY A 103 18.40 -45.01 -18.52
N SER A 104 19.56 -44.86 -17.89
CA SER A 104 20.74 -45.61 -18.29
C SER A 104 20.81 -46.93 -17.55
N ARG A 105 20.88 -48.00 -18.32
CA ARG A 105 20.94 -49.33 -17.76
C ARG A 105 22.36 -49.87 -17.82
N GLY A 106 22.94 -49.84 -19.01
CA GLY A 106 24.29 -50.34 -19.20
C GLY A 106 24.55 -50.70 -20.63
N ALA A 107 25.70 -50.33 -21.15
CA ALA A 107 26.05 -50.62 -22.52
C ALA A 107 27.49 -51.12 -22.63
N PRO A 108 27.68 -52.43 -22.47
CA PRO A 108 28.99 -53.06 -22.57
C PRO A 108 29.54 -53.05 -23.99
N GLY A 109 28.63 -53.14 -24.95
CA GLY A 109 29.01 -53.17 -26.35
C GLY A 109 28.00 -53.92 -27.18
N GLY A 110 28.15 -55.23 -27.24
CA GLY A 110 27.21 -56.05 -27.96
C GLY A 110 27.57 -56.22 -29.42
N GLY A 111 28.87 -56.29 -29.69
CA GLY A 111 29.34 -56.47 -31.05
C GLY A 111 29.94 -57.84 -31.26
N PHE A 112 30.34 -58.13 -32.48
CA PHE A 112 30.94 -59.42 -32.79
C PHE A 112 31.86 -59.30 -34.01
N VAL A 113 33.06 -59.86 -33.90
CA VAL A 113 33.99 -59.85 -35.02
C VAL A 113 33.91 -61.14 -35.79
N PRO A 114 33.72 -61.07 -37.10
CA PRO A 114 33.68 -62.25 -37.92
C PRO A 114 35.03 -62.61 -38.51
N ASN A 115 35.90 -63.16 -37.67
CA ASN A 115 37.22 -63.55 -38.11
C ASN A 115 37.47 -65.02 -37.79
N LEU A 116 37.71 -65.81 -38.82
CA LEU A 116 37.95 -67.23 -38.65
C LEU A 116 39.41 -67.58 -38.89
N GLN A 117 40.20 -66.54 -39.19
CA GLN A 117 41.63 -66.70 -39.51
C GLN A 117 41.82 -67.71 -40.63
N GLY A 118 43.04 -68.22 -40.75
CA GLY A 118 43.30 -69.29 -41.68
C GLY A 118 43.67 -68.79 -43.06
N VAL A 119 44.84 -69.19 -43.52
CA VAL A 119 45.32 -68.81 -44.85
C VAL A 119 45.28 -70.00 -45.82
N PRO A 120 45.76 -71.20 -45.42
CA PRO A 120 45.73 -72.40 -46.28
C PRO A 120 44.36 -72.70 -46.84
N GLU A 121 44.35 -73.49 -47.90
CA GLU A 121 43.11 -73.89 -48.55
C GLU A 121 43.29 -75.23 -49.24
N SER A 122 42.20 -75.75 -49.81
CA SER A 122 42.19 -77.03 -50.50
C SER A 122 42.40 -78.18 -49.51
N PRO A 123 41.34 -78.97 -49.27
CA PRO A 123 41.37 -80.12 -48.33
C PRO A 123 42.50 -81.11 -48.63
N PHE A 124 42.89 -81.18 -49.89
CA PHE A 124 43.96 -82.07 -50.31
C PHE A 124 44.60 -81.59 -51.61
N SER A 125 43.79 -81.48 -52.65
CA SER A 125 44.26 -81.05 -53.96
C SER A 125 43.07 -80.87 -54.89
N ARG A 126 43.34 -80.61 -56.16
CA ARG A 126 42.29 -80.30 -57.09
C ARG A 126 42.54 -80.96 -58.44
N THR A 127 41.93 -82.12 -58.63
CA THR A 127 42.08 -82.86 -59.87
C THR A 127 40.72 -83.43 -60.30
N GLY A 128 40.73 -84.34 -61.28
CA GLY A 128 39.50 -84.93 -61.77
C GLY A 128 38.77 -85.71 -60.69
N GLU A 129 37.44 -85.64 -60.71
CA GLU A 129 36.62 -86.29 -59.70
C GLU A 129 35.63 -87.23 -60.36
N GLY A 130 35.78 -87.38 -61.66
CA GLY A 130 34.81 -88.13 -62.41
C GLY A 130 35.46 -89.23 -63.17
N LEU A 131 35.97 -88.88 -64.34
CA LEU A 131 36.76 -89.79 -65.13
C LEU A 131 37.68 -89.00 -66.06
N ASP A 132 38.98 -89.19 -65.89
CA ASP A 132 39.96 -88.53 -66.73
C ASP A 132 41.08 -89.50 -67.09
N ILE A 133 41.52 -89.45 -68.33
CA ILE A 133 42.50 -90.42 -68.84
C ILE A 133 43.87 -89.76 -68.96
N ARG A 134 43.92 -88.50 -68.54
CA ARG A 134 45.13 -87.68 -68.57
C ARG A 134 45.43 -87.22 -69.99
N GLY A 135 45.67 -88.18 -70.85
CA GLY A 135 45.99 -87.87 -72.23
C GLY A 135 47.04 -88.81 -72.78
N ASN A 136 47.83 -88.31 -73.72
CA ASN A 136 48.92 -89.08 -74.32
C ASN A 136 48.39 -90.33 -75.01
N GLN A 137 48.01 -90.18 -76.27
CA GLN A 137 47.51 -91.30 -77.06
C GLN A 137 48.64 -91.91 -77.87
N GLY A 138 49.61 -92.46 -77.16
CA GLY A 138 50.75 -93.07 -77.81
C GLY A 138 50.48 -94.49 -78.25
N PHE A 139 51.17 -94.93 -79.29
CA PHE A 139 51.00 -96.27 -79.81
C PHE A 139 52.19 -97.15 -79.42
N PRO A 140 51.93 -98.27 -78.73
CA PRO A 140 52.99 -99.18 -78.28
C PRO A 140 53.68 -99.87 -79.45
N GLY A 1 -69.15 1.93 -13.53
CA GLY A 1 -68.96 0.91 -14.58
C GLY A 1 -68.78 -0.48 -13.99
N PRO A 2 -68.56 -1.49 -14.84
CA PRO A 2 -68.40 -2.86 -14.41
C PRO A 2 -66.94 -3.23 -14.13
N LEU A 3 -66.76 -4.30 -13.36
CA LEU A 3 -65.45 -4.85 -13.05
C LEU A 3 -64.54 -3.84 -12.35
N GLY A 4 -63.73 -3.13 -13.13
CA GLY A 4 -62.87 -2.12 -12.59
C GLY A 4 -62.73 -0.96 -13.55
N SER A 5 -63.80 -0.66 -14.27
CA SER A 5 -63.80 0.37 -15.29
C SER A 5 -63.92 1.76 -14.67
N LYS A 6 -63.05 2.05 -13.71
CA LYS A 6 -63.05 3.34 -13.06
C LYS A 6 -61.91 4.20 -13.60
N ASP A 7 -60.69 3.68 -13.49
CA ASP A 7 -59.51 4.35 -14.04
C ASP A 7 -58.67 3.33 -14.80
N LYS A 8 -59.34 2.35 -15.38
CA LYS A 8 -58.65 1.25 -16.02
C LYS A 8 -58.28 1.61 -17.46
N ASP A 9 -58.96 2.61 -18.00
CA ASP A 9 -58.77 3.01 -19.38
C ASP A 9 -57.63 4.01 -19.52
N GLY A 10 -56.97 4.32 -18.43
CA GLY A 10 -55.87 5.26 -18.47
C GLY A 10 -55.04 5.21 -17.23
N GLU A 11 -54.46 6.32 -16.86
CA GLU A 11 -53.66 6.42 -15.67
C GLU A 11 -53.73 7.84 -15.21
N GLY A 12 -53.49 8.73 -16.16
CA GLY A 12 -53.60 10.12 -15.88
C GLY A 12 -52.44 10.91 -16.42
N ALA A 13 -52.19 12.07 -15.85
CA ALA A 13 -51.06 12.89 -16.26
C ALA A 13 -49.83 12.51 -15.44
N PRO A 14 -48.85 11.85 -16.08
CA PRO A 14 -47.63 11.40 -15.41
C PRO A 14 -46.84 12.55 -14.80
N PRO A 15 -46.70 12.57 -13.46
CA PRO A 15 -45.96 13.60 -12.76
C PRO A 15 -44.49 13.66 -13.14
N ALA A 16 -43.77 14.53 -12.44
CA ALA A 16 -42.37 14.77 -12.72
C ALA A 16 -41.76 15.61 -11.61
N LYS A 17 -40.44 15.56 -11.51
CA LYS A 17 -39.74 16.31 -10.46
C LYS A 17 -39.15 17.59 -11.04
N ARG A 18 -39.32 17.74 -12.35
CA ARG A 18 -38.91 18.95 -13.09
C ARG A 18 -37.39 19.08 -13.16
N ALA A 19 -36.76 19.36 -12.04
CA ALA A 19 -35.31 19.54 -11.98
C ALA A 19 -34.65 18.38 -11.27
N ARG A 20 -35.45 17.33 -11.04
CA ARG A 20 -35.04 16.15 -10.33
C ARG A 20 -34.59 16.45 -8.91
N THR A 21 -35.52 16.35 -7.98
CA THR A 21 -35.25 16.60 -6.58
C THR A 21 -35.96 15.55 -5.73
N ASP A 22 -35.83 15.67 -4.42
CA ASP A 22 -36.44 14.72 -3.50
C ASP A 22 -37.11 15.42 -2.33
N GLN A 23 -36.31 15.78 -1.33
CA GLN A 23 -36.84 16.42 -0.15
C GLN A 23 -36.04 17.65 0.21
N MET A 24 -34.83 17.42 0.65
CA MET A 24 -33.94 18.49 1.05
C MET A 24 -32.89 18.73 -0.02
N GLU A 25 -32.62 20.00 -0.27
CA GLU A 25 -31.75 20.36 -1.35
C GLU A 25 -31.24 21.80 -1.15
N VAL A 26 -29.93 21.96 -1.18
CA VAL A 26 -29.31 23.25 -0.97
C VAL A 26 -29.46 24.18 -2.16
N ASP A 27 -30.27 23.76 -3.13
CA ASP A 27 -30.51 24.52 -4.37
C ASP A 27 -29.22 24.76 -5.12
N SER A 28 -28.35 23.76 -5.09
CA SER A 28 -27.08 23.77 -5.80
C SER A 28 -26.39 22.44 -5.54
N GLY A 29 -27.18 21.38 -5.56
CA GLY A 29 -26.69 20.07 -5.21
C GLY A 29 -27.42 19.51 -4.01
N PRO A 30 -27.16 18.25 -3.66
CA PRO A 30 -27.79 17.60 -2.50
C PRO A 30 -27.19 18.07 -1.18
N GLY A 31 -27.51 17.37 -0.11
CA GLY A 31 -26.99 17.72 1.19
C GLY A 31 -25.67 17.06 1.48
N LYS A 32 -25.49 16.63 2.71
CA LYS A 32 -24.26 16.03 3.11
C LYS A 32 -24.39 14.51 3.12
N ARG A 33 -23.61 13.86 2.27
CA ARG A 33 -23.62 12.41 2.17
C ARG A 33 -22.41 11.82 2.88
N PRO A 34 -22.53 10.60 3.43
CA PRO A 34 -21.44 9.95 4.14
C PRO A 34 -20.31 9.54 3.21
N LEU A 35 -19.12 10.03 3.47
CA LEU A 35 -17.97 9.65 2.68
C LEU A 35 -17.05 8.75 3.50
N ARG A 36 -16.74 9.20 4.72
CA ARG A 36 -15.90 8.44 5.64
C ARG A 36 -14.45 8.38 5.16
N GLY A 37 -13.57 9.08 5.85
CA GLY A 37 -12.15 9.01 5.57
C GLY A 37 -11.63 7.61 5.77
N GLY A 38 -10.87 7.12 4.79
CA GLY A 38 -10.41 5.75 4.85
C GLY A 38 -11.54 4.78 4.54
N PHE A 39 -11.85 3.91 5.48
CA PHE A 39 -12.98 3.01 5.33
C PHE A 39 -13.89 3.11 6.55
N THR A 40 -15.12 2.69 6.35
CA THR A 40 -16.11 2.60 7.41
C THR A 40 -16.05 1.22 8.06
N ASP A 41 -16.91 0.96 9.04
CA ASP A 41 -16.96 -0.32 9.77
C ASP A 41 -16.88 -1.51 8.82
N LYS A 42 -17.28 -1.29 7.59
CA LYS A 42 -17.20 -2.30 6.53
C LYS A 42 -15.79 -2.89 6.41
N GLU A 43 -14.75 -2.14 6.76
CA GLU A 43 -13.38 -2.66 6.64
C GLU A 43 -13.15 -3.69 7.73
N ARG A 44 -13.80 -3.46 8.84
CA ARG A 44 -13.79 -4.40 9.94
C ARG A 44 -14.58 -5.65 9.54
N GLN A 45 -15.70 -5.42 8.86
CA GLN A 45 -16.48 -6.49 8.28
C GLN A 45 -15.66 -7.24 7.24
N ASP A 46 -14.77 -6.50 6.59
CA ASP A 46 -13.87 -7.04 5.58
C ASP A 46 -13.04 -8.14 6.18
N HIS A 47 -12.46 -7.85 7.34
CA HIS A 47 -11.61 -8.83 8.03
C HIS A 47 -12.43 -9.99 8.59
N ARG A 48 -13.61 -9.69 9.13
CA ARG A 48 -14.48 -10.72 9.67
C ARG A 48 -14.94 -11.67 8.56
N ARG A 49 -15.32 -11.09 7.44
CA ARG A 49 -15.76 -11.83 6.28
C ARG A 49 -14.60 -12.63 5.71
N ARG A 50 -13.48 -11.96 5.61
CA ARG A 50 -12.22 -12.57 5.23
C ARG A 50 -11.99 -13.88 5.99
N LYS A 51 -12.14 -13.82 7.32
CA LYS A 51 -11.88 -14.97 8.18
C LYS A 51 -13.01 -15.99 8.09
N ALA A 52 -14.23 -15.49 7.96
CA ALA A 52 -15.38 -16.37 7.76
C ALA A 52 -15.17 -17.20 6.51
N LEU A 53 -14.69 -16.52 5.48
CA LEU A 53 -14.36 -17.12 4.23
C LEU A 53 -13.15 -18.03 4.32
N GLU A 54 -12.13 -17.62 5.07
CA GLU A 54 -10.96 -18.45 5.29
C GLU A 54 -11.39 -19.76 5.94
N ASN A 55 -12.41 -19.67 6.80
CA ASN A 55 -13.03 -20.84 7.38
C ASN A 55 -13.64 -21.69 6.29
N LYS A 56 -14.34 -21.04 5.35
CA LYS A 56 -14.90 -21.74 4.25
C LYS A 56 -13.81 -22.46 3.46
N LYS A 57 -12.82 -21.72 2.98
CA LYS A 57 -11.68 -22.28 2.28
C LYS A 57 -11.13 -23.52 2.99
N LYS A 58 -10.98 -23.40 4.30
CA LYS A 58 -10.49 -24.50 5.13
C LYS A 58 -11.41 -25.71 5.06
N GLN A 59 -12.65 -25.56 5.49
CA GLN A 59 -13.56 -26.67 5.61
C GLN A 59 -14.02 -27.21 4.26
N LEU A 60 -14.20 -26.33 3.30
CA LEU A 60 -14.67 -26.71 1.98
C LEU A 60 -13.60 -27.49 1.25
N SER A 61 -12.40 -26.92 1.15
CA SER A 61 -11.30 -27.58 0.45
C SER A 61 -11.00 -28.93 1.09
N ALA A 62 -11.02 -28.93 2.41
CA ALA A 62 -10.77 -30.15 3.18
C ALA A 62 -11.94 -31.13 3.05
N GLY A 63 -13.12 -30.62 2.71
CA GLY A 63 -14.28 -31.46 2.52
C GLY A 63 -14.51 -31.84 1.07
N GLY A 64 -13.70 -31.30 0.17
CA GLY A 64 -13.82 -31.64 -1.23
C GLY A 64 -14.80 -30.75 -1.98
N LYS A 65 -14.95 -29.52 -1.50
CA LYS A 65 -15.84 -28.56 -2.14
C LYS A 65 -15.18 -27.20 -2.21
N ASN A 66 -15.79 -26.27 -2.94
CA ASN A 66 -15.14 -24.99 -3.21
C ASN A 66 -16.08 -23.81 -2.93
N LEU A 67 -15.53 -22.61 -3.06
CA LEU A 67 -16.29 -21.39 -2.89
C LEU A 67 -17.09 -21.09 -4.16
N SER A 68 -18.05 -20.18 -4.06
CA SER A 68 -18.75 -19.70 -5.23
C SER A 68 -17.99 -18.51 -5.78
N LYS A 69 -18.06 -18.30 -7.08
CA LYS A 69 -17.32 -17.22 -7.75
C LYS A 69 -17.39 -15.92 -6.96
N GLU A 70 -18.58 -15.60 -6.52
CA GLU A 70 -18.86 -14.36 -5.81
C GLU A 70 -18.03 -14.27 -4.54
N GLU A 71 -18.20 -15.27 -3.69
CA GLU A 71 -17.55 -15.39 -2.42
C GLU A 71 -16.03 -15.49 -2.59
N GLU A 72 -15.62 -16.12 -3.68
CA GLU A 72 -14.21 -16.32 -3.98
C GLU A 72 -13.56 -14.99 -4.34
N GLU A 73 -14.24 -14.20 -5.16
CA GLU A 73 -13.72 -12.92 -5.61
C GLU A 73 -13.61 -11.92 -4.47
N GLU A 74 -14.68 -11.80 -3.69
CA GLU A 74 -14.68 -10.87 -2.57
C GLU A 74 -13.47 -11.13 -1.69
N LEU A 75 -13.35 -12.37 -1.25
CA LEU A 75 -12.28 -12.75 -0.37
C LEU A 75 -10.92 -12.47 -0.97
N ARG A 76 -10.77 -12.79 -2.23
CA ARG A 76 -9.52 -12.59 -2.93
C ARG A 76 -9.03 -11.15 -2.77
N ARG A 77 -9.93 -10.20 -3.03
CA ARG A 77 -9.63 -8.79 -2.86
C ARG A 77 -9.31 -8.48 -1.41
N LEU A 78 -10.20 -8.91 -0.52
CA LEU A 78 -10.02 -8.70 0.92
C LEU A 78 -8.65 -9.16 1.39
N THR A 79 -8.16 -10.22 0.76
CA THR A 79 -6.92 -10.83 1.15
C THR A 79 -5.78 -9.97 0.68
N GLU A 80 -5.92 -9.48 -0.53
CA GLU A 80 -4.95 -8.61 -1.14
C GLU A 80 -4.69 -7.38 -0.28
N GLU A 81 -5.77 -6.73 0.10
CA GLU A 81 -5.71 -5.52 0.92
C GLU A 81 -5.16 -5.82 2.30
N ASP A 82 -5.60 -6.92 2.89
CA ASP A 82 -5.16 -7.30 4.22
C ASP A 82 -3.65 -7.48 4.23
N GLU A 83 -3.13 -8.25 3.28
CA GLU A 83 -1.71 -8.57 3.26
C GLU A 83 -0.85 -7.35 2.93
N ARG A 84 -1.34 -6.46 2.06
CA ARG A 84 -0.54 -5.30 1.70
C ARG A 84 -0.37 -4.37 2.89
N ARG A 85 -1.46 -4.15 3.60
CA ARG A 85 -1.43 -3.33 4.81
C ARG A 85 -0.49 -3.90 5.86
N GLU A 86 -0.64 -5.19 6.14
CA GLU A 86 0.15 -5.84 7.19
C GLU A 86 1.62 -5.80 6.86
N ARG A 87 1.89 -5.86 5.59
CA ARG A 87 3.25 -5.89 5.09
C ARG A 87 4.01 -4.63 5.44
N ARG A 88 3.28 -3.55 5.40
CA ARG A 88 3.83 -2.22 5.68
C ARG A 88 3.73 -1.87 7.16
N VAL A 89 2.76 -2.44 7.83
CA VAL A 89 2.56 -2.17 9.25
C VAL A 89 2.98 -3.39 10.07
N ALA A 90 4.13 -3.26 10.72
CA ALA A 90 4.71 -4.34 11.51
C ALA A 90 4.99 -5.55 10.63
N GLY A 91 5.58 -5.29 9.47
CA GLY A 91 5.91 -6.35 8.55
C GLY A 91 7.39 -6.63 8.51
N PRO A 92 7.80 -7.89 8.74
CA PRO A 92 9.21 -8.27 8.76
C PRO A 92 9.83 -8.30 7.37
N PRO A 93 11.05 -7.75 7.22
CA PRO A 93 11.76 -7.72 5.94
C PRO A 93 12.28 -9.10 5.55
N VAL A 94 12.21 -9.41 4.27
CA VAL A 94 12.68 -10.70 3.77
C VAL A 94 14.07 -10.55 3.15
N GLY A 95 15.02 -11.33 3.64
CA GLY A 95 16.35 -11.31 3.10
C GLY A 95 17.24 -12.18 3.94
N GLY A 96 16.70 -13.31 4.34
CA GLY A 96 17.38 -14.18 5.25
C GLY A 96 17.88 -15.43 4.58
N VAL A 97 18.93 -16.02 5.14
CA VAL A 97 19.52 -17.24 4.60
C VAL A 97 20.12 -17.00 3.22
N ASN A 98 21.41 -16.75 3.17
CA ASN A 98 22.10 -16.51 1.91
C ASN A 98 22.46 -17.84 1.24
N PRO A 99 22.33 -17.91 -0.08
CA PRO A 99 22.67 -19.12 -0.84
C PRO A 99 24.18 -19.32 -0.89
N LEU A 100 24.65 -20.42 -0.34
CA LEU A 100 26.07 -20.70 -0.31
C LEU A 100 26.30 -22.19 -0.24
N GLU A 101 27.00 -22.71 -1.22
CA GLU A 101 27.37 -24.10 -1.24
C GLU A 101 28.81 -24.27 -1.65
N GLY A 102 29.38 -25.41 -1.30
CA GLY A 102 30.70 -25.73 -1.73
C GLY A 102 31.33 -26.82 -0.89
N GLY A 103 30.84 -28.03 -1.03
CA GLY A 103 31.35 -29.15 -0.28
C GLY A 103 31.71 -30.31 -1.17
N SER A 104 32.81 -30.17 -1.91
CA SER A 104 33.22 -31.18 -2.86
C SER A 104 34.36 -32.02 -2.31
N ARG A 105 34.15 -33.32 -2.30
CA ARG A 105 35.15 -34.26 -1.81
C ARG A 105 36.04 -34.74 -2.94
N GLY A 106 35.44 -35.30 -3.98
CA GLY A 106 36.21 -35.85 -5.07
C GLY A 106 36.94 -37.11 -4.65
N ALA A 107 36.18 -38.17 -4.42
CA ALA A 107 36.73 -39.45 -4.00
C ALA A 107 36.53 -40.50 -5.08
N PRO A 108 37.51 -40.63 -6.01
CA PRO A 108 37.43 -41.56 -7.13
C PRO A 108 37.77 -42.99 -6.72
N GLY A 109 38.28 -43.16 -5.52
CA GLY A 109 38.65 -44.48 -5.04
C GLY A 109 40.14 -44.61 -4.83
N GLY A 110 40.90 -44.26 -5.84
CA GLY A 110 42.34 -44.33 -5.76
C GLY A 110 42.93 -45.27 -6.76
N GLY A 111 42.31 -46.44 -6.90
CA GLY A 111 42.77 -47.41 -7.86
C GLY A 111 44.02 -48.13 -7.39
N PHE A 112 44.83 -48.58 -8.34
CA PHE A 112 46.04 -49.31 -8.03
C PHE A 112 47.22 -48.71 -8.78
N VAL A 113 48.11 -48.07 -8.04
CA VAL A 113 49.26 -47.41 -8.64
C VAL A 113 50.58 -48.14 -8.30
N PRO A 114 50.91 -48.33 -7.01
CA PRO A 114 52.17 -49.00 -6.63
C PRO A 114 52.18 -50.47 -7.03
N ASN A 115 53.00 -50.79 -8.03
CA ASN A 115 53.10 -52.16 -8.51
C ASN A 115 54.55 -52.53 -8.71
N LEU A 116 54.94 -53.67 -8.14
CA LEU A 116 56.31 -54.14 -8.25
C LEU A 116 56.49 -54.94 -9.54
N GLN A 117 55.38 -55.44 -10.06
CA GLN A 117 55.33 -56.23 -11.29
C GLN A 117 56.18 -57.49 -11.21
N GLY A 118 57.47 -57.35 -11.49
CA GLY A 118 58.36 -58.48 -11.48
C GLY A 118 58.94 -58.73 -10.13
N VAL A 119 58.70 -59.92 -9.61
CA VAL A 119 59.20 -60.28 -8.29
C VAL A 119 60.53 -61.04 -8.37
N PRO A 120 60.65 -62.12 -9.20
CA PRO A 120 61.88 -62.90 -9.30
C PRO A 120 63.10 -62.03 -9.60
N GLU A 121 64.13 -62.19 -8.80
CA GLU A 121 65.38 -61.50 -9.04
C GLU A 121 66.57 -62.41 -8.76
N SER A 122 67.57 -62.33 -9.62
CA SER A 122 68.79 -63.09 -9.45
C SER A 122 69.98 -62.14 -9.43
N PRO A 123 70.27 -61.56 -8.24
CA PRO A 123 71.35 -60.60 -8.07
C PRO A 123 72.74 -61.24 -8.19
N PHE A 124 73.73 -60.55 -7.66
CA PHE A 124 75.11 -61.01 -7.72
C PHE A 124 75.79 -60.79 -6.38
N SER A 125 75.21 -61.36 -5.34
CA SER A 125 75.74 -61.23 -3.99
C SER A 125 75.97 -62.61 -3.40
N ARG A 126 76.96 -62.70 -2.55
CA ARG A 126 77.40 -63.97 -2.02
C ARG A 126 77.47 -63.93 -0.50
N THR A 127 77.27 -65.10 0.11
CA THR A 127 77.28 -65.21 1.56
C THR A 127 78.70 -65.48 2.06
N GLY A 128 79.53 -66.01 1.17
CA GLY A 128 80.90 -66.27 1.51
C GLY A 128 81.51 -67.33 0.63
N GLU A 129 82.73 -67.74 0.95
CA GLU A 129 83.42 -68.78 0.20
C GLU A 129 83.95 -69.82 1.16
N GLY A 130 84.86 -69.38 2.01
CA GLY A 130 85.38 -70.24 3.03
C GLY A 130 86.87 -70.05 3.17
N LEU A 131 87.59 -70.63 2.23
CA LEU A 131 89.01 -70.44 2.13
C LEU A 131 89.46 -70.81 0.72
N ASP A 132 89.28 -72.08 0.37
CA ASP A 132 89.50 -72.59 -0.99
C ASP A 132 91.00 -72.64 -1.35
N ILE A 133 91.34 -73.56 -2.26
CA ILE A 133 92.72 -73.81 -2.62
C ILE A 133 93.04 -73.14 -3.97
N ARG A 134 91.99 -72.72 -4.66
CA ARG A 134 92.08 -72.12 -5.99
C ARG A 134 92.43 -73.16 -7.05
N GLY A 135 93.49 -73.91 -6.80
CA GLY A 135 93.86 -74.99 -7.70
C GLY A 135 93.29 -76.32 -7.22
N ASN A 136 94.14 -77.33 -7.20
CA ASN A 136 93.72 -78.65 -6.73
C ASN A 136 94.64 -79.13 -5.62
N GLN A 137 95.85 -79.51 -5.99
CA GLN A 137 96.82 -80.03 -5.03
C GLN A 137 98.09 -79.19 -5.05
N GLY A 138 97.95 -77.93 -4.66
CA GLY A 138 99.08 -77.02 -4.65
C GLY A 138 100.22 -77.52 -3.79
N PHE A 139 99.89 -78.11 -2.64
CA PHE A 139 100.87 -78.71 -1.76
C PHE A 139 100.22 -79.79 -0.91
N PRO A 140 100.21 -81.03 -1.41
CA PRO A 140 99.67 -82.17 -0.67
C PRO A 140 100.70 -82.78 0.27
#